data_2YBV
#
_entry.id   2YBV
#
_cell.length_a   115.480
_cell.length_b   163.470
_cell.length_c   163.540
_cell.angle_alpha   90.00
_cell.angle_beta   108.96
_cell.angle_gamma   90.00
#
_symmetry.space_group_name_H-M   'P 1 21 1'
#
loop_
_entity.id
_entity.type
_entity.pdbx_description
1 polymer 'RIBULOSE BISPHOSPHATE CARBOXYLASE LARGE CHAIN'
2 polymer 'RIBULOSE BISPHOSPHATE CARBOXYLASE SMALL SUBUNIT'
3 non-polymer 'CHLORIDE ION'
4 water water
#
loop_
_entity_poly.entity_id
_entity_poly.type
_entity_poly.pdbx_seq_one_letter_code
_entity_poly.pdbx_strand_id
1 'polypeptide(L)'
;MAYTQSKSQKVGYQAGVKDYRLTYYTPDYTPKDTDILAAFRVTPQPGVPFEEAAAAVAAESSTGTWTTVWTDLLTDLDRY
KGCCYDIEPLPGEDNQFIAYIAYPLDLFEEGSVTNMLTSIVGNVFGFKALKALRLEDLRIPVAYLKTFQGPPHGIQVERD
KLNKYGRPLLGCTIKPKLGLSAKNYGRAVYECLRGGLDFTKDDENINSQPFQRWRDRFLFVADAIHKAQAETGEIKGHYL
NVTAPTCEEMLKRAEFAKELEMPIIMHDFLTAGFTANTTLSKWCRDNGMLLHIHRAMHAVMDRQKNHGIHFRVLAKCLRM
SGGDHIHTGTVVGKLEGDKAVTLGFVDLLRENYIEQDRSRGIYFTQDWASMPGVMAVASGGIHVWHMPALVDIFGDDAVL
QFGGGTLGHPWGNAPGATANRVALEACIQARNEGRDLMREGGDIIREAARWSPELAAACELWKEIKFEFEAQDTI
;
A,C,E,G,I,K,M,O
2 'polypeptide(L)'
;MKTLPKERRYETFSYLPPLSDAQIARQIQYAIDQGYHPCVEFNETSNAEIRYWTMWKLPLFNCTNAQDVLNEVQQCRSEY
PNCFIRVVAFDNIKQCQVMSFIVYKPNQANSGYSGYRY
;
B,D,F,H,J,L,N,P
#
loop_
_chem_comp.id
_chem_comp.type
_chem_comp.name
_chem_comp.formula
CL non-polymer 'CHLORIDE ION' 'Cl -1'
#
# COMPACT_ATOMS: atom_id res chain seq x y z
N THR A 23 25.45 4.04 50.18
CA THR A 23 24.28 3.95 49.23
C THR A 23 24.50 4.42 47.73
N TYR A 24 24.82 5.70 47.45
CA TYR A 24 25.14 6.13 46.05
C TYR A 24 26.62 6.39 45.78
N TYR A 25 27.41 6.51 46.83
CA TYR A 25 28.88 6.58 46.74
C TYR A 25 29.48 5.31 47.27
N THR A 26 30.02 4.47 46.39
CA THR A 26 30.56 3.18 46.75
C THR A 26 31.95 3.06 46.15
N PRO A 27 32.98 3.60 46.83
CA PRO A 27 34.32 3.59 46.27
C PRO A 27 34.92 2.19 46.17
N ASP A 28 34.27 1.19 46.74
CA ASP A 28 34.78 -0.18 46.52
C ASP A 28 34.19 -0.96 45.34
N TYR A 29 33.17 -0.38 44.66
CA TYR A 29 32.54 -1.09 43.54
C TYR A 29 33.53 -1.18 42.39
N THR A 30 33.71 -2.35 41.80
CA THR A 30 34.47 -2.37 40.56
C THR A 30 33.52 -2.61 39.38
N PRO A 31 33.59 -1.73 38.37
CA PRO A 31 32.61 -1.70 37.27
C PRO A 31 32.65 -2.97 36.45
N LYS A 32 31.50 -3.44 35.98
CA LYS A 32 31.47 -4.61 35.08
C LYS A 32 31.79 -4.13 33.67
N ASP A 33 32.23 -5.05 32.80
CA ASP A 33 32.43 -4.77 31.40
C ASP A 33 31.14 -4.46 30.65
N THR A 34 29.98 -4.77 31.22
CA THR A 34 28.72 -4.44 30.62
C THR A 34 28.16 -3.11 31.19
N ASP A 35 28.77 -2.49 32.23
CA ASP A 35 28.23 -1.23 32.69
C ASP A 35 28.51 -0.04 31.71
N ILE A 36 27.63 0.95 31.72
CA ILE A 36 28.00 2.22 31.10
C ILE A 36 28.68 3.05 32.18
N LEU A 37 29.78 3.66 31.84
CA LEU A 37 30.47 4.54 32.80
C LEU A 37 30.45 6.00 32.31
N ALA A 38 30.34 6.93 33.25
CA ALA A 38 30.31 8.35 32.90
C ALA A 38 31.32 9.10 33.77
N ALA A 39 32.03 10.04 33.14
CA ALA A 39 33.02 10.83 33.89
C ALA A 39 32.51 12.30 33.90
N PHE A 40 32.05 12.76 35.06
CA PHE A 40 31.48 14.10 35.15
C PHE A 40 32.49 15.01 35.83
N ARG A 41 32.77 16.19 35.24
CA ARG A 41 33.41 17.28 36.01
C ARG A 41 32.36 18.07 36.82
N VAL A 42 32.43 17.93 38.15
CA VAL A 42 31.47 18.47 39.09
C VAL A 42 32.00 19.74 39.83
N THR A 43 31.21 20.81 39.86
CA THR A 43 31.46 22.00 40.69
C THR A 43 30.42 22.14 41.78
N PRO A 44 30.75 21.69 42.98
CA PRO A 44 29.64 21.74 43.99
C PRO A 44 29.35 23.16 44.46
N GLN A 45 28.13 23.41 44.96
CA GLN A 45 27.84 24.65 45.65
C GLN A 45 28.76 24.80 46.89
N PRO A 46 29.21 26.05 47.22
CA PRO A 46 30.05 26.29 48.45
C PRO A 46 29.53 25.54 49.67
N GLY A 47 30.37 24.80 50.36
CA GLY A 47 29.90 24.09 51.53
C GLY A 47 29.34 22.71 51.28
N VAL A 48 29.30 22.25 50.03
CA VAL A 48 28.79 20.90 49.80
C VAL A 48 30.03 20.00 49.66
N PRO A 49 30.17 18.98 50.54
CA PRO A 49 31.41 18.22 50.46
C PRO A 49 31.38 17.37 49.18
N PHE A 50 32.56 17.02 48.66
CA PHE A 50 32.70 16.23 47.46
C PHE A 50 31.91 14.92 47.51
N GLU A 51 31.88 14.25 48.65
CA GLU A 51 31.26 12.95 48.71
C GLU A 51 29.75 13.07 48.54
N GLU A 52 29.15 14.12 49.08
CA GLU A 52 27.69 14.31 48.93
C GLU A 52 27.35 14.72 47.52
N ALA A 53 28.20 15.54 46.87
CA ALA A 53 27.91 15.99 45.52
C ALA A 53 28.02 14.76 44.57
N ALA A 54 29.00 13.90 44.81
CA ALA A 54 29.19 12.72 44.00
C ALA A 54 28.00 11.77 44.18
N ALA A 55 27.56 11.57 45.40
CA ALA A 55 26.35 10.75 45.63
C ALA A 55 25.15 11.35 44.89
N ALA A 56 25.06 12.67 44.88
CA ALA A 56 23.92 13.33 44.30
C ALA A 56 23.91 13.16 42.77
N VAL A 57 25.07 13.33 42.15
CA VAL A 57 25.25 13.04 40.73
C VAL A 57 24.76 11.64 40.31
N ALA A 58 25.07 10.63 41.13
CA ALA A 58 24.73 9.27 40.81
C ALA A 58 23.25 9.05 41.04
N ALA A 59 22.73 9.63 42.12
CA ALA A 59 21.30 9.42 42.47
C ALA A 59 20.37 10.17 41.50
N GLU A 60 20.69 11.42 41.21
CA GLU A 60 19.87 12.24 40.32
C GLU A 60 19.99 11.84 38.83
N SER A 61 20.98 11.03 38.46
CA SER A 61 20.98 10.51 37.10
C SER A 61 20.50 9.08 37.04
N SER A 62 19.93 8.58 38.15
CA SER A 62 19.42 7.21 38.19
C SER A 62 18.12 7.11 38.99
N THR A 63 18.10 6.37 40.08
CA THR A 63 16.86 6.10 40.82
C THR A 63 16.32 7.28 41.63
N GLY A 64 17.18 8.17 42.14
CA GLY A 64 16.76 9.48 42.65
C GLY A 64 16.19 9.48 44.04
N TRP A 70 6.05 2.53 49.19
CA TRP A 70 5.65 1.10 49.27
C TRP A 70 6.00 0.25 48.02
N THR A 71 5.79 0.83 46.85
CA THR A 71 6.15 0.17 45.59
C THR A 71 7.66 -0.03 45.48
N ASP A 72 8.42 0.84 46.18
CA ASP A 72 9.90 0.72 46.36
C ASP A 72 10.36 -0.65 46.82
N LEU A 73 9.58 -1.27 47.71
CA LEU A 73 9.90 -2.60 48.23
C LEU A 73 9.23 -3.75 47.47
N LEU A 74 8.52 -3.43 46.39
CA LEU A 74 8.15 -4.40 45.36
C LEU A 74 9.33 -4.68 44.41
N THR A 75 10.25 -3.71 44.27
CA THR A 75 11.43 -3.87 43.37
C THR A 75 12.76 -3.95 44.14
N ASP A 76 13.79 -4.45 43.46
CA ASP A 76 15.13 -4.49 44.01
C ASP A 76 15.85 -3.25 43.48
N LEU A 77 15.70 -2.16 44.18
CA LEU A 77 16.30 -0.90 43.74
C LEU A 77 17.81 -0.96 43.58
N ASP A 78 18.48 -1.87 44.29
CA ASP A 78 19.90 -2.02 44.15
C ASP A 78 20.33 -2.19 42.72
N ARG A 79 19.65 -3.05 41.97
CA ARG A 79 20.15 -3.33 40.64
C ARG A 79 19.82 -2.28 39.56
N TYR A 80 19.07 -1.25 39.92
CA TYR A 80 18.81 -0.15 38.98
C TYR A 80 19.53 1.17 39.28
N LYS A 81 20.20 1.26 40.44
CA LYS A 81 20.88 2.51 40.78
C LYS A 81 22.17 2.67 39.98
N GLY A 82 22.53 3.90 39.67
CA GLY A 82 23.93 4.22 39.36
C GLY A 82 24.68 4.39 40.69
N CYS A 83 25.99 4.29 40.68
CA CYS A 83 26.77 4.59 41.84
C CYS A 83 28.07 5.32 41.45
N CYS A 84 28.52 6.23 42.29
CA CYS A 84 29.83 6.81 42.08
C CYS A 84 30.90 5.86 42.66
N TYR A 85 31.81 5.34 41.83
CA TYR A 85 32.79 4.41 42.31
C TYR A 85 34.16 5.08 42.50
N ASP A 86 34.27 6.35 42.14
CA ASP A 86 35.53 7.02 42.30
C ASP A 86 35.36 8.53 42.25
N ILE A 87 36.14 9.22 43.08
CA ILE A 87 36.13 10.69 43.18
C ILE A 87 37.55 11.12 42.98
N GLU A 88 37.83 11.85 41.91
CA GLU A 88 39.19 12.24 41.58
C GLU A 88 39.35 13.74 41.68
N PRO A 89 40.18 14.20 42.66
CA PRO A 89 40.38 15.65 42.88
C PRO A 89 41.14 16.19 41.70
N LEU A 90 41.02 17.48 41.45
CA LEU A 90 41.65 18.09 40.30
C LEU A 90 42.68 19.14 40.74
N PRO A 91 43.98 18.76 40.74
CA PRO A 91 45.05 19.66 41.18
C PRO A 91 45.01 20.99 40.43
N GLY A 92 45.02 22.09 41.18
CA GLY A 92 44.91 23.41 40.58
C GLY A 92 43.48 23.86 40.62
N GLU A 93 42.58 23.16 39.94
CA GLU A 93 41.17 23.64 39.83
C GLU A 93 40.57 24.03 41.18
N ASP A 94 39.68 25.01 41.16
CA ASP A 94 39.03 25.44 42.41
C ASP A 94 37.65 24.78 42.57
N ASN A 95 37.53 23.93 43.60
CA ASN A 95 36.23 23.35 43.95
C ASN A 95 35.71 22.45 42.81
N GLN A 96 36.59 21.80 42.08
CA GLN A 96 36.14 20.90 41.02
C GLN A 96 36.68 19.52 41.26
N PHE A 97 35.92 18.51 40.86
CA PHE A 97 36.43 17.13 40.79
C PHE A 97 35.76 16.30 39.69
N ILE A 98 36.41 15.18 39.36
CA ILE A 98 35.82 14.16 38.54
C ILE A 98 35.09 13.05 39.33
N ALA A 99 33.79 12.94 39.09
CA ALA A 99 32.97 11.83 39.58
C ALA A 99 32.80 10.70 38.52
N TYR A 100 33.19 9.47 38.86
CA TYR A 100 32.97 8.31 37.97
C TYR A 100 31.73 7.56 38.41
N ILE A 101 30.77 7.49 37.47
CA ILE A 101 29.50 6.82 37.71
C ILE A 101 29.40 5.61 36.82
N ALA A 102 28.84 4.55 37.36
CA ALA A 102 28.63 3.30 36.65
C ALA A 102 27.10 3.04 36.62
N TYR A 103 26.57 2.78 35.44
CA TYR A 103 25.15 2.40 35.24
C TYR A 103 25.01 0.96 34.73
N PRO A 104 24.12 0.20 35.34
CA PRO A 104 23.85 -1.16 34.80
C PRO A 104 23.24 -1.17 33.38
N LEU A 105 23.65 -2.17 32.61
CA LEU A 105 23.28 -2.33 31.23
C LEU A 105 21.75 -2.23 31.00
N ASP A 106 21.02 -2.81 31.96
CA ASP A 106 19.60 -2.92 31.91
C ASP A 106 18.83 -1.63 31.96
N LEU A 107 19.48 -0.52 32.25
CA LEU A 107 18.70 0.74 32.34
C LEU A 107 18.32 1.31 31.00
N PHE A 108 19.02 0.87 29.95
CA PHE A 108 19.00 1.55 28.66
C PHE A 108 18.25 0.78 27.55
N GLU A 109 17.49 1.51 26.75
CA GLU A 109 16.86 0.92 25.61
C GLU A 109 17.93 0.62 24.53
N GLU A 110 17.84 -0.60 24.01
CA GLU A 110 18.75 -1.09 22.98
C GLU A 110 18.68 -0.20 21.75
N GLY A 111 19.82 0.20 21.19
CA GLY A 111 19.78 0.89 19.88
C GLY A 111 19.33 2.35 20.00
N SER A 112 19.08 2.82 21.24
CA SER A 112 18.60 4.21 21.48
C SER A 112 19.58 5.23 22.11
N VAL A 113 20.21 6.04 21.30
CA VAL A 113 20.94 7.12 21.80
C VAL A 113 20.03 8.09 22.57
N THR A 114 18.82 8.32 22.07
CA THR A 114 17.93 9.21 22.71
C THR A 114 17.71 8.75 24.17
N ASN A 115 17.48 7.46 24.37
CA ASN A 115 17.29 6.95 25.75
C ASN A 115 18.59 7.03 26.56
N MET A 116 19.75 6.82 25.93
CA MET A 116 20.97 6.86 26.72
C MET A 116 21.20 8.27 27.25
N LEU A 117 21.02 9.25 26.40
CA LEU A 117 21.15 10.61 26.82
C LEU A 117 20.12 11.02 27.81
N THR A 118 18.85 10.72 27.57
CA THR A 118 17.78 11.08 28.48
C THR A 118 18.13 10.50 29.88
N SER A 119 18.63 9.25 29.92
CA SER A 119 18.92 8.59 31.17
C SER A 119 20.08 9.23 31.92
N ILE A 120 21.16 9.51 31.20
CA ILE A 120 22.35 10.06 31.83
C ILE A 120 22.29 11.61 32.19
N VAL A 121 21.97 12.41 31.17
CA VAL A 121 21.96 13.86 31.26
C VAL A 121 20.59 14.48 31.22
N GLY A 122 19.53 13.69 31.26
CA GLY A 122 18.19 14.27 31.28
C GLY A 122 17.87 15.16 32.49
N ASN A 123 18.49 14.85 33.64
CA ASN A 123 17.97 15.40 34.92
C ASN A 123 19.02 16.10 35.81
N VAL A 124 20.23 15.53 35.86
CA VAL A 124 21.21 15.85 36.86
C VAL A 124 21.79 17.27 36.78
N PHE A 125 21.72 17.90 35.60
CA PHE A 125 22.41 19.16 35.41
C PHE A 125 21.68 20.29 36.09
N GLY A 126 20.44 20.04 36.49
CA GLY A 126 19.60 21.04 37.22
C GLY A 126 19.64 20.92 38.75
N PHE A 127 20.45 19.96 39.27
CA PHE A 127 20.44 19.68 40.72
C PHE A 127 21.01 20.86 41.51
N LYS A 128 20.26 21.30 42.51
CA LYS A 128 20.60 22.54 43.22
C LYS A 128 21.88 22.59 44.04
N ALA A 129 22.34 21.43 44.53
CA ALA A 129 23.61 21.38 45.24
C ALA A 129 24.87 21.43 44.36
N LEU A 130 24.69 21.52 43.03
CA LEU A 130 25.82 21.68 42.08
C LEU A 130 25.80 23.06 41.51
N LYS A 131 26.94 23.69 41.44
CA LYS A 131 27.01 24.99 40.84
C LYS A 131 27.11 24.84 39.30
N ALA A 132 27.85 23.81 38.89
CA ALA A 132 28.07 23.52 37.51
C ALA A 132 28.38 22.03 37.37
N LEU A 133 28.15 21.51 36.17
CA LEU A 133 28.34 20.08 35.85
C LEU A 133 28.68 19.91 34.38
N ARG A 134 29.76 19.20 34.07
CA ARG A 134 30.01 18.91 32.67
C ARG A 134 30.25 17.43 32.48
N LEU A 135 29.63 16.83 31.45
CA LEU A 135 29.89 15.43 31.17
C LEU A 135 31.06 15.43 30.28
N GLU A 136 32.11 14.73 30.69
CA GLU A 136 33.35 14.73 29.91
C GLU A 136 33.53 13.48 28.99
N ASP A 137 33.04 12.30 29.43
CA ASP A 137 33.33 11.09 28.68
C ASP A 137 32.36 9.99 29.09
N LEU A 138 32.18 9.01 28.21
CA LEU A 138 31.31 7.88 28.54
C LEU A 138 32.00 6.64 28.04
N ARG A 139 31.91 5.56 28.83
CA ARG A 139 32.49 4.27 28.37
C ARG A 139 31.29 3.39 27.93
N ILE A 140 31.09 3.26 26.61
CA ILE A 140 30.00 2.48 26.09
C ILE A 140 30.48 1.04 25.98
N PRO A 141 29.83 0.10 26.70
CA PRO A 141 30.28 -1.30 26.74
C PRO A 141 29.93 -2.01 25.42
N VAL A 142 30.76 -3.01 25.08
CA VAL A 142 30.58 -3.75 23.87
C VAL A 142 29.14 -4.37 23.75
N ALA A 143 28.58 -4.83 24.86
CA ALA A 143 27.26 -5.47 24.84
C ALA A 143 26.18 -4.45 24.47
N TYR A 144 26.37 -3.20 24.87
CA TYR A 144 25.44 -2.15 24.43
C TYR A 144 25.69 -1.79 22.96
N LEU A 145 26.97 -1.52 22.61
CA LEU A 145 27.29 -1.23 21.19
C LEU A 145 26.74 -2.22 20.15
N LYS A 146 26.66 -3.48 20.50
CA LYS A 146 26.22 -4.41 19.47
C LYS A 146 24.73 -4.25 19.13
N THR A 147 23.97 -3.50 19.95
CA THR A 147 22.55 -3.21 19.66
C THR A 147 22.39 -2.03 18.66
N PHE A 148 23.48 -1.38 18.21
CA PHE A 148 23.42 -0.25 17.33
C PHE A 148 23.95 -0.63 15.97
N GLN A 149 23.41 -0.03 14.94
CA GLN A 149 23.94 -0.22 13.60
C GLN A 149 25.30 0.46 13.49
N GLY A 150 25.49 1.71 14.04
CA GLY A 150 26.69 2.51 13.82
C GLY A 150 26.65 3.11 12.42
N PRO A 151 27.82 3.55 11.88
CA PRO A 151 27.86 4.27 10.61
C PRO A 151 27.23 3.45 9.54
N PRO A 152 26.42 4.08 8.65
CA PRO A 152 25.88 3.32 7.55
C PRO A 152 26.98 2.68 6.69
N HIS A 153 28.15 3.29 6.61
CA HIS A 153 29.24 2.73 5.82
C HIS A 153 30.59 2.66 6.55
N GLY A 154 31.16 3.80 6.95
CA GLY A 154 32.41 3.85 7.62
C GLY A 154 33.54 4.00 6.62
N ILE A 155 34.72 4.24 7.15
CA ILE A 155 35.84 4.69 6.37
C ILE A 155 36.17 3.75 5.22
N GLN A 156 36.33 2.49 5.54
CA GLN A 156 36.85 1.54 4.56
C GLN A 156 35.84 1.31 3.38
N VAL A 157 34.57 1.10 3.72
CA VAL A 157 33.53 0.99 2.71
C VAL A 157 33.41 2.26 1.90
N GLU A 158 33.46 3.40 2.56
CA GLU A 158 33.33 4.63 1.85
C GLU A 158 34.46 4.80 0.80
N ARG A 159 35.71 4.50 1.16
CA ARG A 159 36.78 4.64 0.16
C ARG A 159 36.59 3.68 -1.04
N ASP A 160 36.08 2.49 -0.77
CA ASP A 160 35.76 1.51 -1.81
C ASP A 160 34.59 1.97 -2.72
N LYS A 161 33.56 2.61 -2.18
CA LYS A 161 32.48 3.05 -3.06
C LYS A 161 32.97 4.22 -3.91
N LEU A 162 33.83 5.09 -3.33
CA LEU A 162 34.29 6.29 -4.06
C LEU A 162 35.57 6.05 -4.86
N ASN A 163 36.21 4.91 -4.59
CA ASN A 163 37.43 4.58 -5.31
C ASN A 163 38.59 5.51 -5.01
N LYS A 164 38.71 5.98 -3.78
CA LYS A 164 39.71 7.00 -3.51
C LYS A 164 40.59 6.49 -2.39
N TYR A 165 41.87 6.25 -2.70
CA TYR A 165 42.81 5.61 -1.76
C TYR A 165 44.08 6.44 -1.52
N GLY A 166 44.62 6.36 -0.30
CA GLY A 166 46.02 6.81 -0.06
C GLY A 166 46.16 8.30 0.20
N ARG A 167 45.04 8.98 0.43
CA ARG A 167 45.08 10.39 0.63
C ARG A 167 43.79 10.84 1.29
N PRO A 168 43.84 12.00 2.00
CA PRO A 168 42.66 12.72 2.47
C PRO A 168 41.77 13.09 1.28
N LEU A 169 40.46 13.16 1.52
CA LEU A 169 39.52 13.70 0.54
C LEU A 169 39.40 15.22 0.70
N LEU A 170 39.01 15.89 -0.40
CA LEU A 170 38.94 17.31 -0.48
C LEU A 170 37.54 17.87 -0.79
N GLY A 171 37.08 18.85 0.01
CA GLY A 171 35.80 19.56 -0.18
C GLY A 171 35.94 21.08 -0.13
N CYS A 172 34.99 21.78 -0.77
CA CYS A 172 34.88 23.24 -0.71
C CYS A 172 33.46 23.51 -0.23
N THR A 173 33.26 24.55 0.56
CA THR A 173 31.91 25.02 0.83
C THR A 173 31.60 26.08 -0.22
N ILE A 174 30.34 26.19 -0.62
CA ILE A 174 29.96 27.18 -1.62
C ILE A 174 29.68 28.51 -0.95
N LYS A 175 30.14 29.59 -1.56
CA LYS A 175 29.89 30.95 -1.07
C LYS A 175 29.29 31.88 -2.15
N PRO A 176 28.35 32.77 -1.78
CA PRO A 176 27.81 33.01 -0.46
C PRO A 176 27.00 31.82 0.10
N LYS A 177 26.89 31.76 1.42
CA LYS A 177 26.10 30.74 2.12
C LYS A 177 24.68 30.63 1.56
N LEU A 178 23.96 31.76 1.60
CA LEU A 178 22.56 31.89 1.20
C LEU A 178 22.39 32.94 0.12
N GLY A 179 21.48 32.68 -0.80
CA GLY A 179 21.10 33.72 -1.73
C GLY A 179 21.27 33.38 -3.17
N LEU A 180 22.17 32.47 -3.53
CA LEU A 180 22.22 31.97 -4.91
C LEU A 180 20.94 31.22 -5.31
N SER A 181 20.45 31.44 -6.53
CA SER A 181 19.35 30.66 -7.07
C SER A 181 19.93 29.25 -7.23
N ALA A 182 19.09 28.22 -7.21
CA ALA A 182 19.53 26.81 -7.48
C ALA A 182 20.47 26.61 -8.71
N LYS A 183 20.18 27.25 -9.81
CA LYS A 183 21.00 27.13 -11.02
C LYS A 183 22.41 27.79 -10.83
N ASN A 184 22.43 28.97 -10.21
CA ASN A 184 23.69 29.66 -9.96
C ASN A 184 24.53 28.85 -9.00
N TYR A 185 23.87 28.28 -8.00
CA TYR A 185 24.45 27.34 -7.07
C TYR A 185 25.07 26.17 -7.75
N GLY A 186 24.36 25.50 -8.67
CA GLY A 186 24.93 24.38 -9.37
C GLY A 186 26.15 24.75 -10.22
N ARG A 187 26.22 25.99 -10.71
CA ARG A 187 27.36 26.46 -11.58
C ARG A 187 28.59 26.50 -10.65
N ALA A 188 28.46 27.12 -9.47
CA ALA A 188 29.55 27.16 -8.50
C ALA A 188 30.05 25.75 -8.07
N VAL A 189 29.12 24.78 -7.96
CA VAL A 189 29.49 23.43 -7.62
C VAL A 189 30.22 22.83 -8.77
N TYR A 190 29.76 23.06 -9.99
CA TYR A 190 30.40 22.45 -11.14
C TYR A 190 31.87 22.90 -11.23
N GLU A 191 32.09 24.21 -11.07
CA GLU A 191 33.43 24.78 -11.23
C GLU A 191 34.39 24.26 -10.15
N CYS A 192 33.90 24.15 -8.92
CA CYS A 192 34.71 23.56 -7.85
C CYS A 192 35.09 22.11 -8.13
N LEU A 193 34.10 21.31 -8.44
CA LEU A 193 34.35 19.93 -8.64
C LEU A 193 35.31 19.67 -9.79
N ARG A 194 35.14 20.39 -10.91
CA ARG A 194 35.90 20.10 -12.12
C ARG A 194 37.39 20.49 -11.93
N GLY A 195 37.66 21.35 -10.95
CA GLY A 195 39.00 21.78 -10.61
C GLY A 195 39.74 20.74 -9.78
N GLY A 196 39.08 19.65 -9.36
CA GLY A 196 39.83 18.60 -8.64
C GLY A 196 39.45 18.32 -7.19
N LEU A 197 38.43 19.01 -6.68
CA LEU A 197 37.90 18.65 -5.36
C LEU A 197 37.03 17.41 -5.53
N ASP A 198 36.90 16.63 -4.45
CA ASP A 198 36.04 15.44 -4.43
C ASP A 198 34.57 15.82 -4.10
N PHE A 199 34.39 16.78 -3.21
CA PHE A 199 33.10 17.11 -2.66
C PHE A 199 32.87 18.59 -2.61
N THR A 200 31.63 19.03 -2.79
CA THR A 200 31.20 20.34 -2.36
C THR A 200 30.11 20.17 -1.32
N LYS A 201 29.65 21.25 -0.71
CA LYS A 201 28.87 21.11 0.52
C LYS A 201 27.74 22.15 0.65
N ASP A 202 26.52 21.71 0.98
CA ASP A 202 25.43 22.66 1.30
C ASP A 202 25.76 23.28 2.65
N ASP A 203 25.54 24.59 2.79
CA ASP A 203 25.57 25.20 4.09
C ASP A 203 24.51 24.60 5.05
N GLU A 204 24.80 24.54 6.33
CA GLU A 204 23.88 23.97 7.26
C GLU A 204 22.57 24.78 7.36
N ASN A 205 22.58 26.04 6.96
CA ASN A 205 21.37 26.86 6.94
C ASN A 205 20.44 26.64 5.77
N ILE A 206 20.95 26.01 4.72
CA ILE A 206 20.21 25.83 3.51
C ILE A 206 19.44 24.50 3.63
N ASN A 207 18.11 24.63 3.71
CA ASN A 207 17.27 23.46 3.73
C ASN A 207 16.33 23.70 2.55
N SER A 208 15.20 24.36 2.75
CA SER A 208 14.41 24.85 1.62
C SER A 208 13.83 26.22 2.00
N GLN A 209 14.03 27.23 1.16
CA GLN A 209 13.69 28.59 1.55
C GLN A 209 13.12 29.30 0.31
N PRO A 210 12.51 30.48 0.49
CA PRO A 210 11.90 31.20 -0.64
C PRO A 210 12.92 31.53 -1.77
N PHE A 211 14.16 31.86 -1.44
CA PHE A 211 15.18 32.12 -2.51
C PHE A 211 15.72 30.83 -3.12
N GLN A 212 15.35 29.64 -2.62
CA GLN A 212 15.94 28.44 -3.23
C GLN A 212 15.26 27.22 -2.66
N ARG A 213 14.36 26.62 -3.42
CA ARG A 213 13.65 25.43 -2.93
C ARG A 213 14.51 24.19 -3.09
N TRP A 214 14.29 23.21 -2.21
CA TRP A 214 15.27 22.08 -2.14
C TRP A 214 15.27 21.26 -3.42
N ARG A 215 14.08 21.02 -3.97
CA ARG A 215 14.03 20.12 -5.14
C ARG A 215 14.80 20.67 -6.34
N ASP A 216 14.80 22.00 -6.51
CA ASP A 216 15.51 22.69 -7.59
C ASP A 216 17.01 22.62 -7.32
N ARG A 217 17.42 22.85 -6.09
CA ARG A 217 18.81 22.68 -5.78
C ARG A 217 19.31 21.25 -6.04
N PHE A 218 18.67 20.24 -5.44
CA PHE A 218 19.04 18.82 -5.75
C PHE A 218 19.16 18.58 -7.26
N LEU A 219 18.23 19.09 -8.05
CA LEU A 219 18.26 18.82 -9.48
C LEU A 219 19.48 19.48 -10.17
N PHE A 220 19.80 20.74 -9.85
CA PHE A 220 20.86 21.43 -10.54
C PHE A 220 22.25 21.00 -10.06
N VAL A 221 22.33 20.56 -8.81
CA VAL A 221 23.56 20.01 -8.24
C VAL A 221 23.88 18.65 -8.91
N ALA A 222 22.86 17.82 -9.14
CA ALA A 222 23.06 16.54 -9.82
C ALA A 222 23.56 16.77 -11.28
N ASP A 223 23.02 17.79 -11.96
CA ASP A 223 23.58 18.09 -13.28
C ASP A 223 25.08 18.48 -13.18
N ALA A 224 25.44 19.31 -12.18
CA ALA A 224 26.83 19.80 -11.97
C ALA A 224 27.78 18.61 -11.73
N ILE A 225 27.38 17.70 -10.82
CA ILE A 225 28.08 16.47 -10.60
C ILE A 225 28.26 15.66 -11.85
N HIS A 226 27.23 15.51 -12.64
CA HIS A 226 27.34 14.66 -13.81
C HIS A 226 28.40 15.23 -14.79
N LYS A 227 28.36 16.53 -15.03
CA LYS A 227 29.29 17.20 -15.92
C LYS A 227 30.74 17.12 -15.39
N ALA A 228 30.97 17.53 -14.14
CA ALA A 228 32.33 17.39 -13.54
C ALA A 228 32.87 15.97 -13.55
N GLN A 229 32.02 14.99 -13.31
CA GLN A 229 32.47 13.61 -13.21
C GLN A 229 32.82 13.07 -14.60
N ALA A 230 32.06 13.47 -15.61
CA ALA A 230 32.37 13.10 -17.01
C ALA A 230 33.66 13.82 -17.49
N GLU A 231 33.82 15.10 -17.14
CA GLU A 231 35.05 15.79 -17.57
C GLU A 231 36.33 15.32 -16.89
N THR A 232 36.27 14.99 -15.62
CA THR A 232 37.45 14.60 -14.91
C THR A 232 37.74 13.08 -14.83
N GLY A 233 36.73 12.21 -15.04
CA GLY A 233 36.88 10.76 -14.87
C GLY A 233 37.08 10.37 -13.40
N GLU A 234 36.73 11.27 -12.49
CA GLU A 234 36.76 10.99 -11.00
C GLU A 234 35.36 11.10 -10.38
N ILE A 235 35.01 10.14 -9.49
CA ILE A 235 33.77 10.19 -8.77
C ILE A 235 33.67 11.51 -7.97
N LYS A 236 32.58 12.24 -8.14
CA LYS A 236 32.32 13.53 -7.49
C LYS A 236 31.05 13.43 -6.66
N GLY A 237 30.93 14.26 -5.62
CA GLY A 237 29.74 14.29 -4.76
C GLY A 237 29.46 15.67 -4.16
N HIS A 238 28.28 15.84 -3.59
CA HIS A 238 27.93 17.09 -2.97
C HIS A 238 27.05 16.75 -1.80
N TYR A 239 27.40 17.17 -0.59
CA TYR A 239 26.59 16.83 0.57
C TYR A 239 25.26 17.64 0.51
N LEU A 240 24.25 17.05 -0.13
CA LEU A 240 22.92 17.64 -0.21
C LEU A 240 22.24 17.60 1.13
N ASN A 241 21.92 18.76 1.63
CA ASN A 241 21.35 18.83 2.99
C ASN A 241 19.90 18.38 2.99
N VAL A 242 19.60 17.29 3.69
CA VAL A 242 18.20 16.84 3.93
C VAL A 242 17.58 17.22 5.29
N THR A 243 18.27 18.07 6.06
CA THR A 243 17.69 18.48 7.33
C THR A 243 16.35 19.18 7.02
N ALA A 244 15.34 18.80 7.82
CA ALA A 244 13.95 19.07 7.45
C ALA A 244 13.04 19.30 8.66
N PRO A 245 11.84 19.89 8.43
CA PRO A 245 10.99 20.11 9.62
C PRO A 245 10.44 18.87 10.33
N THR A 246 10.23 17.76 9.60
CA THR A 246 9.60 16.53 10.04
C THR A 246 10.42 15.37 9.42
N CYS A 247 10.34 14.18 10.01
CA CYS A 247 10.93 12.98 9.44
C CYS A 247 10.42 12.63 8.06
N GLU A 248 9.11 12.76 7.82
CA GLU A 248 8.58 12.48 6.48
C GLU A 248 9.27 13.33 5.44
N GLU A 249 9.44 14.62 5.74
CA GLU A 249 10.06 15.51 4.76
C GLU A 249 11.57 15.21 4.61
N MET A 250 12.25 14.92 5.69
CA MET A 250 13.66 14.48 5.63
C MET A 250 13.84 13.23 4.79
N LEU A 251 13.04 12.19 5.00
CA LEU A 251 13.13 10.97 4.15
C LEU A 251 12.75 11.27 2.69
N LYS A 252 11.79 12.18 2.47
CA LYS A 252 11.46 12.59 1.09
C LYS A 252 12.68 13.21 0.30
N ARG A 253 13.44 14.08 0.99
CA ARG A 253 14.58 14.67 0.38
C ARG A 253 15.68 13.59 0.15
N ALA A 254 15.90 12.70 1.14
CA ALA A 254 16.85 11.56 0.96
C ALA A 254 16.46 10.72 -0.23
N GLU A 255 15.16 10.37 -0.32
CA GLU A 255 14.69 9.58 -1.48
C GLU A 255 14.97 10.25 -2.83
N PHE A 256 14.82 11.56 -2.88
CA PHE A 256 15.08 12.24 -4.17
C PHE A 256 16.55 12.25 -4.54
N ALA A 257 17.41 12.60 -3.60
CA ALA A 257 18.82 12.35 -3.78
C ALA A 257 19.14 10.94 -4.28
N LYS A 258 18.56 9.90 -3.67
CA LYS A 258 18.74 8.53 -4.16
C LYS A 258 18.24 8.34 -5.62
N GLU A 259 17.08 8.93 -5.90
CA GLU A 259 16.55 8.90 -7.27
C GLU A 259 17.51 9.54 -8.27
N LEU A 260 18.22 10.58 -7.84
CA LEU A 260 19.17 11.22 -8.72
C LEU A 260 20.48 10.48 -8.75
N GLU A 261 20.59 9.40 -7.98
CA GLU A 261 21.86 8.65 -7.93
C GLU A 261 23.01 9.45 -7.33
N MET A 262 22.68 10.32 -6.38
CA MET A 262 23.73 11.02 -5.61
C MET A 262 24.37 10.03 -4.62
N PRO A 263 25.69 10.07 -4.48
CA PRO A 263 26.37 9.18 -3.52
C PRO A 263 26.32 9.60 -2.05
N ILE A 264 26.05 10.87 -1.77
CA ILE A 264 26.17 11.39 -0.42
C ILE A 264 25.15 12.53 -0.09
N ILE A 265 24.71 12.56 1.17
CA ILE A 265 23.84 13.58 1.65
C ILE A 265 24.32 14.02 3.02
N MET A 266 23.70 15.07 3.54
CA MET A 266 24.15 15.68 4.75
C MET A 266 23.01 15.81 5.77
N HIS A 267 23.34 15.79 7.05
CA HIS A 267 22.33 16.09 8.11
C HIS A 267 22.93 16.84 9.29
N ASP A 268 22.16 17.79 9.87
CA ASP A 268 22.49 18.52 11.11
C ASP A 268 22.02 17.67 12.34
N PHE A 269 22.85 16.77 12.83
CA PHE A 269 22.36 15.87 13.84
C PHE A 269 21.81 16.49 15.14
N LEU A 270 22.37 17.59 15.63
CA LEU A 270 21.92 18.18 16.94
C LEU A 270 20.70 19.03 16.84
N THR A 271 20.54 19.79 15.77
CA THR A 271 19.36 20.61 15.69
C THR A 271 18.20 19.79 15.20
N ALA A 272 18.42 18.81 14.31
CA ALA A 272 17.34 17.84 14.01
C ALA A 272 17.07 16.85 15.14
N GLY A 273 18.10 16.39 15.87
CA GLY A 273 17.91 15.44 16.99
C GLY A 273 18.17 13.97 16.61
N PHE A 274 18.41 13.14 17.61
CA PHE A 274 18.96 11.82 17.45
C PHE A 274 17.95 10.83 16.99
N THR A 275 16.67 11.03 17.34
CA THR A 275 15.60 10.25 16.78
C THR A 275 15.54 10.35 15.21
N ALA A 276 15.59 11.56 14.70
CA ALA A 276 15.55 11.78 13.27
C ALA A 276 16.82 11.20 12.62
N ASN A 277 17.97 11.47 13.26
CA ASN A 277 19.30 11.03 12.76
C ASN A 277 19.45 9.50 12.71
N THR A 278 18.99 8.79 13.76
CA THR A 278 18.97 7.34 13.76
C THR A 278 18.06 6.81 12.61
N THR A 279 16.93 7.47 12.37
CA THR A 279 16.06 7.09 11.27
C THR A 279 16.79 7.26 9.94
N LEU A 280 17.49 8.35 9.76
CA LEU A 280 18.21 8.62 8.50
C LEU A 280 19.41 7.69 8.32
N SER A 281 20.10 7.43 9.43
CA SER A 281 21.25 6.52 9.39
C SER A 281 20.84 5.09 8.96
N LYS A 282 19.76 4.53 9.53
CA LYS A 282 19.23 3.26 9.03
C LYS A 282 18.81 3.31 7.54
N TRP A 283 18.21 4.42 7.10
CA TRP A 283 17.80 4.60 5.74
C TRP A 283 19.03 4.61 4.83
N CYS A 284 20.09 5.29 5.22
CA CYS A 284 21.34 5.36 4.46
C CYS A 284 22.02 3.97 4.30
N ARG A 285 22.00 3.14 5.35
CA ARG A 285 22.42 1.73 5.28
C ARG A 285 21.60 0.92 4.24
N ASP A 286 20.27 1.01 4.36
CA ASP A 286 19.32 0.34 3.46
C ASP A 286 19.48 0.76 2.00
N ASN A 287 19.99 1.97 1.77
CA ASN A 287 20.00 2.53 0.44
C ASN A 287 21.34 2.80 -0.14
N GLY A 288 22.39 2.43 0.55
CA GLY A 288 23.75 2.69 0.07
C GLY A 288 24.22 4.15 -0.06
N MET A 289 23.60 5.02 0.76
CA MET A 289 23.88 6.42 0.64
C MET A 289 24.93 6.79 1.71
N LEU A 290 25.93 7.58 1.36
CA LEU A 290 26.91 8.09 2.37
C LEU A 290 26.27 9.26 3.18
N LEU A 291 26.62 9.37 4.45
CA LEU A 291 25.98 10.31 5.32
C LEU A 291 27.01 11.21 6.01
N HIS A 292 26.98 12.49 5.68
CA HIS A 292 27.94 13.51 6.17
C HIS A 292 27.17 14.21 7.25
N ILE A 293 27.74 14.28 8.46
CA ILE A 293 27.08 14.85 9.59
C ILE A 293 27.66 16.24 9.94
N HIS A 294 26.81 17.26 10.04
CA HIS A 294 27.27 18.60 10.40
C HIS A 294 26.86 18.83 11.85
N ARG A 295 27.62 19.62 12.58
CA ARG A 295 27.45 19.67 14.04
C ARG A 295 26.94 21.06 14.57
N ALA A 296 26.24 21.80 13.72
CA ALA A 296 25.43 22.95 14.10
C ALA A 296 24.90 22.85 15.51
N MET A 297 25.25 23.89 16.28
CA MET A 297 24.76 24.10 17.63
C MET A 297 25.64 23.45 18.65
N HIS A 298 26.70 22.75 18.22
CA HIS A 298 27.45 22.01 19.26
C HIS A 298 28.00 22.98 20.39
N ALA A 299 28.36 24.23 20.04
CA ALA A 299 29.02 25.12 21.02
C ALA A 299 28.09 25.66 22.04
N VAL A 300 26.81 25.51 21.83
CA VAL A 300 25.83 25.87 22.84
C VAL A 300 26.02 25.05 24.13
N MET A 301 26.36 23.75 23.94
CA MET A 301 26.59 22.82 25.05
C MET A 301 28.05 22.48 25.31
N ASP A 302 28.95 22.64 24.32
CA ASP A 302 30.18 21.94 24.42
C ASP A 302 31.38 22.83 24.62
N ARG A 303 31.13 24.12 24.69
CA ARG A 303 32.22 25.10 24.70
C ARG A 303 32.73 25.47 26.12
N GLN A 304 31.86 25.81 27.06
CA GLN A 304 32.32 26.19 28.41
C GLN A 304 32.98 25.00 29.14
N LYS A 305 34.16 25.22 29.75
CA LYS A 305 34.85 24.14 30.49
C LYS A 305 34.14 23.70 31.77
N ASN A 306 33.28 24.52 32.38
CA ASN A 306 32.61 24.10 33.65
C ASN A 306 31.26 23.40 33.51
N HIS A 307 30.62 23.55 32.35
CA HIS A 307 29.21 23.11 32.20
C HIS A 307 28.84 22.71 30.77
N GLY A 308 28.14 21.58 30.64
CA GLY A 308 27.70 21.14 29.36
C GLY A 308 28.09 19.74 29.14
N ILE A 309 28.40 19.45 27.88
CA ILE A 309 28.72 18.10 27.43
C ILE A 309 29.87 18.24 26.47
N HIS A 310 30.94 17.51 26.70
CA HIS A 310 32.10 17.71 25.86
C HIS A 310 31.81 17.14 24.46
N PHE A 311 32.31 17.78 23.43
CA PHE A 311 32.12 17.22 22.10
C PHE A 311 32.38 15.72 21.93
N ARG A 312 33.34 15.18 22.64
CA ARG A 312 33.74 13.75 22.44
C ARG A 312 32.56 12.83 22.77
N VAL A 313 31.71 13.26 23.74
CA VAL A 313 30.53 12.51 24.11
C VAL A 313 29.50 12.54 22.97
N LEU A 314 29.19 13.75 22.49
CA LEU A 314 28.34 13.94 21.29
C LEU A 314 28.87 13.19 20.06
N ALA A 315 30.19 13.13 19.92
CA ALA A 315 30.78 12.40 18.83
C ALA A 315 30.62 10.87 18.97
N LYS A 316 30.73 10.33 20.18
CA LYS A 316 30.54 8.89 20.42
C LYS A 316 29.06 8.53 20.11
N CYS A 317 28.14 9.39 20.56
CA CYS A 317 26.72 9.26 20.26
C CYS A 317 26.50 9.28 18.76
N LEU A 318 27.23 10.12 18.05
CA LEU A 318 26.96 10.19 16.66
C LEU A 318 27.41 8.90 16.02
N ARG A 319 28.55 8.35 16.44
CA ARG A 319 29.11 7.18 15.80
C ARG A 319 28.10 5.99 16.00
N MET A 320 27.48 5.93 17.18
CA MET A 320 26.48 4.91 17.45
C MET A 320 25.17 5.09 16.64
N SER A 321 24.61 6.29 16.63
CA SER A 321 23.40 6.57 15.86
C SER A 321 23.74 6.36 14.39
N GLY A 322 24.86 6.95 13.95
CA GLY A 322 25.40 6.67 12.63
C GLY A 322 25.71 7.93 11.83
N GLY A 323 26.92 8.00 11.28
CA GLY A 323 27.19 8.89 10.18
C GLY A 323 28.52 8.45 9.63
N ASP A 324 28.81 8.82 8.38
CA ASP A 324 30.04 8.38 7.70
C ASP A 324 31.17 9.41 7.77
N HIS A 325 30.82 10.71 7.90
CA HIS A 325 31.76 11.83 8.14
C HIS A 325 31.19 12.61 9.32
N ILE A 326 32.05 13.33 10.05
CA ILE A 326 31.59 14.32 11.04
C ILE A 326 32.63 15.41 11.16
N HIS A 327 32.20 16.67 11.17
CA HIS A 327 33.09 17.82 11.50
C HIS A 327 33.75 17.72 12.87
N THR A 328 35.05 17.89 12.87
CA THR A 328 35.83 17.71 14.11
C THR A 328 36.54 18.99 14.52
N GLY A 329 36.33 20.08 13.79
CA GLY A 329 36.98 21.34 14.07
C GLY A 329 38.32 21.38 13.37
N THR A 330 38.90 22.57 13.32
CA THR A 330 40.26 22.74 12.77
C THR A 330 41.36 22.60 13.85
N VAL A 331 42.59 22.37 13.40
CA VAL A 331 43.70 22.38 14.34
C VAL A 331 44.58 23.64 14.19
N VAL A 332 44.37 24.39 13.11
CA VAL A 332 45.10 25.63 12.85
C VAL A 332 44.88 26.76 13.87
N GLY A 333 45.99 27.36 14.32
CA GLY A 333 46.00 28.43 15.32
C GLY A 333 45.43 28.02 16.65
N LYS A 334 45.69 26.77 17.06
CA LYS A 334 45.31 26.29 18.40
C LYS A 334 46.54 25.80 19.17
N LEU A 335 46.55 26.06 20.49
CA LEU A 335 47.56 25.53 21.43
C LEU A 335 47.74 24.02 21.30
N GLU A 336 48.94 23.53 21.59
CA GLU A 336 49.22 22.08 21.52
C GLU A 336 48.36 21.20 22.45
N GLY A 337 47.79 21.75 23.52
CA GLY A 337 46.87 21.00 24.41
C GLY A 337 45.43 20.87 23.86
N ASP A 338 44.96 21.91 23.14
CA ASP A 338 43.68 21.82 22.41
C ASP A 338 43.85 20.85 21.24
N LYS A 339 44.97 20.97 20.54
CA LYS A 339 45.25 20.04 19.49
C LYS A 339 45.20 18.54 19.99
N ALA A 340 45.77 18.24 21.17
CA ALA A 340 45.86 16.87 21.64
C ALA A 340 44.48 16.38 21.97
N VAL A 341 43.64 17.24 22.51
CA VAL A 341 42.26 16.91 22.84
C VAL A 341 41.46 16.52 21.55
N THR A 342 41.63 17.33 20.50
CA THR A 342 41.04 17.05 19.15
C THR A 342 41.47 15.72 18.62
N LEU A 343 42.76 15.48 18.70
CA LEU A 343 43.34 14.23 18.22
C LEU A 343 42.85 13.04 19.02
N GLY A 344 42.66 13.24 20.32
CA GLY A 344 42.00 12.28 21.15
C GLY A 344 40.63 11.89 20.58
N PHE A 345 39.72 12.86 20.35
CA PHE A 345 38.36 12.47 19.90
C PHE A 345 38.30 12.02 18.43
N VAL A 346 39.29 12.44 17.62
CA VAL A 346 39.47 11.93 16.30
C VAL A 346 39.80 10.43 16.30
N ASP A 347 40.76 9.99 17.12
CA ASP A 347 40.90 8.55 17.42
C ASP A 347 39.65 7.86 17.93
N LEU A 348 38.92 8.53 18.81
CA LEU A 348 37.66 7.95 19.29
C LEU A 348 36.70 7.72 18.13
N LEU A 349 36.74 8.56 17.08
CA LEU A 349 35.82 8.46 15.95
C LEU A 349 36.24 7.43 14.92
N ARG A 350 37.55 7.19 14.75
CA ARG A 350 38.09 6.41 13.67
C ARG A 350 38.62 5.04 14.05
N GLU A 351 39.11 4.82 15.27
CA GLU A 351 39.80 3.59 15.63
C GLU A 351 38.86 2.58 16.22
N ASN A 352 39.30 1.30 16.17
CA ASN A 352 38.61 0.24 16.84
C ASN A 352 38.79 0.22 18.36
N TYR A 353 39.98 0.61 18.82
CA TYR A 353 40.29 0.43 20.21
C TYR A 353 41.13 1.63 20.63
N ILE A 354 40.66 2.38 21.61
CA ILE A 354 41.37 3.53 22.12
C ILE A 354 41.68 3.37 23.62
N GLU A 355 42.94 3.51 23.95
CA GLU A 355 43.43 3.30 25.30
C GLU A 355 43.21 4.61 26.05
N GLN A 356 42.81 4.43 27.30
CA GLN A 356 42.66 5.52 28.23
C GLN A 356 43.87 6.44 28.14
N ASP A 357 43.66 7.75 28.10
CA ASP A 357 44.80 8.67 27.90
C ASP A 357 44.42 10.13 28.20
N ARG A 358 44.54 10.49 29.49
CA ARG A 358 44.10 11.79 29.99
C ARG A 358 44.81 12.95 29.37
N SER A 359 46.04 12.74 28.91
CA SER A 359 46.75 13.86 28.27
C SER A 359 46.08 14.26 26.95
N ARG A 360 45.21 13.39 26.45
CA ARG A 360 44.38 13.72 25.31
C ARG A 360 42.86 13.77 25.64
N GLY A 361 42.50 13.91 26.90
CA GLY A 361 41.09 13.91 27.33
C GLY A 361 40.34 12.61 27.05
N ILE A 362 41.03 11.49 26.95
CA ILE A 362 40.38 10.18 26.96
C ILE A 362 40.29 9.66 28.40
N TYR A 363 39.09 9.73 28.99
CA TYR A 363 38.90 9.28 30.38
C TYR A 363 38.78 7.77 30.52
N PHE A 364 38.28 7.08 29.49
CA PHE A 364 38.14 5.62 29.54
C PHE A 364 38.71 4.97 28.30
N THR A 365 39.11 3.72 28.46
CA THR A 365 39.46 2.89 27.35
C THR A 365 38.14 2.56 26.66
N GLN A 366 38.13 2.63 25.33
CA GLN A 366 36.91 2.43 24.53
C GLN A 366 37.18 1.38 23.48
N ASP A 367 36.43 0.29 23.57
CA ASP A 367 36.54 -0.80 22.60
C ASP A 367 35.34 -0.65 21.66
N TRP A 368 35.51 -0.49 20.37
CA TRP A 368 34.29 -0.34 19.50
C TRP A 368 33.72 -1.64 18.90
N ALA A 369 34.40 -2.80 19.14
CA ALA A 369 33.92 -4.12 18.75
C ALA A 369 33.57 -4.17 17.26
N SER A 370 34.43 -3.59 16.47
CA SER A 370 34.31 -3.60 15.00
C SER A 370 33.26 -2.69 14.45
N MET A 371 32.59 -1.91 15.28
CA MET A 371 31.75 -0.88 14.69
C MET A 371 32.63 0.02 13.78
N PRO A 372 32.21 0.30 12.52
CA PRO A 372 33.07 1.08 11.62
C PRO A 372 33.42 2.48 12.16
N GLY A 373 34.54 3.01 11.70
CA GLY A 373 34.94 4.35 12.06
C GLY A 373 34.32 5.36 11.11
N VAL A 374 34.37 6.64 11.51
CA VAL A 374 33.77 7.75 10.84
C VAL A 374 34.90 8.68 10.36
N MET A 375 34.83 9.19 9.13
CA MET A 375 35.88 10.15 8.63
C MET A 375 35.81 11.48 9.37
N ALA A 376 36.94 11.96 9.87
CA ALA A 376 37.08 13.28 10.49
C ALA A 376 37.02 14.35 9.38
N VAL A 377 36.22 15.39 9.54
CA VAL A 377 36.22 16.45 8.60
C VAL A 377 36.85 17.67 9.25
N ALA A 378 37.93 18.18 8.63
CA ALA A 378 38.61 19.35 9.14
C ALA A 378 38.20 20.56 8.37
N SER A 379 37.74 21.58 9.05
CA SER A 379 37.32 22.82 8.35
C SER A 379 37.32 24.09 9.21
N GLY A 380 37.30 25.23 8.54
CA GLY A 380 37.34 26.53 9.18
C GLY A 380 38.70 27.22 9.08
N GLY A 381 38.85 28.15 8.12
CA GLY A 381 40.05 28.99 8.07
C GLY A 381 41.32 28.30 7.60
N ILE A 382 41.18 27.34 6.68
CA ILE A 382 42.30 26.59 6.13
C ILE A 382 42.68 27.12 4.75
N HIS A 383 43.97 27.15 4.42
CA HIS A 383 44.46 27.57 3.08
C HIS A 383 45.57 26.65 2.62
N VAL A 384 46.02 26.77 1.38
CA VAL A 384 46.99 25.81 0.87
C VAL A 384 48.22 25.68 1.73
N TRP A 385 48.62 26.74 2.42
CA TRP A 385 49.89 26.72 3.14
C TRP A 385 49.75 25.89 4.43
N HIS A 386 48.51 25.60 4.81
CA HIS A 386 48.27 24.70 5.94
C HIS A 386 48.36 23.26 5.53
N MET A 387 48.30 22.97 4.24
CA MET A 387 48.21 21.60 3.74
C MET A 387 49.21 20.57 4.34
N PRO A 388 50.53 20.88 4.36
CA PRO A 388 51.48 19.89 4.97
C PRO A 388 51.15 19.55 6.41
N ALA A 389 50.82 20.54 7.22
CA ALA A 389 50.46 20.30 8.60
C ALA A 389 49.17 19.42 8.65
N LEU A 390 48.22 19.65 7.75
CA LEU A 390 46.89 18.97 7.85
C LEU A 390 47.05 17.50 7.54
N VAL A 391 47.84 17.24 6.51
CA VAL A 391 48.19 15.88 6.15
C VAL A 391 48.92 15.15 7.29
N ASP A 392 49.90 15.84 7.88
CA ASP A 392 50.66 15.30 9.00
C ASP A 392 49.82 15.07 10.24
N ILE A 393 48.88 15.95 10.51
CA ILE A 393 48.12 15.88 11.74
C ILE A 393 47.07 14.79 11.63
N PHE A 394 46.34 14.78 10.51
CA PHE A 394 45.16 13.89 10.36
C PHE A 394 45.48 12.58 9.65
N GLY A 395 46.50 12.56 8.81
CA GLY A 395 46.79 11.35 8.05
C GLY A 395 45.80 11.23 6.88
N ASP A 396 45.61 10.01 6.35
CA ASP A 396 44.75 9.79 5.15
C ASP A 396 43.26 9.87 5.41
N ASP A 397 42.84 9.47 6.60
CA ASP A 397 41.41 9.32 6.80
C ASP A 397 40.67 10.54 7.33
N ALA A 398 40.58 11.53 6.43
CA ALA A 398 40.01 12.80 6.78
C ALA A 398 39.50 13.42 5.55
N VAL A 399 38.59 14.37 5.72
CA VAL A 399 38.14 15.20 4.61
C VAL A 399 38.63 16.59 4.98
N LEU A 400 39.30 17.27 4.04
CA LEU A 400 39.76 18.62 4.33
C LEU A 400 38.85 19.55 3.55
N GLN A 401 38.13 20.35 4.29
CA GLN A 401 37.03 21.11 3.77
C GLN A 401 37.49 22.57 3.73
N PHE A 402 37.67 23.13 2.55
CA PHE A 402 38.14 24.54 2.38
C PHE A 402 36.99 25.50 2.08
N GLY A 403 37.17 26.80 2.39
CA GLY A 403 36.25 27.91 1.99
C GLY A 403 36.01 28.95 3.09
N GLY A 408 39.57 33.16 -1.25
CA GLY A 408 39.14 32.81 -2.62
C GLY A 408 40.32 32.97 -3.59
N HIS A 409 40.50 31.99 -4.48
CA HIS A 409 41.60 32.03 -5.41
C HIS A 409 41.38 33.17 -6.41
N PRO A 410 42.49 33.86 -6.80
CA PRO A 410 42.49 35.00 -7.72
C PRO A 410 41.83 34.69 -9.05
N TRP A 411 42.03 33.47 -9.57
CA TRP A 411 41.45 33.10 -10.86
C TRP A 411 40.08 32.40 -10.79
N GLY A 412 39.52 32.24 -9.59
CA GLY A 412 38.21 31.62 -9.46
C GLY A 412 38.23 30.18 -8.91
N ASN A 413 37.05 29.57 -8.97
CA ASN A 413 36.75 28.30 -8.34
C ASN A 413 37.56 27.13 -8.86
N ALA A 414 37.50 26.88 -10.17
CA ALA A 414 38.22 25.72 -10.69
C ALA A 414 39.76 25.82 -10.46
N PRO A 415 40.38 27.03 -10.66
CA PRO A 415 41.86 27.14 -10.34
C PRO A 415 42.16 26.98 -8.84
N GLY A 416 41.38 27.60 -7.98
CA GLY A 416 41.52 27.44 -6.52
C GLY A 416 41.47 25.97 -6.13
N ALA A 417 40.56 25.22 -6.75
CA ALA A 417 40.44 23.80 -6.50
C ALA A 417 41.67 23.06 -6.96
N THR A 418 42.11 23.29 -8.21
CA THR A 418 43.37 22.69 -8.70
C THR A 418 44.52 23.01 -7.76
N ALA A 419 44.57 24.24 -7.26
CA ALA A 419 45.67 24.64 -6.41
C ALA A 419 45.72 23.74 -5.18
N ASN A 420 44.56 23.56 -4.54
CA ASN A 420 44.47 22.75 -3.35
C ASN A 420 44.73 21.29 -3.66
N ARG A 421 44.23 20.82 -4.79
CA ARG A 421 44.48 19.44 -5.17
C ARG A 421 45.98 19.14 -5.48
N VAL A 422 46.68 20.07 -6.18
CA VAL A 422 48.11 19.84 -6.46
C VAL A 422 48.90 19.95 -5.14
N ALA A 423 48.57 20.92 -4.31
CA ALA A 423 49.22 21.00 -3.00
C ALA A 423 49.11 19.72 -2.17
N LEU A 424 47.91 19.16 -2.10
CA LEU A 424 47.69 17.88 -1.41
C LEU A 424 48.51 16.75 -2.02
N GLU A 425 48.46 16.63 -3.33
CA GLU A 425 49.15 15.52 -3.94
C GLU A 425 50.66 15.66 -3.71
N ALA A 426 51.14 16.92 -3.73
CA ALA A 426 52.57 17.19 -3.46
C ALA A 426 52.94 16.73 -2.04
N CYS A 427 52.14 17.11 -1.05
CA CYS A 427 52.42 16.67 0.31
C CYS A 427 52.39 15.17 0.44
N ILE A 428 51.47 14.51 -0.27
CA ILE A 428 51.34 13.10 -0.04
C ILE A 428 52.58 12.41 -0.63
N GLN A 429 52.96 12.83 -1.82
CA GLN A 429 54.16 12.30 -2.45
C GLN A 429 55.40 12.49 -1.54
N ALA A 430 55.63 13.72 -1.10
CA ALA A 430 56.71 14.02 -0.21
C ALA A 430 56.70 13.08 1.01
N ARG A 431 55.52 12.88 1.62
CA ARG A 431 55.44 12.17 2.91
C ARG A 431 55.89 10.77 2.68
N ASN A 432 55.31 10.19 1.63
CA ASN A 432 55.61 8.85 1.21
C ASN A 432 57.10 8.72 0.89
N GLU A 433 57.72 9.82 0.46
CA GLU A 433 59.17 9.82 0.21
C GLU A 433 60.04 9.94 1.44
N GLY A 434 59.44 10.11 2.62
CA GLY A 434 60.21 10.19 3.84
C GLY A 434 60.52 11.61 4.25
N ARG A 435 60.03 12.58 3.50
CA ARG A 435 60.30 13.97 3.83
C ARG A 435 59.51 14.39 5.06
N ASP A 436 60.03 15.33 5.83
CA ASP A 436 59.41 15.75 7.05
C ASP A 436 58.49 16.95 6.73
N LEU A 437 57.17 16.72 6.77
CA LEU A 437 56.20 17.75 6.37
C LEU A 437 56.13 18.95 7.27
N MET A 438 56.43 18.78 8.56
CA MET A 438 56.52 19.95 9.44
C MET A 438 57.73 20.88 9.14
N ARG A 439 58.87 20.32 8.72
CA ARG A 439 60.04 21.14 8.47
C ARG A 439 60.14 21.54 7.02
N GLU A 440 59.85 20.61 6.11
CA GLU A 440 59.97 20.89 4.67
C GLU A 440 58.73 21.47 3.99
N GLY A 441 57.68 21.76 4.76
CA GLY A 441 56.36 22.10 4.19
C GLY A 441 56.40 23.14 3.08
N GLY A 442 56.83 24.35 3.44
CA GLY A 442 57.00 25.47 2.48
C GLY A 442 57.82 25.10 1.26
N ASP A 443 58.87 24.33 1.45
CA ASP A 443 59.68 23.87 0.31
C ASP A 443 58.86 23.01 -0.64
N ILE A 444 58.17 22.00 -0.10
CA ILE A 444 57.35 21.08 -0.89
C ILE A 444 56.35 21.86 -1.74
N ILE A 445 55.65 22.79 -1.10
CA ILE A 445 54.72 23.69 -1.74
C ILE A 445 55.40 24.56 -2.81
N ARG A 446 56.58 25.08 -2.48
CA ARG A 446 57.31 25.95 -3.42
C ARG A 446 57.74 25.15 -4.63
N GLU A 447 58.23 23.94 -4.42
CA GLU A 447 58.59 23.07 -5.55
C GLU A 447 57.43 22.81 -6.50
N ALA A 448 56.26 22.47 -5.92
CA ALA A 448 55.07 22.22 -6.70
C ALA A 448 54.60 23.49 -7.42
N ALA A 449 54.66 24.64 -6.73
CA ALA A 449 54.29 25.92 -7.31
C ALA A 449 55.06 26.20 -8.61
N ARG A 450 56.25 25.60 -8.77
CA ARG A 450 57.09 25.84 -9.95
C ARG A 450 56.52 25.23 -11.21
N TRP A 451 55.82 24.10 -11.11
CA TRP A 451 55.22 23.56 -12.34
C TRP A 451 53.68 23.70 -12.37
N SER A 452 53.09 24.27 -11.32
CA SER A 452 51.65 24.58 -11.29
C SER A 452 51.33 26.07 -11.14
N PRO A 453 50.87 26.69 -12.25
CA PRO A 453 50.55 28.11 -12.26
C PRO A 453 49.44 28.49 -11.30
N GLU A 454 48.43 27.60 -11.20
CA GLU A 454 47.32 27.78 -10.24
C GLU A 454 47.82 27.85 -8.80
N LEU A 455 48.65 26.87 -8.40
CA LEU A 455 49.28 26.88 -7.07
C LEU A 455 50.17 28.11 -6.81
N ALA A 456 51.02 28.41 -7.79
CA ALA A 456 51.81 29.63 -7.74
C ALA A 456 50.89 30.82 -7.50
N ALA A 457 49.82 30.98 -8.27
CA ALA A 457 49.01 32.18 -8.12
C ALA A 457 48.46 32.28 -6.72
N ALA A 458 48.29 31.11 -6.07
CA ALA A 458 47.82 31.08 -4.67
C ALA A 458 48.92 31.36 -3.64
N CYS A 459 50.13 31.70 -4.08
CA CYS A 459 51.14 32.22 -3.16
C CYS A 459 51.59 33.63 -3.59
N THR B 3 42.27 30.54 -17.15
CA THR B 3 41.17 29.52 -17.34
C THR B 3 41.73 28.11 -17.36
N LEU B 4 41.21 27.30 -16.43
CA LEU B 4 41.61 25.91 -16.28
C LEU B 4 41.09 25.02 -17.41
N PRO B 5 42.01 24.36 -18.18
CA PRO B 5 41.59 23.52 -19.32
C PRO B 5 40.92 22.21 -18.90
N LYS B 6 40.22 21.58 -19.84
CA LYS B 6 39.47 20.35 -19.57
C LYS B 6 40.35 19.16 -19.87
N GLU B 7 40.46 18.24 -18.91
CA GLU B 7 41.41 17.11 -19.00
C GLU B 7 40.99 15.94 -18.06
N ARG B 8 40.98 14.70 -18.60
CA ARG B 8 40.75 13.49 -17.79
C ARG B 8 41.87 13.32 -16.77
N ARG B 9 41.52 12.83 -15.59
CA ARG B 9 42.46 12.60 -14.51
C ARG B 9 42.25 11.19 -14.05
N TYR B 10 43.03 10.75 -13.07
CA TYR B 10 43.21 9.33 -12.77
C TYR B 10 43.49 9.15 -11.30
N GLU B 11 42.86 9.99 -10.47
CA GLU B 11 42.92 9.79 -9.03
C GLU B 11 44.37 10.03 -8.52
N THR B 12 44.78 9.38 -7.43
CA THR B 12 46.03 9.73 -6.71
C THR B 12 47.31 9.86 -7.56
N PHE B 13 47.87 11.09 -7.49
CA PHE B 13 49.13 11.55 -8.18
C PHE B 13 48.97 12.01 -9.65
N SER B 14 47.76 11.83 -10.20
CA SER B 14 47.38 12.33 -11.53
C SER B 14 47.33 13.87 -11.69
N TYR B 15 47.38 14.61 -10.57
CA TYR B 15 47.62 16.10 -10.70
C TYR B 15 49.09 16.55 -10.74
N LEU B 16 50.02 15.59 -10.57
CA LEU B 16 51.45 15.84 -10.55
C LEU B 16 52.04 15.54 -11.94
N PRO B 17 53.32 15.97 -12.21
CA PRO B 17 54.00 15.52 -13.46
C PRO B 17 54.17 14.02 -13.36
N PRO B 18 54.12 13.29 -14.50
CA PRO B 18 54.19 11.80 -14.40
C PRO B 18 55.47 11.37 -13.68
N LEU B 19 55.43 10.26 -12.98
CA LEU B 19 56.53 9.93 -12.10
C LEU B 19 57.72 9.35 -12.83
N SER B 20 58.93 9.68 -12.39
CA SER B 20 60.12 9.02 -12.90
C SER B 20 60.09 7.61 -12.32
N ASP B 21 60.83 6.68 -12.95
CA ASP B 21 61.12 5.32 -12.42
C ASP B 21 61.73 5.31 -11.01
N ALA B 22 62.61 6.28 -10.72
CA ALA B 22 63.19 6.43 -9.37
C ALA B 22 62.10 6.86 -8.37
N GLN B 23 61.37 7.93 -8.69
CA GLN B 23 60.19 8.36 -7.90
C GLN B 23 59.22 7.20 -7.58
N ILE B 24 59.01 6.30 -8.53
CA ILE B 24 58.11 5.16 -8.36
C ILE B 24 58.70 4.18 -7.35
N ALA B 25 60.02 4.02 -7.43
CA ALA B 25 60.76 3.18 -6.49
C ALA B 25 60.64 3.67 -5.05
N ARG B 26 60.87 4.98 -4.83
CA ARG B 26 60.63 5.58 -3.50
C ARG B 26 59.20 5.28 -2.96
N GLN B 27 58.16 5.58 -3.75
CA GLN B 27 56.75 5.18 -3.40
C GLN B 27 56.64 3.69 -2.96
N ILE B 28 57.07 2.77 -3.84
CA ILE B 28 57.11 1.31 -3.54
C ILE B 28 57.84 1.00 -2.23
N GLN B 29 59.02 1.60 -2.06
CA GLN B 29 59.82 1.48 -0.83
C GLN B 29 59.02 1.88 0.44
N TYR B 30 58.24 2.94 0.34
CA TYR B 30 57.40 3.36 1.46
C TYR B 30 56.43 2.24 1.84
N ALA B 31 55.69 1.78 0.84
CA ALA B 31 54.76 0.67 1.05
C ALA B 31 55.42 -0.56 1.69
N ILE B 32 56.60 -0.94 1.21
CA ILE B 32 57.36 -2.04 1.83
C ILE B 32 57.76 -1.73 3.29
N ASP B 33 58.26 -0.52 3.53
CA ASP B 33 58.65 -0.12 4.88
C ASP B 33 57.45 0.00 5.80
N GLN B 34 56.25 0.25 5.28
CA GLN B 34 55.07 0.25 6.16
C GLN B 34 54.51 -1.15 6.43
N GLY B 35 55.01 -2.17 5.74
CA GLY B 35 54.48 -3.52 5.85
C GLY B 35 53.33 -3.81 4.90
N TYR B 36 53.07 -2.88 3.98
CA TYR B 36 52.00 -3.07 2.98
C TYR B 36 52.45 -4.00 1.86
N HIS B 37 51.46 -4.56 1.16
CA HIS B 37 51.74 -5.51 0.08
C HIS B 37 51.45 -4.90 -1.29
N PRO B 38 52.51 -4.53 -2.03
CA PRO B 38 52.36 -3.88 -3.33
C PRO B 38 51.87 -4.84 -4.40
N CYS B 39 51.27 -4.29 -5.44
CA CYS B 39 50.67 -5.07 -6.50
C CYS B 39 50.58 -4.15 -7.71
N VAL B 40 50.64 -4.74 -8.91
CA VAL B 40 50.53 -4.00 -10.14
C VAL B 40 49.24 -4.40 -10.84
N GLU B 41 48.59 -3.41 -11.44
CA GLU B 41 47.39 -3.65 -12.16
C GLU B 41 47.35 -2.68 -13.35
N PHE B 42 46.51 -3.00 -14.32
CA PHE B 42 46.50 -2.35 -15.64
C PHE B 42 45.08 -2.42 -16.22
N ASN B 43 44.82 -1.54 -17.18
CA ASN B 43 43.52 -1.49 -17.81
C ASN B 43 43.53 -0.60 -19.04
N GLU B 44 42.69 -0.95 -20.00
CA GLU B 44 42.68 -0.27 -21.29
C GLU B 44 42.17 1.16 -21.20
N THR B 45 41.25 1.43 -20.30
CA THR B 45 40.73 2.78 -20.21
C THR B 45 40.74 3.24 -18.77
N SER B 46 40.30 4.50 -18.61
CA SER B 46 39.97 5.03 -17.29
C SER B 46 38.83 6.03 -17.41
N ASN B 47 37.90 5.95 -16.44
CA ASN B 47 36.77 6.86 -16.29
C ASN B 47 36.19 6.53 -14.92
N ALA B 48 35.09 7.19 -14.56
CA ALA B 48 34.69 7.22 -13.15
C ALA B 48 33.92 5.97 -12.72
N GLU B 49 33.17 5.47 -13.67
CA GLU B 49 32.35 4.31 -13.55
C GLU B 49 33.14 2.97 -13.53
N ILE B 50 34.48 2.98 -13.59
CA ILE B 50 35.20 1.70 -13.67
C ILE B 50 35.64 1.23 -12.30
N ARG B 51 35.18 0.07 -11.87
CA ARG B 51 35.56 -0.34 -10.53
C ARG B 51 36.82 -1.19 -10.37
N TYR B 52 37.07 -2.05 -11.34
CA TYR B 52 38.19 -2.97 -11.21
C TYR B 52 39.08 -2.86 -12.42
N TRP B 53 40.38 -2.81 -12.12
CA TRP B 53 41.44 -2.95 -13.14
C TRP B 53 41.78 -4.42 -13.23
N THR B 54 42.81 -4.80 -13.97
CA THR B 54 43.22 -6.21 -14.07
C THR B 54 44.62 -6.44 -13.44
N MET B 55 44.72 -7.51 -12.65
CA MET B 55 45.95 -7.87 -11.97
C MET B 55 47.05 -8.31 -12.94
N TRP B 56 48.16 -7.62 -12.88
CA TRP B 56 49.36 -8.06 -13.56
C TRP B 56 50.00 -9.15 -12.69
N LYS B 57 49.95 -10.40 -13.14
CA LYS B 57 50.53 -11.52 -12.37
C LYS B 57 49.95 -11.67 -10.94
N LEU B 58 50.82 -11.68 -9.95
CA LEU B 58 50.34 -11.74 -8.56
C LEU B 58 50.79 -10.52 -7.75
N PRO B 59 50.26 -10.35 -6.54
CA PRO B 59 50.91 -9.50 -5.54
C PRO B 59 52.25 -10.10 -5.08
N LEU B 60 53.23 -9.22 -4.91
CA LEU B 60 54.55 -9.64 -4.46
C LEU B 60 54.53 -9.65 -2.93
N PHE B 61 54.83 -10.82 -2.36
CA PHE B 61 54.33 -11.11 -1.02
C PHE B 61 55.23 -10.98 0.18
N ASN B 62 56.37 -10.34 -0.02
CA ASN B 62 57.12 -9.66 1.04
C ASN B 62 58.58 -9.45 0.68
N CYS B 63 58.81 -9.16 -0.60
CA CYS B 63 60.14 -8.76 -1.04
C CYS B 63 60.53 -7.45 -0.32
N THR B 64 61.75 -7.47 0.21
CA THR B 64 62.36 -6.36 0.91
C THR B 64 62.71 -5.28 -0.12
N ASN B 65 62.53 -5.60 -1.40
CA ASN B 65 63.11 -4.83 -2.49
C ASN B 65 62.19 -4.12 -3.48
N ALA B 66 62.23 -2.80 -3.42
CA ALA B 66 61.44 -2.00 -4.36
C ALA B 66 61.71 -2.33 -5.84
N GLN B 67 62.86 -2.97 -6.14
CA GLN B 67 63.32 -3.07 -7.53
C GLN B 67 62.54 -4.08 -8.36
N ASP B 68 62.27 -5.25 -7.79
CA ASP B 68 61.60 -6.31 -8.54
C ASP B 68 60.11 -6.07 -8.72
N VAL B 69 59.58 -5.07 -8.00
CA VAL B 69 58.22 -4.59 -8.18
C VAL B 69 58.28 -3.63 -9.33
N LEU B 70 59.24 -2.72 -9.29
CA LEU B 70 59.50 -1.79 -10.39
C LEU B 70 59.73 -2.53 -11.71
N ASN B 71 60.36 -3.71 -11.63
CA ASN B 71 60.62 -4.57 -12.77
C ASN B 71 59.35 -4.99 -13.45
N GLU B 72 58.33 -5.28 -12.62
CA GLU B 72 57.04 -5.71 -13.13
C GLU B 72 56.33 -4.58 -13.85
N VAL B 73 56.43 -3.39 -13.31
CA VAL B 73 55.93 -2.23 -14.00
C VAL B 73 56.56 -2.19 -15.41
N GLN B 74 57.90 -2.17 -15.45
CA GLN B 74 58.61 -2.00 -16.71
C GLN B 74 58.24 -3.04 -17.73
N GLN B 75 58.12 -4.27 -17.27
CA GLN B 75 57.81 -5.40 -18.13
C GLN B 75 56.38 -5.25 -18.76
N CYS B 76 55.41 -4.95 -17.89
CA CYS B 76 54.03 -4.62 -18.23
C CYS B 76 53.94 -3.39 -19.14
N ARG B 77 54.75 -2.38 -18.81
CA ARG B 77 54.80 -1.11 -19.53
C ARG B 77 55.22 -1.32 -20.96
N SER B 78 56.02 -2.36 -21.20
CA SER B 78 56.53 -2.63 -22.54
C SER B 78 55.74 -3.72 -23.25
N GLU B 79 55.24 -4.71 -22.51
CA GLU B 79 54.30 -5.63 -23.14
C GLU B 79 52.95 -5.00 -23.45
N TYR B 80 52.54 -3.99 -22.69
CA TYR B 80 51.19 -3.47 -22.83
C TYR B 80 51.19 -1.97 -23.00
N PRO B 81 51.75 -1.44 -24.11
CA PRO B 81 52.07 -0.01 -24.12
C PRO B 81 50.86 0.90 -24.41
N ASN B 82 49.72 0.28 -24.76
CA ASN B 82 48.44 1.00 -24.91
C ASN B 82 47.50 0.87 -23.70
N CYS B 83 48.02 0.49 -22.53
CA CYS B 83 47.23 0.29 -21.31
C CYS B 83 47.65 1.26 -20.18
N PHE B 84 46.69 1.77 -19.37
CA PHE B 84 47.07 2.49 -18.13
C PHE B 84 47.59 1.49 -17.11
N ILE B 85 48.60 1.92 -16.34
CA ILE B 85 49.17 1.01 -15.35
C ILE B 85 49.28 1.72 -14.03
N ARG B 86 48.96 1.00 -12.97
CA ARG B 86 49.11 1.53 -11.65
C ARG B 86 49.62 0.59 -10.62
N VAL B 87 50.18 1.21 -9.59
CA VAL B 87 50.63 0.49 -8.44
C VAL B 87 49.64 0.70 -7.32
N VAL B 88 49.27 -0.42 -6.70
CA VAL B 88 48.50 -0.41 -5.48
C VAL B 88 49.27 -1.12 -4.34
N ALA B 89 48.75 -0.92 -3.14
CA ALA B 89 49.32 -1.44 -1.92
C ALA B 89 48.17 -1.69 -0.92
N PHE B 90 48.20 -2.85 -0.24
CA PHE B 90 47.14 -3.32 0.67
C PHE B 90 47.59 -3.47 2.12
N ASP B 91 46.77 -3.07 3.05
CA ASP B 91 47.06 -3.30 4.45
C ASP B 91 46.20 -4.50 4.79
N ASN B 92 46.89 -5.60 5.13
CA ASN B 92 46.26 -6.92 5.31
C ASN B 92 45.48 -7.07 6.66
N ILE B 93 46.06 -6.53 7.75
CA ILE B 93 45.38 -6.32 9.01
C ILE B 93 44.00 -5.66 8.79
N LYS B 94 44.00 -4.38 8.37
CA LYS B 94 42.76 -3.62 8.30
C LYS B 94 41.90 -4.01 7.12
N GLN B 95 42.37 -4.93 6.29
CA GLN B 95 41.60 -5.39 5.13
C GLN B 95 41.16 -4.23 4.23
N CYS B 96 42.04 -3.27 4.02
CA CYS B 96 41.76 -2.13 3.17
C CYS B 96 42.95 -1.80 2.26
N GLN B 97 42.70 -1.02 1.20
CA GLN B 97 43.73 -0.57 0.27
C GLN B 97 44.23 0.81 0.69
N VAL B 98 45.55 1.00 0.59
CA VAL B 98 46.13 2.17 1.23
C VAL B 98 46.90 3.01 0.29
N MET B 99 46.97 2.60 -0.99
CA MET B 99 47.66 3.39 -2.02
C MET B 99 47.11 2.94 -3.33
N SER B 100 47.26 3.80 -4.34
CA SER B 100 46.76 3.60 -5.71
C SER B 100 47.21 4.76 -6.55
N PHE B 101 48.44 4.68 -7.07
CA PHE B 101 49.00 5.73 -7.95
C PHE B 101 49.25 5.27 -9.41
N ILE B 102 48.80 6.13 -10.31
CA ILE B 102 48.99 5.99 -11.72
C ILE B 102 50.53 5.95 -11.94
N VAL B 103 51.05 5.00 -12.72
CA VAL B 103 52.49 4.99 -13.01
C VAL B 103 52.78 5.20 -14.48
N TYR B 104 51.80 4.84 -15.32
CA TYR B 104 51.92 4.97 -16.78
C TYR B 104 50.57 5.24 -17.47
N LYS B 105 50.53 6.23 -18.37
CA LYS B 105 49.39 6.44 -19.29
C LYS B 105 49.89 6.29 -20.73
N PRO B 106 49.18 5.51 -21.57
CA PRO B 106 49.68 5.28 -22.95
C PRO B 106 50.03 6.60 -23.66
N THR C 23 -3.74 -54.66 13.24
CA THR C 23 -3.96 -53.20 13.47
C THR C 23 -2.95 -52.20 12.78
N TYR C 24 -1.68 -52.16 13.20
CA TYR C 24 -0.68 -51.29 12.51
C TYR C 24 0.32 -52.02 11.64
N TYR C 25 0.44 -53.35 11.84
CA TYR C 25 1.18 -54.26 10.93
C TYR C 25 0.21 -55.06 10.09
N THR C 26 0.11 -54.73 8.79
CA THR C 26 -0.84 -55.36 7.86
C THR C 26 -0.04 -55.79 6.64
N PRO C 27 0.63 -56.96 6.70
CA PRO C 27 1.45 -57.40 5.55
C PRO C 27 0.58 -57.76 4.30
N ASP C 28 -0.74 -57.70 4.38
CA ASP C 28 -1.54 -57.95 3.15
C ASP C 28 -2.01 -56.69 2.42
N TYR C 29 -1.87 -55.52 3.08
CA TYR C 29 -2.19 -54.21 2.46
C TYR C 29 -1.34 -54.00 1.20
N THR C 30 -1.98 -53.68 0.08
CA THR C 30 -1.20 -53.22 -1.06
C THR C 30 -1.38 -51.71 -1.25
N PRO C 31 -0.28 -50.98 -1.27
CA PRO C 31 -0.28 -49.53 -1.25
C PRO C 31 -0.97 -48.95 -2.47
N LYS C 32 -1.77 -47.89 -2.30
CA LYS C 32 -2.33 -47.17 -3.44
C LYS C 32 -1.28 -46.27 -4.12
N ASP C 33 -1.50 -45.91 -5.38
CA ASP C 33 -0.69 -44.92 -6.07
C ASP C 33 -0.76 -43.52 -5.49
N THR C 34 -1.74 -43.27 -4.65
CA THR C 34 -1.80 -42.01 -3.98
C THR C 34 -1.14 -42.01 -2.59
N ASP C 35 -0.76 -43.17 -2.04
CA ASP C 35 -0.14 -43.23 -0.72
C ASP C 35 1.24 -42.62 -0.72
N ILE C 36 1.64 -42.03 0.40
CA ILE C 36 3.06 -41.73 0.64
C ILE C 36 3.64 -42.98 1.34
N LEU C 37 4.76 -43.45 0.82
CA LEU C 37 5.47 -44.58 1.40
C LEU C 37 6.82 -44.15 2.01
N ALA C 38 7.18 -44.72 3.13
CA ALA C 38 8.47 -44.47 3.79
C ALA C 38 9.20 -45.78 3.98
N ALA C 39 10.52 -45.76 3.87
CA ALA C 39 11.28 -46.99 4.16
C ALA C 39 12.22 -46.63 5.30
N PHE C 40 12.00 -47.22 6.46
CA PHE C 40 12.81 -46.92 7.66
C PHE C 40 13.71 -48.09 7.98
N ARG C 41 15.01 -47.84 8.18
CA ARG C 41 15.91 -48.81 8.81
C ARG C 41 15.78 -48.76 10.36
N VAL C 42 15.13 -49.77 10.92
CA VAL C 42 14.81 -49.87 12.33
C VAL C 42 15.82 -50.76 13.10
N THR C 43 16.26 -50.29 14.27
CA THR C 43 17.06 -51.05 15.26
C THR C 43 16.23 -51.18 16.54
N PRO C 44 15.54 -52.32 16.72
CA PRO C 44 14.77 -52.40 17.96
C PRO C 44 15.66 -52.55 19.19
N GLN C 45 15.16 -52.11 20.36
CA GLN C 45 15.74 -52.43 21.65
C GLN C 45 15.80 -53.97 21.83
N PRO C 46 16.83 -54.48 22.53
CA PRO C 46 16.99 -55.98 22.73
C PRO C 46 15.71 -56.54 23.28
N GLY C 47 15.21 -57.62 22.68
CA GLY C 47 13.99 -58.26 23.18
C GLY C 47 12.70 -57.70 22.59
N VAL C 48 12.79 -56.75 21.67
CA VAL C 48 11.55 -56.28 21.03
C VAL C 48 11.45 -57.02 19.70
N PRO C 49 10.37 -57.78 19.47
CA PRO C 49 10.36 -58.51 18.21
C PRO C 49 10.09 -57.56 17.03
N PHE C 50 10.57 -57.94 15.84
CA PHE C 50 10.43 -57.13 14.67
C PHE C 50 9.00 -56.67 14.44
N GLU C 51 8.02 -57.54 14.60
CA GLU C 51 6.65 -57.20 14.26
C GLU C 51 6.10 -56.09 15.16
N GLU C 52 6.49 -56.08 16.44
CA GLU C 52 6.08 -55.01 17.38
C GLU C 52 6.78 -53.69 17.05
N ALA C 53 8.07 -53.75 16.73
CA ALA C 53 8.80 -52.54 16.38
C ALA C 53 8.21 -51.89 15.10
N ALA C 54 7.87 -52.71 14.11
CA ALA C 54 7.28 -52.24 12.87
C ALA C 54 5.91 -51.63 13.15
N ALA C 55 5.07 -52.29 13.94
CA ALA C 55 3.78 -51.70 14.26
C ALA C 55 3.97 -50.33 14.93
N ALA C 56 4.97 -50.25 15.82
CA ALA C 56 5.25 -49.07 16.60
C ALA C 56 5.67 -47.88 15.69
N VAL C 57 6.62 -48.13 14.81
CA VAL C 57 6.98 -47.22 13.72
C VAL C 57 5.78 -46.60 12.99
N ALA C 58 4.84 -47.45 12.58
CA ALA C 58 3.68 -46.99 11.84
C ALA C 58 2.70 -46.22 12.78
N ALA C 59 2.54 -46.69 14.00
CA ALA C 59 1.63 -46.05 14.95
C ALA C 59 2.14 -44.68 15.42
N GLU C 60 3.41 -44.62 15.79
CA GLU C 60 4.01 -43.41 16.34
C GLU C 60 4.27 -42.36 15.28
N SER C 61 4.13 -42.72 14.01
CA SER C 61 4.27 -41.71 12.95
C SER C 61 2.90 -41.37 12.35
N SER C 62 1.84 -41.80 13.02
CA SER C 62 0.50 -41.52 12.54
C SER C 62 -0.45 -41.29 13.68
N THR C 63 -1.43 -42.17 13.84
CA THR C 63 -2.51 -41.94 14.82
C THR C 63 -2.11 -42.20 16.28
N GLY C 64 -1.14 -43.07 16.52
CA GLY C 64 -0.50 -43.18 17.86
C GLY C 64 -1.33 -43.85 18.93
N TRP C 70 -13.50 -41.44 23.71
CA TRP C 70 -14.86 -41.22 23.17
C TRP C 70 -14.89 -40.52 21.80
N THR C 71 -14.05 -39.48 21.65
CA THR C 71 -13.98 -38.76 20.38
C THR C 71 -13.41 -39.64 19.27
N ASP C 72 -12.64 -40.66 19.67
CA ASP C 72 -12.13 -41.75 18.80
C ASP C 72 -13.20 -42.43 17.96
N LEU C 73 -14.38 -42.56 18.54
CA LEU C 73 -15.49 -43.20 17.83
C LEU C 73 -16.47 -42.21 17.18
N LEU C 74 -16.11 -40.92 17.22
CA LEU C 74 -16.69 -39.91 16.32
C LEU C 74 -15.99 -39.94 14.94
N THR C 75 -14.73 -40.41 14.88
CA THR C 75 -13.99 -40.51 13.60
C THR C 75 -13.74 -41.94 13.12
N ASP C 76 -13.41 -42.08 11.86
CA ASP C 76 -13.04 -43.37 11.32
C ASP C 76 -11.53 -43.43 11.32
N LEU C 77 -10.97 -43.90 12.42
CA LEU C 77 -9.52 -43.90 12.57
C LEU C 77 -8.80 -44.78 11.54
N ASP C 78 -9.52 -45.73 10.94
CA ASP C 78 -8.92 -46.56 9.89
C ASP C 78 -8.36 -45.74 8.77
N ARG C 79 -9.09 -44.74 8.29
CA ARG C 79 -8.58 -44.04 7.14
C ARG C 79 -7.46 -43.00 7.41
N TYR C 80 -7.10 -42.78 8.67
CA TYR C 80 -5.96 -41.87 8.99
C TYR C 80 -4.67 -42.55 9.50
N LYS C 81 -4.68 -43.87 9.70
CA LYS C 81 -3.52 -44.54 10.22
C LYS C 81 -2.52 -44.78 9.09
N GLY C 82 -1.25 -44.80 9.47
CA GLY C 82 -0.21 -45.42 8.64
C GLY C 82 -0.27 -46.92 8.94
N CYS C 83 0.27 -47.77 8.08
CA CYS C 83 0.43 -49.16 8.43
C CYS C 83 1.72 -49.66 7.85
N CYS C 84 2.38 -50.59 8.53
CA CYS C 84 3.54 -51.26 7.98
C CYS C 84 3.04 -52.37 7.09
N TYR C 85 3.34 -52.32 5.80
CA TYR C 85 2.81 -53.34 4.92
C TYR C 85 3.90 -54.37 4.55
N ASP C 86 5.12 -54.15 5.04
CA ASP C 86 6.17 -55.10 4.75
C ASP C 86 7.37 -54.92 5.71
N ILE C 87 7.93 -56.04 6.19
CA ILE C 87 9.09 -56.07 7.05
C ILE C 87 10.14 -56.83 6.28
N GLU C 88 11.30 -56.23 6.01
CA GLU C 88 12.35 -56.85 5.22
C GLU C 88 13.63 -57.02 6.05
N PRO C 89 13.99 -58.26 6.35
CA PRO C 89 15.16 -58.52 7.20
C PRO C 89 16.40 -58.08 6.44
N LEU C 90 17.47 -57.81 7.17
CA LEU C 90 18.71 -57.39 6.54
C LEU C 90 19.91 -58.34 6.72
N PRO C 91 20.18 -59.20 5.70
CA PRO C 91 21.21 -60.23 5.84
C PRO C 91 22.54 -59.61 6.21
N GLY C 92 23.12 -60.11 7.31
CA GLY C 92 24.38 -59.59 7.79
C GLY C 92 24.09 -58.71 8.97
N GLU C 93 23.32 -57.65 8.77
CA GLU C 93 23.10 -56.64 9.84
C GLU C 93 22.67 -57.25 11.16
N ASP C 94 23.10 -56.65 12.28
CA ASP C 94 22.67 -57.18 13.57
C ASP C 94 21.44 -56.45 14.12
N ASN C 95 20.31 -57.17 14.20
CA ASN C 95 19.10 -56.63 14.84
C ASN C 95 18.54 -55.41 14.04
N GLN C 96 18.68 -55.41 12.73
CA GLN C 96 18.17 -54.34 11.91
C GLN C 96 17.24 -54.86 10.86
N PHE C 97 16.23 -54.07 10.50
CA PHE C 97 15.39 -54.41 9.37
C PHE C 97 14.77 -53.18 8.70
N ILE C 98 14.23 -53.39 7.51
CA ILE C 98 13.51 -52.35 6.83
C ILE C 98 12.01 -52.50 7.02
N ALA C 99 11.40 -51.46 7.60
CA ALA C 99 9.95 -51.33 7.71
C ALA C 99 9.39 -50.44 6.58
N TYR C 100 8.44 -50.96 5.81
CA TYR C 100 7.76 -50.15 4.79
C TYR C 100 6.45 -49.65 5.31
N ILE C 101 6.31 -48.32 5.36
CA ILE C 101 5.06 -47.72 5.88
C ILE C 101 4.32 -47.04 4.78
N ALA C 102 3.01 -47.15 4.77
CA ALA C 102 2.18 -46.44 3.82
C ALA C 102 1.29 -45.45 4.59
N TYR C 103 1.20 -44.20 4.15
CA TYR C 103 0.34 -43.16 4.71
C TYR C 103 -0.65 -42.65 3.65
N PRO C 104 -1.88 -42.49 4.02
CA PRO C 104 -2.86 -41.94 3.11
C PRO C 104 -2.57 -40.45 2.69
N LEU C 105 -2.93 -40.16 1.46
CA LEU C 105 -2.78 -38.82 0.87
C LEU C 105 -3.32 -37.68 1.77
N ASP C 106 -4.48 -37.94 2.35
CA ASP C 106 -5.24 -36.97 3.09
C ASP C 106 -4.55 -36.54 4.37
N LEU C 107 -3.54 -37.25 4.86
CA LEU C 107 -2.92 -36.74 6.11
C LEU C 107 -2.12 -35.42 5.91
N PHE C 108 -1.73 -35.08 4.69
CA PHE C 108 -0.68 -34.10 4.43
C PHE C 108 -1.18 -32.77 3.85
N GLU C 109 -0.65 -31.67 4.36
CA GLU C 109 -1.01 -30.41 3.76
C GLU C 109 -0.43 -30.28 2.35
N GLU C 110 -1.26 -29.88 1.40
CA GLU C 110 -0.82 -29.65 0.01
C GLU C 110 0.32 -28.64 -0.08
N GLY C 111 1.40 -28.90 -0.78
CA GLY C 111 2.39 -27.83 -0.97
C GLY C 111 3.37 -27.67 0.20
N SER C 112 3.22 -28.50 1.24
CA SER C 112 4.00 -28.33 2.44
C SER C 112 5.01 -29.38 2.80
N VAL C 113 6.27 -29.13 2.49
CA VAL C 113 7.28 -30.06 2.84
C VAL C 113 7.39 -30.04 4.37
N THR C 114 7.16 -28.88 4.97
CA THR C 114 7.23 -28.76 6.40
C THR C 114 6.26 -29.73 7.10
N ASN C 115 5.01 -29.78 6.63
CA ASN C 115 3.98 -30.69 7.20
C ASN C 115 4.32 -32.15 6.86
N MET C 116 4.93 -32.41 5.70
CA MET C 116 5.22 -33.83 5.36
C MET C 116 6.30 -34.36 6.30
N LEU C 117 7.37 -33.59 6.49
CA LEU C 117 8.38 -33.91 7.47
C LEU C 117 7.85 -33.99 8.89
N THR C 118 7.03 -33.02 9.30
CA THR C 118 6.53 -33.07 10.67
C THR C 118 5.72 -34.36 10.86
N SER C 119 4.86 -34.72 9.89
CA SER C 119 3.99 -35.93 10.02
C SER C 119 4.79 -37.22 10.02
N ILE C 120 5.82 -37.30 9.17
CA ILE C 120 6.56 -38.56 9.03
C ILE C 120 7.67 -38.76 10.12
N VAL C 121 8.58 -37.79 10.22
CA VAL C 121 9.67 -37.79 11.18
C VAL C 121 9.51 -36.92 12.47
N GLY C 122 8.32 -36.38 12.68
CA GLY C 122 8.13 -35.49 13.79
C GLY C 122 8.35 -36.16 15.13
N ASN C 123 7.94 -37.41 15.22
CA ASN C 123 7.72 -37.98 16.53
C ASN C 123 8.47 -39.30 16.77
N VAL C 124 8.59 -40.10 15.72
CA VAL C 124 8.82 -41.52 15.82
C VAL C 124 10.28 -41.85 16.25
N PHE C 125 11.19 -40.92 16.09
CA PHE C 125 12.60 -41.23 16.30
C PHE C 125 12.91 -41.28 17.80
N GLY C 126 11.99 -40.81 18.60
CA GLY C 126 12.24 -40.83 20.05
C GLY C 126 11.58 -42.02 20.73
N PHE C 127 10.95 -42.91 19.97
CA PHE C 127 10.12 -43.98 20.63
C PHE C 127 11.03 -44.93 21.37
N LYS C 128 10.63 -45.24 22.60
CA LYS C 128 11.51 -45.97 23.54
C LYS C 128 11.84 -47.42 23.19
N ALA C 129 10.95 -48.09 22.48
CA ALA C 129 11.22 -49.44 22.03
C ALA C 129 12.17 -49.53 20.82
N LEU C 130 12.73 -48.40 20.38
CA LEU C 130 13.67 -48.43 19.27
C LEU C 130 14.99 -47.98 19.78
N LYS C 131 16.03 -48.74 19.53
CA LYS C 131 17.32 -48.26 19.85
C LYS C 131 17.80 -47.17 18.87
N ALA C 132 17.47 -47.34 17.60
CA ALA C 132 17.88 -46.42 16.50
C ALA C 132 16.86 -46.52 15.40
N LEU C 133 16.82 -45.45 14.59
CA LEU C 133 15.91 -45.31 13.45
C LEU C 133 16.51 -44.42 12.38
N ARG C 134 16.49 -44.90 11.13
CA ARG C 134 16.91 -44.01 10.05
C ARG C 134 15.91 -44.07 8.89
N LEU C 135 15.48 -42.90 8.37
CA LEU C 135 14.58 -42.87 7.26
C LEU C 135 15.42 -42.92 6.06
N GLU C 136 15.20 -43.95 5.23
CA GLU C 136 16.07 -44.17 4.10
C GLU C 136 15.51 -43.60 2.79
N ASP C 137 14.20 -43.55 2.62
CA ASP C 137 13.63 -43.20 1.33
C ASP C 137 12.16 -42.92 1.54
N LEU C 138 11.57 -42.20 0.59
CA LEU C 138 10.13 -41.89 0.59
C LEU C 138 9.66 -41.94 -0.84
N ARG C 139 8.50 -42.52 -1.03
CA ARG C 139 7.86 -42.51 -2.38
C ARG C 139 6.75 -41.41 -2.39
N ILE C 140 7.05 -40.33 -3.09
CA ILE C 140 6.06 -39.22 -3.14
C ILE C 140 5.14 -39.52 -4.33
N PRO C 141 3.84 -39.66 -4.08
CA PRO C 141 2.90 -39.96 -5.15
C PRO C 141 2.66 -38.77 -6.04
N VAL C 142 2.40 -39.04 -7.33
CA VAL C 142 2.08 -38.02 -8.31
C VAL C 142 1.00 -37.04 -7.79
N ALA C 143 -0.03 -37.54 -7.11
CA ALA C 143 -1.13 -36.66 -6.74
C ALA C 143 -0.66 -35.68 -5.71
N TYR C 144 0.32 -36.07 -4.87
CA TYR C 144 0.90 -35.08 -3.92
C TYR C 144 1.85 -34.10 -4.64
N LEU C 145 2.72 -34.62 -5.49
CA LEU C 145 3.68 -33.77 -6.23
C LEU C 145 3.01 -32.65 -7.02
N LYS C 146 1.84 -32.89 -7.53
CA LYS C 146 1.24 -31.84 -8.36
C LYS C 146 0.81 -30.63 -7.48
N THR C 147 0.80 -30.77 -6.15
CA THR C 147 0.52 -29.63 -5.27
C THR C 147 1.76 -28.72 -5.02
N PHE C 148 2.93 -29.06 -5.55
CA PHE C 148 4.12 -28.30 -5.29
C PHE C 148 4.56 -27.61 -6.57
N GLN C 149 5.19 -26.46 -6.41
CA GLN C 149 5.77 -25.80 -7.55
C GLN C 149 6.99 -26.58 -8.10
N GLY C 150 7.88 -27.11 -7.18
CA GLY C 150 9.16 -27.71 -7.57
C GLY C 150 10.19 -26.64 -7.89
N PRO C 151 11.29 -27.01 -8.58
CA PRO C 151 12.38 -26.02 -8.87
C PRO C 151 11.77 -24.82 -9.55
N PRO C 152 12.28 -23.61 -9.21
CA PRO C 152 11.77 -22.43 -9.90
C PRO C 152 12.03 -22.53 -11.41
N HIS C 153 13.12 -23.15 -11.80
CA HIS C 153 13.47 -23.27 -13.21
C HIS C 153 13.79 -24.69 -13.63
N GLY C 154 14.86 -25.31 -13.14
CA GLY C 154 15.13 -26.69 -13.50
C GLY C 154 16.14 -26.63 -14.64
N ILE C 155 16.72 -27.79 -14.96
CA ILE C 155 17.92 -27.91 -15.72
C ILE C 155 17.77 -27.27 -17.08
N GLN C 156 16.70 -27.63 -17.78
CA GLN C 156 16.51 -27.26 -19.17
C GLN C 156 16.30 -25.74 -19.34
N VAL C 157 15.37 -25.18 -18.58
CA VAL C 157 15.23 -23.69 -18.49
C VAL C 157 16.51 -23.01 -18.04
N GLU C 158 17.17 -23.55 -17.05
CA GLU C 158 18.37 -22.87 -16.65
C GLU C 158 19.42 -22.76 -17.79
N ARG C 159 19.66 -23.82 -18.51
CA ARG C 159 20.60 -23.75 -19.65
C ARG C 159 20.18 -22.73 -20.70
N ASP C 160 18.89 -22.62 -20.94
CA ASP C 160 18.35 -21.68 -21.89
C ASP C 160 18.52 -20.24 -21.43
N LYS C 161 18.30 -19.95 -20.16
CA LYS C 161 18.59 -18.58 -19.65
C LYS C 161 20.09 -18.24 -19.72
N LEU C 162 20.96 -19.23 -19.45
CA LEU C 162 22.39 -18.94 -19.40
C LEU C 162 23.09 -19.16 -20.72
N ASN C 163 22.38 -19.82 -21.62
CA ASN C 163 22.87 -20.06 -22.96
C ASN C 163 24.05 -21.04 -22.96
N LYS C 164 23.99 -22.08 -22.14
CA LYS C 164 25.17 -22.92 -21.98
C LYS C 164 24.77 -24.37 -22.20
N TYR C 165 25.29 -24.95 -23.29
CA TYR C 165 24.86 -26.28 -23.75
C TYR C 165 26.06 -27.23 -23.91
N GLY C 166 25.81 -28.52 -23.69
CA GLY C 166 26.74 -29.56 -24.15
C GLY C 166 27.88 -29.81 -23.22
N ARG C 167 27.78 -29.32 -21.97
CA ARG C 167 28.88 -29.46 -21.03
C ARG C 167 28.41 -29.14 -19.63
N PRO C 168 29.08 -29.72 -18.61
CA PRO C 168 28.93 -29.27 -17.21
C PRO C 168 29.27 -27.78 -17.08
N LEU C 169 28.67 -27.11 -16.12
CA LEU C 169 29.09 -25.76 -15.78
C LEU C 169 30.22 -25.79 -14.74
N LEU C 170 30.90 -24.66 -14.61
CA LEU C 170 32.09 -24.54 -13.79
C LEU C 170 32.02 -23.40 -12.81
N GLY C 171 32.29 -23.70 -11.52
CA GLY C 171 32.31 -22.74 -10.42
C GLY C 171 33.59 -22.83 -9.60
N CYS C 172 33.92 -21.75 -8.90
CA CYS C 172 35.07 -21.69 -7.99
C CYS C 172 34.48 -21.13 -6.71
N THR C 173 34.90 -21.61 -5.56
CA THR C 173 34.57 -20.90 -4.31
C THR C 173 35.65 -19.87 -4.04
N ILE C 174 35.32 -18.79 -3.36
CA ILE C 174 36.30 -17.76 -3.08
C ILE C 174 37.05 -18.06 -1.78
N LYS C 175 38.36 -17.85 -1.78
CA LYS C 175 39.15 -18.05 -0.57
C LYS C 175 40.02 -16.82 -0.24
N PRO C 176 40.17 -16.47 1.06
CA PRO C 176 39.59 -17.13 2.26
C PRO C 176 38.06 -17.03 2.36
N LYS C 177 37.48 -18.00 3.08
CA LYS C 177 36.03 -18.03 3.31
C LYS C 177 35.53 -16.69 3.83
N LEU C 178 36.12 -16.24 4.94
CA LEU C 178 35.71 -15.03 5.66
C LEU C 178 36.89 -14.09 5.83
N GLY C 179 36.61 -12.80 5.77
CA GLY C 179 37.65 -11.85 6.09
C GLY C 179 37.91 -10.84 5.03
N LEU C 180 37.70 -11.17 3.74
CA LEU C 180 37.89 -10.16 2.67
C LEU C 180 36.88 -9.04 2.80
N SER C 181 37.28 -7.80 2.57
CA SER C 181 36.35 -6.70 2.50
C SER C 181 35.50 -6.92 1.26
N ALA C 182 34.28 -6.33 1.21
CA ALA C 182 33.43 -6.50 -0.02
C ALA C 182 34.18 -6.23 -1.34
N LYS C 183 34.95 -5.16 -1.41
CA LYS C 183 35.67 -4.78 -2.61
C LYS C 183 36.78 -5.81 -3.00
N ASN C 184 37.54 -6.31 -2.01
CA ASN C 184 38.61 -7.27 -2.25
C ASN C 184 37.97 -8.60 -2.68
N TYR C 185 36.83 -8.91 -2.05
CA TYR C 185 36.00 -10.02 -2.47
C TYR C 185 35.57 -9.91 -3.94
N GLY C 186 35.00 -8.79 -4.36
CA GLY C 186 34.67 -8.65 -5.77
C GLY C 186 35.83 -8.77 -6.74
N ARG C 187 37.00 -8.23 -6.40
CA ARG C 187 38.27 -8.42 -7.20
C ARG C 187 38.53 -9.93 -7.45
N ALA C 188 38.53 -10.77 -6.40
CA ALA C 188 38.70 -12.22 -6.55
C ALA C 188 37.65 -12.85 -7.48
N VAL C 189 36.38 -12.41 -7.34
CA VAL C 189 35.34 -12.93 -8.15
C VAL C 189 35.63 -12.55 -9.59
N TYR C 190 35.96 -11.30 -9.85
CA TYR C 190 36.21 -10.85 -11.25
C TYR C 190 37.29 -11.71 -11.92
N GLU C 191 38.40 -11.94 -11.19
CA GLU C 191 39.57 -12.70 -11.73
C GLU C 191 39.21 -14.16 -12.03
N CYS C 192 38.41 -14.79 -11.17
CA CYS C 192 37.91 -16.11 -11.41
C CYS C 192 37.03 -16.20 -12.65
N LEU C 193 36.01 -15.36 -12.69
CA LEU C 193 35.10 -15.38 -13.81
C LEU C 193 35.74 -15.08 -15.18
N ARG C 194 36.69 -14.12 -15.23
CA ARG C 194 37.25 -13.69 -16.48
C ARG C 194 38.19 -14.79 -17.03
N GLY C 195 38.59 -15.73 -16.15
CA GLY C 195 39.40 -16.86 -16.51
C GLY C 195 38.61 -17.94 -17.23
N GLY C 196 37.27 -17.84 -17.27
CA GLY C 196 36.47 -18.87 -17.94
C GLY C 196 35.57 -19.77 -17.08
N LEU C 197 35.48 -19.51 -15.77
CA LEU C 197 34.45 -20.17 -14.95
C LEU C 197 33.08 -19.54 -15.22
N ASP C 198 32.02 -20.30 -15.03
CA ASP C 198 30.69 -19.72 -15.24
C ASP C 198 30.19 -18.96 -13.98
N PHE C 199 30.48 -19.55 -12.81
CA PHE C 199 29.98 -19.10 -11.55
C PHE C 199 31.05 -18.98 -10.51
N THR C 200 30.92 -18.01 -9.60
CA THR C 200 31.63 -18.04 -8.31
C THR C 200 30.61 -18.16 -7.20
N LYS C 201 31.02 -18.33 -5.94
CA LYS C 201 30.06 -18.73 -4.90
C LYS C 201 30.38 -18.07 -3.56
N ASP C 202 29.38 -17.47 -2.89
CA ASP C 202 29.51 -17.08 -1.48
C ASP C 202 29.68 -18.34 -0.62
N ASP C 203 30.55 -18.28 0.37
CA ASP C 203 30.58 -19.28 1.41
C ASP C 203 29.24 -19.31 2.20
N GLU C 204 28.86 -20.50 2.65
CA GLU C 204 27.65 -20.63 3.38
C GLU C 204 27.67 -19.83 4.70
N ASN C 205 28.84 -19.53 5.25
CA ASN C 205 28.95 -18.76 6.47
C ASN C 205 28.79 -17.27 6.32
N ILE C 206 28.89 -16.78 5.09
CA ILE C 206 28.86 -15.34 4.77
C ILE C 206 27.40 -14.98 4.48
N ASN C 207 26.85 -14.17 5.38
CA ASN C 207 25.50 -13.68 5.24
C ASN C 207 25.69 -12.15 5.34
N SER C 208 25.66 -11.60 6.55
CA SER C 208 26.08 -10.19 6.71
C SER C 208 26.79 -10.06 8.06
N GLN C 209 28.00 -9.54 8.09
CA GLN C 209 28.81 -9.64 9.31
C GLN C 209 29.56 -8.35 9.48
N PRO C 210 30.13 -8.10 10.67
CA PRO C 210 30.90 -6.84 10.83
C PRO C 210 32.03 -6.64 9.78
N PHE C 211 32.71 -7.69 9.37
CA PHE C 211 33.83 -7.46 8.39
C PHE C 211 33.26 -7.35 6.96
N GLN C 212 31.96 -7.51 6.78
CA GLN C 212 31.54 -7.47 5.36
C GLN C 212 30.02 -7.49 5.33
N ARG C 213 29.38 -6.33 5.16
CA ARG C 213 27.91 -6.21 5.14
C ARG C 213 27.36 -6.65 3.80
N TRP C 214 26.21 -7.28 3.82
CA TRP C 214 25.72 -7.94 2.58
C TRP C 214 25.50 -6.94 1.43
N ARG C 215 25.02 -5.75 1.71
CA ARG C 215 24.66 -4.90 0.61
C ARG C 215 25.89 -4.48 -0.17
N ASP C 216 27.02 -4.30 0.53
CA ASP C 216 28.28 -3.91 -0.08
C ASP C 216 28.83 -5.06 -0.93
N ARG C 217 28.75 -6.29 -0.42
CA ARG C 217 29.14 -7.46 -1.16
C ARG C 217 28.33 -7.56 -2.44
N PHE C 218 26.98 -7.54 -2.33
CA PHE C 218 26.11 -7.61 -3.55
C PHE C 218 26.53 -6.61 -4.59
N LEU C 219 26.84 -5.39 -4.14
CA LEU C 219 27.20 -4.33 -5.06
C LEU C 219 28.53 -4.55 -5.78
N PHE C 220 29.55 -4.96 -5.07
CA PHE C 220 30.87 -5.14 -5.71
C PHE C 220 30.96 -6.42 -6.52
N VAL C 221 30.23 -7.45 -6.09
CA VAL C 221 30.06 -8.65 -6.90
C VAL C 221 29.38 -8.39 -8.26
N ALA C 222 28.29 -7.59 -8.25
CA ALA C 222 27.62 -7.17 -9.50
C ALA C 222 28.60 -6.45 -10.45
N ASP C 223 29.47 -5.61 -9.88
CA ASP C 223 30.48 -4.91 -10.74
C ASP C 223 31.42 -5.93 -11.41
N ALA C 224 31.86 -6.92 -10.65
CA ALA C 224 32.78 -7.97 -11.08
C ALA C 224 32.17 -8.78 -12.19
N ILE C 225 30.93 -9.25 -12.00
CA ILE C 225 30.21 -9.92 -13.05
C ILE C 225 30.11 -9.06 -14.28
N HIS C 226 29.75 -7.78 -14.13
CA HIS C 226 29.56 -6.94 -15.33
C HIS C 226 30.88 -6.84 -16.14
N LYS C 227 31.99 -6.62 -15.46
CA LYS C 227 33.32 -6.53 -16.13
C LYS C 227 33.69 -7.87 -16.82
N ALA C 228 33.64 -8.98 -16.07
CA ALA C 228 33.93 -10.31 -16.63
C ALA C 228 33.03 -10.68 -17.80
N GLN C 229 31.75 -10.39 -17.68
CA GLN C 229 30.83 -10.71 -18.75
C GLN C 229 31.13 -9.92 -20.03
N ALA C 230 31.42 -8.64 -19.89
CA ALA C 230 31.78 -7.77 -21.02
C ALA C 230 33.16 -8.19 -21.64
N GLU C 231 34.13 -8.60 -20.84
CA GLU C 231 35.44 -9.03 -21.38
C GLU C 231 35.40 -10.37 -22.08
N THR C 232 34.64 -11.31 -21.54
CA THR C 232 34.59 -12.62 -22.13
C THR C 232 33.49 -12.83 -23.18
N GLY C 233 32.40 -12.03 -23.19
CA GLY C 233 31.24 -12.30 -24.07
C GLY C 233 30.47 -13.58 -23.66
N GLU C 234 30.67 -14.05 -22.42
CA GLU C 234 29.89 -15.17 -21.83
C GLU C 234 29.07 -14.70 -20.58
N ILE C 235 27.87 -15.24 -20.37
CA ILE C 235 27.05 -15.03 -19.19
C ILE C 235 27.77 -15.54 -17.94
N LYS C 236 27.93 -14.66 -16.94
CA LYS C 236 28.61 -15.00 -15.69
C LYS C 236 27.62 -14.85 -14.53
N GLY C 237 27.88 -15.52 -13.40
CA GLY C 237 26.96 -15.40 -12.25
C GLY C 237 27.75 -15.67 -10.98
N HIS C 238 27.14 -15.34 -9.82
CA HIS C 238 27.74 -15.54 -8.55
C HIS C 238 26.61 -15.91 -7.60
N TYR C 239 26.77 -17.01 -6.86
CA TYR C 239 25.66 -17.36 -6.00
C TYR C 239 25.72 -16.44 -4.76
N LEU C 240 24.98 -15.35 -4.80
CA LEU C 240 24.88 -14.43 -3.71
C LEU C 240 24.01 -14.99 -2.59
N ASN C 241 24.60 -15.17 -1.42
CA ASN C 241 23.91 -15.84 -0.33
C ASN C 241 22.86 -14.93 0.31
N VAL C 242 21.59 -15.29 0.29
CA VAL C 242 20.51 -14.48 0.93
C VAL C 242 20.04 -15.11 2.24
N THR C 243 20.68 -16.18 2.64
CA THR C 243 20.34 -16.75 3.95
C THR C 243 20.42 -15.63 5.03
N ALA C 244 19.36 -15.56 5.86
CA ALA C 244 19.08 -14.40 6.68
C ALA C 244 18.38 -14.75 8.01
N PRO C 245 18.34 -13.82 8.97
CA PRO C 245 17.68 -14.14 10.25
C PRO C 245 16.15 -14.33 10.16
N THR C 246 15.47 -13.62 9.25
CA THR C 246 14.03 -13.57 9.13
C THR C 246 13.69 -13.68 7.66
N CYS C 247 12.48 -14.11 7.34
CA CYS C 247 12.01 -14.09 5.97
C CYS C 247 11.99 -12.73 5.32
N GLU C 248 11.62 -11.69 6.06
CA GLU C 248 11.61 -10.31 5.50
C GLU C 248 13.03 -9.95 5.06
N GLU C 249 14.02 -10.31 5.90
CA GLU C 249 15.39 -9.92 5.59
C GLU C 249 15.94 -10.74 4.36
N MET C 250 15.59 -12.02 4.28
CA MET C 250 15.94 -12.89 3.16
C MET C 250 15.35 -12.38 1.85
N LEU C 251 14.08 -11.98 1.88
CA LEU C 251 13.42 -11.46 0.68
C LEU C 251 13.98 -10.12 0.26
N LYS C 252 14.39 -9.31 1.24
CA LYS C 252 14.99 -8.01 0.93
C LYS C 252 16.40 -8.21 0.24
N ARG C 253 17.16 -9.24 0.66
CA ARG C 253 18.42 -9.50 -0.01
C ARG C 253 18.18 -10.03 -1.45
N ALA C 254 17.18 -10.92 -1.62
CA ALA C 254 16.77 -11.41 -2.92
C ALA C 254 16.36 -10.29 -3.86
N GLU C 255 15.55 -9.35 -3.38
CA GLU C 255 15.08 -8.20 -4.17
C GLU C 255 16.26 -7.32 -4.61
N PHE C 256 17.22 -7.14 -3.75
CA PHE C 256 18.41 -6.40 -4.16
C PHE C 256 19.26 -7.07 -5.25
N ALA C 257 19.47 -8.37 -5.14
CA ALA C 257 20.04 -9.10 -6.25
C ALA C 257 19.23 -8.93 -7.58
N LYS C 258 17.92 -9.02 -7.47
CA LYS C 258 17.07 -8.80 -8.62
C LYS C 258 17.23 -7.38 -9.14
N GLU C 259 17.28 -6.41 -8.22
CA GLU C 259 17.54 -4.99 -8.64
C GLU C 259 18.85 -4.82 -9.40
N LEU C 260 19.85 -5.60 -9.00
CA LEU C 260 21.13 -5.55 -9.62
C LEU C 260 21.18 -6.41 -10.91
N GLU C 261 20.09 -7.07 -11.27
CA GLU C 261 20.03 -7.97 -12.45
C GLU C 261 20.95 -9.17 -12.35
N MET C 262 21.09 -9.68 -11.14
CA MET C 262 21.84 -10.91 -10.92
C MET C 262 21.00 -12.08 -11.39
N PRO C 263 21.62 -13.04 -12.11
CA PRO C 263 20.87 -14.21 -12.57
C PRO C 263 20.68 -15.30 -11.53
N ILE C 264 21.43 -15.30 -10.43
CA ILE C 264 21.39 -16.44 -9.52
C ILE C 264 21.69 -16.01 -8.03
N ILE C 265 21.02 -16.66 -7.08
CA ILE C 265 21.31 -16.45 -5.69
C ILE C 265 21.43 -17.81 -5.04
N MET C 266 21.74 -17.81 -3.74
CA MET C 266 22.00 -19.05 -2.97
C MET C 266 21.23 -19.02 -1.62
N HIS C 267 20.85 -20.20 -1.14
CA HIS C 267 20.20 -20.35 0.13
C HIS C 267 20.63 -21.64 0.86
N ASP C 268 20.86 -21.53 2.18
CA ASP C 268 21.18 -22.68 3.04
C ASP C 268 19.85 -23.31 3.48
N PHE C 269 19.33 -24.27 2.73
CA PHE C 269 17.93 -24.72 3.01
C PHE C 269 17.73 -25.36 4.37
N LEU C 270 18.73 -26.01 4.95
CA LEU C 270 18.45 -26.76 6.23
C LEU C 270 18.56 -25.89 7.45
N THR C 271 19.60 -25.07 7.48
CA THR C 271 19.75 -24.22 8.65
C THR C 271 18.65 -23.09 8.64
N ALA C 272 18.33 -22.57 7.45
CA ALA C 272 17.22 -21.62 7.36
C ALA C 272 15.91 -22.29 7.56
N GLY C 273 15.67 -23.46 6.94
CA GLY C 273 14.37 -24.15 7.10
C GLY C 273 13.48 -24.19 5.84
N PHE C 274 12.58 -25.14 5.76
CA PHE C 274 11.85 -25.41 4.55
C PHE C 274 10.73 -24.40 4.36
N THR C 275 10.17 -23.89 5.49
CA THR C 275 9.25 -22.75 5.39
C THR C 275 9.87 -21.52 4.65
N ALA C 276 11.04 -21.07 5.07
CA ALA C 276 11.75 -19.99 4.41
C ALA C 276 12.10 -20.35 2.99
N ASN C 277 12.64 -21.55 2.82
CA ASN C 277 13.04 -22.06 1.49
C ASN C 277 11.88 -22.09 0.47
N THR C 278 10.69 -22.54 0.90
CA THR C 278 9.55 -22.63 0.02
C THR C 278 9.13 -21.18 -0.35
N THR C 279 9.12 -20.26 0.62
CA THR C 279 8.94 -18.85 0.35
C THR C 279 9.89 -18.36 -0.75
N LEU C 280 11.18 -18.63 -0.58
CA LEU C 280 12.18 -18.14 -1.52
C LEU C 280 12.00 -18.77 -2.94
N SER C 281 11.81 -20.09 -2.95
CA SER C 281 11.55 -20.79 -4.18
C SER C 281 10.39 -20.20 -5.01
N LYS C 282 9.26 -19.94 -4.39
CA LYS C 282 8.19 -19.22 -5.12
C LYS C 282 8.58 -17.83 -5.61
N TRP C 283 9.27 -17.06 -4.77
CA TRP C 283 9.75 -15.74 -5.14
C TRP C 283 10.70 -15.90 -6.33
N CYS C 284 11.51 -16.94 -6.37
CA CYS C 284 12.45 -17.10 -7.51
C CYS C 284 11.73 -17.38 -8.86
N ARG C 285 10.70 -18.21 -8.81
CA ARG C 285 9.80 -18.44 -9.93
C ARG C 285 9.15 -17.12 -10.43
N ASP C 286 8.55 -16.36 -9.49
CA ASP C 286 7.91 -15.08 -9.75
C ASP C 286 8.83 -14.03 -10.32
N ASN C 287 10.13 -14.14 -10.04
CA ASN C 287 11.05 -13.15 -10.46
C ASN C 287 12.13 -13.62 -11.46
N GLY C 288 12.03 -14.84 -12.00
CA GLY C 288 13.05 -15.37 -12.90
C GLY C 288 14.46 -15.55 -12.35
N MET C 289 14.59 -15.69 -11.05
CA MET C 289 15.89 -15.85 -10.46
C MET C 289 16.24 -17.35 -10.34
N LEU C 290 17.48 -17.73 -10.67
CA LEU C 290 17.99 -19.09 -10.43
C LEU C 290 18.35 -19.23 -8.93
N LEU C 291 18.16 -20.44 -8.38
CA LEU C 291 18.33 -20.69 -6.98
C LEU C 291 19.27 -21.89 -6.70
N HIS C 292 20.39 -21.58 -6.08
CA HIS C 292 21.46 -22.54 -5.77
C HIS C 292 21.28 -22.89 -4.35
N ILE C 293 21.17 -24.18 -4.05
CA ILE C 293 20.89 -24.59 -2.67
C ILE C 293 22.11 -25.21 -2.04
N HIS C 294 22.51 -24.71 -0.87
CA HIS C 294 23.67 -25.26 -0.18
C HIS C 294 23.12 -26.13 0.93
N ARG C 295 23.82 -27.21 1.28
CA ARG C 295 23.26 -28.20 2.22
C ARG C 295 23.99 -28.24 3.59
N ALA C 296 24.55 -27.08 4.01
CA ALA C 296 25.04 -26.87 5.37
C ALA C 296 24.18 -27.60 6.37
N MET C 297 24.86 -28.32 7.25
CA MET C 297 24.30 -29.07 8.38
C MET C 297 23.82 -30.45 8.04
N HIS C 298 23.82 -30.82 6.78
CA HIS C 298 23.23 -32.16 6.43
C HIS C 298 23.87 -33.37 7.21
N ALA C 299 25.16 -33.35 7.48
CA ALA C 299 25.82 -34.50 8.14
C ALA C 299 25.46 -34.64 9.58
N VAL C 300 24.71 -33.68 10.14
CA VAL C 300 24.26 -33.78 11.50
C VAL C 300 23.21 -34.86 11.58
N MET C 301 22.38 -34.88 10.53
CA MET C 301 21.29 -35.89 10.36
C MET C 301 21.63 -37.09 9.43
N ASP C 302 22.50 -36.90 8.48
CA ASP C 302 22.46 -37.79 7.35
C ASP C 302 23.68 -38.72 7.28
N ARG C 303 24.57 -38.60 8.24
CA ARG C 303 25.84 -39.28 8.20
C ARG C 303 25.84 -40.68 8.84
N GLN C 304 25.29 -40.88 10.03
CA GLN C 304 25.35 -42.19 10.69
C GLN C 304 24.40 -43.19 10.03
N LYS C 305 24.92 -44.40 9.75
CA LYS C 305 24.14 -45.43 9.07
C LYS C 305 22.98 -45.92 9.88
N ASN C 306 23.05 -45.84 11.19
CA ASN C 306 21.93 -46.37 12.05
C ASN C 306 20.81 -45.37 12.40
N HIS C 307 21.04 -44.09 12.21
CA HIS C 307 20.08 -43.11 12.76
C HIS C 307 20.08 -41.79 11.98
N GLY C 308 18.90 -41.26 11.73
CA GLY C 308 18.80 -39.98 11.05
C GLY C 308 17.95 -40.09 9.81
N ILE C 309 18.26 -39.26 8.85
CA ILE C 309 17.52 -39.23 7.61
C ILE C 309 18.53 -39.30 6.52
N HIS C 310 18.34 -40.18 5.55
CA HIS C 310 19.33 -40.21 4.44
C HIS C 310 19.28 -38.95 3.60
N PHE C 311 20.44 -38.50 3.12
CA PHE C 311 20.41 -37.37 2.22
C PHE C 311 19.44 -37.46 1.06
N ARG C 312 19.24 -38.64 0.48
CA ARG C 312 18.27 -38.73 -0.66
C ARG C 312 16.85 -38.25 -0.24
N VAL C 313 16.45 -38.46 1.00
CA VAL C 313 15.15 -37.97 1.45
C VAL C 313 15.16 -36.40 1.48
N LEU C 314 16.16 -35.84 2.13
CA LEU C 314 16.35 -34.39 2.12
C LEU C 314 16.48 -33.81 0.69
N ALA C 315 17.08 -34.57 -0.21
CA ALA C 315 17.16 -34.15 -1.60
C ALA C 315 15.81 -34.12 -2.31
N LYS C 316 14.95 -35.11 -2.03
CA LYS C 316 13.63 -35.18 -2.67
C LYS C 316 12.83 -33.97 -2.14
N CYS C 317 12.92 -33.75 -0.82
CA CYS C 317 12.22 -32.61 -0.17
C CYS C 317 12.68 -31.29 -0.80
N LEU C 318 13.95 -31.16 -1.06
CA LEU C 318 14.43 -29.96 -1.63
C LEU C 318 13.81 -29.76 -3.04
N ARG C 319 13.71 -30.85 -3.85
CA ARG C 319 13.25 -30.74 -5.22
C ARG C 319 11.77 -30.24 -5.15
N MET C 320 11.06 -30.69 -4.12
CA MET C 320 9.68 -30.39 -4.03
C MET C 320 9.50 -28.93 -3.60
N SER C 321 10.18 -28.51 -2.57
CA SER C 321 10.17 -27.14 -2.07
C SER C 321 10.72 -26.24 -3.20
N GLY C 322 11.90 -26.57 -3.70
CA GLY C 322 12.40 -25.97 -4.91
C GLY C 322 13.83 -25.53 -4.79
N GLY C 323 14.63 -25.92 -5.77
CA GLY C 323 15.91 -25.30 -6.01
C GLY C 323 16.36 -25.64 -7.40
N ASP C 324 17.27 -24.85 -7.98
CA ASP C 324 17.70 -25.15 -9.36
C ASP C 324 19.01 -25.98 -9.36
N HIS C 325 19.85 -25.81 -8.32
CA HIS C 325 21.10 -26.59 -8.10
C HIS C 325 21.05 -27.10 -6.69
N ILE C 326 21.74 -28.20 -6.41
CA ILE C 326 21.98 -28.65 -5.01
C ILE C 326 23.26 -29.39 -4.90
N HIS C 327 24.08 -29.07 -3.89
CA HIS C 327 25.28 -29.89 -3.60
C HIS C 327 24.97 -31.38 -3.34
N THR C 328 25.72 -32.23 -4.02
CA THR C 328 25.49 -33.69 -3.95
C THR C 328 26.74 -34.46 -3.48
N GLY C 329 27.78 -33.76 -3.07
CA GLY C 329 28.97 -34.39 -2.57
C GLY C 329 29.87 -34.71 -3.72
N THR C 330 31.12 -35.02 -3.42
CA THR C 330 32.08 -35.47 -4.43
C THR C 330 32.11 -36.97 -4.61
N VAL C 331 32.68 -37.44 -5.72
CA VAL C 331 32.81 -38.87 -5.90
C VAL C 331 34.28 -39.35 -5.81
N VAL C 332 35.20 -38.39 -5.80
CA VAL C 332 36.64 -38.63 -5.65
C VAL C 332 37.05 -39.25 -4.32
N GLY C 333 37.91 -40.28 -4.42
CA GLY C 333 38.38 -41.04 -3.26
C GLY C 333 37.28 -41.74 -2.47
N LYS C 334 36.24 -42.20 -3.14
CA LYS C 334 35.15 -42.97 -2.48
C LYS C 334 35.03 -44.36 -3.09
N LEU C 335 34.77 -45.36 -2.25
CA LEU C 335 34.45 -46.74 -2.68
C LEU C 335 33.39 -46.79 -3.80
N GLU C 336 33.43 -47.81 -4.65
CA GLU C 336 32.42 -47.96 -5.69
C GLU C 336 30.98 -48.07 -5.19
N GLY C 337 30.76 -48.54 -3.96
CA GLY C 337 29.40 -48.60 -3.39
C GLY C 337 28.87 -47.26 -2.90
N ASP C 338 29.76 -46.38 -2.42
CA ASP C 338 29.35 -45.04 -2.02
C ASP C 338 29.05 -44.29 -3.29
N LYS C 339 29.86 -44.53 -4.31
CA LYS C 339 29.67 -43.89 -5.58
C LYS C 339 28.29 -44.23 -6.22
N ALA C 340 27.86 -45.48 -6.09
CA ALA C 340 26.59 -45.94 -6.67
C ALA C 340 25.43 -45.30 -5.93
N VAL C 341 25.56 -45.15 -4.61
CA VAL C 341 24.53 -44.51 -3.80
C VAL C 341 24.34 -43.03 -4.23
N THR C 342 25.47 -42.33 -4.43
CA THR C 342 25.50 -40.94 -4.85
C THR C 342 24.80 -40.80 -6.20
N LEU C 343 25.18 -41.67 -7.13
CA LEU C 343 24.60 -41.68 -8.48
C LEU C 343 23.09 -41.98 -8.43
N GLY C 344 22.70 -42.89 -7.56
CA GLY C 344 21.32 -43.10 -7.23
C GLY C 344 20.54 -41.79 -6.91
N PHE C 345 21.01 -41.03 -5.91
CA PHE C 345 20.31 -39.78 -5.61
C PHE C 345 20.49 -38.67 -6.65
N VAL C 346 21.60 -38.68 -7.34
CA VAL C 346 21.69 -37.80 -8.43
C VAL C 346 20.61 -38.05 -9.52
N ASP C 347 20.36 -39.31 -9.89
CA ASP C 347 19.18 -39.61 -10.71
C ASP C 347 17.85 -39.18 -10.11
N LEU C 348 17.72 -39.34 -8.79
CA LEU C 348 16.49 -38.89 -8.13
C LEU C 348 16.32 -37.37 -8.25
N LEU C 349 17.44 -36.61 -8.29
CA LEU C 349 17.35 -35.17 -8.44
C LEU C 349 17.13 -34.73 -9.90
N ARG C 350 17.64 -35.47 -10.90
CA ARG C 350 17.64 -34.97 -12.25
C ARG C 350 16.63 -35.60 -13.19
N GLU C 351 16.22 -36.85 -12.98
CA GLU C 351 15.40 -37.57 -13.93
C GLU C 351 13.94 -37.42 -13.70
N ASN C 352 13.16 -37.80 -14.74
CA ASN C 352 11.70 -37.79 -14.59
C ASN C 352 11.15 -39.06 -13.95
N TYR C 353 11.82 -40.17 -14.23
CA TYR C 353 11.35 -41.45 -13.78
C TYR C 353 12.53 -42.30 -13.29
N ILE C 354 12.51 -42.71 -12.02
CA ILE C 354 13.59 -43.55 -11.51
C ILE C 354 13.06 -44.90 -10.97
N GLU C 355 13.65 -45.96 -11.48
CA GLU C 355 13.17 -47.29 -11.21
C GLU C 355 13.79 -47.71 -9.88
N GLN C 356 13.03 -48.45 -9.11
CA GLN C 356 13.52 -49.05 -7.90
C GLN C 356 14.85 -49.78 -8.16
N ASP C 357 15.82 -49.54 -7.30
CA ASP C 357 17.17 -50.10 -7.51
C ASP C 357 18.05 -50.08 -6.28
N ARG C 358 17.92 -51.11 -5.45
CA ARG C 358 18.57 -51.16 -4.15
C ARG C 358 20.07 -51.18 -4.27
N SER C 359 20.64 -51.65 -5.39
CA SER C 359 22.11 -51.60 -5.49
C SER C 359 22.62 -50.16 -5.50
N ARG C 360 21.69 -49.22 -5.66
CA ARG C 360 22.03 -47.81 -5.61
C ARG C 360 21.23 -47.06 -4.55
N GLY C 361 20.67 -47.78 -3.61
CA GLY C 361 19.93 -47.17 -2.51
C GLY C 361 18.65 -46.50 -2.92
N ILE C 362 18.13 -46.81 -4.11
CA ILE C 362 16.74 -46.47 -4.43
C ILE C 362 15.74 -47.53 -3.92
N TYR C 363 14.97 -47.20 -2.88
CA TYR C 363 14.01 -48.14 -2.29
C TYR C 363 12.70 -48.24 -3.04
N PHE C 364 12.32 -47.14 -3.69
CA PHE C 364 11.06 -47.08 -4.41
C PHE C 364 11.22 -46.47 -5.79
N THR C 365 10.38 -46.93 -6.69
CA THR C 365 10.21 -46.30 -7.97
C THR C 365 9.62 -44.92 -7.75
N GLN C 366 10.21 -43.92 -8.41
CA GLN C 366 9.81 -42.55 -8.19
C GLN C 366 9.45 -41.89 -9.51
N ASP C 367 8.22 -41.47 -9.67
CA ASP C 367 7.77 -40.81 -10.87
C ASP C 367 7.59 -39.31 -10.53
N TRP C 368 8.27 -38.43 -11.23
CA TRP C 368 8.23 -36.99 -10.85
C TRP C 368 7.18 -36.17 -11.60
N ALA C 369 6.45 -36.82 -12.51
CA ALA C 369 5.31 -36.25 -13.24
C ALA C 369 5.64 -34.90 -13.85
N SER C 370 6.79 -34.83 -14.49
CA SER C 370 7.27 -33.63 -15.19
C SER C 370 7.72 -32.46 -14.33
N MET C 371 7.79 -32.66 -13.02
CA MET C 371 8.45 -31.68 -12.19
C MET C 371 9.92 -31.59 -12.66
N PRO C 372 10.40 -30.37 -12.92
CA PRO C 372 11.75 -30.20 -13.45
C PRO C 372 12.83 -30.81 -12.53
N GLY C 373 13.96 -31.18 -13.14
CA GLY C 373 15.07 -31.73 -12.41
C GLY C 373 15.95 -30.61 -11.92
N VAL C 374 16.78 -30.95 -10.93
CA VAL C 374 17.72 -30.01 -10.29
C VAL C 374 19.18 -30.34 -10.69
N MET C 375 20.01 -29.36 -11.01
CA MET C 375 21.43 -29.61 -11.35
C MET C 375 22.18 -30.11 -10.13
N ALA C 376 23.01 -31.13 -10.31
CA ALA C 376 23.78 -31.70 -9.21
C ALA C 376 25.06 -30.86 -9.13
N VAL C 377 25.50 -30.51 -7.94
CA VAL C 377 26.73 -29.74 -7.84
C VAL C 377 27.75 -30.64 -7.19
N ALA C 378 28.88 -30.88 -7.88
CA ALA C 378 29.95 -31.69 -7.32
C ALA C 378 31.05 -30.81 -6.76
N SER C 379 31.36 -30.98 -5.49
CA SER C 379 32.41 -30.16 -4.92
C SER C 379 33.16 -30.82 -3.76
N GLY C 380 34.35 -30.30 -3.47
CA GLY C 380 35.16 -30.78 -2.34
C GLY C 380 36.39 -31.57 -2.79
N GLY C 381 37.55 -30.91 -2.80
CA GLY C 381 38.81 -31.60 -3.05
C GLY C 381 38.99 -32.10 -4.49
N ILE C 382 38.51 -31.30 -5.46
CA ILE C 382 38.60 -31.62 -6.88
C ILE C 382 39.71 -30.80 -7.52
N HIS C 383 40.46 -31.40 -8.48
CA HIS C 383 41.52 -30.70 -9.25
C HIS C 383 41.47 -31.10 -10.70
N VAL C 384 42.25 -30.43 -11.56
CA VAL C 384 42.13 -30.69 -13.01
C VAL C 384 42.23 -32.14 -13.37
N TRP C 385 43.06 -32.90 -12.65
CA TRP C 385 43.32 -34.31 -13.04
C TRP C 385 42.10 -35.18 -12.78
N HIS C 386 41.16 -34.68 -11.96
CA HIS C 386 39.88 -35.36 -11.79
C HIS C 386 38.90 -35.13 -12.92
N MET C 387 39.15 -34.12 -13.74
CA MET C 387 38.19 -33.70 -14.77
C MET C 387 37.58 -34.83 -15.66
N PRO C 388 38.42 -35.72 -16.23
CA PRO C 388 37.87 -36.79 -17.06
C PRO C 388 36.91 -37.69 -16.28
N ALA C 389 37.31 -38.09 -15.08
CA ALA C 389 36.42 -38.86 -14.25
C ALA C 389 35.08 -38.11 -13.94
N LEU C 390 35.13 -36.79 -13.70
CA LEU C 390 33.94 -36.03 -13.30
C LEU C 390 32.92 -35.95 -14.44
N VAL C 391 33.46 -35.73 -15.63
CA VAL C 391 32.64 -35.62 -16.81
C VAL C 391 31.98 -36.96 -17.10
N ASP C 392 32.79 -38.02 -17.01
CA ASP C 392 32.27 -39.38 -17.17
C ASP C 392 31.25 -39.79 -16.12
N ILE C 393 31.45 -39.41 -14.88
CA ILE C 393 30.53 -39.82 -13.83
C ILE C 393 29.20 -39.05 -13.91
N PHE C 394 29.26 -37.73 -14.05
CA PHE C 394 28.06 -36.91 -13.96
C PHE C 394 27.43 -36.62 -15.29
N GLY C 395 28.20 -36.68 -16.38
CA GLY C 395 27.70 -36.21 -17.69
C GLY C 395 27.56 -34.68 -17.71
N ASP C 396 26.69 -34.16 -18.57
CA ASP C 396 26.58 -32.73 -18.84
C ASP C 396 25.85 -31.93 -17.71
N ASP C 397 24.87 -32.54 -17.07
CA ASP C 397 24.00 -31.76 -16.19
C ASP C 397 24.46 -31.65 -14.73
N ALA C 398 25.56 -30.95 -14.57
CA ALA C 398 26.18 -30.84 -13.28
C ALA C 398 26.89 -29.55 -13.26
N VAL C 399 27.12 -29.04 -12.05
CA VAL C 399 28.08 -27.97 -11.83
C VAL C 399 29.30 -28.57 -11.12
N LEU C 400 30.49 -28.26 -11.61
CA LEU C 400 31.71 -28.75 -11.00
C LEU C 400 32.32 -27.56 -10.30
N GLN C 401 32.40 -27.65 -9.01
CA GLN C 401 32.68 -26.52 -8.19
C GLN C 401 34.10 -26.76 -7.64
N PHE C 402 35.08 -25.93 -8.02
CA PHE C 402 36.46 -26.11 -7.53
C PHE C 402 36.82 -25.12 -6.42
N GLY C 403 37.86 -25.43 -5.65
CA GLY C 403 38.41 -24.53 -4.59
C GLY C 403 38.75 -25.16 -3.22
N GLY C 408 45.36 -24.09 -5.23
CA GLY C 408 45.40 -22.81 -5.95
C GLY C 408 46.42 -22.87 -7.06
N HIS C 409 46.06 -22.33 -8.21
CA HIS C 409 46.96 -22.29 -9.36
C HIS C 409 48.18 -21.38 -9.10
N PRO C 410 49.39 -21.81 -9.57
CA PRO C 410 50.65 -21.09 -9.39
C PRO C 410 50.60 -19.65 -9.88
N TRP C 411 49.87 -19.41 -10.97
CA TRP C 411 49.80 -18.05 -11.51
C TRP C 411 48.59 -17.22 -11.02
N GLY C 412 47.77 -17.81 -10.17
CA GLY C 412 46.60 -17.09 -9.63
C GLY C 412 45.22 -17.49 -10.20
N ASN C 413 44.26 -16.62 -9.97
CA ASN C 413 42.86 -16.95 -10.18
C ASN C 413 42.52 -17.11 -11.63
N ALA C 414 42.82 -16.11 -12.45
CA ALA C 414 42.36 -16.19 -13.83
C ALA C 414 43.04 -17.37 -14.57
N PRO C 415 44.37 -17.57 -14.39
CA PRO C 415 45.03 -18.74 -15.03
C PRO C 415 44.49 -20.10 -14.54
N GLY C 416 44.30 -20.24 -13.22
CA GLY C 416 43.71 -21.47 -12.67
C GLY C 416 42.30 -21.77 -13.20
N ALA C 417 41.54 -20.73 -13.49
CA ALA C 417 40.25 -20.86 -14.11
C ALA C 417 40.40 -21.29 -15.57
N THR C 418 41.27 -20.63 -16.32
CA THR C 418 41.55 -21.07 -17.71
C THR C 418 41.96 -22.53 -17.73
N ALA C 419 42.78 -22.93 -16.78
CA ALA C 419 43.23 -24.28 -16.76
C ALA C 419 42.04 -25.24 -16.61
N ASN C 420 41.12 -24.92 -15.69
CA ASN C 420 40.04 -25.83 -15.46
C ASN C 420 39.10 -25.83 -16.66
N ARG C 421 38.96 -24.65 -17.28
CA ARG C 421 38.06 -24.52 -18.43
C ARG C 421 38.64 -25.26 -19.68
N VAL C 422 39.94 -25.14 -19.96
CA VAL C 422 40.52 -25.89 -21.08
C VAL C 422 40.48 -27.37 -20.80
N ALA C 423 40.76 -27.78 -19.58
CA ALA C 423 40.65 -29.21 -19.24
C ALA C 423 39.26 -29.78 -19.53
N LEU C 424 38.25 -29.06 -19.08
CA LEU C 424 36.86 -29.54 -19.28
C LEU C 424 36.54 -29.59 -20.77
N GLU C 425 36.92 -28.54 -21.50
CA GLU C 425 36.57 -28.55 -22.89
C GLU C 425 37.31 -29.68 -23.62
N ALA C 426 38.50 -30.03 -23.12
CA ALA C 426 39.28 -31.09 -23.75
C ALA C 426 38.61 -32.41 -23.51
N CYS C 427 38.13 -32.61 -22.29
CA CYS C 427 37.40 -33.85 -21.97
C CYS C 427 36.14 -33.97 -22.78
N ILE C 428 35.45 -32.86 -22.98
CA ILE C 428 34.17 -32.97 -23.63
C ILE C 428 34.40 -33.31 -25.12
N GLN C 429 35.37 -32.64 -25.72
CA GLN C 429 35.74 -32.97 -27.11
C GLN C 429 36.11 -34.45 -27.26
N ALA C 430 36.99 -34.92 -26.40
CA ALA C 430 37.40 -36.28 -26.42
C ALA C 430 36.23 -37.25 -26.32
N ARG C 431 35.27 -36.97 -25.41
CA ARG C 431 34.18 -37.91 -25.11
C ARG C 431 33.33 -38.02 -26.35
N ASN C 432 33.04 -36.85 -26.91
CA ASN C 432 32.21 -36.75 -28.09
C ASN C 432 32.88 -37.50 -29.23
N GLU C 433 34.20 -37.50 -29.26
CA GLU C 433 34.98 -38.26 -30.24
C GLU C 433 35.04 -39.78 -30.00
N GLY C 434 34.42 -40.27 -28.94
CA GLY C 434 34.37 -41.69 -28.68
C GLY C 434 35.57 -42.21 -27.90
N ARG C 435 36.42 -41.32 -27.40
CA ARG C 435 37.52 -41.72 -26.56
C ARG C 435 37.00 -42.13 -25.18
N ASP C 436 37.75 -43.01 -24.51
CA ASP C 436 37.36 -43.53 -23.22
C ASP C 436 38.05 -42.71 -22.11
N LEU C 437 37.25 -41.89 -21.43
CA LEU C 437 37.78 -40.92 -20.47
C LEU C 437 38.40 -41.56 -19.24
N MET C 438 37.92 -42.74 -18.84
CA MET C 438 38.56 -43.48 -17.75
C MET C 438 39.97 -44.05 -18.08
N ARG C 439 40.17 -44.50 -19.31
CA ARG C 439 41.49 -45.01 -19.69
C ARG C 439 42.39 -43.93 -20.27
N GLU C 440 41.84 -43.07 -21.15
CA GLU C 440 42.67 -42.05 -21.83
C GLU C 440 42.83 -40.70 -21.11
N GLY C 441 42.24 -40.58 -19.92
CA GLY C 441 42.16 -39.32 -19.19
C GLY C 441 43.43 -38.48 -19.17
N GLY C 442 44.47 -39.00 -18.51
CA GLY C 442 45.80 -38.35 -18.46
C GLY C 442 46.34 -37.96 -19.84
N ASP C 443 46.15 -38.82 -20.85
CA ASP C 443 46.52 -38.48 -22.24
C ASP C 443 45.80 -37.26 -22.75
N ILE C 444 44.47 -37.25 -22.57
CA ILE C 444 43.65 -36.13 -23.02
C ILE C 444 44.15 -34.83 -22.40
N ILE C 445 44.38 -34.87 -21.08
CA ILE C 445 44.90 -33.74 -20.32
C ILE C 445 46.31 -33.34 -20.81
N ARG C 446 47.16 -34.35 -21.02
CA ARG C 446 48.52 -34.10 -21.49
C ARG C 446 48.55 -33.48 -22.86
N GLU C 447 47.72 -33.96 -23.79
CA GLU C 447 47.61 -33.31 -25.12
C GLU C 447 47.21 -31.83 -25.02
N ALA C 448 46.20 -31.53 -24.20
CA ALA C 448 45.75 -30.15 -24.03
C ALA C 448 46.83 -29.29 -23.36
N ALA C 449 47.51 -29.86 -22.36
CA ALA C 449 48.61 -29.16 -21.69
C ALA C 449 49.71 -28.69 -22.67
N ARG C 450 49.77 -29.29 -23.85
CA ARG C 450 50.79 -28.91 -24.86
C ARG C 450 50.52 -27.60 -25.55
N TRP C 451 49.26 -27.26 -25.78
CA TRP C 451 49.00 -25.95 -26.35
C TRP C 451 48.41 -24.94 -25.34
N SER C 452 48.17 -25.36 -24.09
CA SER C 452 47.77 -24.42 -23.00
C SER C 452 48.76 -24.32 -21.84
N PRO C 453 49.47 -23.17 -21.76
CA PRO C 453 50.49 -22.93 -20.72
C PRO C 453 49.89 -22.97 -19.32
N GLU C 454 48.69 -22.41 -19.16
CA GLU C 454 47.98 -22.42 -17.87
C GLU C 454 47.74 -23.84 -17.39
N LEU C 455 47.21 -24.68 -18.26
CA LEU C 455 46.97 -26.11 -17.96
C LEU C 455 48.26 -26.87 -17.67
N ALA C 456 49.27 -26.65 -18.51
CA ALA C 456 50.59 -27.20 -18.24
C ALA C 456 51.04 -26.80 -16.83
N ALA C 457 51.02 -25.50 -16.51
CA ALA C 457 51.51 -25.03 -15.21
C ALA C 457 50.77 -25.70 -14.07
N ALA C 458 49.55 -26.15 -14.35
CA ALA C 458 48.77 -26.89 -13.36
C ALA C 458 49.13 -28.38 -13.27
N CYS C 459 50.16 -28.81 -14.01
CA CYS C 459 50.67 -30.17 -13.85
C CYS C 459 52.16 -30.11 -13.54
N THR D 3 50.35 -14.09 -17.03
CA THR D 3 49.20 -13.14 -16.96
C THR D 3 48.20 -13.43 -18.08
N LEU D 4 46.99 -13.85 -17.68
CA LEU D 4 45.95 -14.18 -18.67
C LEU D 4 45.54 -12.95 -19.55
N PRO D 5 45.58 -13.09 -20.90
CA PRO D 5 45.08 -12.03 -21.83
C PRO D 5 43.57 -11.75 -21.70
N LYS D 6 43.13 -10.60 -22.21
CA LYS D 6 41.69 -10.33 -22.33
C LYS D 6 41.25 -10.70 -23.71
N GLU D 7 40.32 -11.66 -23.83
CA GLU D 7 39.92 -12.21 -25.14
C GLU D 7 38.47 -12.70 -25.10
N ARG D 8 37.67 -12.22 -26.06
CA ARG D 8 36.27 -12.63 -26.22
C ARG D 8 36.19 -14.13 -26.53
N ARG D 9 35.25 -14.79 -25.87
CA ARG D 9 35.02 -16.21 -26.09
C ARG D 9 33.67 -16.41 -26.74
N TYR D 10 33.31 -17.69 -26.96
CA TYR D 10 32.12 -18.07 -27.73
C TYR D 10 31.57 -19.41 -27.23
N GLU D 11 31.62 -19.58 -25.91
CA GLU D 11 31.04 -20.74 -25.24
C GLU D 11 31.71 -22.06 -25.61
N THR D 12 30.97 -23.18 -25.66
CA THR D 12 31.57 -24.50 -25.77
C THR D 12 32.56 -24.66 -26.95
N PHE D 13 33.76 -25.10 -26.56
CA PHE D 13 34.92 -25.41 -27.46
C PHE D 13 35.70 -24.15 -27.84
N SER D 14 35.16 -22.97 -27.52
CA SER D 14 35.89 -21.71 -27.69
C SER D 14 37.21 -21.58 -26.89
N TYR D 15 37.44 -22.41 -25.87
CA TYR D 15 38.81 -22.46 -25.21
C TYR D 15 39.87 -23.44 -25.85
N LEU D 16 39.45 -24.18 -26.89
CA LEU D 16 40.33 -25.08 -27.68
C LEU D 16 40.88 -24.42 -28.96
N PRO D 17 41.91 -25.06 -29.64
CA PRO D 17 42.28 -24.65 -31.03
C PRO D 17 41.08 -24.77 -31.92
N PRO D 18 40.92 -23.82 -32.87
CA PRO D 18 39.70 -23.99 -33.69
C PRO D 18 39.72 -25.38 -34.33
N LEU D 19 38.56 -26.00 -34.45
CA LEU D 19 38.50 -27.34 -34.99
C LEU D 19 38.83 -27.45 -36.47
N SER D 20 39.33 -28.62 -36.83
CA SER D 20 39.58 -28.93 -38.22
C SER D 20 38.24 -29.41 -38.76
N ASP D 21 38.08 -29.49 -40.09
CA ASP D 21 36.86 -30.06 -40.70
C ASP D 21 36.63 -31.54 -40.31
N ALA D 22 37.72 -32.26 -40.09
CA ALA D 22 37.70 -33.66 -39.60
C ALA D 22 37.25 -33.76 -38.12
N GLN D 23 37.78 -32.88 -37.26
CA GLN D 23 37.25 -32.74 -35.88
C GLN D 23 35.73 -32.33 -35.88
N ILE D 24 35.37 -31.34 -36.70
CA ILE D 24 33.99 -30.97 -36.89
C ILE D 24 33.13 -32.16 -37.32
N ALA D 25 33.71 -33.08 -38.10
CA ALA D 25 32.92 -34.23 -38.60
C ALA D 25 32.65 -35.28 -37.55
N ARG D 26 33.67 -35.53 -36.72
CA ARG D 26 33.51 -36.46 -35.61
C ARG D 26 32.51 -35.91 -34.58
N GLN D 27 32.59 -34.61 -34.29
CA GLN D 27 31.60 -33.97 -33.41
C GLN D 27 30.20 -34.24 -33.95
N ILE D 28 29.95 -33.95 -35.24
CA ILE D 28 28.67 -34.23 -35.91
C ILE D 28 28.24 -35.72 -35.84
N GLN D 29 29.14 -36.62 -36.20
CA GLN D 29 28.84 -38.06 -36.12
C GLN D 29 28.34 -38.51 -34.74
N TYR D 30 28.86 -37.90 -33.68
CA TYR D 30 28.47 -38.25 -32.32
C TYR D 30 27.01 -37.89 -32.13
N ALA D 31 26.69 -36.67 -32.52
CA ALA D 31 25.32 -36.20 -32.47
C ALA D 31 24.37 -37.15 -33.23
N ILE D 32 24.77 -37.55 -34.44
CA ILE D 32 23.99 -38.54 -35.21
C ILE D 32 23.87 -39.89 -34.48
N ASP D 33 24.99 -40.38 -33.96
CA ASP D 33 24.97 -41.66 -33.24
C ASP D 33 24.19 -41.63 -31.96
N GLN D 34 24.04 -40.45 -31.34
CA GLN D 34 23.19 -40.35 -30.16
C GLN D 34 21.73 -40.18 -30.51
N GLY D 35 21.40 -40.02 -31.79
CA GLY D 35 20.01 -39.77 -32.18
C GLY D 35 19.61 -38.31 -32.08
N TYR D 36 20.59 -37.40 -31.93
CA TYR D 36 20.31 -35.97 -31.96
C TYR D 36 20.15 -35.40 -33.37
N HIS D 37 19.50 -34.24 -33.45
CA HIS D 37 19.25 -33.59 -34.73
C HIS D 37 20.14 -32.37 -34.90
N PRO D 38 21.18 -32.49 -35.75
CA PRO D 38 22.12 -31.38 -35.95
C PRO D 38 21.54 -30.26 -36.78
N CYS D 39 22.09 -29.07 -36.61
CA CYS D 39 21.62 -27.89 -37.30
C CYS D 39 22.80 -26.88 -37.37
N VAL D 40 22.77 -25.99 -38.34
CA VAL D 40 23.78 -24.99 -38.52
C VAL D 40 23.14 -23.63 -38.32
N GLU D 41 23.86 -22.71 -37.69
CA GLU D 41 23.33 -21.40 -37.45
C GLU D 41 24.52 -20.44 -37.42
N PHE D 42 24.26 -19.18 -37.75
CA PHE D 42 25.28 -18.17 -38.00
C PHE D 42 24.75 -16.84 -37.49
N ASN D 43 25.67 -15.93 -37.24
CA ASN D 43 25.30 -14.60 -36.77
C ASN D 43 26.46 -13.65 -36.91
N GLU D 44 26.15 -12.39 -37.11
CA GLU D 44 27.16 -11.36 -37.38
C GLU D 44 28.08 -11.04 -36.22
N THR D 45 27.61 -11.19 -34.99
CA THR D 45 28.49 -10.95 -33.86
C THR D 45 28.25 -12.01 -32.86
N SER D 46 29.08 -11.97 -31.82
CA SER D 46 28.86 -12.76 -30.63
C SER D 46 29.18 -11.92 -29.35
N ASN D 47 28.25 -11.95 -28.39
CA ASN D 47 28.44 -11.41 -27.05
C ASN D 47 27.40 -12.05 -26.12
N ALA D 48 27.37 -11.60 -24.89
CA ALA D 48 26.65 -12.38 -23.90
C ALA D 48 25.16 -12.05 -23.95
N GLU D 49 24.84 -10.86 -24.41
CA GLU D 49 23.46 -10.37 -24.51
C GLU D 49 22.63 -10.99 -25.70
N ILE D 50 23.26 -11.78 -26.57
CA ILE D 50 22.62 -12.27 -27.79
C ILE D 50 21.97 -13.62 -27.57
N ARG D 51 20.65 -13.66 -27.70
CA ARG D 51 19.93 -14.90 -27.43
C ARG D 51 19.83 -15.86 -28.62
N TYR D 52 19.58 -15.31 -29.81
CA TYR D 52 19.23 -16.11 -30.98
C TYR D 52 20.21 -15.82 -32.07
N TRP D 53 20.75 -16.88 -32.68
CA TRP D 53 21.52 -16.76 -33.93
C TRP D 53 20.55 -16.95 -35.08
N THR D 54 21.03 -16.91 -36.30
CA THR D 54 20.11 -17.16 -37.41
C THR D 54 20.25 -18.56 -38.04
N MET D 55 19.13 -19.24 -38.25
CA MET D 55 19.17 -20.54 -38.90
C MET D 55 19.66 -20.52 -40.37
N TRP D 56 20.60 -21.41 -40.65
CA TRP D 56 21.07 -21.68 -42.01
C TRP D 56 20.21 -22.80 -42.62
N LYS D 57 19.53 -22.49 -43.72
CA LYS D 57 18.54 -23.41 -44.31
C LYS D 57 17.61 -24.04 -43.23
N LEU D 58 17.60 -25.37 -43.15
CA LEU D 58 16.82 -26.11 -42.15
C LEU D 58 17.68 -27.11 -41.35
N PRO D 59 17.15 -27.65 -40.23
CA PRO D 59 17.84 -28.80 -39.58
C PRO D 59 17.81 -30.04 -40.46
N LEU D 60 18.85 -30.87 -40.36
CA LEU D 60 18.93 -32.09 -41.18
C LEU D 60 18.34 -33.30 -40.45
N PHE D 61 17.32 -33.89 -41.06
CA PHE D 61 16.35 -34.64 -40.26
C PHE D 61 16.44 -36.14 -40.14
N ASN D 62 17.55 -36.67 -40.59
CA ASN D 62 18.07 -37.99 -40.19
C ASN D 62 18.85 -38.57 -41.33
N CYS D 63 19.82 -37.78 -41.78
CA CYS D 63 20.94 -38.26 -42.56
C CYS D 63 21.95 -38.87 -41.58
N THR D 64 22.29 -40.13 -41.80
CA THR D 64 23.24 -40.82 -40.94
C THR D 64 24.71 -40.50 -41.32
N ASN D 65 24.88 -39.63 -42.31
CA ASN D 65 26.20 -39.18 -42.65
C ASN D 65 26.46 -37.72 -42.25
N ALA D 66 27.57 -37.52 -41.59
CA ALA D 66 27.98 -36.21 -41.14
C ALA D 66 28.54 -35.29 -42.24
N GLN D 67 28.62 -35.79 -43.48
CA GLN D 67 29.32 -35.06 -44.55
C GLN D 67 28.46 -33.95 -45.10
N ASP D 68 27.18 -34.23 -45.33
CA ASP D 68 26.31 -33.17 -45.82
C ASP D 68 26.08 -32.08 -44.75
N VAL D 69 26.08 -32.47 -43.48
CA VAL D 69 26.09 -31.47 -42.41
C VAL D 69 27.33 -30.60 -42.52
N LEU D 70 28.49 -31.25 -42.60
CA LEU D 70 29.75 -30.54 -42.85
C LEU D 70 29.71 -29.71 -44.15
N ASN D 71 29.08 -30.22 -45.23
CA ASN D 71 28.88 -29.47 -46.49
C ASN D 71 28.18 -28.17 -46.22
N GLU D 72 27.11 -28.20 -45.43
CA GLU D 72 26.38 -26.98 -45.10
C GLU D 72 27.27 -25.96 -44.39
N VAL D 73 28.08 -26.42 -43.43
CA VAL D 73 28.98 -25.50 -42.76
C VAL D 73 29.90 -24.86 -43.80
N GLN D 74 30.50 -25.68 -44.65
CA GLN D 74 31.46 -25.19 -45.65
C GLN D 74 30.84 -24.20 -46.61
N GLN D 75 29.63 -24.52 -47.08
CA GLN D 75 28.86 -23.64 -47.96
C GLN D 75 28.43 -22.31 -47.27
N CYS D 76 28.08 -22.39 -45.97
CA CYS D 76 27.86 -21.18 -45.11
C CYS D 76 29.11 -20.28 -44.94
N ARG D 77 30.20 -20.92 -44.55
CA ARG D 77 31.52 -20.34 -44.38
C ARG D 77 31.99 -19.59 -45.64
N SER D 78 31.70 -20.16 -46.81
CA SER D 78 32.17 -19.54 -48.04
C SER D 78 31.22 -18.44 -48.54
N GLU D 79 29.94 -18.58 -48.23
CA GLU D 79 29.01 -17.56 -48.68
C GLU D 79 28.97 -16.39 -47.74
N TYR D 80 29.27 -16.67 -46.48
CA TYR D 80 29.20 -15.66 -45.43
C TYR D 80 30.52 -15.61 -44.68
N PRO D 81 31.57 -15.08 -45.35
CA PRO D 81 32.89 -15.19 -44.73
C PRO D 81 33.07 -14.24 -43.53
N ASN D 82 32.16 -13.29 -43.34
CA ASN D 82 32.20 -12.41 -42.16
C ASN D 82 31.29 -12.79 -40.98
N CYS D 83 30.65 -13.95 -41.00
CA CYS D 83 29.79 -14.34 -39.91
C CYS D 83 30.38 -15.49 -39.07
N PHE D 84 30.24 -15.38 -37.74
CA PHE D 84 30.56 -16.49 -36.84
C PHE D 84 29.58 -17.60 -37.20
N ILE D 85 30.01 -18.85 -37.12
CA ILE D 85 29.13 -19.98 -37.42
C ILE D 85 29.25 -21.10 -36.40
N ARG D 86 28.15 -21.81 -36.19
CA ARG D 86 28.14 -22.89 -35.26
C ARG D 86 27.20 -24.00 -35.59
N VAL D 87 27.55 -25.14 -35.01
CA VAL D 87 26.78 -26.35 -35.01
C VAL D 87 26.09 -26.58 -33.64
N VAL D 88 24.77 -26.79 -33.69
CA VAL D 88 23.95 -27.17 -32.55
C VAL D 88 23.33 -28.53 -32.85
N ALA D 89 22.76 -29.13 -31.80
CA ALA D 89 22.10 -30.40 -31.90
C ALA D 89 21.06 -30.45 -30.81
N PHE D 90 19.93 -31.06 -31.14
CA PHE D 90 18.73 -31.14 -30.27
C PHE D 90 18.34 -32.57 -29.90
N ASP D 91 17.83 -32.73 -28.70
CA ASP D 91 17.31 -33.99 -28.23
C ASP D 91 15.82 -33.71 -28.23
N ASN D 92 15.13 -34.29 -29.20
CA ASN D 92 13.66 -34.15 -29.40
C ASN D 92 12.72 -34.78 -28.30
N ILE D 93 13.08 -35.97 -27.79
CA ILE D 93 12.51 -36.54 -26.56
C ILE D 93 12.47 -35.44 -25.47
N LYS D 94 13.63 -35.10 -24.90
CA LYS D 94 13.72 -34.13 -23.81
C LYS D 94 13.39 -32.67 -24.18
N GLN D 95 13.18 -32.39 -25.47
CA GLN D 95 12.87 -31.02 -25.93
C GLN D 95 13.91 -29.99 -25.46
N CYS D 96 15.19 -30.36 -25.59
CA CYS D 96 16.28 -29.52 -25.15
C CYS D 96 17.50 -29.64 -26.09
N GLN D 97 18.40 -28.67 -26.00
CA GLN D 97 19.55 -28.61 -26.84
C GLN D 97 20.68 -29.30 -26.08
N VAL D 98 21.37 -30.16 -26.79
CA VAL D 98 22.42 -30.95 -26.15
C VAL D 98 23.76 -30.61 -26.71
N MET D 99 23.81 -29.78 -27.75
CA MET D 99 25.11 -29.32 -28.26
C MET D 99 24.96 -27.94 -28.78
N SER D 100 26.08 -27.23 -28.84
CA SER D 100 26.19 -25.87 -29.38
C SER D 100 27.64 -25.48 -29.34
N PHE D 101 28.33 -25.76 -30.45
CA PHE D 101 29.77 -25.49 -30.58
C PHE D 101 30.22 -24.66 -31.83
N ILE D 102 31.12 -23.73 -31.52
CA ILE D 102 31.58 -22.75 -32.43
C ILE D 102 32.45 -23.48 -33.47
N VAL D 103 32.26 -23.22 -34.76
CA VAL D 103 33.04 -23.91 -35.81
C VAL D 103 33.80 -22.99 -36.72
N TYR D 104 33.45 -21.70 -36.69
CA TYR D 104 34.13 -20.74 -37.55
C TYR D 104 34.00 -19.34 -37.01
N LYS D 105 35.11 -18.59 -37.02
CA LYS D 105 35.09 -17.14 -36.71
C LYS D 105 35.63 -16.38 -37.93
N PRO D 106 35.11 -15.19 -38.26
CA PRO D 106 35.67 -14.32 -39.29
C PRO D 106 37.16 -13.99 -39.15
N THR E 23 -50.76 -8.54 -22.95
CA THR E 23 -49.75 -8.42 -21.82
C THR E 23 -48.20 -8.55 -22.22
N TYR E 24 -47.76 -9.70 -22.72
CA TYR E 24 -46.38 -9.79 -23.22
C TYR E 24 -46.19 -9.74 -24.75
N TYR E 25 -47.29 -9.91 -25.49
CA TYR E 25 -47.32 -9.77 -26.95
C TYR E 25 -48.09 -8.50 -27.26
N THR E 26 -47.40 -7.46 -27.70
CA THR E 26 -48.02 -6.15 -27.98
C THR E 26 -47.53 -5.74 -29.37
N PRO E 27 -48.19 -6.25 -30.42
CA PRO E 27 -47.75 -5.92 -31.79
C PRO E 27 -47.93 -4.43 -32.17
N ASP E 28 -48.55 -3.62 -31.33
CA ASP E 28 -48.62 -2.19 -31.63
C ASP E 28 -47.51 -1.32 -30.96
N TYR E 29 -46.75 -1.91 -30.05
CA TYR E 29 -45.66 -1.17 -29.37
C TYR E 29 -44.63 -0.71 -30.41
N THR E 30 -44.28 0.57 -30.40
CA THR E 30 -43.13 0.95 -31.20
C THR E 30 -41.92 1.23 -30.33
N PRO E 31 -40.79 0.56 -30.61
CA PRO E 31 -39.64 0.53 -29.69
C PRO E 31 -39.05 1.91 -29.53
N LYS E 32 -38.63 2.29 -28.34
CA LYS E 32 -37.87 3.53 -28.21
C LYS E 32 -36.39 3.36 -28.66
N ASP E 33 -35.72 4.45 -28.99
CA ASP E 33 -34.29 4.49 -29.29
C ASP E 33 -33.41 4.07 -28.13
N THR E 34 -33.93 4.14 -26.89
CA THR E 34 -33.19 3.69 -25.77
C THR E 34 -33.47 2.21 -25.44
N ASP E 35 -34.37 1.49 -26.17
CA ASP E 35 -34.66 0.11 -25.80
C ASP E 35 -33.53 -0.80 -26.28
N ILE E 36 -33.26 -1.89 -25.57
CA ILE E 36 -32.49 -2.98 -26.16
C ILE E 36 -33.47 -3.89 -26.89
N LEU E 37 -33.13 -4.24 -28.12
CA LEU E 37 -34.00 -5.12 -28.91
C LEU E 37 -33.26 -6.44 -29.16
N ALA E 38 -34.02 -7.54 -29.12
CA ALA E 38 -33.50 -8.89 -29.37
C ALA E 38 -34.33 -9.55 -30.49
N ALA E 39 -33.67 -10.28 -31.40
CA ALA E 39 -34.37 -11.07 -32.40
C ALA E 39 -34.04 -12.53 -32.15
N PHE E 40 -35.04 -13.26 -31.69
CA PHE E 40 -34.89 -14.68 -31.43
C PHE E 40 -35.51 -15.53 -32.55
N ARG E 41 -34.78 -16.53 -33.04
CA ARG E 41 -35.39 -17.60 -33.82
C ARG E 41 -35.97 -18.69 -32.87
N VAL E 42 -37.29 -18.75 -32.79
CA VAL E 42 -38.05 -19.63 -31.90
C VAL E 42 -38.61 -20.88 -32.66
N THR E 43 -38.38 -22.06 -32.06
CA THR E 43 -39.05 -23.29 -32.48
C THR E 43 -40.02 -23.72 -31.32
N PRO E 44 -41.32 -23.49 -31.50
CA PRO E 44 -42.22 -23.94 -30.41
C PRO E 44 -42.44 -25.43 -30.36
N GLN E 45 -42.75 -25.97 -29.16
CA GLN E 45 -43.18 -27.34 -29.06
C GLN E 45 -44.46 -27.53 -29.95
N PRO E 46 -44.62 -28.73 -30.57
CA PRO E 46 -45.84 -29.02 -31.41
C PRO E 46 -47.11 -28.62 -30.66
N GLY E 47 -48.03 -27.89 -31.29
CA GLY E 47 -49.27 -27.48 -30.62
C GLY E 47 -49.19 -26.19 -29.83
N VAL E 48 -48.05 -25.52 -29.80
CA VAL E 48 -48.00 -24.23 -29.12
C VAL E 48 -48.13 -23.18 -30.20
N PRO E 49 -49.10 -22.28 -30.07
CA PRO E 49 -49.24 -21.35 -31.19
C PRO E 49 -48.15 -20.27 -31.11
N PHE E 50 -47.86 -19.63 -32.24
CA PHE E 50 -46.81 -18.64 -32.30
C PHE E 50 -47.01 -17.54 -31.31
N GLU E 51 -48.25 -17.10 -31.11
CA GLU E 51 -48.46 -15.94 -30.27
C GLU E 51 -48.14 -16.23 -28.81
N GLU E 52 -48.38 -17.45 -28.37
CA GLU E 52 -48.06 -17.84 -26.98
C GLU E 52 -46.56 -18.10 -26.81
N ALA E 53 -45.93 -18.70 -27.80
CA ALA E 53 -44.48 -18.88 -27.70
C ALA E 53 -43.78 -17.51 -27.58
N ALA E 54 -44.24 -16.55 -28.36
CA ALA E 54 -43.64 -15.19 -28.42
C ALA E 54 -43.84 -14.48 -27.11
N ALA E 55 -45.03 -14.54 -26.56
CA ALA E 55 -45.25 -13.93 -25.25
C ALA E 55 -44.34 -14.60 -24.21
N ALA E 56 -44.12 -15.91 -24.35
CA ALA E 56 -43.38 -16.65 -23.37
C ALA E 56 -41.91 -16.25 -23.36
N VAL E 57 -41.35 -16.06 -24.55
CA VAL E 57 -40.02 -15.58 -24.78
C VAL E 57 -39.84 -14.21 -24.11
N ALA E 58 -40.79 -13.32 -24.28
CA ALA E 58 -40.68 -11.97 -23.69
C ALA E 58 -40.82 -12.05 -22.17
N ALA E 59 -41.75 -12.90 -21.71
CA ALA E 59 -41.97 -13.02 -20.26
C ALA E 59 -40.81 -13.70 -19.52
N GLU E 60 -40.36 -14.83 -20.04
CA GLU E 60 -39.29 -15.58 -19.41
C GLU E 60 -37.92 -14.91 -19.53
N SER E 61 -37.78 -13.88 -20.35
CA SER E 61 -36.51 -13.18 -20.37
C SER E 61 -36.67 -11.86 -19.65
N SER E 62 -37.78 -11.67 -18.91
CA SER E 62 -37.96 -10.43 -18.17
C SER E 62 -38.63 -10.63 -16.81
N THR E 63 -39.85 -10.14 -16.66
CA THR E 63 -40.56 -10.19 -15.35
C THR E 63 -41.14 -11.56 -14.98
N GLY E 64 -41.54 -12.37 -15.98
CA GLY E 64 -41.81 -13.80 -15.75
C GLY E 64 -43.13 -14.15 -15.08
N TRP E 70 -48.48 -9.88 -3.64
CA TRP E 70 -48.71 -8.56 -3.00
C TRP E 70 -47.64 -7.50 -3.28
N THR E 71 -46.37 -7.88 -3.22
CA THR E 71 -45.27 -6.97 -3.55
C THR E 71 -45.33 -6.51 -5.02
N ASP E 72 -45.95 -7.35 -5.88
CA ASP E 72 -46.26 -7.03 -7.28
C ASP E 72 -46.98 -5.71 -7.47
N LEU E 73 -47.85 -5.38 -6.52
CA LEU E 73 -48.59 -4.13 -6.60
C LEU E 73 -48.00 -2.98 -5.74
N LEU E 74 -46.80 -3.23 -5.20
CA LEU E 74 -45.89 -2.17 -4.72
C LEU E 74 -45.15 -1.54 -5.90
N THR E 75 -44.91 -2.32 -6.97
CA THR E 75 -44.18 -1.84 -8.16
C THR E 75 -45.06 -1.67 -9.40
N ASP E 76 -44.58 -0.86 -10.34
CA ASP E 76 -45.21 -0.73 -11.64
C ASP E 76 -44.57 -1.71 -12.61
N LEU E 77 -45.07 -2.93 -12.62
CA LEU E 77 -44.47 -3.98 -13.44
C LEU E 77 -44.45 -3.67 -14.95
N ASP E 78 -45.34 -2.79 -15.40
CA ASP E 78 -45.34 -2.38 -16.79
C ASP E 78 -44.01 -1.86 -17.28
N ARG E 79 -43.33 -1.07 -16.47
CA ARG E 79 -42.13 -0.47 -16.99
C ARG E 79 -40.88 -1.36 -16.87
N TYR E 80 -41.02 -2.57 -16.32
CA TYR E 80 -39.88 -3.53 -16.30
C TYR E 80 -40.03 -4.74 -17.23
N LYS E 81 -41.19 -4.89 -17.87
CA LYS E 81 -41.39 -6.06 -18.71
C LYS E 81 -40.75 -5.86 -20.06
N GLY E 82 -40.23 -6.95 -20.62
CA GLY E 82 -39.96 -7.06 -22.08
C GLY E 82 -41.33 -7.27 -22.79
N CYS E 83 -41.45 -6.94 -24.07
CA CYS E 83 -42.60 -7.32 -24.87
C CYS E 83 -42.16 -7.76 -26.25
N CYS E 84 -42.91 -8.68 -26.83
CA CYS E 84 -42.74 -9.02 -28.23
C CYS E 84 -43.54 -7.99 -29.00
N TYR E 85 -42.88 -7.22 -29.84
CA TYR E 85 -43.60 -6.23 -30.60
C TYR E 85 -43.81 -6.71 -32.06
N ASP E 86 -43.24 -7.84 -32.41
CA ASP E 86 -43.40 -8.30 -33.76
C ASP E 86 -43.09 -9.79 -33.87
N ILE E 87 -43.88 -10.50 -34.68
CA ILE E 87 -43.73 -11.93 -34.94
C ILE E 87 -43.58 -12.08 -36.42
N GLU E 88 -42.46 -12.60 -36.89
CA GLU E 88 -42.18 -12.71 -38.32
C GLU E 88 -42.03 -14.17 -38.77
N PRO E 89 -43.02 -14.67 -39.52
CA PRO E 89 -43.01 -16.05 -39.97
C PRO E 89 -41.80 -16.28 -40.90
N LEU E 90 -41.34 -17.52 -40.98
CA LEU E 90 -40.19 -17.83 -41.79
C LEU E 90 -40.49 -18.76 -42.99
N PRO E 91 -40.73 -18.16 -44.20
CA PRO E 91 -41.12 -18.95 -45.38
C PRO E 91 -40.13 -20.10 -45.66
N GLY E 92 -40.68 -21.29 -45.82
CA GLY E 92 -39.86 -22.49 -45.96
C GLY E 92 -39.72 -23.16 -44.61
N GLU E 93 -39.13 -22.47 -43.62
CA GLU E 93 -38.82 -23.14 -42.32
C GLU E 93 -40.02 -23.90 -41.73
N ASP E 94 -39.74 -24.98 -41.01
CA ASP E 94 -40.86 -25.72 -40.38
C ASP E 94 -41.01 -25.31 -38.91
N ASN E 95 -42.17 -24.72 -38.58
CA ASN E 95 -42.48 -24.41 -37.19
C ASN E 95 -41.47 -23.42 -36.57
N GLN E 96 -40.93 -22.49 -37.33
CA GLN E 96 -39.97 -21.50 -36.82
C GLN E 96 -40.47 -20.12 -37.12
N PHE E 97 -40.12 -19.18 -36.27
CA PHE E 97 -40.38 -17.78 -36.57
C PHE E 97 -39.41 -16.89 -35.80
N ILE E 98 -39.33 -15.64 -36.25
CA ILE E 98 -38.63 -14.60 -35.53
C ILE E 98 -39.50 -13.78 -34.61
N ALA E 99 -39.15 -13.78 -33.31
CA ALA E 99 -39.76 -12.94 -32.28
C ALA E 99 -38.86 -11.73 -31.99
N TYR E 100 -39.41 -10.52 -32.09
CA TYR E 100 -38.66 -9.32 -31.75
C TYR E 100 -39.10 -8.84 -30.39
N ILE E 101 -38.15 -8.79 -29.48
CA ILE E 101 -38.40 -8.37 -28.10
C ILE E 101 -37.75 -7.03 -27.80
N ALA E 102 -38.45 -6.20 -27.05
CA ALA E 102 -37.95 -4.91 -26.66
C ALA E 102 -37.80 -4.91 -25.14
N TYR E 103 -36.64 -4.44 -24.64
CA TYR E 103 -36.35 -4.32 -23.20
C TYR E 103 -36.03 -2.87 -22.81
N PRO E 104 -36.62 -2.38 -21.74
CA PRO E 104 -36.36 -1.04 -21.33
C PRO E 104 -34.92 -0.85 -20.82
N LEU E 105 -34.40 0.35 -21.07
CA LEU E 105 -32.99 0.66 -20.78
C LEU E 105 -32.62 0.34 -19.28
N ASP E 106 -33.58 0.65 -18.41
CA ASP E 106 -33.38 0.58 -16.97
C ASP E 106 -33.20 -0.82 -16.45
N LEU E 107 -33.42 -1.85 -17.26
CA LEU E 107 -33.21 -3.22 -16.71
C LEU E 107 -31.73 -3.55 -16.49
N PHE E 108 -30.83 -2.83 -17.15
CA PHE E 108 -29.47 -3.31 -17.35
C PHE E 108 -28.43 -2.49 -16.60
N GLU E 109 -27.44 -3.20 -16.02
CA GLU E 109 -26.38 -2.57 -15.34
C GLU E 109 -25.50 -1.89 -16.37
N GLU E 110 -25.18 -0.63 -16.08
CA GLU E 110 -24.28 0.16 -16.92
C GLU E 110 -22.92 -0.49 -17.14
N GLY E 111 -22.43 -0.57 -18.35
CA GLY E 111 -21.06 -1.12 -18.52
C GLY E 111 -20.90 -2.64 -18.30
N SER E 112 -22.01 -3.38 -18.21
CA SER E 112 -21.92 -4.79 -17.86
C SER E 112 -22.47 -5.74 -18.91
N VAL E 113 -21.60 -6.33 -19.73
CA VAL E 113 -22.01 -7.30 -20.70
C VAL E 113 -22.51 -8.53 -19.95
N THR E 114 -21.85 -8.85 -18.85
CA THR E 114 -22.30 -9.93 -18.03
C THR E 114 -23.77 -9.78 -17.63
N ASN E 115 -24.15 -8.62 -17.13
CA ASN E 115 -25.57 -8.41 -16.71
C ASN E 115 -26.50 -8.39 -17.94
N MET E 116 -26.01 -7.87 -19.09
CA MET E 116 -26.91 -7.84 -20.28
C MET E 116 -27.21 -9.28 -20.74
N LEU E 117 -26.17 -10.11 -20.87
CA LEU E 117 -26.35 -11.51 -21.16
C LEU E 117 -27.18 -12.24 -20.14
N THR E 118 -26.86 -12.07 -18.85
CA THR E 118 -27.65 -12.71 -17.83
C THR E 118 -29.11 -12.36 -18.03
N SER E 119 -29.42 -11.08 -18.18
CA SER E 119 -30.81 -10.64 -18.35
C SER E 119 -31.53 -11.27 -19.57
N ILE E 120 -30.87 -11.27 -20.72
CA ILE E 120 -31.51 -11.64 -21.93
C ILE E 120 -31.52 -13.16 -22.17
N VAL E 121 -30.36 -13.80 -21.99
CA VAL E 121 -30.24 -15.22 -22.24
C VAL E 121 -30.10 -16.08 -21.02
N GLY E 122 -30.32 -15.50 -19.83
CA GLY E 122 -30.07 -16.24 -18.58
C GLY E 122 -30.99 -17.44 -18.41
N ASN E 123 -32.21 -17.28 -18.87
CA ASN E 123 -33.30 -18.10 -18.36
C ASN E 123 -34.09 -18.77 -19.51
N VAL E 124 -34.34 -18.03 -20.57
CA VAL E 124 -35.41 -18.30 -21.49
C VAL E 124 -35.16 -19.59 -22.34
N PHE E 125 -33.89 -19.96 -22.55
CA PHE E 125 -33.58 -21.09 -23.41
C PHE E 125 -34.03 -22.43 -22.83
N GLY E 126 -34.41 -22.48 -21.57
CA GLY E 126 -34.85 -23.80 -21.05
C GLY E 126 -36.35 -23.86 -20.91
N PHE E 127 -37.07 -22.86 -21.41
CA PHE E 127 -38.54 -22.84 -21.17
C PHE E 127 -39.15 -24.03 -21.92
N LYS E 128 -40.05 -24.71 -21.25
CA LYS E 128 -40.58 -25.99 -21.74
C LYS E 128 -41.46 -25.97 -22.96
N ALA E 129 -42.24 -24.91 -23.12
CA ALA E 129 -43.02 -24.72 -24.34
C ALA E 129 -42.19 -24.41 -25.60
N LEU E 130 -40.88 -24.36 -25.49
CA LEU E 130 -40.04 -24.18 -26.69
C LEU E 130 -39.29 -25.44 -26.94
N LYS E 131 -39.23 -25.84 -28.18
CA LYS E 131 -38.40 -26.95 -28.56
C LYS E 131 -36.91 -26.49 -28.76
N ALA E 132 -36.76 -25.30 -29.33
CA ALA E 132 -35.44 -24.70 -29.60
C ALA E 132 -35.58 -23.19 -29.60
N LEU E 133 -34.45 -22.51 -29.42
CA LEU E 133 -34.36 -21.05 -29.35
C LEU E 133 -32.94 -20.60 -29.71
N ARG E 134 -32.85 -19.67 -30.66
CA ARG E 134 -31.52 -19.14 -30.96
C ARG E 134 -31.60 -17.63 -31.00
N LEU E 135 -30.68 -16.97 -30.29
CA LEU E 135 -30.65 -15.50 -30.35
C LEU E 135 -29.86 -15.11 -31.57
N GLU E 136 -30.46 -14.36 -32.48
CA GLU E 136 -29.77 -14.04 -33.70
C GLU E 136 -29.11 -12.65 -33.68
N ASP E 137 -29.68 -11.70 -32.99
CA ASP E 137 -29.17 -10.36 -33.10
C ASP E 137 -29.68 -9.59 -31.91
N LEU E 138 -29.00 -8.46 -31.61
CA LEU E 138 -29.44 -7.52 -30.55
C LEU E 138 -29.19 -6.12 -31.09
N ARG E 139 -30.10 -5.22 -30.83
CA ARG E 139 -29.87 -3.80 -31.13
C ARG E 139 -29.44 -3.09 -29.84
N ILE E 140 -28.16 -2.76 -29.73
CA ILE E 140 -27.69 -2.09 -28.50
C ILE E 140 -27.92 -0.58 -28.71
N PRO E 141 -28.76 0.06 -27.88
CA PRO E 141 -29.03 1.52 -28.03
C PRO E 141 -27.82 2.39 -27.64
N VAL E 142 -27.69 3.52 -28.32
CA VAL E 142 -26.63 4.47 -28.08
C VAL E 142 -26.48 4.84 -26.57
N ALA E 143 -27.60 5.07 -25.89
CA ALA E 143 -27.55 5.45 -24.50
C ALA E 143 -26.93 4.32 -23.64
N TYR E 144 -27.14 3.07 -24.01
CA TYR E 144 -26.47 2.00 -23.27
C TYR E 144 -24.98 1.92 -23.70
N LEU E 145 -24.69 2.03 -25.01
CA LEU E 145 -23.30 1.96 -25.45
C LEU E 145 -22.38 2.97 -24.79
N LYS E 146 -22.89 4.15 -24.48
CA LYS E 146 -22.03 5.19 -23.92
C LYS E 146 -21.53 4.83 -22.49
N THR E 147 -22.16 3.86 -21.83
CA THR E 147 -21.71 3.34 -20.55
C THR E 147 -20.52 2.36 -20.65
N PHE E 148 -20.05 2.03 -21.84
CA PHE E 148 -18.96 1.07 -21.99
C PHE E 148 -17.72 1.74 -22.54
N GLN E 149 -16.58 1.22 -22.18
CA GLN E 149 -15.32 1.67 -22.77
C GLN E 149 -15.25 1.29 -24.26
N GLY E 150 -15.62 0.03 -24.63
CA GLY E 150 -15.36 -0.47 -25.99
C GLY E 150 -13.90 -0.88 -26.11
N PRO E 151 -13.41 -1.11 -27.35
CA PRO E 151 -12.03 -1.55 -27.55
C PRO E 151 -11.09 -0.64 -26.78
N PRO E 152 -10.05 -1.22 -26.23
CA PRO E 152 -9.09 -0.33 -25.56
C PRO E 152 -8.43 0.61 -26.62
N HIS E 153 -8.36 0.21 -27.89
CA HIS E 153 -7.71 1.05 -28.89
C HIS E 153 -8.54 1.19 -30.13
N GLY E 154 -8.81 0.12 -30.89
CA GLY E 154 -9.66 0.25 -32.08
C GLY E 154 -8.74 0.37 -33.28
N ILE E 155 -9.30 0.24 -34.45
CA ILE E 155 -8.55 0.08 -35.71
C ILE E 155 -7.55 1.20 -35.96
N GLN E 156 -8.03 2.45 -35.91
CA GLN E 156 -7.29 3.62 -36.29
C GLN E 156 -6.09 3.88 -35.36
N VAL E 157 -6.35 3.87 -34.05
CA VAL E 157 -5.28 3.99 -33.06
C VAL E 157 -4.31 2.80 -33.16
N GLU E 158 -4.81 1.62 -33.46
CA GLU E 158 -3.90 0.52 -33.51
C GLU E 158 -2.87 0.74 -34.70
N ARG E 159 -3.35 1.17 -35.85
CA ARG E 159 -2.42 1.38 -36.97
C ARG E 159 -1.40 2.49 -36.65
N ASP E 160 -1.85 3.51 -35.93
CA ASP E 160 -1.00 4.62 -35.53
C ASP E 160 0.09 4.14 -34.56
N LYS E 161 -0.25 3.34 -33.57
CA LYS E 161 0.78 2.80 -32.67
C LYS E 161 1.77 1.89 -33.41
N LEU E 162 1.29 1.09 -34.39
CA LEU E 162 2.16 0.10 -35.05
C LEU E 162 2.82 0.65 -36.28
N ASN E 163 2.34 1.82 -36.72
CA ASN E 163 2.88 2.48 -37.90
C ASN E 163 2.61 1.70 -39.19
N LYS E 164 1.47 1.04 -39.30
CA LYS E 164 1.25 0.21 -40.46
C LYS E 164 -0.02 0.67 -41.17
N TYR E 165 0.16 1.15 -42.41
CA TYR E 165 -0.95 1.73 -43.17
C TYR E 165 -1.11 1.08 -44.55
N GLY E 166 -2.36 1.06 -45.03
CA GLY E 166 -2.67 0.77 -46.45
C GLY E 166 -2.65 -0.71 -46.83
N ARG E 167 -2.72 -1.58 -45.81
CA ARG E 167 -2.70 -3.00 -46.05
C ARG E 167 -3.19 -3.79 -44.85
N PRO E 168 -3.70 -4.99 -45.10
CA PRO E 168 -3.93 -5.95 -44.03
C PRO E 168 -2.66 -6.24 -43.23
N LEU E 169 -2.81 -6.61 -41.97
CA LEU E 169 -1.67 -7.11 -41.21
C LEU E 169 -1.53 -8.61 -41.40
N LEU E 170 -0.32 -9.11 -41.17
CA LEU E 170 -0.02 -10.54 -41.33
C LEU E 170 0.48 -11.21 -40.07
N GLY E 171 -0.05 -12.39 -39.76
CA GLY E 171 0.39 -13.21 -38.64
C GLY E 171 0.58 -14.67 -39.04
N CYS E 172 1.36 -15.42 -38.25
CA CYS E 172 1.54 -16.87 -38.43
C CYS E 172 1.23 -17.45 -37.06
N THR E 173 0.65 -18.63 -36.99
CA THR E 173 0.58 -19.34 -35.69
C THR E 173 1.78 -20.25 -35.59
N ILE E 174 2.33 -20.46 -34.41
CA ILE E 174 3.49 -21.30 -34.25
C ILE E 174 3.09 -22.77 -34.17
N LYS E 175 3.82 -23.63 -34.84
CA LYS E 175 3.57 -25.08 -34.82
C LYS E 175 4.81 -25.92 -34.46
N PRO E 176 4.66 -26.99 -33.65
CA PRO E 176 3.44 -27.55 -33.07
C PRO E 176 2.79 -26.62 -32.05
N LYS E 177 1.50 -26.84 -31.82
CA LYS E 177 0.70 -26.06 -30.85
C LYS E 177 1.35 -26.11 -29.48
N LEU E 178 1.58 -27.32 -29.00
CA LEU E 178 2.12 -27.57 -27.65
C LEU E 178 3.34 -28.45 -27.74
N GLY E 179 4.29 -28.22 -26.85
CA GLY E 179 5.41 -29.13 -26.71
C GLY E 179 6.73 -28.45 -26.83
N LEU E 180 6.84 -27.36 -27.56
CA LEU E 180 8.13 -26.66 -27.63
C LEU E 180 8.52 -26.06 -26.27
N SER E 181 9.81 -26.09 -25.95
CA SER E 181 10.30 -25.42 -24.76
C SER E 181 10.20 -23.93 -25.06
N ALA E 182 10.19 -23.11 -24.02
CA ALA E 182 10.09 -21.64 -24.22
C ALA E 182 11.15 -21.12 -25.23
N LYS E 183 12.40 -21.53 -25.06
CA LYS E 183 13.50 -21.09 -25.94
C LYS E 183 13.31 -21.51 -27.43
N ASN E 184 12.84 -22.76 -27.64
CA ASN E 184 12.62 -23.28 -29.00
C ASN E 184 11.44 -22.53 -29.61
N TYR E 185 10.43 -22.31 -28.80
CA TYR E 185 9.31 -21.46 -29.19
C TYR E 185 9.77 -20.10 -29.65
N GLY E 186 10.52 -19.38 -28.82
CA GLY E 186 11.07 -18.11 -29.27
C GLY E 186 11.85 -18.15 -30.61
N ARG E 187 12.62 -19.21 -30.86
CA ARG E 187 13.39 -19.36 -32.12
C ARG E 187 12.42 -19.39 -33.29
N ALA E 188 11.34 -20.15 -33.18
CA ALA E 188 10.33 -20.15 -34.22
C ALA E 188 9.72 -18.73 -34.45
N VAL E 189 9.51 -18.00 -33.36
CA VAL E 189 8.88 -16.70 -33.47
C VAL E 189 9.86 -15.77 -34.17
N TYR E 190 11.10 -15.80 -33.75
CA TYR E 190 12.08 -14.96 -34.43
C TYR E 190 12.08 -15.19 -35.96
N GLU E 191 12.08 -16.45 -36.36
CA GLU E 191 12.27 -16.77 -37.78
C GLU E 191 11.06 -16.31 -38.59
N CYS E 192 9.86 -16.53 -38.05
CA CYS E 192 8.63 -16.01 -38.65
C CYS E 192 8.61 -14.51 -38.80
N LEU E 193 8.87 -13.80 -37.72
CA LEU E 193 8.83 -12.37 -37.74
C LEU E 193 9.82 -11.75 -38.71
N ARG E 194 11.05 -12.30 -38.75
CA ARG E 194 12.16 -11.67 -39.44
C ARG E 194 11.90 -11.84 -40.97
N GLY E 195 11.03 -12.81 -41.32
CA GLY E 195 10.62 -13.07 -42.70
C GLY E 195 9.67 -11.99 -43.23
N GLY E 196 9.13 -11.10 -42.38
CA GLY E 196 8.15 -10.10 -42.89
C GLY E 196 6.69 -10.17 -42.38
N LEU E 197 6.38 -11.13 -41.51
CA LEU E 197 5.08 -11.07 -40.79
C LEU E 197 5.10 -10.01 -39.73
N ASP E 198 3.96 -9.40 -39.46
CA ASP E 198 3.85 -8.40 -38.39
C ASP E 198 3.75 -9.06 -36.98
N PHE E 199 2.99 -10.15 -36.93
CA PHE E 199 2.63 -10.81 -35.66
C PHE E 199 2.86 -12.33 -35.68
N THR E 200 3.24 -12.89 -34.54
CA THR E 200 3.04 -14.32 -34.30
C THR E 200 2.03 -14.45 -33.18
N LYS E 201 1.57 -15.66 -32.92
CA LYS E 201 0.45 -15.87 -32.03
C LYS E 201 0.71 -17.10 -31.09
N ASP E 202 0.49 -16.96 -29.77
CA ASP E 202 0.30 -18.14 -28.89
C ASP E 202 -0.95 -18.91 -29.32
N ASP E 203 -0.89 -20.24 -29.20
CA ASP E 203 -2.08 -21.06 -29.24
C ASP E 203 -3.01 -20.80 -28.07
N GLU E 204 -4.30 -20.96 -28.27
CA GLU E 204 -5.25 -20.69 -27.23
C GLU E 204 -5.12 -21.70 -26.07
N ASN E 205 -4.47 -22.85 -26.31
CA ASN E 205 -4.26 -23.85 -25.29
C ASN E 205 -3.07 -23.55 -24.39
N ILE E 206 -2.21 -22.65 -24.83
CA ILE E 206 -0.96 -22.38 -24.16
C ILE E 206 -1.20 -21.26 -23.16
N ASN E 207 -1.15 -21.63 -21.87
CA ASN E 207 -1.31 -20.67 -20.81
C ASN E 207 -0.04 -20.82 -19.99
N SER E 208 -0.05 -21.69 -18.98
CA SER E 208 1.22 -22.06 -18.37
C SER E 208 1.14 -23.57 -18.03
N GLN E 209 2.12 -24.36 -18.42
CA GLN E 209 2.00 -25.81 -18.33
C GLN E 209 3.37 -26.40 -17.98
N PRO E 210 3.37 -27.67 -17.53
CA PRO E 210 4.63 -28.30 -17.17
C PRO E 210 5.72 -28.19 -18.25
N PHE E 211 5.38 -28.42 -19.53
CA PHE E 211 6.38 -28.31 -20.59
C PHE E 211 6.77 -26.86 -20.94
N GLN E 212 6.11 -25.87 -20.37
CA GLN E 212 6.41 -24.50 -20.78
C GLN E 212 5.71 -23.54 -19.85
N ARG E 213 6.47 -22.99 -18.90
CA ARG E 213 5.87 -22.04 -17.97
C ARG E 213 5.76 -20.63 -18.59
N TRP E 214 4.72 -19.91 -18.23
CA TRP E 214 4.42 -18.63 -18.97
C TRP E 214 5.58 -17.62 -18.90
N ARG E 215 6.21 -17.50 -17.73
CA ARG E 215 7.20 -16.43 -17.61
C ARG E 215 8.44 -16.66 -18.52
N ASP E 216 8.83 -17.92 -18.66
CA ASP E 216 9.91 -18.26 -19.59
C ASP E 216 9.49 -17.95 -21.03
N ARG E 217 8.26 -18.31 -21.38
CA ARG E 217 7.79 -18.04 -22.71
C ARG E 217 7.83 -16.52 -22.95
N PHE E 218 7.14 -15.72 -22.08
CA PHE E 218 7.14 -14.26 -22.29
C PHE E 218 8.56 -13.73 -22.50
N LEU E 219 9.49 -14.24 -21.71
CA LEU E 219 10.84 -13.71 -21.81
C LEU E 219 11.58 -14.03 -23.16
N PHE E 220 11.42 -15.23 -23.64
CA PHE E 220 12.14 -15.63 -24.86
C PHE E 220 11.47 -15.10 -26.13
N VAL E 221 10.15 -14.94 -26.03
CA VAL E 221 9.39 -14.26 -27.08
C VAL E 221 9.81 -12.78 -27.22
N ALA E 222 10.03 -12.09 -26.09
CA ALA E 222 10.46 -10.70 -26.13
C ALA E 222 11.82 -10.60 -26.79
N ASP E 223 12.71 -11.56 -26.51
CA ASP E 223 14.05 -11.53 -27.14
C ASP E 223 13.89 -11.71 -28.68
N ALA E 224 13.01 -12.61 -29.09
CA ALA E 224 12.74 -12.89 -30.51
C ALA E 224 12.24 -11.64 -31.24
N ILE E 225 11.21 -10.99 -30.67
CA ILE E 225 10.78 -9.67 -31.16
C ILE E 225 11.88 -8.63 -31.22
N HIS E 226 12.67 -8.52 -30.18
CA HIS E 226 13.66 -7.48 -30.22
C HIS E 226 14.65 -7.71 -31.43
N LYS E 227 15.11 -8.92 -31.60
CA LYS E 227 16.02 -9.27 -32.67
C LYS E 227 15.34 -9.05 -34.06
N ALA E 228 14.15 -9.63 -34.29
CA ALA E 228 13.44 -9.38 -35.55
C ALA E 228 13.15 -7.91 -35.83
N GLN E 229 12.82 -7.16 -34.78
CA GLN E 229 12.48 -5.75 -34.98
C GLN E 229 13.71 -4.95 -35.38
N ALA E 230 14.85 -5.28 -34.75
CA ALA E 230 16.12 -4.62 -35.06
C ALA E 230 16.64 -4.99 -36.48
N GLU E 231 16.55 -6.25 -36.85
CA GLU E 231 16.98 -6.67 -38.20
C GLU E 231 16.09 -6.11 -39.34
N THR E 232 14.78 -6.10 -39.15
CA THR E 232 13.90 -5.61 -40.18
C THR E 232 13.63 -4.11 -40.23
N GLY E 233 13.84 -3.38 -39.15
CA GLY E 233 13.32 -2.00 -39.08
C GLY E 233 11.80 -1.83 -39.08
N GLU E 234 11.07 -2.92 -38.80
CA GLU E 234 9.58 -2.84 -38.70
C GLU E 234 9.09 -3.29 -37.30
N ILE E 235 8.10 -2.59 -36.73
CA ILE E 235 7.51 -2.98 -35.48
C ILE E 235 6.94 -4.40 -35.55
N LYS E 236 7.33 -5.23 -34.58
CA LYS E 236 6.89 -6.62 -34.49
C LYS E 236 6.08 -6.90 -33.20
N GLY E 237 5.23 -7.90 -33.21
CA GLY E 237 4.50 -8.23 -31.96
C GLY E 237 4.20 -9.70 -31.94
N HIS E 238 3.76 -10.20 -30.80
CA HIS E 238 3.39 -11.59 -30.67
C HIS E 238 2.21 -11.62 -29.65
N TYR E 239 1.07 -12.20 -30.01
CA TYR E 239 -0.03 -12.22 -29.06
C TYR E 239 0.27 -13.18 -27.93
N LEU E 240 0.85 -12.64 -26.86
CA LEU E 240 1.18 -13.39 -25.64
C LEU E 240 -0.12 -13.72 -24.92
N ASN E 241 -0.40 -15.00 -24.74
CA ASN E 241 -1.69 -15.38 -24.08
C ASN E 241 -1.68 -15.20 -22.57
N VAL E 242 -2.54 -14.35 -22.03
CA VAL E 242 -2.61 -14.10 -20.58
C VAL E 242 -3.83 -14.78 -19.92
N THR E 243 -4.57 -15.57 -20.72
CA THR E 243 -5.64 -16.35 -20.18
C THR E 243 -5.12 -17.19 -19.01
N ALA E 244 -5.88 -17.15 -17.91
CA ALA E 244 -5.37 -17.59 -16.62
C ALA E 244 -6.47 -18.13 -15.70
N PRO E 245 -6.08 -18.83 -14.61
CA PRO E 245 -7.10 -19.39 -13.73
C PRO E 245 -7.91 -18.35 -12.94
N THR E 246 -7.30 -17.21 -12.57
CA THR E 246 -7.90 -16.18 -11.75
C THR E 246 -7.60 -14.85 -12.39
N CYS E 247 -8.40 -13.84 -12.11
CA CYS E 247 -8.08 -12.45 -12.50
C CYS E 247 -6.76 -11.92 -12.01
N GLU E 248 -6.39 -12.23 -10.77
CA GLU E 248 -5.08 -11.81 -10.27
C GLU E 248 -3.98 -12.36 -11.18
N GLU E 249 -4.08 -13.62 -11.52
CA GLU E 249 -3.00 -14.28 -12.29
C GLU E 249 -2.97 -13.73 -13.75
N MET E 250 -4.15 -13.50 -14.33
CA MET E 250 -4.28 -12.84 -15.64
C MET E 250 -3.61 -11.47 -15.64
N LEU E 251 -3.88 -10.69 -14.59
CA LEU E 251 -3.36 -9.34 -14.54
C LEU E 251 -1.83 -9.35 -14.33
N LYS E 252 -1.32 -10.32 -13.57
CA LYS E 252 0.08 -10.49 -13.37
C LYS E 252 0.85 -10.86 -14.71
N ARG E 253 0.23 -11.66 -15.55
CA ARG E 253 0.79 -11.98 -16.86
C ARG E 253 0.79 -10.75 -17.79
N ALA E 254 -0.31 -9.98 -17.74
CA ALA E 254 -0.45 -8.73 -18.50
C ALA E 254 0.61 -7.71 -18.09
N GLU E 255 0.88 -7.63 -16.78
CA GLU E 255 1.85 -6.64 -16.24
C GLU E 255 3.26 -7.03 -16.65
N PHE E 256 3.54 -8.31 -16.67
CA PHE E 256 4.88 -8.74 -17.14
C PHE E 256 5.09 -8.47 -18.66
N ALA E 257 4.07 -8.69 -19.48
CA ALA E 257 4.17 -8.32 -20.90
C ALA E 257 4.46 -6.81 -21.03
N LYS E 258 3.72 -6.01 -20.25
CA LYS E 258 3.94 -4.54 -20.14
C LYS E 258 5.38 -4.25 -19.72
N GLU E 259 5.88 -4.93 -18.69
CA GLU E 259 7.25 -4.70 -18.20
C GLU E 259 8.27 -5.01 -19.32
N LEU E 260 7.95 -5.99 -20.17
CA LEU E 260 8.81 -6.36 -21.27
C LEU E 260 8.60 -5.44 -22.50
N GLU E 261 7.71 -4.47 -22.41
CA GLU E 261 7.42 -3.54 -23.51
C GLU E 261 6.83 -4.26 -24.72
N MET E 262 6.01 -5.29 -24.45
CA MET E 262 5.27 -5.96 -25.55
C MET E 262 4.10 -5.08 -25.97
N PRO E 263 3.90 -4.90 -27.29
CA PRO E 263 2.78 -4.12 -27.76
C PRO E 263 1.43 -4.80 -27.69
N ILE E 264 1.37 -6.12 -27.58
CA ILE E 264 0.07 -6.81 -27.73
C ILE E 264 0.01 -8.09 -26.91
N ILE E 265 -1.17 -8.44 -26.40
CA ILE E 265 -1.41 -9.65 -25.70
C ILE E 265 -2.73 -10.23 -26.19
N MET E 266 -3.04 -11.42 -25.69
CA MET E 266 -4.15 -12.20 -26.16
C MET E 266 -5.03 -12.70 -24.99
N HIS E 267 -6.33 -12.80 -25.24
CA HIS E 267 -7.24 -13.36 -24.27
C HIS E 267 -8.32 -14.24 -24.94
N ASP E 268 -8.60 -15.42 -24.33
CA ASP E 268 -9.75 -16.29 -24.66
C ASP E 268 -11.02 -15.77 -23.97
N PHE E 269 -11.75 -14.85 -24.61
CA PHE E 269 -12.85 -14.21 -23.93
C PHE E 269 -13.98 -15.11 -23.49
N LEU E 270 -14.27 -16.21 -24.17
CA LEU E 270 -15.48 -17.01 -23.75
C LEU E 270 -15.16 -18.04 -22.67
N THR E 271 -14.00 -18.65 -22.73
CA THR E 271 -13.71 -19.66 -21.71
C THR E 271 -13.24 -18.90 -20.46
N ALA E 272 -12.60 -17.75 -20.60
CA ALA E 272 -12.27 -16.96 -19.37
C ALA E 272 -13.51 -16.28 -18.84
N GLY E 273 -14.37 -15.72 -19.72
CA GLY E 273 -15.57 -15.01 -19.27
C GLY E 273 -15.53 -13.49 -19.41
N PHE E 274 -16.70 -12.86 -19.44
CA PHE E 274 -16.81 -11.44 -19.74
C PHE E 274 -16.41 -10.53 -18.58
N THR E 275 -16.64 -11.00 -17.33
CA THR E 275 -16.09 -10.35 -16.19
C THR E 275 -14.54 -10.17 -16.25
N ALA E 276 -13.83 -11.25 -16.49
CA ALA E 276 -12.35 -11.22 -16.64
C ALA E 276 -11.98 -10.33 -17.85
N ASN E 277 -12.62 -10.57 -18.98
CA ASN E 277 -12.35 -9.81 -20.22
C ASN E 277 -12.52 -8.31 -20.04
N THR E 278 -13.62 -7.89 -19.39
CA THR E 278 -13.88 -6.48 -19.21
C THR E 278 -12.78 -5.92 -18.26
N THR E 279 -12.39 -6.67 -17.22
CA THR E 279 -11.27 -6.26 -16.40
C THR E 279 -10.02 -6.04 -17.25
N LEU E 280 -9.73 -6.97 -18.12
CA LEU E 280 -8.49 -6.89 -18.91
C LEU E 280 -8.53 -5.73 -19.94
N SER E 281 -9.71 -5.57 -20.55
CA SER E 281 -9.91 -4.53 -21.51
C SER E 281 -9.68 -3.14 -20.88
N LYS E 282 -10.20 -2.88 -19.69
CA LYS E 282 -9.88 -1.62 -19.00
C LYS E 282 -8.38 -1.46 -18.71
N TRP E 283 -7.73 -2.55 -18.26
CA TRP E 283 -6.32 -2.58 -17.96
C TRP E 283 -5.53 -2.28 -19.22
N CYS E 284 -5.93 -2.85 -20.34
CA CYS E 284 -5.23 -2.57 -21.64
C CYS E 284 -5.26 -1.03 -22.05
N ARG E 285 -6.44 -0.43 -21.89
CA ARG E 285 -6.68 0.99 -22.09
C ARG E 285 -5.77 1.83 -21.14
N ASP E 286 -5.78 1.52 -19.84
CA ASP E 286 -4.91 2.16 -18.83
C ASP E 286 -3.41 2.03 -19.11
N ASN E 287 -3.00 0.96 -19.80
CA ASN E 287 -1.62 0.71 -20.00
C ASN E 287 -1.08 0.82 -21.44
N GLY E 288 -1.90 1.25 -22.39
CA GLY E 288 -1.51 1.24 -23.81
C GLY E 288 -1.28 -0.09 -24.52
N MET E 289 -1.86 -1.17 -24.04
CA MET E 289 -1.57 -2.50 -24.59
C MET E 289 -2.64 -2.88 -25.61
N LEU E 290 -2.24 -3.31 -26.80
CA LEU E 290 -3.25 -3.90 -27.76
C LEU E 290 -3.81 -5.28 -27.31
N LEU E 291 -5.07 -5.52 -27.55
CA LEU E 291 -5.74 -6.73 -27.08
C LEU E 291 -6.33 -7.56 -28.24
N HIS E 292 -5.72 -8.70 -28.48
CA HIS E 292 -6.14 -9.70 -29.45
C HIS E 292 -7.10 -10.70 -28.79
N ILE E 293 -8.29 -10.88 -29.34
CA ILE E 293 -9.28 -11.74 -28.69
C ILE E 293 -9.48 -13.03 -29.51
N HIS E 294 -9.36 -14.20 -28.86
CA HIS E 294 -9.48 -15.51 -29.50
C HIS E 294 -10.85 -16.02 -29.02
N ARG E 295 -11.55 -16.76 -29.88
CA ARG E 295 -12.95 -17.11 -29.65
C ARG E 295 -13.15 -18.60 -29.40
N ALA E 296 -12.09 -19.27 -28.92
CA ALA E 296 -12.19 -20.61 -28.33
C ALA E 296 -13.54 -20.83 -27.65
N MET E 297 -14.15 -21.96 -28.02
CA MET E 297 -15.45 -22.42 -27.53
C MET E 297 -16.67 -21.88 -28.23
N HIS E 298 -16.49 -20.95 -29.16
CA HIS E 298 -17.69 -20.28 -29.75
C HIS E 298 -18.67 -21.30 -30.41
N ALA E 299 -18.16 -22.35 -31.03
CA ALA E 299 -19.02 -23.31 -31.73
C ALA E 299 -19.87 -24.18 -30.87
N VAL E 300 -19.67 -24.15 -29.57
CA VAL E 300 -20.47 -24.89 -28.63
C VAL E 300 -21.84 -24.26 -28.59
N MET E 301 -21.89 -22.92 -28.73
CA MET E 301 -23.15 -22.18 -28.73
C MET E 301 -23.58 -21.68 -30.10
N ASP E 302 -22.64 -21.49 -31.01
CA ASP E 302 -22.94 -20.63 -32.12
C ASP E 302 -23.07 -21.32 -33.47
N ARG E 303 -22.88 -22.63 -33.48
CA ARG E 303 -22.86 -23.43 -34.68
C ARG E 303 -24.25 -23.93 -35.17
N GLN E 304 -25.08 -24.52 -34.33
CA GLN E 304 -26.38 -25.06 -34.76
C GLN E 304 -27.39 -23.97 -35.13
N LYS E 305 -28.04 -24.15 -36.28
CA LYS E 305 -29.01 -23.13 -36.75
C LYS E 305 -30.25 -22.98 -35.87
N ASN E 306 -30.66 -24.02 -35.16
CA ASN E 306 -31.90 -23.93 -34.38
C ASN E 306 -31.75 -23.45 -32.93
N HIS E 307 -30.54 -23.50 -32.38
CA HIS E 307 -30.40 -23.27 -30.93
C HIS E 307 -29.03 -22.64 -30.57
N GLY E 308 -29.02 -21.65 -29.70
CA GLY E 308 -27.77 -21.12 -29.18
C GLY E 308 -27.78 -19.65 -29.41
N ILE E 309 -26.62 -19.09 -29.65
CA ILE E 309 -26.51 -17.65 -29.81
C ILE E 309 -25.65 -17.44 -31.02
N HIS E 310 -26.09 -16.64 -31.96
CA HIS E 310 -25.30 -16.43 -33.18
C HIS E 310 -23.96 -15.72 -32.86
N PHE E 311 -22.91 -16.07 -33.56
CA PHE E 311 -21.65 -15.35 -33.30
C PHE E 311 -21.73 -13.82 -33.35
N ARG E 312 -22.54 -13.26 -34.23
CA ARG E 312 -22.62 -11.79 -34.34
C ARG E 312 -23.05 -11.16 -33.00
N VAL E 313 -23.89 -11.85 -32.21
CA VAL E 313 -24.23 -11.38 -30.89
C VAL E 313 -22.97 -11.39 -29.93
N LEU E 314 -22.23 -12.50 -29.93
CA LEU E 314 -21.00 -12.62 -29.12
C LEU E 314 -20.00 -11.55 -29.60
N ALA E 315 -20.05 -11.27 -30.89
CA ALA E 315 -19.15 -10.27 -31.43
C ALA E 315 -19.48 -8.86 -30.96
N LYS E 316 -20.75 -8.49 -30.93
CA LYS E 316 -21.15 -7.18 -30.47
C LYS E 316 -20.78 -7.10 -28.97
N CYS E 317 -21.11 -8.12 -28.21
CA CYS E 317 -20.69 -8.16 -26.78
C CYS E 317 -19.17 -7.94 -26.62
N LEU E 318 -18.36 -8.58 -27.44
CA LEU E 318 -16.93 -8.44 -27.31
C LEU E 318 -16.51 -7.00 -27.61
N ARG E 319 -17.11 -6.36 -28.64
CA ARG E 319 -16.78 -4.97 -28.96
C ARG E 319 -17.08 -4.07 -27.74
N MET E 320 -18.19 -4.31 -27.10
CA MET E 320 -18.59 -3.57 -25.93
C MET E 320 -17.65 -3.77 -24.72
N SER E 321 -17.29 -5.00 -24.45
CA SER E 321 -16.44 -5.32 -23.31
C SER E 321 -15.06 -4.79 -23.69
N GLY E 322 -14.60 -5.18 -24.86
CA GLY E 322 -13.43 -4.59 -25.44
C GLY E 322 -12.45 -5.61 -26.00
N GLY E 323 -12.02 -5.42 -27.23
CA GLY E 323 -10.86 -6.08 -27.78
C GLY E 323 -10.44 -5.27 -29.00
N ASP E 324 -9.17 -5.37 -29.41
CA ASP E 324 -8.74 -4.59 -30.58
C ASP E 324 -8.76 -5.47 -31.86
N HIS E 325 -8.59 -6.80 -31.69
CA HIS E 325 -8.75 -7.81 -32.78
C HIS E 325 -9.72 -8.86 -32.30
N ILE E 326 -10.46 -9.48 -33.22
CA ILE E 326 -11.15 -10.72 -33.00
C ILE E 326 -11.13 -11.65 -34.21
N HIS E 327 -10.91 -12.95 -33.97
CA HIS E 327 -11.18 -13.98 -34.98
C HIS E 327 -12.63 -13.98 -35.55
N THR E 328 -12.73 -13.90 -36.86
CA THR E 328 -14.03 -13.85 -37.53
C THR E 328 -14.25 -15.05 -38.47
N GLY E 329 -13.33 -16.00 -38.50
CA GLY E 329 -13.49 -17.20 -39.29
C GLY E 329 -12.93 -16.90 -40.64
N THR E 330 -12.72 -17.95 -41.43
CA THR E 330 -12.28 -17.80 -42.83
C THR E 330 -13.45 -17.68 -43.81
N VAL E 331 -13.15 -17.23 -45.03
CA VAL E 331 -14.18 -17.21 -46.05
C VAL E 331 -13.92 -18.25 -47.16
N VAL E 332 -12.74 -18.85 -47.14
CA VAL E 332 -12.32 -19.87 -48.10
C VAL E 332 -13.10 -21.17 -48.00
N GLY E 333 -13.48 -21.71 -49.16
CA GLY E 333 -14.34 -22.91 -49.27
C GLY E 333 -15.72 -22.79 -48.61
N LYS E 334 -16.30 -21.59 -48.63
CA LYS E 334 -17.65 -21.37 -48.08
C LYS E 334 -18.61 -20.86 -49.15
N LEU E 335 -19.85 -21.34 -49.12
CA LEU E 335 -20.97 -20.82 -49.95
C LEU E 335 -21.11 -19.31 -49.91
N GLU E 336 -21.57 -18.71 -51.02
CA GLU E 336 -21.77 -17.25 -51.05
C GLU E 336 -22.68 -16.68 -49.98
N GLY E 337 -23.61 -17.49 -49.46
CA GLY E 337 -24.51 -17.06 -48.42
C GLY E 337 -23.86 -17.06 -47.05
N ASP E 338 -22.93 -18.00 -46.81
CA ASP E 338 -22.18 -18.02 -45.54
C ASP E 338 -21.23 -16.86 -45.57
N LYS E 339 -20.62 -16.63 -46.72
CA LYS E 339 -19.75 -15.50 -46.92
C LYS E 339 -20.44 -14.14 -46.61
N ALA E 340 -21.67 -13.94 -47.05
CA ALA E 340 -22.39 -12.71 -46.83
C ALA E 340 -22.69 -12.50 -45.36
N VAL E 341 -23.03 -13.55 -44.65
CA VAL E 341 -23.25 -13.54 -43.22
C VAL E 341 -21.96 -13.08 -42.44
N THR E 342 -20.81 -13.65 -42.80
CA THR E 342 -19.51 -13.29 -42.23
C THR E 342 -19.21 -11.82 -42.48
N LEU E 343 -19.40 -11.38 -43.72
CA LEU E 343 -19.18 -9.96 -44.04
C LEU E 343 -20.16 -9.07 -43.26
N GLY E 344 -21.40 -9.52 -43.05
CA GLY E 344 -22.31 -8.80 -42.22
C GLY E 344 -21.74 -8.55 -40.83
N PHE E 345 -21.26 -9.60 -40.15
CA PHE E 345 -20.77 -9.37 -38.83
C PHE E 345 -19.36 -8.70 -38.80
N VAL E 346 -18.62 -8.82 -39.88
CA VAL E 346 -17.44 -8.06 -39.99
C VAL E 346 -17.73 -6.56 -40.06
N ASP E 347 -18.67 -6.15 -40.89
CA ASP E 347 -19.14 -4.74 -40.76
C ASP E 347 -19.63 -4.32 -39.36
N LEU E 348 -20.40 -5.17 -38.70
CA LEU E 348 -20.82 -4.90 -37.28
C LEU E 348 -19.63 -4.71 -36.35
N LEU E 349 -18.50 -5.38 -36.62
CA LEU E 349 -17.31 -5.21 -35.79
C LEU E 349 -16.51 -3.95 -36.11
N ARG E 350 -16.49 -3.52 -37.37
CA ARG E 350 -15.58 -2.48 -37.78
C ARG E 350 -16.24 -1.11 -37.99
N GLU E 351 -17.46 -1.05 -38.49
CA GLU E 351 -18.04 0.23 -38.90
C GLU E 351 -18.71 0.99 -37.78
N ASN E 352 -18.93 2.26 -38.03
CA ASN E 352 -19.70 3.09 -37.12
C ASN E 352 -21.22 2.90 -37.22
N TYR E 353 -21.72 2.68 -38.44
CA TYR E 353 -23.13 2.64 -38.64
C TYR E 353 -23.44 1.51 -39.64
N ILE E 354 -24.28 0.56 -39.23
CA ILE E 354 -24.59 -0.59 -40.08
C ILE E 354 -26.12 -0.67 -40.27
N GLU E 355 -26.52 -0.58 -41.51
CA GLU E 355 -27.93 -0.53 -41.87
C GLU E 355 -28.51 -1.95 -41.76
N GLN E 356 -29.71 -2.07 -41.26
CA GLN E 356 -30.42 -3.34 -41.33
C GLN E 356 -30.30 -4.01 -42.73
N ASP E 357 -30.02 -5.32 -42.75
CA ASP E 357 -29.82 -6.03 -44.02
C ASP E 357 -29.85 -7.57 -43.85
N ARG E 358 -31.04 -8.14 -44.00
CA ARG E 358 -31.27 -9.55 -43.72
C ARG E 358 -30.57 -10.50 -44.69
N SER E 359 -30.24 -10.01 -45.89
CA SER E 359 -29.50 -10.82 -46.82
C SER E 359 -28.06 -11.07 -46.30
N ARG E 360 -27.66 -10.28 -45.32
CA ARG E 360 -26.40 -10.53 -44.65
C ARG E 360 -26.56 -10.85 -43.14
N GLY E 361 -27.75 -11.24 -42.70
CA GLY E 361 -28.00 -11.58 -41.29
C GLY E 361 -27.96 -10.40 -40.32
N ILE E 362 -28.05 -9.17 -40.84
CA ILE E 362 -28.22 -8.01 -39.96
C ILE E 362 -29.71 -7.74 -39.69
N TYR E 363 -30.19 -8.09 -38.49
CA TYR E 363 -31.61 -7.95 -38.12
C TYR E 363 -32.02 -6.54 -37.77
N PHE E 364 -31.09 -5.75 -37.23
CA PHE E 364 -31.33 -4.38 -36.85
C PHE E 364 -30.23 -3.47 -37.38
N THR E 365 -30.61 -2.21 -37.56
CA THR E 365 -29.69 -1.12 -37.79
C THR E 365 -28.97 -0.92 -36.48
N GLN E 366 -27.63 -0.79 -36.56
CA GLN E 366 -26.81 -0.66 -35.36
C GLN E 366 -25.96 0.61 -35.50
N ASP E 367 -26.10 1.52 -34.56
CA ASP E 367 -25.34 2.74 -34.59
C ASP E 367 -24.31 2.59 -33.46
N TRP E 368 -23.01 2.69 -33.73
CA TRP E 368 -22.04 2.48 -32.63
C TRP E 368 -21.56 3.76 -31.89
N ALA E 369 -22.01 4.94 -32.37
CA ALA E 369 -21.83 6.22 -31.63
C ALA E 369 -20.38 6.47 -31.34
N SER E 370 -19.55 6.28 -32.36
CA SER E 370 -18.10 6.49 -32.28
C SER E 370 -17.30 5.51 -31.40
N MET E 371 -17.93 4.45 -30.90
CA MET E 371 -17.16 3.39 -30.25
C MET E 371 -16.23 2.81 -31.33
N PRO E 372 -14.93 2.70 -31.01
CA PRO E 372 -13.99 2.24 -32.05
C PRO E 372 -14.31 0.83 -32.60
N GLY E 373 -13.90 0.56 -33.85
CA GLY E 373 -14.05 -0.69 -34.50
C GLY E 373 -12.94 -1.62 -34.06
N VAL E 374 -13.19 -2.92 -34.26
CA VAL E 374 -12.26 -4.00 -33.94
C VAL E 374 -11.70 -4.62 -35.24
N MET E 375 -10.40 -4.93 -35.32
CA MET E 375 -9.85 -5.60 -36.51
C MET E 375 -10.33 -7.03 -36.63
N ALA E 376 -10.76 -7.42 -37.84
CA ALA E 376 -11.25 -8.80 -38.15
C ALA E 376 -10.03 -9.64 -38.36
N VAL E 377 -9.96 -10.81 -37.77
CA VAL E 377 -8.86 -11.67 -37.98
C VAL E 377 -9.35 -12.88 -38.74
N ALA E 378 -8.80 -13.10 -39.95
CA ALA E 378 -9.20 -14.22 -40.80
C ALA E 378 -8.16 -15.28 -40.65
N SER E 379 -8.60 -16.48 -40.31
CA SER E 379 -7.65 -17.58 -40.18
C SER E 379 -8.28 -18.96 -40.37
N GLY E 380 -7.44 -19.96 -40.62
CA GLY E 380 -7.86 -21.34 -40.81
C GLY E 380 -7.76 -21.77 -42.26
N GLY E 381 -6.69 -22.49 -42.60
CA GLY E 381 -6.61 -23.12 -43.94
C GLY E 381 -6.35 -22.18 -45.11
N ILE E 382 -5.56 -21.13 -44.85
CA ILE E 382 -5.24 -20.13 -45.84
C ILE E 382 -3.82 -20.33 -46.39
N HIS E 383 -3.62 -20.13 -47.70
CA HIS E 383 -2.30 -20.19 -48.34
C HIS E 383 -2.13 -19.06 -49.31
N VAL E 384 -0.91 -18.88 -49.81
CA VAL E 384 -0.62 -17.72 -50.65
C VAL E 384 -1.58 -17.50 -51.77
N TRP E 385 -2.12 -18.58 -52.34
CA TRP E 385 -2.97 -18.47 -53.56
C TRP E 385 -4.34 -17.93 -53.17
N HIS E 386 -4.61 -17.84 -51.87
CA HIS E 386 -5.87 -17.23 -51.42
C HIS E 386 -5.72 -15.75 -51.28
N MET E 387 -4.47 -15.28 -51.28
CA MET E 387 -4.20 -13.87 -50.98
C MET E 387 -5.07 -12.83 -51.73
N PRO E 388 -5.17 -12.94 -53.08
CA PRO E 388 -5.98 -11.94 -53.82
C PRO E 388 -7.43 -11.91 -53.34
N ALA E 389 -8.01 -13.07 -53.07
CA ALA E 389 -9.39 -13.12 -52.64
C ALA E 389 -9.51 -12.53 -51.24
N LEU E 390 -8.52 -12.75 -50.39
CA LEU E 390 -8.59 -12.29 -48.99
C LEU E 390 -8.59 -10.79 -48.90
N VAL E 391 -7.71 -10.19 -49.69
CA VAL E 391 -7.57 -8.74 -49.77
C VAL E 391 -8.83 -8.12 -50.36
N ASP E 392 -9.34 -8.73 -51.41
CA ASP E 392 -10.62 -8.29 -51.99
C ASP E 392 -11.81 -8.43 -51.06
N ILE E 393 -11.86 -9.49 -50.29
CA ILE E 393 -13.00 -9.70 -49.43
C ILE E 393 -12.95 -8.79 -48.21
N PHE E 394 -11.80 -8.73 -47.54
CA PHE E 394 -11.69 -8.00 -46.25
C PHE E 394 -11.26 -6.54 -46.39
N GLY E 395 -10.58 -6.21 -47.48
CA GLY E 395 -9.94 -4.89 -47.61
C GLY E 395 -8.77 -4.77 -46.63
N ASP E 396 -8.46 -3.53 -46.25
CA ASP E 396 -7.25 -3.20 -45.45
C ASP E 396 -7.35 -3.59 -43.97
N ASP E 397 -8.54 -3.49 -43.40
CA ASP E 397 -8.63 -3.58 -41.93
C ASP E 397 -8.87 -4.99 -41.38
N ALA E 398 -7.85 -5.81 -41.50
CA ALA E 398 -7.95 -7.22 -41.15
C ALA E 398 -6.60 -7.68 -40.82
N VAL E 399 -6.54 -8.76 -40.07
CA VAL E 399 -5.27 -9.50 -39.86
C VAL E 399 -5.49 -10.84 -40.57
N LEU E 400 -4.52 -11.22 -41.41
CA LEU E 400 -4.55 -12.46 -42.11
C LEU E 400 -3.55 -13.39 -41.43
N GLN E 401 -4.11 -14.40 -40.82
CA GLN E 401 -3.41 -15.21 -39.90
C GLN E 401 -3.15 -16.57 -40.59
N PHE E 402 -1.92 -16.86 -40.96
CA PHE E 402 -1.59 -18.13 -41.65
C PHE E 402 -1.04 -19.17 -40.69
N GLY E 403 -1.11 -20.46 -41.10
CA GLY E 403 -0.52 -21.60 -40.32
C GLY E 403 -1.40 -22.84 -40.21
N GLY E 408 3.25 -25.65 -44.76
CA GLY E 408 4.58 -25.19 -44.34
C GLY E 408 5.42 -24.96 -45.58
N HIS E 409 6.12 -23.82 -45.63
CA HIS E 409 7.00 -23.51 -46.75
C HIS E 409 8.16 -24.51 -46.80
N PRO E 410 8.55 -24.95 -48.02
CA PRO E 410 9.66 -25.87 -48.27
C PRO E 410 10.98 -25.43 -47.64
N TRP E 411 11.28 -24.12 -47.66
CA TRP E 411 12.53 -23.63 -47.11
C TRP E 411 12.46 -23.18 -45.63
N GLY E 412 11.30 -23.33 -44.98
CA GLY E 412 11.18 -22.99 -43.57
C GLY E 412 10.41 -21.71 -43.30
N ASN E 413 10.56 -21.21 -42.06
CA ASN E 413 9.74 -20.14 -41.51
C ASN E 413 9.93 -18.81 -42.14
N ALA E 414 11.19 -18.34 -42.19
CA ALA E 414 11.45 -17.04 -42.67
C ALA E 414 11.11 -16.92 -44.18
N PRO E 415 11.48 -17.91 -45.01
CA PRO E 415 11.09 -17.85 -46.43
C PRO E 415 9.58 -17.91 -46.60
N GLY E 416 8.89 -18.76 -45.85
CA GLY E 416 7.40 -18.83 -45.93
C GLY E 416 6.74 -17.48 -45.59
N ALA E 417 7.33 -16.77 -44.65
CA ALA E 417 6.87 -15.45 -44.28
C ALA E 417 7.14 -14.44 -45.40
N THR E 418 8.35 -14.45 -45.94
CA THR E 418 8.62 -13.61 -47.11
C THR E 418 7.63 -13.86 -48.24
N ALA E 419 7.39 -15.12 -48.55
CA ALA E 419 6.46 -15.47 -49.61
C ALA E 419 5.08 -14.84 -49.37
N ASN E 420 4.57 -15.00 -48.14
CA ASN E 420 3.28 -14.40 -47.85
C ASN E 420 3.33 -12.87 -47.93
N ARG E 421 4.38 -12.30 -47.40
CA ARG E 421 4.51 -10.85 -47.43
C ARG E 421 4.63 -10.28 -48.87
N VAL E 422 5.47 -10.91 -49.72
CA VAL E 422 5.55 -10.44 -51.09
C VAL E 422 4.19 -10.59 -51.78
N ALA E 423 3.53 -11.72 -51.56
CA ALA E 423 2.21 -11.98 -52.18
C ALA E 423 1.20 -10.88 -51.83
N LEU E 424 1.15 -10.56 -50.52
CA LEU E 424 0.27 -9.50 -50.01
C LEU E 424 0.57 -8.14 -50.67
N GLU E 425 1.84 -7.77 -50.66
CA GLU E 425 2.22 -6.48 -51.23
C GLU E 425 1.91 -6.44 -52.75
N ALA E 426 2.08 -7.58 -53.42
CA ALA E 426 1.77 -7.67 -54.85
C ALA E 426 0.28 -7.43 -55.08
N CYS E 427 -0.55 -8.09 -54.28
CA CYS E 427 -2.01 -7.86 -54.38
C CYS E 427 -2.41 -6.44 -54.12
N ILE E 428 -1.80 -5.81 -53.11
CA ILE E 428 -2.20 -4.46 -52.75
C ILE E 428 -1.80 -3.47 -53.84
N GLN E 429 -0.59 -3.60 -54.37
CA GLN E 429 -0.16 -2.80 -55.51
C GLN E 429 -1.11 -2.95 -56.72
N ALA E 430 -1.51 -4.19 -56.99
CA ALA E 430 -2.36 -4.53 -58.11
C ALA E 430 -3.72 -3.91 -57.96
N ARG E 431 -4.26 -3.97 -56.74
CA ARG E 431 -5.60 -3.44 -56.48
C ARG E 431 -5.59 -1.95 -56.67
N ASN E 432 -4.57 -1.32 -56.11
CA ASN E 432 -4.45 0.11 -56.16
C ASN E 432 -4.34 0.56 -57.61
N GLU E 433 -3.69 -0.25 -58.45
CA GLU E 433 -3.58 0.01 -59.90
C GLU E 433 -4.89 -0.21 -60.68
N GLY E 434 -5.93 -0.73 -60.05
CA GLY E 434 -7.22 -0.91 -60.74
C GLY E 434 -7.39 -2.32 -61.29
N ARG E 435 -6.48 -3.21 -61.00
CA ARG E 435 -6.60 -4.57 -61.48
C ARG E 435 -7.67 -5.33 -60.69
N ASP E 436 -8.32 -6.29 -61.33
CA ASP E 436 -9.41 -7.03 -60.72
C ASP E 436 -8.85 -8.30 -60.04
N LEU E 437 -8.85 -8.30 -58.70
CA LEU E 437 -8.15 -9.35 -57.97
C LEU E 437 -8.82 -10.71 -58.09
N MET E 438 -10.14 -10.73 -58.24
CA MET E 438 -10.83 -11.99 -58.53
C MET E 438 -10.48 -12.62 -59.90
N ARG E 439 -10.31 -11.80 -60.93
CA ARG E 439 -9.97 -12.36 -62.24
C ARG E 439 -8.47 -12.50 -62.46
N GLU E 440 -7.70 -11.47 -62.08
CA GLU E 440 -6.26 -11.49 -62.36
C GLU E 440 -5.39 -12.10 -61.26
N GLY E 441 -6.01 -12.60 -60.19
CA GLY E 441 -5.29 -13.10 -59.01
C GLY E 441 -4.03 -13.94 -59.27
N GLY E 442 -4.23 -15.10 -59.92
CA GLY E 442 -3.11 -16.00 -60.25
C GLY E 442 -2.04 -15.33 -61.09
N ASP E 443 -2.43 -14.43 -61.99
CA ASP E 443 -1.48 -13.67 -62.80
C ASP E 443 -0.63 -12.80 -61.91
N ILE E 444 -1.28 -12.05 -61.00
CA ILE E 444 -0.57 -11.15 -60.09
C ILE E 444 0.47 -11.92 -59.28
N ILE E 445 0.04 -13.06 -58.75
CA ILE E 445 0.92 -13.97 -58.00
C ILE E 445 2.05 -14.52 -58.90
N ARG E 446 1.69 -14.97 -60.11
CA ARG E 446 2.71 -15.45 -61.04
C ARG E 446 3.73 -14.37 -61.37
N GLU E 447 3.30 -13.14 -61.60
CA GLU E 447 4.28 -12.04 -61.91
C GLU E 447 5.28 -11.83 -60.77
N ALA E 448 4.76 -11.84 -59.54
CA ALA E 448 5.58 -11.66 -58.36
C ALA E 448 6.54 -12.83 -58.16
N ALA E 449 6.04 -14.04 -58.40
CA ALA E 449 6.86 -15.24 -58.29
C ALA E 449 8.07 -15.14 -59.18
N ARG E 450 8.00 -14.32 -60.23
CA ARG E 450 9.13 -14.21 -61.17
C ARG E 450 10.37 -13.55 -60.58
N TRP E 451 10.17 -12.55 -59.72
CA TRP E 451 11.32 -11.95 -59.11
C TRP E 451 11.47 -12.31 -57.61
N SER E 452 10.55 -13.10 -57.06
CA SER E 452 10.73 -13.63 -55.70
C SER E 452 10.86 -15.16 -55.59
N PRO E 453 12.10 -15.63 -55.36
CA PRO E 453 12.36 -17.09 -55.28
C PRO E 453 11.54 -17.78 -54.18
N GLU E 454 11.33 -17.08 -53.04
CA GLU E 454 10.57 -17.64 -51.93
C GLU E 454 9.11 -17.87 -52.35
N LEU E 455 8.52 -16.86 -53.00
CA LEU E 455 7.15 -16.96 -53.52
C LEU E 455 7.01 -18.04 -54.59
N ALA E 456 7.98 -18.05 -55.53
CA ALA E 456 8.02 -19.10 -56.54
C ALA E 456 8.04 -20.47 -55.87
N ALA E 457 8.95 -20.70 -54.92
CA ALA E 457 9.07 -22.00 -54.24
C ALA E 457 7.76 -22.43 -53.63
N ALA E 458 6.95 -21.44 -53.25
CA ALA E 458 5.63 -21.70 -52.67
C ALA E 458 4.56 -22.03 -53.72
N CYS E 459 4.95 -22.05 -55.00
CA CYS E 459 4.06 -22.56 -56.05
C CYS E 459 4.67 -23.78 -56.77
N THR F 3 18.14 -19.63 -47.82
CA THR F 3 18.27 -18.94 -46.49
C THR F 3 17.92 -17.47 -46.70
N LEU F 4 16.86 -16.99 -46.02
CA LEU F 4 16.53 -15.54 -46.10
C LEU F 4 17.63 -14.53 -45.69
N PRO F 5 18.12 -13.67 -46.63
CA PRO F 5 19.10 -12.60 -46.25
C PRO F 5 18.53 -11.66 -45.16
N LYS F 6 19.42 -10.97 -44.40
CA LYS F 6 19.02 -9.94 -43.40
C LYS F 6 19.11 -8.57 -44.02
N GLU F 7 18.00 -7.88 -44.06
CA GLU F 7 17.96 -6.61 -44.78
C GLU F 7 16.85 -5.76 -44.16
N ARG F 8 17.21 -4.52 -43.79
CA ARG F 8 16.27 -3.48 -43.41
C ARG F 8 15.08 -3.32 -44.41
N ARG F 9 13.87 -3.22 -43.88
CA ARG F 9 12.68 -2.97 -44.69
C ARG F 9 12.04 -1.61 -44.33
N TYR F 10 10.98 -1.21 -45.05
CA TYR F 10 10.35 0.11 -44.89
C TYR F 10 8.81 0.10 -45.04
N GLU F 11 8.19 -0.91 -44.43
CA GLU F 11 6.73 -1.06 -44.44
C GLU F 11 6.17 -1.19 -45.87
N THR F 12 4.94 -0.69 -46.14
CA THR F 12 4.23 -1.03 -47.38
C THR F 12 5.04 -0.77 -48.68
N PHE F 13 5.05 -1.83 -49.51
CA PHE F 13 5.69 -1.86 -50.82
C PHE F 13 7.24 -2.10 -50.82
N SER F 14 7.88 -2.12 -49.65
CA SER F 14 9.32 -2.42 -49.52
C SER F 14 9.77 -3.88 -49.76
N TYR F 15 8.83 -4.83 -49.84
CA TYR F 15 9.15 -6.22 -50.29
C TYR F 15 9.02 -6.37 -51.84
N LEU F 16 8.73 -5.27 -52.52
CA LEU F 16 8.60 -5.24 -53.96
C LEU F 16 9.85 -4.59 -54.60
N PRO F 17 10.08 -4.81 -55.93
CA PRO F 17 11.04 -3.98 -56.67
C PRO F 17 10.70 -2.52 -56.46
N PRO F 18 11.73 -1.66 -56.30
CA PRO F 18 11.42 -0.21 -56.21
C PRO F 18 10.51 0.26 -57.37
N LEU F 19 9.57 1.11 -57.03
CA LEU F 19 8.57 1.58 -57.92
C LEU F 19 9.15 2.54 -59.01
N SER F 20 8.80 2.31 -60.27
CA SER F 20 9.15 3.23 -61.35
C SER F 20 8.28 4.44 -61.10
N ASP F 21 8.61 5.58 -61.72
CA ASP F 21 7.78 6.80 -61.62
C ASP F 21 6.36 6.59 -62.20
N ALA F 22 6.24 5.71 -63.20
CA ALA F 22 4.95 5.37 -63.79
C ALA F 22 4.06 4.66 -62.75
N GLN F 23 4.67 3.70 -62.07
CA GLN F 23 4.05 2.96 -60.95
C GLN F 23 3.68 3.88 -59.76
N ILE F 24 4.52 4.87 -59.46
CA ILE F 24 4.22 5.82 -58.42
C ILE F 24 2.98 6.65 -58.80
N ALA F 25 2.95 7.16 -60.04
CA ALA F 25 1.75 7.90 -60.56
C ALA F 25 0.47 7.14 -60.31
N ARG F 26 0.42 5.89 -60.76
CA ARG F 26 -0.76 5.06 -60.57
C ARG F 26 -1.21 4.87 -59.12
N GLN F 27 -0.27 4.60 -58.19
CA GLN F 27 -0.56 4.64 -56.75
C GLN F 27 -1.18 5.99 -56.35
N ILE F 28 -0.55 7.10 -56.77
CA ILE F 28 -1.06 8.44 -56.42
C ILE F 28 -2.44 8.68 -57.04
N GLN F 29 -2.59 8.41 -58.35
CA GLN F 29 -3.92 8.42 -58.99
C GLN F 29 -5.06 7.68 -58.23
N TYR F 30 -4.81 6.46 -57.76
CA TYR F 30 -5.78 5.69 -56.98
C TYR F 30 -6.25 6.43 -55.74
N ALA F 31 -5.30 7.04 -55.02
CA ALA F 31 -5.57 7.89 -53.84
C ALA F 31 -6.47 9.08 -54.20
N ILE F 32 -6.17 9.74 -55.32
CA ILE F 32 -7.01 10.79 -55.85
C ILE F 32 -8.40 10.27 -56.20
N ASP F 33 -8.48 9.12 -56.88
CA ASP F 33 -9.78 8.57 -57.29
C ASP F 33 -10.59 8.07 -56.11
N GLN F 34 -9.94 7.76 -54.99
CA GLN F 34 -10.69 7.41 -53.77
C GLN F 34 -11.16 8.62 -53.01
N GLY F 35 -10.71 9.81 -53.39
CA GLY F 35 -10.95 11.03 -52.59
C GLY F 35 -9.98 11.28 -51.46
N TYR F 36 -8.88 10.52 -51.39
CA TYR F 36 -7.86 10.74 -50.38
C TYR F 36 -6.95 11.94 -50.69
N HIS F 37 -6.29 12.44 -49.64
CA HIS F 37 -5.41 13.57 -49.80
C HIS F 37 -3.95 13.14 -49.72
N PRO F 38 -3.23 13.13 -50.86
CA PRO F 38 -1.82 12.68 -50.87
C PRO F 38 -0.89 13.75 -50.31
N CYS F 39 0.26 13.31 -49.82
CA CYS F 39 1.25 14.19 -49.19
C CYS F 39 2.58 13.50 -49.34
N VAL F 40 3.66 14.27 -49.37
CA VAL F 40 5.03 13.75 -49.48
C VAL F 40 5.77 14.00 -48.18
N GLU F 41 6.61 13.04 -47.77
CA GLU F 41 7.40 13.20 -46.57
C GLU F 41 8.74 12.50 -46.75
N PHE F 42 9.73 12.87 -45.95
CA PHE F 42 11.10 12.36 -46.13
C PHE F 42 11.80 12.33 -44.79
N ASN F 43 12.86 11.55 -44.69
CA ASN F 43 13.62 11.49 -43.44
C ASN F 43 14.97 10.87 -43.66
N GLU F 44 15.91 11.28 -42.82
CA GLU F 44 17.31 10.92 -42.95
C GLU F 44 17.57 9.44 -42.74
N THR F 45 16.72 8.78 -41.95
CA THR F 45 16.89 7.36 -41.69
C THR F 45 15.55 6.73 -41.51
N SER F 46 15.58 5.41 -41.38
CA SER F 46 14.38 4.63 -41.14
C SER F 46 14.70 3.45 -40.25
N ASN F 47 13.80 3.22 -39.27
CA ASN F 47 13.92 2.12 -38.31
C ASN F 47 12.59 2.04 -37.56
N ALA F 48 12.49 1.02 -36.73
CA ALA F 48 11.19 0.73 -36.14
C ALA F 48 10.71 1.74 -35.09
N GLU F 49 11.61 2.36 -34.35
CA GLU F 49 11.37 3.41 -33.35
C GLU F 49 11.08 4.86 -33.86
N ILE F 50 10.99 5.09 -35.18
CA ILE F 50 10.88 6.46 -35.61
C ILE F 50 9.47 6.72 -35.94
N ARG F 51 8.83 7.65 -35.24
CA ARG F 51 7.40 7.85 -35.41
C ARG F 51 7.00 8.81 -36.49
N TYR F 52 7.72 9.91 -36.58
CA TYR F 52 7.30 10.98 -37.44
C TYR F 52 8.37 11.20 -38.47
N TRP F 53 7.99 11.40 -39.74
CA TRP F 53 8.97 11.79 -40.78
C TRP F 53 8.82 13.26 -40.90
N THR F 54 9.45 13.90 -41.88
CA THR F 54 9.25 15.33 -42.06
C THR F 54 8.49 15.63 -43.34
N MET F 55 7.41 16.39 -43.20
CA MET F 55 6.59 16.86 -44.32
C MET F 55 7.36 17.72 -45.34
N TRP F 56 7.13 17.40 -46.60
CA TRP F 56 7.75 18.13 -47.69
C TRP F 56 6.68 19.10 -48.15
N LYS F 57 6.97 20.40 -48.05
CA LYS F 57 6.01 21.42 -48.44
C LYS F 57 4.71 21.20 -47.66
N LEU F 58 3.61 21.05 -48.39
CA LEU F 58 2.27 20.86 -47.80
C LEU F 58 1.50 19.79 -48.59
N PRO F 59 0.51 19.13 -47.96
CA PRO F 59 -0.42 18.27 -48.74
C PRO F 59 -1.07 19.07 -49.87
N LEU F 60 -0.99 18.56 -51.10
CA LEU F 60 -1.59 19.25 -52.25
C LEU F 60 -3.08 18.95 -52.21
N PHE F 61 -3.86 20.03 -52.14
CA PHE F 61 -5.21 19.86 -51.60
C PHE F 61 -6.36 19.35 -52.46
N ASN F 62 -6.31 19.56 -53.76
CA ASN F 62 -7.22 18.80 -54.61
C ASN F 62 -6.98 19.05 -56.09
N CYS F 63 -5.80 18.61 -56.49
CA CYS F 63 -5.54 18.31 -57.87
C CYS F 63 -6.24 17.01 -58.24
N THR F 64 -6.85 17.00 -59.41
CA THR F 64 -7.45 15.80 -59.95
C THR F 64 -6.29 14.97 -60.55
N ASN F 65 -5.12 15.60 -60.61
CA ASN F 65 -3.96 15.13 -61.39
C ASN F 65 -2.70 14.68 -60.59
N ALA F 66 -2.30 13.43 -60.80
CA ALA F 66 -1.14 12.81 -60.12
C ALA F 66 0.25 13.37 -60.49
N GLN F 67 0.30 14.10 -61.60
CA GLN F 67 1.54 14.54 -62.16
C GLN F 67 2.25 15.49 -61.19
N ASP F 68 1.53 16.48 -60.70
CA ASP F 68 2.20 17.44 -59.87
C ASP F 68 2.31 16.95 -58.43
N VAL F 69 1.79 15.77 -58.12
CA VAL F 69 2.22 15.12 -56.88
C VAL F 69 3.52 14.43 -57.13
N LEU F 70 3.63 13.76 -58.28
CA LEU F 70 4.90 13.14 -58.67
C LEU F 70 6.04 14.14 -58.86
N ASN F 71 5.73 15.35 -59.32
CA ASN F 71 6.70 16.42 -59.39
C ASN F 71 7.37 16.75 -58.07
N GLU F 72 6.59 16.72 -57.00
CA GLU F 72 7.10 16.99 -55.67
C GLU F 72 8.03 15.89 -55.20
N VAL F 73 7.72 14.67 -55.62
CA VAL F 73 8.61 13.56 -55.34
C VAL F 73 9.90 13.78 -56.06
N GLN F 74 9.84 14.02 -57.37
CA GLN F 74 11.10 14.21 -58.13
C GLN F 74 11.92 15.42 -57.65
N GLN F 75 11.24 16.50 -57.28
CA GLN F 75 11.95 17.68 -56.76
C GLN F 75 12.53 17.43 -55.34
N CYS F 76 11.83 16.66 -54.50
CA CYS F 76 12.39 16.24 -53.21
C CYS F 76 13.58 15.29 -53.41
N ARG F 77 13.38 14.29 -54.26
CA ARG F 77 14.41 13.32 -54.65
C ARG F 77 15.73 13.99 -55.00
N SER F 78 15.66 15.02 -55.84
CA SER F 78 16.86 15.58 -56.42
C SER F 78 17.52 16.55 -55.42
N GLU F 79 16.71 17.27 -54.67
CA GLU F 79 17.28 18.17 -53.70
C GLU F 79 17.83 17.43 -52.49
N TYR F 80 17.26 16.27 -52.21
CA TYR F 80 17.69 15.50 -51.04
C TYR F 80 17.98 14.08 -51.46
N PRO F 81 19.15 13.84 -52.08
CA PRO F 81 19.38 12.50 -52.62
C PRO F 81 19.82 11.51 -51.54
N ASN F 82 20.19 12.04 -50.38
CA ASN F 82 20.55 11.23 -49.21
C ASN F 82 19.39 10.90 -48.22
N CYS F 83 18.14 11.29 -48.54
CA CYS F 83 16.99 11.03 -47.66
C CYS F 83 16.05 9.94 -48.19
N PHE F 84 15.35 9.25 -47.29
CA PHE F 84 14.21 8.42 -47.69
C PHE F 84 12.96 9.23 -47.95
N ILE F 85 12.18 8.80 -48.91
CA ILE F 85 10.98 9.58 -49.23
C ILE F 85 9.77 8.64 -49.36
N ARG F 86 8.64 9.10 -48.86
CA ARG F 86 7.45 8.28 -49.06
C ARG F 86 6.28 9.11 -49.38
N VAL F 87 5.34 8.50 -50.07
CA VAL F 87 4.03 9.10 -50.29
C VAL F 87 3.05 8.49 -49.29
N VAL F 88 2.26 9.35 -48.66
CA VAL F 88 1.20 9.00 -47.69
C VAL F 88 -0.09 9.62 -48.19
N ALA F 89 -1.22 9.12 -47.72
CA ALA F 89 -2.50 9.69 -48.13
C ALA F 89 -3.48 9.53 -46.97
N PHE F 90 -4.34 10.55 -46.78
CA PHE F 90 -5.23 10.70 -45.63
C PHE F 90 -6.70 10.62 -46.02
N ASP F 91 -7.50 9.90 -45.24
CA ASP F 91 -8.95 9.92 -45.40
C ASP F 91 -9.46 10.83 -44.29
N ASN F 92 -10.00 11.97 -44.70
CA ASN F 92 -10.42 13.09 -43.84
C ASN F 92 -11.73 12.92 -43.02
N ILE F 93 -12.73 12.26 -43.59
CA ILE F 93 -13.86 11.69 -42.81
C ILE F 93 -13.33 10.85 -41.60
N LYS F 94 -12.98 9.58 -41.86
CA LYS F 94 -12.40 8.72 -40.84
C LYS F 94 -11.18 9.34 -40.15
N GLN F 95 -10.60 10.41 -40.71
CA GLN F 95 -9.52 11.11 -40.02
C GLN F 95 -8.40 10.10 -39.70
N CYS F 96 -8.06 9.28 -40.70
CA CYS F 96 -6.98 8.31 -40.56
C CYS F 96 -6.16 8.32 -41.83
N GLN F 97 -4.95 7.77 -41.73
CA GLN F 97 -4.06 7.66 -42.86
C GLN F 97 -4.31 6.34 -43.57
N VAL F 98 -4.48 6.37 -44.87
CA VAL F 98 -4.91 5.18 -45.55
C VAL F 98 -3.84 4.64 -46.51
N MET F 99 -2.71 5.33 -46.61
CA MET F 99 -1.60 4.88 -47.48
C MET F 99 -0.28 5.37 -46.96
N SER F 100 0.75 4.55 -47.08
CA SER F 100 2.12 4.99 -46.71
C SER F 100 3.10 4.07 -47.38
N PHE F 101 3.63 4.53 -48.51
CA PHE F 101 4.57 3.75 -49.28
C PHE F 101 5.82 4.50 -49.71
N ILE F 102 6.90 3.76 -49.55
CA ILE F 102 8.25 4.12 -49.85
C ILE F 102 8.34 4.32 -51.37
N VAL F 103 9.02 5.38 -51.80
CA VAL F 103 9.16 5.71 -53.22
C VAL F 103 10.59 6.03 -53.57
N TYR F 104 11.50 6.05 -52.57
CA TYR F 104 12.93 6.28 -52.83
C TYR F 104 13.87 6.03 -51.65
N LYS F 105 14.92 5.24 -51.90
CA LYS F 105 15.97 4.98 -50.88
C LYS F 105 17.37 5.49 -51.32
N PRO F 106 18.03 6.32 -50.52
CA PRO F 106 19.33 6.92 -50.84
C PRO F 106 20.45 5.90 -51.19
N THR G 23 -21.51 50.22 13.83
CA THR G 23 -21.47 48.71 13.93
C THR G 23 -20.79 48.00 12.71
N TYR G 24 -21.32 48.14 11.48
CA TYR G 24 -20.59 47.62 10.29
C TYR G 24 -19.88 48.63 9.41
N TYR G 25 -20.24 49.90 9.55
CA TYR G 25 -19.56 51.02 8.88
C TYR G 25 -18.79 51.79 9.93
N THR G 26 -17.46 51.68 9.90
CA THR G 26 -16.59 52.32 10.87
C THR G 26 -15.51 53.10 10.16
N PRO G 27 -15.79 54.34 9.72
CA PRO G 27 -14.83 55.09 8.89
C PRO G 27 -13.56 55.48 9.64
N ASP G 28 -13.52 55.27 10.96
CA ASP G 28 -12.29 55.56 11.72
C ASP G 28 -11.35 54.36 11.93
N TYR G 29 -11.81 53.15 11.59
CA TYR G 29 -10.96 51.95 11.71
C TYR G 29 -9.76 52.11 10.80
N THR G 30 -8.55 51.92 11.32
CA THR G 30 -7.41 51.79 10.40
C THR G 30 -6.96 50.30 10.29
N PRO G 31 -6.87 49.79 9.06
CA PRO G 31 -6.71 48.37 8.85
C PRO G 31 -5.39 47.89 9.37
N LYS G 32 -5.30 46.68 9.91
CA LYS G 32 -4.00 46.09 10.31
C LYS G 32 -3.28 45.49 9.09
N ASP G 33 -1.96 45.33 9.15
CA ASP G 33 -1.25 44.66 8.11
C ASP G 33 -1.58 43.18 7.99
N THR G 34 -2.28 42.60 8.99
CA THR G 34 -2.71 41.23 8.88
C THR G 34 -4.19 41.11 8.35
N ASP G 35 -4.93 42.21 8.20
CA ASP G 35 -6.29 42.11 7.73
C ASP G 35 -6.27 41.77 6.20
N ILE G 36 -7.29 41.01 5.74
CA ILE G 36 -7.64 40.98 4.32
C ILE G 36 -8.56 42.15 3.99
N LEU G 37 -8.20 42.89 2.93
CA LEU G 37 -9.02 44.02 2.49
C LEU G 37 -9.64 43.73 1.09
N ALA G 38 -10.87 44.21 0.88
CA ALA G 38 -11.64 44.04 -0.33
C ALA G 38 -12.11 45.39 -0.83
N ALA G 39 -12.02 45.63 -2.14
CA ALA G 39 -12.60 46.88 -2.70
C ALA G 39 -13.78 46.43 -3.61
N PHE G 40 -15.01 46.79 -3.22
CA PHE G 40 -16.20 46.42 -3.95
C PHE G 40 -16.77 47.65 -4.62
N ARG G 41 -17.04 47.52 -5.92
CA ARG G 41 -17.88 48.50 -6.64
C ARG G 41 -19.38 48.19 -6.43
N VAL G 42 -20.04 49.03 -5.67
CA VAL G 42 -21.41 48.78 -5.18
C VAL G 42 -22.41 49.66 -5.97
N THR G 43 -23.46 49.04 -6.53
CA THR G 43 -24.63 49.77 -7.06
C THR G 43 -25.88 49.54 -6.18
N PRO G 44 -26.23 50.51 -5.33
CA PRO G 44 -27.38 50.22 -4.46
C PRO G 44 -28.71 50.30 -5.20
N GLN G 45 -29.72 49.54 -4.74
CA GLN G 45 -31.11 49.78 -5.16
C GLN G 45 -31.51 51.28 -4.94
N PRO G 46 -32.32 51.85 -5.85
CA PRO G 46 -32.82 53.24 -5.73
C PRO G 46 -33.34 53.52 -4.32
N GLY G 47 -32.94 54.63 -3.71
CA GLY G 47 -33.38 54.93 -2.36
C GLY G 47 -32.61 54.27 -1.21
N VAL G 48 -31.58 53.46 -1.50
CA VAL G 48 -30.71 52.93 -0.42
C VAL G 48 -29.50 53.88 -0.28
N PRO G 49 -29.33 54.48 0.90
CA PRO G 49 -28.22 55.41 0.99
C PRO G 49 -26.90 54.63 0.98
N PHE G 50 -25.81 55.29 0.54
CA PHE G 50 -24.49 54.71 0.50
C PHE G 50 -24.02 54.04 1.81
N GLU G 51 -24.26 54.69 2.95
CA GLU G 51 -23.76 54.18 4.22
C GLU G 51 -24.44 52.87 4.59
N GLU G 52 -25.72 52.70 4.24
CA GLU G 52 -26.42 51.47 4.59
C GLU G 52 -25.98 50.37 3.65
N ALA G 53 -25.85 50.66 2.36
CA ALA G 53 -25.36 49.67 1.39
C ALA G 53 -23.95 49.14 1.80
N ALA G 54 -23.07 50.03 2.23
CA ALA G 54 -21.70 49.69 2.64
C ALA G 54 -21.69 48.85 3.91
N ALA G 55 -22.53 49.22 4.86
CA ALA G 55 -22.69 48.41 6.05
C ALA G 55 -23.16 47.03 5.67
N ALA G 56 -24.06 46.96 4.70
CA ALA G 56 -24.69 45.72 4.33
C ALA G 56 -23.68 44.77 3.62
N VAL G 57 -22.86 45.31 2.74
CA VAL G 57 -21.74 44.62 2.14
C VAL G 57 -20.80 43.98 3.21
N ALA G 58 -20.49 44.72 4.27
CA ALA G 58 -19.53 44.25 5.26
C ALA G 58 -20.22 43.18 6.09
N ALA G 59 -21.48 43.42 6.47
CA ALA G 59 -22.23 42.42 7.26
C ALA G 59 -22.52 41.11 6.49
N GLU G 60 -23.02 41.23 5.28
CA GLU G 60 -23.42 40.03 4.52
C GLU G 60 -22.21 39.21 4.01
N SER G 61 -20.99 39.74 4.13
CA SER G 61 -19.85 38.97 3.76
C SER G 61 -19.08 38.62 5.04
N SER G 62 -19.70 38.82 6.20
CA SER G 62 -19.09 38.37 7.44
C SER G 62 -20.06 37.74 8.40
N THR G 63 -20.29 38.36 9.54
CA THR G 63 -21.12 37.80 10.62
C THR G 63 -22.64 37.85 10.33
N GLY G 64 -23.10 38.83 9.54
CA GLY G 64 -24.48 38.83 8.98
C GLY G 64 -25.56 39.21 9.98
N TRP G 70 -28.88 34.03 21.82
CA TRP G 70 -28.18 33.72 23.09
C TRP G 70 -26.73 33.24 22.92
N THR G 71 -26.50 32.37 21.94
CA THR G 71 -25.15 31.91 21.63
C THR G 71 -24.24 33.07 21.18
N ASP G 72 -24.86 34.10 20.57
CA ASP G 72 -24.21 35.40 20.24
C ASP G 72 -23.42 36.01 21.36
N LEU G 73 -23.91 35.87 22.59
CA LEU G 73 -23.25 36.43 23.76
C LEU G 73 -22.34 35.43 24.51
N LEU G 74 -22.20 34.23 23.92
CA LEU G 74 -21.09 33.30 24.24
C LEU G 74 -19.80 33.69 23.50
N THR G 75 -19.92 34.36 22.36
CA THR G 75 -18.73 34.81 21.58
C THR G 75 -18.52 36.33 21.58
N ASP G 76 -17.31 36.74 21.22
CA ASP G 76 -17.02 38.14 21.02
C ASP G 76 -17.19 38.45 19.55
N LEU G 77 -18.41 38.76 19.15
CA LEU G 77 -18.68 39.02 17.74
C LEU G 77 -17.85 40.16 17.10
N ASP G 78 -17.33 41.06 17.92
CA ASP G 78 -16.49 42.14 17.42
C ASP G 78 -15.27 41.67 16.66
N ARG G 79 -14.63 40.63 17.14
CA ARG G 79 -13.42 40.24 16.49
C ARG G 79 -13.60 39.32 15.28
N TYR G 80 -14.83 39.00 14.93
CA TYR G 80 -15.08 38.25 13.69
C TYR G 80 -15.78 39.03 12.57
N LYS G 81 -16.21 40.27 12.85
CA LYS G 81 -16.93 41.01 11.83
C LYS G 81 -15.98 41.58 10.80
N GLY G 82 -16.46 41.73 9.58
CA GLY G 82 -15.84 42.65 8.61
C GLY G 82 -16.41 44.03 8.91
N CYS G 83 -15.76 45.10 8.47
CA CYS G 83 -16.28 46.44 8.60
C CYS G 83 -15.87 47.24 7.41
N CYS G 84 -16.76 48.12 6.98
CA CYS G 84 -16.44 49.02 5.93
C CYS G 84 -15.73 50.21 6.54
N TYR G 85 -14.46 50.43 6.17
CA TYR G 85 -13.69 51.48 6.78
C TYR G 85 -13.59 52.73 5.88
N ASP G 86 -14.17 52.66 4.68
CA ASP G 86 -14.10 53.76 3.74
C ASP G 86 -15.12 53.60 2.61
N ILE G 87 -15.73 54.73 2.23
CA ILE G 87 -16.74 54.81 1.15
C ILE G 87 -16.22 55.89 0.19
N GLU G 88 -15.87 55.47 -1.00
CA GLU G 88 -15.32 56.37 -2.00
C GLU G 88 -16.30 56.58 -3.15
N PRO G 89 -16.88 57.78 -3.25
CA PRO G 89 -17.83 58.14 -4.32
C PRO G 89 -17.09 58.07 -5.64
N LEU G 90 -17.82 57.87 -6.72
CA LEU G 90 -17.22 57.69 -8.04
C LEU G 90 -17.66 58.81 -8.98
N PRO G 91 -16.80 59.84 -9.17
CA PRO G 91 -17.21 61.00 -10.03
C PRO G 91 -17.62 60.54 -11.43
N GLY G 92 -18.82 60.92 -11.85
CA GLY G 92 -19.33 60.54 -13.16
C GLY G 92 -20.30 59.40 -13.01
N GLU G 93 -19.87 58.29 -12.41
CA GLU G 93 -20.73 57.08 -12.33
C GLU G 93 -22.10 57.40 -11.72
N ASP G 94 -23.14 56.68 -12.15
CA ASP G 94 -24.48 56.91 -11.58
C ASP G 94 -24.80 55.89 -10.46
N ASN G 95 -24.92 56.40 -9.23
CA ASN G 95 -25.36 55.57 -8.13
C ASN G 95 -24.32 54.46 -7.80
N GLN G 96 -23.03 54.71 -8.04
CA GLN G 96 -21.99 53.69 -7.75
C GLN G 96 -21.02 54.26 -6.77
N PHE G 97 -20.47 53.42 -5.91
CA PHE G 97 -19.32 53.76 -5.10
C PHE G 97 -18.42 52.58 -4.74
N ILE G 98 -17.23 52.90 -4.24
CA ILE G 98 -16.32 51.91 -3.79
C ILE G 98 -16.42 51.75 -2.30
N ALA G 99 -16.75 50.53 -1.85
CA ALA G 99 -16.71 50.19 -0.41
C ALA G 99 -15.43 49.39 -0.07
N TYR G 100 -14.63 49.85 0.90
CA TYR G 100 -13.44 49.11 1.36
C TYR G 100 -13.76 48.39 2.65
N ILE G 101 -13.58 47.08 2.60
CA ILE G 101 -13.94 46.21 3.71
C ILE G 101 -12.66 45.61 4.23
N ALA G 102 -12.57 45.50 5.55
CA ALA G 102 -11.46 44.85 6.22
C ALA G 102 -11.96 43.58 6.95
N TYR G 103 -11.25 42.47 6.77
CA TYR G 103 -11.60 41.21 7.44
C TYR G 103 -10.38 40.70 8.28
N PRO G 104 -10.65 40.34 9.53
CA PRO G 104 -9.62 39.76 10.38
C PRO G 104 -9.00 38.47 9.85
N LEU G 105 -7.67 38.37 10.02
CA LEU G 105 -6.88 37.23 9.57
C LEU G 105 -7.54 35.86 9.94
N ASP G 106 -8.04 35.81 11.16
CA ASP G 106 -8.54 34.57 11.73
C ASP G 106 -9.78 34.02 11.07
N LEU G 107 -10.45 34.78 10.20
CA LEU G 107 -11.69 34.21 9.58
C LEU G 107 -11.39 33.11 8.54
N PHE G 108 -10.13 33.00 8.10
CA PHE G 108 -9.77 32.28 6.90
C PHE G 108 -8.94 31.04 7.12
N GLU G 109 -9.32 29.95 6.42
CA GLU G 109 -8.53 28.75 6.53
C GLU G 109 -7.18 28.97 5.85
N GLU G 110 -6.12 28.58 6.55
CA GLU G 110 -4.76 28.66 6.01
C GLU G 110 -4.64 27.90 4.67
N GLY G 111 -4.03 28.50 3.66
CA GLY G 111 -3.72 27.71 2.47
C GLY G 111 -4.93 27.47 1.55
N SER G 112 -6.08 28.09 1.89
CA SER G 112 -7.31 27.78 1.23
C SER G 112 -7.92 28.93 0.41
N VAL G 113 -7.65 28.96 -0.89
CA VAL G 113 -8.33 29.88 -1.77
C VAL G 113 -9.82 29.61 -1.77
N THR G 114 -10.16 28.35 -1.72
CA THR G 114 -11.56 28.00 -1.72
C THR G 114 -12.27 28.69 -0.54
N ASN G 115 -11.68 28.63 0.64
CA ASN G 115 -12.29 29.25 1.82
C ASN G 115 -12.27 30.77 1.77
N MET G 116 -11.20 31.34 1.20
CA MET G 116 -11.15 32.79 1.10
C MET G 116 -12.30 33.30 0.19
N LEU G 117 -12.48 32.68 -0.95
CA LEU G 117 -13.55 33.06 -1.83
C LEU G 117 -14.92 32.85 -1.22
N THR G 118 -15.14 31.66 -0.67
CA THR G 118 -16.40 31.36 -0.05
C THR G 118 -16.70 32.47 0.96
N SER G 119 -15.71 32.90 1.75
CA SER G 119 -15.96 33.84 2.85
C SER G 119 -16.31 35.24 2.33
N ILE G 120 -15.56 35.69 1.34
CA ILE G 120 -15.71 37.03 0.84
C ILE G 120 -16.88 37.17 -0.16
N VAL G 121 -16.92 36.31 -1.20
CA VAL G 121 -17.96 36.38 -2.21
C VAL G 121 -19.03 35.32 -2.18
N GLY G 122 -19.09 34.53 -1.11
CA GLY G 122 -20.04 33.41 -1.09
C GLY G 122 -21.48 33.86 -1.03
N ASN G 123 -21.70 35.01 -0.43
CA ASN G 123 -23.05 35.36 -0.02
C ASN G 123 -23.57 36.76 -0.51
N VAL G 124 -22.70 37.74 -0.53
CA VAL G 124 -23.05 39.12 -0.54
C VAL G 124 -23.60 39.61 -1.91
N PHE G 125 -23.34 38.89 -2.99
CA PHE G 125 -23.75 39.32 -4.29
C PHE G 125 -25.26 39.13 -4.49
N GLY G 126 -25.89 38.34 -3.66
CA GLY G 126 -27.35 38.19 -3.79
C GLY G 126 -28.13 39.16 -2.89
N PHE G 127 -27.46 40.05 -2.17
CA PHE G 127 -28.19 40.83 -1.15
C PHE G 127 -29.19 41.76 -1.85
N LYS G 128 -30.43 41.76 -1.37
CA LYS G 128 -31.53 42.48 -2.04
C LYS G 128 -31.48 43.97 -2.14
N ALA G 129 -30.92 44.64 -1.14
CA ALA G 129 -30.67 46.09 -1.18
C ALA G 129 -29.58 46.58 -2.18
N LEU G 130 -28.90 45.65 -2.86
CA LEU G 130 -27.93 46.03 -3.89
C LEU G 130 -28.53 45.70 -5.24
N LYS G 131 -28.33 46.60 -6.17
CA LYS G 131 -28.74 46.31 -7.51
C LYS G 131 -27.67 45.46 -8.25
N ALA G 132 -26.39 45.79 -7.99
CA ALA G 132 -25.22 45.12 -8.61
C ALA G 132 -24.05 45.29 -7.66
N LEU G 133 -23.09 44.38 -7.85
CA LEU G 133 -21.88 44.33 -7.00
C LEU G 133 -20.74 43.70 -7.77
N ARG G 134 -19.58 44.34 -7.73
CA ARG G 134 -18.38 43.75 -8.37
C ARG G 134 -17.19 43.84 -7.48
N LEU G 135 -16.49 42.74 -7.29
CA LEU G 135 -15.29 42.79 -6.47
C LEU G 135 -14.17 43.17 -7.35
N GLU G 136 -13.47 44.25 -7.01
CA GLU G 136 -12.50 44.83 -7.88
C GLU G 136 -11.07 44.42 -7.46
N ASP G 137 -10.81 44.30 -6.15
CA ASP G 137 -9.44 44.04 -5.76
C ASP G 137 -9.47 43.42 -4.35
N LEU G 138 -8.38 42.77 -3.96
CA LEU G 138 -8.22 42.24 -2.59
C LEU G 138 -6.81 42.51 -2.22
N ARG G 139 -6.60 42.91 -0.97
CA ARG G 139 -5.19 43.06 -0.45
C ARG G 139 -4.87 41.82 0.42
N ILE G 140 -4.07 40.92 -0.11
CA ILE G 140 -3.76 39.69 0.65
C ILE G 140 -2.58 39.96 1.53
N PRO G 141 -2.75 39.89 2.87
CA PRO G 141 -1.65 40.23 3.83
C PRO G 141 -0.58 39.18 3.84
N VAL G 142 0.68 39.60 4.07
CA VAL G 142 1.85 38.73 4.11
C VAL G 142 1.65 37.51 5.05
N ALA G 143 1.06 37.72 6.23
CA ALA G 143 0.88 36.60 7.16
C ALA G 143 -0.08 35.54 6.59
N TYR G 144 -1.05 35.96 5.77
CA TYR G 144 -1.86 34.94 5.06
C TYR G 144 -1.08 34.27 3.89
N LEU G 145 -0.42 35.08 3.04
CA LEU G 145 0.34 34.52 1.92
C LEU G 145 1.39 33.46 2.34
N LYS G 146 2.00 33.61 3.50
CA LYS G 146 2.96 32.59 3.93
C LYS G 146 2.35 31.22 4.16
N THR G 147 1.02 31.10 4.33
CA THR G 147 0.36 29.80 4.43
C THR G 147 0.15 29.08 3.07
N PHE G 148 0.47 29.70 1.94
CA PHE G 148 0.27 29.07 0.62
C PHE G 148 1.58 28.73 0.00
N GLN G 149 1.56 27.70 -0.81
CA GLN G 149 2.75 27.38 -1.63
C GLN G 149 3.02 28.45 -2.72
N GLY G 150 1.98 29.00 -3.38
CA GLY G 150 2.19 29.77 -4.60
C GLY G 150 2.62 28.90 -5.79
N PRO G 151 3.15 29.55 -6.86
CA PRO G 151 3.48 28.81 -8.09
C PRO G 151 4.32 27.63 -7.76
N PRO G 152 4.11 26.50 -8.43
CA PRO G 152 5.06 25.38 -8.14
C PRO G 152 6.52 25.76 -8.49
N HIS G 153 6.72 26.66 -9.44
CA HIS G 153 8.05 27.08 -9.83
C HIS G 153 8.23 28.59 -9.90
N GLY G 154 7.56 29.29 -10.83
CA GLY G 154 7.67 30.71 -10.91
C GLY G 154 8.65 31.06 -11.98
N ILE G 155 8.75 32.32 -12.31
CA ILE G 155 9.41 32.75 -13.54
C ILE G 155 10.88 32.31 -13.56
N GLN G 156 11.61 32.58 -12.49
CA GLN G 156 13.07 32.42 -12.50
C GLN G 156 13.45 30.93 -12.56
N VAL G 157 12.77 30.13 -11.76
CA VAL G 157 13.02 28.66 -11.79
C VAL G 157 12.59 28.12 -13.13
N GLU G 158 11.50 28.59 -13.71
CA GLU G 158 11.12 28.04 -15.00
C GLU G 158 12.18 28.34 -16.11
N ARG G 159 12.70 29.55 -16.16
CA ARG G 159 13.77 29.82 -17.14
C ARG G 159 15.00 28.94 -16.95
N ASP G 160 15.35 28.66 -15.73
CA ASP G 160 16.47 27.79 -15.42
C ASP G 160 16.20 26.36 -15.83
N LYS G 161 15.03 25.81 -15.55
CA LYS G 161 14.75 24.45 -16.03
C LYS G 161 14.71 24.39 -17.56
N LEU G 162 14.26 25.46 -18.24
CA LEU G 162 14.10 25.40 -19.72
C LEU G 162 15.32 25.91 -20.47
N ASN G 163 16.20 26.54 -19.72
CA ASN G 163 17.39 27.09 -20.24
C ASN G 163 17.18 28.26 -21.18
N LYS G 164 16.15 29.05 -20.95
CA LYS G 164 15.78 30.08 -21.92
C LYS G 164 15.85 31.47 -21.28
N TYR G 165 16.81 32.29 -21.75
CA TYR G 165 17.03 33.61 -21.15
C TYR G 165 16.93 34.77 -22.12
N GLY G 166 16.46 35.93 -21.64
CA GLY G 166 16.69 37.20 -22.41
C GLY G 166 15.64 37.47 -23.49
N ARG G 167 14.51 36.79 -23.40
CA ARG G 167 13.46 36.93 -24.40
C ARG G 167 12.17 36.30 -23.91
N PRO G 168 11.05 36.76 -24.46
CA PRO G 168 9.77 36.10 -24.33
C PRO G 168 9.83 34.67 -24.86
N LEU G 169 9.04 33.75 -24.29
CA LEU G 169 8.83 32.44 -24.88
C LEU G 169 7.69 32.44 -25.94
N LEU G 170 7.77 31.49 -26.86
CA LEU G 170 6.89 31.36 -27.98
C LEU G 170 6.09 30.05 -28.02
N GLY G 171 4.77 30.15 -28.21
CA GLY G 171 3.85 29.04 -28.37
C GLY G 171 2.90 29.23 -29.54
N CYS G 172 2.36 28.10 -30.03
CA CYS G 172 1.38 28.07 -31.13
C CYS G 172 0.29 27.19 -30.54
N THR G 173 -0.96 27.53 -30.81
CA THR G 173 -2.06 26.60 -30.54
C THR G 173 -2.26 25.73 -31.79
N ILE G 174 -2.67 24.49 -31.61
CA ILE G 174 -2.87 23.59 -32.72
C ILE G 174 -4.26 23.76 -33.28
N LYS G 175 -4.36 23.80 -34.60
CA LYS G 175 -5.63 23.92 -35.29
C LYS G 175 -5.86 22.80 -36.36
N PRO G 176 -7.10 22.25 -36.49
CA PRO G 176 -8.32 22.60 -35.80
C PRO G 176 -8.26 22.25 -34.31
N LYS G 177 -9.15 22.90 -33.54
CA LYS G 177 -9.24 22.74 -32.08
C LYS G 177 -9.49 21.28 -31.73
N LEU G 178 -10.57 20.74 -32.28
CA LEU G 178 -11.00 19.36 -32.11
C LEU G 178 -11.05 18.62 -33.45
N GLY G 179 -10.82 17.31 -33.40
CA GLY G 179 -11.09 16.49 -34.55
C GLY G 179 -9.88 15.80 -35.08
N LEU G 180 -8.67 16.26 -34.81
CA LEU G 180 -7.48 15.48 -35.25
C LEU G 180 -7.35 14.21 -34.42
N SER G 181 -6.94 13.11 -35.06
CA SER G 181 -6.58 11.92 -34.36
C SER G 181 -5.34 12.27 -33.55
N ALA G 182 -5.09 11.53 -32.46
CA ALA G 182 -3.84 11.71 -31.64
C ALA G 182 -2.55 11.76 -32.50
N LYS G 183 -2.40 10.83 -33.42
CA LYS G 183 -1.22 10.81 -34.29
C LYS G 183 -1.09 12.05 -35.22
N ASN G 184 -2.23 12.49 -35.81
CA ASN G 184 -2.20 13.67 -36.71
C ASN G 184 -1.97 14.92 -35.86
N TYR G 185 -2.47 14.91 -34.63
CA TYR G 185 -2.18 15.94 -33.67
C TYR G 185 -0.70 16.03 -33.32
N GLY G 186 -0.06 14.91 -32.99
CA GLY G 186 1.37 14.92 -32.83
C GLY G 186 2.17 15.42 -34.07
N ARG G 187 1.72 15.12 -35.28
CA ARG G 187 2.43 15.57 -36.51
C ARG G 187 2.45 17.09 -36.56
N ALA G 188 1.30 17.74 -36.42
CA ALA G 188 1.21 19.18 -36.25
C ALA G 188 2.11 19.79 -35.12
N VAL G 189 2.27 19.09 -34.01
CA VAL G 189 3.03 19.62 -32.88
C VAL G 189 4.48 19.55 -33.31
N TYR G 190 4.90 18.43 -33.84
CA TYR G 190 6.28 18.28 -34.31
C TYR G 190 6.64 19.42 -35.28
N GLU G 191 5.78 19.71 -36.25
CA GLU G 191 6.12 20.70 -37.30
C GLU G 191 6.21 22.09 -36.70
N CYS G 192 5.32 22.39 -35.76
CA CYS G 192 5.39 23.65 -35.05
C CYS G 192 6.69 23.81 -34.26
N LEU G 193 7.00 22.81 -33.45
CA LEU G 193 8.12 22.95 -32.54
C LEU G 193 9.44 23.00 -33.31
N ARG G 194 9.58 22.14 -34.36
CA ARG G 194 10.83 22.05 -35.09
C ARG G 194 11.15 23.39 -35.81
N GLY G 195 10.10 24.21 -36.07
CA GLY G 195 10.26 25.51 -36.74
C GLY G 195 10.83 26.59 -35.84
N GLY G 196 10.95 26.34 -34.52
CA GLY G 196 11.53 27.32 -33.62
C GLY G 196 10.64 27.87 -32.50
N LEU G 197 9.42 27.33 -32.34
CA LEU G 197 8.60 27.68 -31.15
C LEU G 197 9.07 26.87 -29.93
N ASP G 198 8.89 27.44 -28.73
CA ASP G 198 9.22 26.73 -27.50
C ASP G 198 8.11 25.70 -27.07
N PHE G 199 6.87 26.09 -27.32
CA PHE G 199 5.70 25.38 -26.80
C PHE G 199 4.62 25.23 -27.84
N THR G 200 3.92 24.10 -27.81
CA THR G 200 2.58 24.01 -28.41
C THR G 200 1.61 23.78 -27.27
N LYS G 201 0.31 23.84 -27.56
CA LYS G 201 -0.71 23.90 -26.52
C LYS G 201 -1.94 23.04 -26.90
N ASP G 202 -2.44 22.23 -25.97
CA ASP G 202 -3.78 21.60 -26.10
C ASP G 202 -4.84 22.69 -26.04
N ASP G 203 -5.92 22.54 -26.77
CA ASP G 203 -7.09 23.38 -26.55
C ASP G 203 -7.71 23.10 -25.17
N GLU G 204 -8.27 24.14 -24.58
CA GLU G 204 -8.94 23.96 -23.33
C GLU G 204 -10.12 22.97 -23.43
N ASN G 205 -10.68 22.74 -24.60
CA ASN G 205 -11.77 21.77 -24.78
C ASN G 205 -11.34 20.33 -24.91
N ILE G 206 -10.07 20.08 -25.13
CA ILE G 206 -9.52 18.75 -25.37
C ILE G 206 -9.13 18.17 -24.01
N ASN G 207 -9.88 17.17 -23.57
CA ASN G 207 -9.54 16.43 -22.35
C ASN G 207 -9.41 14.99 -22.82
N SER G 208 -10.50 14.24 -22.78
CA SER G 208 -10.46 12.90 -23.44
C SER G 208 -11.81 12.67 -24.10
N GLN G 209 -11.84 12.34 -25.37
CA GLN G 209 -13.06 12.35 -26.12
C GLN G 209 -13.07 11.16 -27.06
N PRO G 210 -14.26 10.82 -27.61
CA PRO G 210 -14.30 9.70 -28.57
C PRO G 210 -13.32 9.82 -29.75
N PHE G 211 -13.18 11.01 -30.32
CA PHE G 211 -12.28 11.19 -31.47
C PHE G 211 -10.81 11.27 -31.01
N GLN G 212 -10.53 11.28 -29.70
CA GLN G 212 -9.12 11.41 -29.31
C GLN G 212 -8.98 11.17 -27.81
N ARG G 213 -8.57 9.98 -27.41
CA ARG G 213 -8.42 9.64 -26.05
C ARG G 213 -7.12 10.21 -25.48
N TRP G 214 -7.14 10.58 -24.19
CA TRP G 214 -6.03 11.38 -23.65
C TRP G 214 -4.69 10.65 -23.68
N ARG G 215 -4.71 9.34 -23.43
CA ARG G 215 -3.44 8.60 -23.30
C ARG G 215 -2.71 8.54 -24.64
N ASP G 216 -3.48 8.35 -25.73
CA ASP G 216 -2.92 8.34 -27.09
C ASP G 216 -2.34 9.72 -27.45
N ARG G 217 -3.08 10.78 -27.15
CA ARG G 217 -2.57 12.09 -27.32
C ARG G 217 -1.25 12.31 -26.56
N PHE G 218 -1.23 12.07 -25.24
CA PHE G 218 0.05 12.19 -24.47
C PHE G 218 1.19 11.41 -25.11
N LEU G 219 0.93 10.19 -25.50
CA LEU G 219 1.99 9.41 -26.15
C LEU G 219 2.54 10.00 -27.47
N PHE G 220 1.68 10.42 -28.38
CA PHE G 220 2.17 10.89 -29.68
C PHE G 220 2.78 12.30 -29.60
N VAL G 221 2.27 13.11 -28.66
CA VAL G 221 2.87 14.42 -28.38
C VAL G 221 4.31 14.28 -27.83
N ALA G 222 4.53 13.31 -26.94
CA ALA G 222 5.88 13.10 -26.39
C ALA G 222 6.84 12.68 -27.53
N ASP G 223 6.37 11.84 -28.48
CA ASP G 223 7.21 11.47 -29.60
C ASP G 223 7.58 12.72 -30.46
N ALA G 224 6.59 13.61 -30.69
CA ALA G 224 6.75 14.89 -31.42
C ALA G 224 7.77 15.80 -30.75
N ILE G 225 7.67 15.97 -29.42
CA ILE G 225 8.66 16.67 -28.65
C ILE G 225 10.04 16.03 -28.75
N HIS G 226 10.12 14.72 -28.62
CA HIS G 226 11.44 14.10 -28.64
C HIS G 226 12.17 14.39 -29.98
N LYS G 227 11.46 14.26 -31.08
CA LYS G 227 12.04 14.48 -32.40
C LYS G 227 12.40 15.97 -32.62
N ALA G 228 11.50 16.89 -32.32
CA ALA G 228 11.81 18.31 -32.44
C ALA G 228 13.00 18.76 -31.56
N GLN G 229 13.13 18.18 -30.38
CA GLN G 229 14.16 18.61 -29.45
C GLN G 229 15.52 18.05 -29.91
N ALA G 230 15.53 16.82 -30.42
CA ALA G 230 16.74 16.23 -30.98
C ALA G 230 17.16 17.00 -32.25
N GLU G 231 16.21 17.37 -33.11
CA GLU G 231 16.55 18.13 -34.36
C GLU G 231 17.00 19.55 -34.13
N THR G 232 16.41 20.24 -33.19
CA THR G 232 16.77 21.62 -32.97
C THR G 232 17.88 21.85 -31.94
N GLY G 233 18.14 20.91 -31.01
CA GLY G 233 19.07 21.17 -29.88
C GLY G 233 18.52 22.15 -28.83
N GLU G 234 17.21 22.41 -28.85
CA GLU G 234 16.53 23.31 -27.87
C GLU G 234 15.42 22.53 -27.12
N ILE G 235 15.25 22.80 -25.82
CA ILE G 235 14.20 22.24 -25.03
C ILE G 235 12.82 22.65 -25.56
N LYS G 236 11.97 21.68 -25.80
CA LYS G 236 10.60 21.89 -26.29
C LYS G 236 9.59 21.36 -25.29
N GLY G 237 8.35 21.85 -25.34
CA GLY G 237 7.30 21.35 -24.44
C GLY G 237 5.95 21.54 -25.09
N HIS G 238 4.96 20.87 -24.53
CA HIS G 238 3.57 21.01 -25.00
C HIS G 238 2.69 21.02 -23.76
N TYR G 239 1.84 22.05 -23.59
CA TYR G 239 0.93 22.06 -22.47
C TYR G 239 -0.15 20.98 -22.62
N LEU G 240 0.13 19.80 -22.04
CA LEU G 240 -0.77 18.66 -22.07
C LEU G 240 -1.89 18.92 -21.08
N ASN G 241 -3.08 19.02 -21.58
CA ASN G 241 -4.22 19.37 -20.68
C ASN G 241 -4.64 18.15 -19.82
N VAL G 242 -4.49 18.27 -18.49
CA VAL G 242 -4.91 17.20 -17.54
C VAL G 242 -6.28 17.53 -16.89
N THR G 243 -6.94 18.59 -17.33
CA THR G 243 -8.28 18.85 -16.83
C THR G 243 -9.16 17.61 -17.04
N ALA G 244 -9.85 17.21 -15.98
CA ALA G 244 -10.46 15.91 -15.85
C ALA G 244 -11.77 15.92 -15.06
N PRO G 245 -12.56 14.82 -15.13
CA PRO G 245 -13.82 14.84 -14.36
C PRO G 245 -13.68 14.80 -12.85
N THR G 246 -12.64 14.16 -12.30
CA THR G 246 -12.38 13.91 -10.90
C THR G 246 -10.86 14.19 -10.60
N CYS G 247 -10.53 14.40 -9.34
CA CYS G 247 -9.15 14.57 -8.94
C CYS G 247 -8.30 13.36 -9.19
N GLU G 248 -8.85 12.17 -8.98
CA GLU G 248 -8.09 10.92 -9.27
C GLU G 248 -7.69 10.90 -10.75
N GLU G 249 -8.63 11.21 -11.62
CA GLU G 249 -8.38 11.14 -13.06
C GLU G 249 -7.37 12.27 -13.51
N MET G 250 -7.50 13.48 -12.94
CA MET G 250 -6.53 14.54 -13.19
C MET G 250 -5.10 14.12 -12.74
N LEU G 251 -4.99 13.57 -11.54
CA LEU G 251 -3.66 13.18 -11.06
C LEU G 251 -3.10 12.03 -11.90
N LYS G 252 -3.94 11.07 -12.26
CA LYS G 252 -3.52 10.02 -13.23
C LYS G 252 -2.97 10.56 -14.59
N ARG G 253 -3.59 11.63 -15.12
CA ARG G 253 -3.06 12.20 -16.36
C ARG G 253 -1.72 12.91 -16.13
N ALA G 254 -1.63 13.66 -15.01
CA ALA G 254 -0.38 14.32 -14.58
C ALA G 254 0.79 13.32 -14.41
N GLU G 255 0.48 12.19 -13.75
CA GLU G 255 1.45 11.10 -13.56
C GLU G 255 1.97 10.52 -14.85
N PHE G 256 1.11 10.38 -15.85
CA PHE G 256 1.55 9.89 -17.16
C PHE G 256 2.44 10.84 -17.91
N ALA G 257 2.09 12.12 -17.92
CA ALA G 257 2.99 13.13 -18.42
C ALA G 257 4.38 13.07 -17.76
N LYS G 258 4.40 12.92 -16.44
CA LYS G 258 5.64 12.77 -15.66
C LYS G 258 6.38 11.52 -16.10
N GLU G 259 5.65 10.43 -16.33
CA GLU G 259 6.26 9.15 -16.80
C GLU G 259 6.87 9.31 -18.19
N LEU G 260 6.26 10.16 -19.00
CA LEU G 260 6.84 10.44 -20.30
C LEU G 260 7.88 11.55 -20.24
N GLU G 261 8.17 12.06 -19.04
CA GLU G 261 9.22 13.07 -18.94
C GLU G 261 8.88 14.39 -19.67
N MET G 262 7.58 14.73 -19.66
CA MET G 262 7.14 16.02 -20.17
C MET G 262 7.46 17.12 -19.16
N PRO G 263 7.94 18.27 -19.64
CA PRO G 263 8.25 19.35 -18.69
C PRO G 263 7.05 20.20 -18.25
N ILE G 264 5.96 20.14 -18.99
CA ILE G 264 4.86 21.05 -18.72
C ILE G 264 3.49 20.39 -18.96
N ILE G 265 2.51 20.76 -18.13
CA ILE G 265 1.17 20.38 -18.37
C ILE G 265 0.25 21.60 -18.20
N MET G 266 -1.05 21.41 -18.41
CA MET G 266 -1.98 22.49 -18.44
C MET G 266 -3.26 22.16 -17.63
N HIS G 267 -3.88 23.17 -17.02
CA HIS G 267 -5.10 23.00 -16.27
C HIS G 267 -6.06 24.19 -16.44
N ASP G 268 -7.37 23.90 -16.61
CA ASP G 268 -8.47 24.91 -16.64
C ASP G 268 -8.89 25.26 -15.19
N PHE G 269 -8.23 26.22 -14.54
CA PHE G 269 -8.50 26.41 -13.10
C PHE G 269 -9.92 26.72 -12.71
N LEU G 270 -10.67 27.47 -13.51
CA LEU G 270 -12.01 27.91 -13.08
C LEU G 270 -13.10 26.90 -13.30
N THR G 271 -13.06 26.21 -14.43
CA THR G 271 -14.08 25.19 -14.70
C THR G 271 -13.80 23.93 -13.86
N ALA G 272 -12.52 23.61 -13.64
CA ALA G 272 -12.16 22.53 -12.71
C ALA G 272 -12.35 22.97 -11.28
N GLY G 273 -11.98 24.20 -10.92
CA GLY G 273 -12.11 24.65 -9.50
C GLY G 273 -10.84 24.67 -8.69
N PHE G 274 -10.83 25.46 -7.64
CA PHE G 274 -9.63 25.80 -6.91
C PHE G 274 -9.16 24.71 -6.00
N THR G 275 -10.08 23.88 -5.50
CA THR G 275 -9.71 22.67 -4.79
C THR G 275 -8.86 21.72 -5.66
N ALA G 276 -9.27 21.48 -6.89
CA ALA G 276 -8.58 20.56 -7.79
C ALA G 276 -7.26 21.23 -8.15
N ASN G 277 -7.32 22.53 -8.49
CA ASN G 277 -6.12 23.30 -8.84
C ASN G 277 -5.00 23.35 -7.78
N THR G 278 -5.38 23.59 -6.53
CA THR G 278 -4.46 23.56 -5.42
C THR G 278 -3.81 22.15 -5.28
N THR G 279 -4.59 21.08 -5.49
CA THR G 279 -4.12 19.73 -5.46
C THR G 279 -3.12 19.57 -6.56
N LEU G 280 -3.39 20.05 -7.72
CA LEU G 280 -2.45 19.85 -8.86
C LEU G 280 -1.18 20.68 -8.66
N SER G 281 -1.39 21.89 -8.11
CA SER G 281 -0.25 22.80 -7.91
C SER G 281 0.76 22.19 -6.88
N LYS G 282 0.28 21.64 -5.77
CA LYS G 282 1.21 20.88 -4.89
C LYS G 282 1.91 19.72 -5.59
N TRP G 283 1.16 18.94 -6.35
CA TRP G 283 1.68 17.78 -7.10
C TRP G 283 2.76 18.22 -8.08
N CYS G 284 2.56 19.36 -8.71
CA CYS G 284 3.54 19.93 -9.63
C CYS G 284 4.90 20.33 -8.92
N ARG G 285 4.78 20.97 -7.76
CA ARG G 285 5.94 21.24 -6.89
C ARG G 285 6.69 19.92 -6.51
N ASP G 286 5.97 18.89 -6.06
CA ASP G 286 6.49 17.61 -5.64
C ASP G 286 7.19 16.86 -6.78
N ASN G 287 6.78 17.11 -8.02
CA ASN G 287 7.28 16.37 -9.11
C ASN G 287 8.06 17.14 -10.14
N GLY G 288 8.34 18.40 -9.87
CA GLY G 288 9.07 19.28 -10.81
C GLY G 288 8.42 19.55 -12.18
N MET G 289 7.10 19.59 -12.20
CA MET G 289 6.39 19.79 -13.45
C MET G 289 5.96 21.25 -13.51
N LEU G 290 6.19 21.91 -14.60
CA LEU G 290 5.63 23.25 -14.88
C LEU G 290 4.10 23.25 -15.13
N LEU G 291 3.40 24.25 -14.66
CA LEU G 291 1.96 24.24 -14.75
C LEU G 291 1.43 25.51 -15.47
N HIS G 292 0.86 25.31 -16.65
CA HIS G 292 0.28 26.37 -17.48
C HIS G 292 -1.19 26.41 -17.14
N ILE G 293 -1.70 27.61 -16.78
CA ILE G 293 -3.08 27.73 -16.37
C ILE G 293 -3.89 28.49 -17.44
N HIS G 294 -5.02 27.89 -17.85
CA HIS G 294 -5.91 28.44 -18.85
C HIS G 294 -7.06 28.97 -18.06
N ARG G 295 -7.69 30.04 -18.57
CA ARG G 295 -8.72 30.75 -17.81
C ARG G 295 -10.12 30.64 -18.44
N ALA G 296 -10.39 29.56 -19.19
CA ALA G 296 -11.75 29.17 -19.57
C ALA G 296 -12.77 29.63 -18.60
N MET G 297 -13.78 30.34 -19.10
CA MET G 297 -14.99 30.76 -18.33
C MET G 297 -14.80 32.05 -17.63
N HIS G 298 -13.61 32.62 -17.64
CA HIS G 298 -13.42 33.84 -16.84
C HIS G 298 -14.45 34.95 -17.21
N ALA G 299 -14.83 35.08 -18.51
CA ALA G 299 -15.74 36.20 -18.94
C ALA G 299 -17.15 36.07 -18.45
N VAL G 300 -17.50 34.93 -17.87
CA VAL G 300 -18.81 34.71 -17.34
C VAL G 300 -18.96 35.64 -16.12
N MET G 301 -17.85 35.83 -15.38
CA MET G 301 -17.81 36.61 -14.15
C MET G 301 -17.10 37.92 -14.31
N ASP G 302 -16.16 38.03 -15.22
CA ASP G 302 -15.24 39.10 -15.06
C ASP G 302 -15.43 40.22 -16.07
N ARG G 303 -16.42 40.07 -16.94
CA ARG G 303 -16.59 40.96 -18.08
C ARG G 303 -17.43 42.21 -17.84
N GLN G 304 -18.61 42.08 -17.26
CA GLN G 304 -19.46 43.23 -17.02
C GLN G 304 -18.88 44.18 -15.96
N LYS G 305 -18.89 45.48 -16.25
CA LYS G 305 -18.33 46.47 -15.33
C LYS G 305 -19.10 46.63 -14.05
N ASN G 306 -20.40 46.31 -14.02
CA ASN G 306 -21.20 46.54 -12.82
C ASN G 306 -21.26 45.34 -11.84
N HIS G 307 -20.90 44.15 -12.31
CA HIS G 307 -21.19 42.92 -11.51
C HIS G 307 -20.23 41.76 -11.83
N GLY G 308 -19.75 41.11 -10.77
CA GLY G 308 -18.87 39.96 -10.96
C GLY G 308 -17.63 40.09 -10.15
N ILE G 309 -16.56 39.60 -10.71
CA ILE G 309 -15.29 39.63 -9.99
C ILE G 309 -14.29 40.00 -11.01
N HIS G 310 -13.49 41.03 -10.75
CA HIS G 310 -12.54 41.47 -11.78
C HIS G 310 -11.48 40.42 -11.95
N PHE G 311 -10.96 40.28 -13.17
CA PHE G 311 -9.95 39.30 -13.39
C PHE G 311 -8.75 39.38 -12.44
N ARG G 312 -8.36 40.59 -12.05
CA ARG G 312 -7.15 40.72 -11.22
C ARG G 312 -7.32 39.96 -9.88
N VAL G 313 -8.55 39.89 -9.34
CA VAL G 313 -8.81 39.11 -8.15
C VAL G 313 -8.62 37.59 -8.46
N LEU G 314 -9.25 37.09 -9.52
CA LEU G 314 -9.04 35.71 -9.96
C LEU G 314 -7.52 35.39 -10.25
N ALA G 315 -6.78 36.38 -10.72
CA ALA G 315 -5.36 36.19 -10.95
C ALA G 315 -4.55 36.12 -9.65
N LYS G 316 -4.96 36.86 -8.62
CA LYS G 316 -4.22 36.82 -7.37
C LYS G 316 -4.45 35.43 -6.76
N CYS G 317 -5.72 34.99 -6.73
CA CYS G 317 -6.11 33.66 -6.30
C CYS G 317 -5.31 32.59 -7.05
N LEU G 318 -5.11 32.76 -8.34
CA LEU G 318 -4.44 31.71 -9.03
C LEU G 318 -2.97 31.67 -8.57
N ARG G 319 -2.34 32.85 -8.38
CA ARG G 319 -0.92 32.91 -7.98
C ARG G 319 -0.75 32.16 -6.60
N MET G 320 -1.71 32.35 -5.71
CA MET G 320 -1.70 31.75 -4.40
C MET G 320 -1.92 30.25 -4.46
N SER G 321 -2.93 29.80 -5.17
CA SER G 321 -3.20 28.38 -5.35
C SER G 321 -2.02 27.78 -6.15
N GLY G 322 -1.69 28.40 -7.27
CA GLY G 322 -0.41 28.11 -7.91
C GLY G 322 -0.57 27.86 -9.38
N GLY G 323 0.20 28.58 -10.19
CA GLY G 323 0.50 28.14 -11.54
C GLY G 323 1.76 28.83 -12.03
N ASP G 324 2.42 28.29 -13.06
CA ASP G 324 3.65 28.92 -13.52
C ASP G 324 3.41 29.94 -14.66
N HIS G 325 2.35 29.72 -15.48
CA HIS G 325 1.90 30.64 -16.55
C HIS G 325 0.40 30.86 -16.31
N ILE G 326 -0.14 31.99 -16.78
CA ILE G 326 -1.56 32.19 -16.87
C ILE G 326 -1.84 33.13 -18.01
N HIS G 327 -2.85 32.79 -18.83
CA HIS G 327 -3.39 33.74 -19.86
C HIS G 327 -3.87 35.08 -19.27
N THR G 328 -3.39 36.15 -19.87
CA THR G 328 -3.68 37.52 -19.41
C THR G 328 -4.40 38.35 -20.46
N GLY G 329 -4.70 37.78 -21.61
CA GLY G 329 -5.45 38.49 -22.65
C GLY G 329 -4.47 39.20 -23.52
N THR G 330 -4.92 39.62 -24.68
CA THR G 330 -4.07 40.38 -25.61
C THR G 330 -4.10 41.90 -25.35
N VAL G 331 -3.11 42.60 -25.87
CA VAL G 331 -3.19 44.06 -25.80
C VAL G 331 -3.51 44.71 -27.15
N VAL G 332 -3.48 43.92 -28.22
CA VAL G 332 -3.77 44.37 -29.57
C VAL G 332 -5.23 44.82 -29.81
N GLY G 333 -5.36 45.96 -30.49
CA GLY G 333 -6.66 46.60 -30.77
C GLY G 333 -7.45 46.99 -29.55
N LYS G 334 -6.74 47.36 -28.46
CA LYS G 334 -7.42 47.80 -27.23
C LYS G 334 -7.04 49.24 -26.90
N LEU G 335 -8.02 50.04 -26.43
CA LEU G 335 -7.79 51.39 -25.90
C LEU G 335 -6.63 51.45 -24.89
N GLU G 336 -5.96 52.59 -24.80
CA GLU G 336 -4.88 52.79 -23.82
C GLU G 336 -5.28 52.60 -22.33
N GLY G 337 -6.56 52.78 -21.99
CA GLY G 337 -7.02 52.57 -20.63
C GLY G 337 -7.21 51.08 -20.29
N ASP G 338 -7.68 50.29 -21.26
CA ASP G 338 -7.76 48.82 -21.11
C ASP G 338 -6.37 48.24 -21.04
N LYS G 339 -5.49 48.74 -21.87
CA LYS G 339 -4.10 48.34 -21.85
C LYS G 339 -3.42 48.57 -20.47
N ALA G 340 -3.64 49.74 -19.86
CA ALA G 340 -3.10 50.09 -18.57
C ALA G 340 -3.62 49.12 -17.48
N VAL G 341 -4.90 48.77 -17.54
CA VAL G 341 -5.49 47.83 -16.60
C VAL G 341 -4.83 46.42 -16.70
N THR G 342 -4.68 45.93 -17.93
CA THR G 342 -3.97 44.68 -18.21
C THR G 342 -2.56 44.68 -17.64
N LEU G 343 -1.81 45.76 -17.92
CA LEU G 343 -0.44 45.89 -17.40
C LEU G 343 -0.44 45.94 -15.87
N GLY G 344 -1.48 46.55 -15.29
CA GLY G 344 -1.66 46.53 -13.87
C GLY G 344 -1.70 45.08 -13.35
N PHE G 345 -2.60 44.25 -13.86
CA PHE G 345 -2.66 42.92 -13.28
C PHE G 345 -1.51 41.97 -13.72
N VAL G 346 -0.91 42.28 -14.86
CA VAL G 346 0.33 41.67 -15.19
C VAL G 346 1.41 41.90 -14.14
N ASP G 347 1.61 43.14 -13.73
CA ASP G 347 2.52 43.40 -12.57
C ASP G 347 2.09 42.65 -11.33
N LEU G 348 0.80 42.66 -11.04
CA LEU G 348 0.34 41.89 -9.90
C LEU G 348 0.72 40.39 -10.01
N LEU G 349 0.81 39.86 -11.25
CA LEU G 349 1.19 38.47 -11.45
C LEU G 349 2.67 38.19 -11.34
N ARG G 350 3.50 39.11 -11.78
CA ARG G 350 4.92 38.84 -11.88
C ARG G 350 5.78 39.47 -10.78
N GLU G 351 5.43 40.61 -10.21
CA GLU G 351 6.38 41.37 -9.34
C GLU G 351 6.22 40.99 -7.90
N ASN G 352 7.24 41.39 -7.11
CA ASN G 352 7.21 41.14 -5.69
C ASN G 352 6.38 42.18 -4.94
N TYR G 353 6.36 43.41 -5.45
CA TYR G 353 5.80 44.48 -4.70
C TYR G 353 5.15 45.43 -5.71
N ILE G 354 3.84 45.62 -5.60
CA ILE G 354 3.09 46.50 -6.51
C ILE G 354 2.42 47.64 -5.71
N GLU G 355 2.77 48.83 -6.07
CA GLU G 355 2.35 50.02 -5.35
C GLU G 355 0.94 50.34 -5.84
N GLN G 356 0.07 50.72 -4.91
CA GLN G 356 -1.25 51.15 -5.23
C GLN G 356 -1.28 52.15 -6.44
N ASP G 357 -2.20 51.98 -7.38
CA ASP G 357 -2.17 52.80 -8.62
C ASP G 357 -3.47 52.68 -9.43
N ARG G 358 -4.42 53.52 -9.07
CA ARG G 358 -5.74 53.46 -9.60
C ARG G 358 -5.80 53.69 -11.13
N SER G 359 -4.79 54.39 -11.67
CA SER G 359 -4.80 54.64 -13.09
C SER G 359 -4.57 53.32 -13.81
N ARG G 360 -4.09 52.31 -13.09
CA ARG G 360 -3.99 50.98 -13.63
C ARG G 360 -4.88 49.92 -12.92
N GLY G 361 -5.91 50.36 -12.22
CA GLY G 361 -6.83 49.50 -11.49
C GLY G 361 -6.21 48.73 -10.35
N ILE G 362 -5.06 49.13 -9.87
CA ILE G 362 -4.55 48.60 -8.58
C ILE G 362 -5.12 49.41 -7.40
N TYR G 363 -6.02 48.80 -6.64
CA TYR G 363 -6.70 49.48 -5.53
C TYR G 363 -5.90 49.46 -4.28
N PHE G 364 -5.04 48.45 -4.13
CA PHE G 364 -4.21 48.31 -2.93
C PHE G 364 -2.73 48.03 -3.29
N THR G 365 -1.85 48.43 -2.38
CA THR G 365 -0.46 48.07 -2.46
C THR G 365 -0.43 46.61 -2.10
N GLN G 366 0.29 45.81 -2.89
CA GLN G 366 0.32 44.36 -2.70
C GLN G 366 1.76 43.89 -2.54
N ASP G 367 2.07 43.34 -1.36
CA ASP G 367 3.41 42.82 -1.08
C ASP G 367 3.31 41.30 -1.24
N TRP G 368 4.09 40.65 -2.12
CA TRP G 368 4.00 39.18 -2.24
C TRP G 368 4.97 38.35 -1.36
N ALA G 369 5.87 39.03 -0.63
CA ALA G 369 6.75 38.37 0.36
C ALA G 369 7.54 37.20 -0.24
N SER G 370 8.09 37.45 -1.41
CA SER G 370 8.93 36.48 -2.16
C SER G 370 8.18 35.29 -2.71
N MET G 371 6.86 35.28 -2.67
CA MET G 371 6.15 34.28 -3.45
C MET G 371 6.53 34.48 -4.94
N PRO G 372 6.88 33.38 -5.62
CA PRO G 372 7.32 33.51 -7.04
C PRO G 372 6.25 34.10 -7.93
N GLY G 373 6.67 34.83 -8.96
CA GLY G 373 5.79 35.40 -9.96
C GLY G 373 5.40 34.38 -11.01
N VAL G 374 4.35 34.66 -11.77
CA VAL G 374 3.77 33.77 -12.76
C VAL G 374 3.99 34.42 -14.15
N MET G 375 4.44 33.66 -15.17
CA MET G 375 4.53 34.20 -16.56
C MET G 375 3.18 34.60 -17.13
N ALA G 376 3.10 35.79 -17.68
CA ALA G 376 1.91 36.28 -18.44
C ALA G 376 1.90 35.61 -19.82
N VAL G 377 0.78 35.07 -20.22
CA VAL G 377 0.66 34.50 -21.52
C VAL G 377 -0.23 35.45 -22.32
N ALA G 378 0.33 36.05 -23.38
CA ALA G 378 -0.45 36.88 -24.30
C ALA G 378 -0.92 36.05 -25.45
N SER G 379 -2.22 36.03 -25.69
CA SER G 379 -2.75 35.35 -26.86
C SER G 379 -4.05 35.91 -27.42
N GLY G 380 -4.36 35.57 -28.67
CA GLY G 380 -5.62 35.98 -29.31
C GLY G 380 -5.39 37.01 -30.40
N GLY G 381 -5.33 36.57 -31.65
CA GLY G 381 -5.34 37.50 -32.80
C GLY G 381 -4.03 38.24 -33.01
N ILE G 382 -2.91 37.56 -32.73
CA ILE G 382 -1.59 38.13 -32.82
C ILE G 382 -0.90 37.61 -34.10
N HIS G 383 -0.12 38.46 -34.79
CA HIS G 383 0.67 38.05 -35.98
C HIS G 383 2.06 38.66 -35.91
N VAL G 384 2.94 38.33 -36.85
CA VAL G 384 4.33 38.80 -36.75
C VAL G 384 4.44 40.30 -36.66
N TRP G 385 3.55 41.03 -37.32
CA TRP G 385 3.68 42.49 -37.34
C TRP G 385 3.39 43.11 -35.97
N HIS G 386 2.79 42.33 -35.07
CA HIS G 386 2.55 42.79 -33.70
C HIS G 386 3.76 42.61 -32.83
N MET G 387 4.72 41.84 -33.32
CA MET G 387 5.86 41.43 -32.50
C MET G 387 6.61 42.56 -31.79
N PRO G 388 6.99 43.63 -32.50
CA PRO G 388 7.66 44.75 -31.78
C PRO G 388 6.83 45.34 -30.62
N ALA G 389 5.53 45.52 -30.82
CA ALA G 389 4.68 46.08 -29.78
C ALA G 389 4.65 45.08 -28.59
N LEU G 390 4.56 43.79 -28.85
CA LEU G 390 4.39 42.79 -27.80
C LEU G 390 5.58 42.72 -26.90
N VAL G 391 6.75 42.73 -27.52
CA VAL G 391 8.01 42.75 -26.81
C VAL G 391 8.15 44.01 -25.95
N ASP G 392 7.82 45.17 -26.53
CA ASP G 392 7.82 46.41 -25.82
C ASP G 392 6.81 46.44 -24.66
N ILE G 393 5.63 45.89 -24.88
CA ILE G 393 4.60 45.98 -23.89
C ILE G 393 4.89 45.04 -22.72
N PHE G 394 5.27 43.78 -23.02
CA PHE G 394 5.37 42.75 -22.00
C PHE G 394 6.76 42.58 -21.47
N GLY G 395 7.77 42.88 -22.26
CA GLY G 395 9.14 42.61 -21.84
C GLY G 395 9.48 41.12 -21.99
N ASP G 396 10.50 40.66 -21.29
CA ASP G 396 10.99 39.30 -21.46
C ASP G 396 10.08 38.23 -20.87
N ASP G 397 9.46 38.54 -19.75
CA ASP G 397 8.79 37.53 -18.96
C ASP G 397 7.34 37.28 -19.33
N ALA G 398 7.22 36.68 -20.51
CA ALA G 398 5.89 36.51 -21.13
C ALA G 398 6.00 35.39 -22.07
N VAL G 399 4.87 34.69 -22.29
CA VAL G 399 4.75 33.73 -23.37
C VAL G 399 3.84 34.38 -24.46
N LEU G 400 4.32 34.37 -25.70
CA LEU G 400 3.54 34.92 -26.76
C LEU G 400 2.95 33.74 -27.56
N GLN G 401 1.67 33.62 -27.52
CA GLN G 401 0.99 32.43 -27.93
C GLN G 401 0.24 32.76 -29.23
N PHE G 402 0.70 32.23 -30.36
CA PHE G 402 0.12 32.53 -31.66
C PHE G 402 -0.83 31.41 -32.12
N GLY G 403 -1.75 31.75 -33.05
CA GLY G 403 -2.67 30.77 -33.72
C GLY G 403 -4.11 31.25 -33.92
N GLY G 408 -2.57 31.55 -40.71
CA GLY G 408 -1.66 30.44 -40.99
C GLY G 408 -0.64 30.90 -42.02
N HIS G 409 0.60 30.48 -41.84
CA HIS G 409 1.65 30.80 -42.79
C HIS G 409 1.43 30.07 -44.11
N PRO G 410 1.70 30.75 -45.25
CA PRO G 410 1.53 30.20 -46.62
C PRO G 410 2.23 28.87 -46.81
N TRP G 411 3.44 28.74 -46.26
CA TRP G 411 4.20 27.51 -46.43
C TRP G 411 4.01 26.45 -45.33
N GLY G 412 3.14 26.71 -44.36
CA GLY G 412 2.81 25.71 -43.34
C GLY G 412 3.39 25.99 -41.95
N ASN G 413 3.31 24.97 -41.10
CA ASN G 413 3.60 25.09 -39.69
C ASN G 413 5.04 25.45 -39.36
N ALA G 414 6.00 24.64 -39.82
CA ALA G 414 7.39 24.91 -39.54
C ALA G 414 7.91 26.29 -40.07
N PRO G 415 7.56 26.68 -41.32
CA PRO G 415 7.92 28.04 -41.78
C PRO G 415 7.24 29.17 -40.98
N GLY G 416 5.94 29.05 -40.72
CA GLY G 416 5.27 30.05 -39.86
C GLY G 416 5.90 30.21 -38.46
N ALA G 417 6.39 29.11 -37.89
CA ALA G 417 7.11 29.12 -36.67
C ALA G 417 8.47 29.85 -36.79
N THR G 418 9.30 29.48 -37.79
CA THR G 418 10.52 30.21 -38.09
C THR G 418 10.27 31.68 -38.28
N ALA G 419 9.23 32.02 -39.02
CA ALA G 419 8.89 33.43 -39.24
C ALA G 419 8.70 34.17 -37.89
N ASN G 420 7.92 33.56 -37.00
CA ASN G 420 7.69 34.18 -35.71
C ASN G 420 8.95 34.20 -34.87
N ARG G 421 9.69 33.11 -34.89
CA ARG G 421 10.94 33.09 -34.15
C ARG G 421 11.97 34.14 -34.66
N VAL G 422 12.14 34.30 -35.99
CA VAL G 422 13.10 35.29 -36.46
C VAL G 422 12.62 36.70 -36.11
N ALA G 423 11.35 36.94 -36.32
CA ALA G 423 10.77 38.24 -35.94
C ALA G 423 11.06 38.62 -34.48
N LEU G 424 10.81 37.68 -33.56
CA LEU G 424 11.08 37.88 -32.15
C LEU G 424 12.56 38.15 -31.90
N GLU G 425 13.42 37.31 -32.46
CA GLU G 425 14.85 37.53 -32.24
C GLU G 425 15.31 38.90 -32.84
N ALA G 426 14.71 39.30 -33.94
CA ALA G 426 15.05 40.60 -34.55
C ALA G 426 14.65 41.77 -33.62
N CYS G 427 13.46 41.67 -33.02
CA CYS G 427 13.02 42.72 -32.09
C CYS G 427 13.86 42.79 -30.85
N ILE G 428 14.31 41.63 -30.38
CA ILE G 428 15.06 41.61 -29.15
C ILE G 428 16.45 42.20 -29.40
N GLN G 429 17.06 41.83 -30.50
CA GLN G 429 18.32 42.42 -30.87
C GLN G 429 18.21 43.96 -31.03
N ALA G 430 17.14 44.41 -31.70
CA ALA G 430 16.94 45.83 -31.91
C ALA G 430 16.77 46.54 -30.60
N ARG G 431 16.08 45.92 -29.65
CA ARG G 431 15.72 46.62 -28.42
C ARG G 431 16.97 46.81 -27.66
N ASN G 432 17.72 45.71 -27.60
CA ASN G 432 18.94 45.70 -26.86
C ASN G 432 19.88 46.74 -27.44
N GLU G 433 19.81 46.96 -28.75
CA GLU G 433 20.63 48.00 -29.40
C GLU G 433 20.19 49.46 -29.16
N GLY G 434 19.09 49.68 -28.46
CA GLY G 434 18.61 51.01 -28.18
C GLY G 434 17.55 51.51 -29.17
N ARG G 435 17.13 50.65 -30.09
CA ARG G 435 16.17 51.08 -31.08
C ARG G 435 14.78 51.19 -30.46
N ASP G 436 13.97 52.12 -30.94
CA ASP G 436 12.64 52.33 -30.44
C ASP G 436 11.63 51.41 -31.18
N LEU G 437 11.16 50.37 -30.49
CA LEU G 437 10.34 49.35 -31.14
C LEU G 437 8.97 49.85 -31.57
N MET G 438 8.44 50.86 -30.89
CA MET G 438 7.19 51.49 -31.35
C MET G 438 7.31 52.31 -32.66
N ARG G 439 8.41 53.03 -32.83
CA ARG G 439 8.62 53.79 -34.04
C ARG G 439 9.29 52.96 -35.16
N GLU G 440 10.36 52.22 -34.84
CA GLU G 440 11.11 51.47 -35.85
C GLU G 440 10.60 50.03 -36.15
N GLY G 441 9.48 49.65 -35.54
CA GLY G 441 8.95 48.27 -35.64
C GLY G 441 8.93 47.63 -37.03
N GLY G 442 8.15 48.23 -37.93
CA GLY G 442 8.11 47.81 -39.32
C GLY G 442 9.47 47.74 -40.02
N ASP G 443 10.36 48.69 -39.73
CA ASP G 443 11.73 48.67 -40.29
C ASP G 443 12.46 47.44 -39.81
N ILE G 444 12.40 47.19 -38.51
CA ILE G 444 13.12 46.08 -37.91
C ILE G 444 12.69 44.78 -38.59
N ILE G 445 11.37 44.62 -38.72
CA ILE G 445 10.74 43.47 -39.38
C ILE G 445 11.11 43.39 -40.88
N ARG G 446 11.14 44.55 -41.54
CA ARG G 446 11.51 44.58 -42.95
C ARG G 446 12.95 44.20 -43.14
N GLU G 447 13.85 44.72 -42.31
CA GLU G 447 15.28 44.33 -42.39
C GLU G 447 15.50 42.81 -42.25
N ALA G 448 14.85 42.22 -41.25
CA ALA G 448 14.90 40.79 -41.01
C ALA G 448 14.31 40.02 -42.19
N ALA G 449 13.20 40.51 -42.74
CA ALA G 449 12.56 39.86 -43.88
C ALA G 449 13.53 39.73 -45.07
N ARG G 450 14.55 40.59 -45.12
CA ARG G 450 15.48 40.57 -46.24
C ARG G 450 16.34 39.33 -46.24
N TRP G 451 16.75 38.81 -45.08
CA TRP G 451 17.58 37.61 -45.10
C TRP G 451 16.82 36.36 -44.63
N SER G 452 15.54 36.50 -44.26
CA SER G 452 14.68 35.34 -43.96
C SER G 452 13.48 35.19 -44.89
N PRO G 453 13.53 34.21 -45.82
CA PRO G 453 12.43 33.91 -46.79
C PRO G 453 11.11 33.56 -46.12
N GLU G 454 11.15 32.84 -45.01
CA GLU G 454 9.94 32.52 -44.26
C GLU G 454 9.25 33.79 -43.76
N LEU G 455 10.01 34.70 -43.14
CA LEU G 455 9.47 35.96 -42.62
C LEU G 455 8.96 36.84 -43.72
N ALA G 456 9.76 36.97 -44.77
CA ALA G 456 9.30 37.70 -45.97
C ALA G 456 7.94 37.12 -46.44
N ALA G 457 7.85 35.78 -46.63
CA ALA G 457 6.59 35.18 -47.12
C ALA G 457 5.41 35.53 -46.22
N ALA G 458 5.68 35.76 -44.93
CA ALA G 458 4.66 36.24 -44.00
C ALA G 458 4.31 37.73 -44.11
N CYS G 459 4.94 38.46 -45.04
CA CYS G 459 4.50 39.83 -45.33
C CYS G 459 4.08 39.98 -46.81
N THR H 3 10.40 24.39 -47.88
CA THR H 3 10.48 23.34 -46.83
C THR H 3 11.59 23.68 -45.84
N LEU H 4 11.23 23.98 -44.60
CA LEU H 4 12.24 24.37 -43.64
C LEU H 4 13.34 23.27 -43.46
N PRO H 5 14.63 23.56 -43.81
CA PRO H 5 15.77 22.62 -43.58
C PRO H 5 15.86 22.11 -42.12
N LYS H 6 16.56 21.00 -41.88
CA LYS H 6 16.78 20.60 -40.46
C LYS H 6 18.16 21.11 -40.06
N GLU H 7 18.21 21.77 -38.92
CA GLU H 7 19.42 22.51 -38.50
C GLU H 7 19.51 22.74 -36.98
N ARG H 8 20.59 22.28 -36.35
CA ARG H 8 20.84 22.58 -34.93
C ARG H 8 20.78 24.10 -34.66
N ARG H 9 20.06 24.47 -33.60
CA ARG H 9 20.06 25.85 -33.08
C ARG H 9 20.64 25.90 -31.68
N TYR H 10 20.65 27.11 -31.10
CA TYR H 10 21.46 27.40 -29.93
C TYR H 10 20.85 28.48 -29.06
N GLU H 11 19.51 28.54 -29.04
CA GLU H 11 18.77 29.51 -28.22
C GLU H 11 18.99 30.96 -28.68
N THR H 12 18.85 31.94 -27.78
CA THR H 12 18.77 33.37 -28.13
C THR H 12 19.81 33.85 -29.17
N PHE H 13 19.24 34.48 -30.21
CA PHE H 13 19.95 35.00 -31.43
C PHE H 13 20.41 33.99 -32.55
N SER H 14 20.21 32.69 -32.34
CA SER H 14 20.67 31.62 -33.27
C SER H 14 19.84 31.50 -34.54
N TYR H 15 18.66 32.16 -34.56
CA TYR H 15 17.86 32.36 -35.81
C TYR H 15 18.33 33.61 -36.67
N LEU H 16 19.23 34.42 -36.10
CA LEU H 16 19.74 35.59 -36.77
C LEU H 16 21.02 35.23 -37.54
N PRO H 17 21.47 36.11 -38.50
CA PRO H 17 22.84 35.92 -39.00
C PRO H 17 23.87 36.06 -37.85
N PRO H 18 24.98 35.29 -37.91
CA PRO H 18 25.98 35.47 -36.83
C PRO H 18 26.30 36.96 -36.65
N LEU H 19 26.36 37.38 -35.40
CA LEU H 19 26.67 38.73 -35.01
C LEU H 19 28.12 39.11 -35.35
N SER H 20 28.29 40.33 -35.88
CA SER H 20 29.59 40.95 -36.01
C SER H 20 30.06 41.37 -34.62
N ASP H 21 31.35 41.73 -34.51
CA ASP H 21 31.99 42.14 -33.27
C ASP H 21 31.40 43.49 -32.77
N ALA H 22 31.05 44.37 -33.70
CA ALA H 22 30.44 45.65 -33.31
C ALA H 22 29.02 45.39 -32.71
N GLN H 23 28.28 44.47 -33.35
CA GLN H 23 26.97 44.01 -32.86
C GLN H 23 27.09 43.32 -31.50
N ILE H 24 28.15 42.54 -31.31
CA ILE H 24 28.38 41.98 -30.00
C ILE H 24 28.62 43.06 -28.92
N ALA H 25 29.44 44.05 -29.25
CA ALA H 25 29.69 45.18 -28.34
C ALA H 25 28.43 46.00 -27.98
N ARG H 26 27.53 46.23 -28.95
CA ARG H 26 26.25 46.86 -28.58
C ARG H 26 25.40 46.06 -27.56
N GLN H 27 25.31 44.73 -27.76
CA GLN H 27 24.63 43.81 -26.82
C GLN H 27 25.27 43.90 -25.42
N ILE H 28 26.60 43.84 -25.39
CA ILE H 28 27.36 44.00 -24.15
C ILE H 28 27.12 45.40 -23.46
N GLN H 29 27.22 46.48 -24.22
CA GLN H 29 26.91 47.81 -23.73
C GLN H 29 25.52 47.91 -23.03
N TYR H 30 24.51 47.38 -23.70
CA TYR H 30 23.16 47.32 -23.17
C TYR H 30 23.08 46.63 -21.79
N ALA H 31 23.71 45.47 -21.69
CA ALA H 31 23.84 44.80 -20.40
C ALA H 31 24.50 45.71 -19.35
N ILE H 32 25.60 46.37 -19.73
CA ILE H 32 26.29 47.31 -18.86
C ILE H 32 25.37 48.48 -18.46
N ASP H 33 24.65 49.04 -19.43
CA ASP H 33 23.76 50.15 -19.14
C ASP H 33 22.58 49.77 -18.30
N GLN H 34 22.22 48.48 -18.28
CA GLN H 34 21.16 48.05 -17.37
C GLN H 34 21.69 47.73 -15.96
N GLY H 35 23.00 47.81 -15.76
CA GLY H 35 23.62 47.38 -14.52
C GLY H 35 23.85 45.87 -14.40
N TYR H 36 23.74 45.12 -15.49
CA TYR H 36 24.00 43.66 -15.47
C TYR H 36 25.51 43.34 -15.49
N HIS H 37 25.85 42.14 -15.07
CA HIS H 37 27.23 41.71 -15.04
C HIS H 37 27.50 40.70 -16.15
N PRO H 38 28.17 41.15 -17.24
CA PRO H 38 28.48 40.24 -18.37
C PRO H 38 29.57 39.24 -18.03
N CYS H 39 29.53 38.12 -18.73
CA CYS H 39 30.46 37.03 -18.51
C CYS H 39 30.56 36.24 -19.82
N VAL H 40 31.64 35.47 -19.99
CA VAL H 40 31.81 34.71 -21.21
C VAL H 40 31.95 33.25 -20.85
N GLU H 41 31.28 32.37 -21.61
CA GLU H 41 31.40 30.95 -21.42
C GLU H 41 31.55 30.20 -22.76
N PHE H 42 31.96 28.94 -22.69
CA PHE H 42 32.32 28.17 -23.86
C PHE H 42 32.13 26.67 -23.59
N ASN H 43 31.92 25.94 -24.67
CA ASN H 43 31.72 24.52 -24.51
C ASN H 43 31.98 23.85 -25.83
N GLU H 44 32.31 22.58 -25.78
CA GLU H 44 32.68 21.81 -26.99
C GLU H 44 31.50 21.40 -27.85
N THR H 45 30.32 21.32 -27.28
CA THR H 45 29.13 20.99 -28.03
C THR H 45 27.98 21.78 -27.46
N SER H 46 26.85 21.71 -28.15
CA SER H 46 25.60 22.25 -27.65
C SER H 46 24.51 21.29 -28.15
N ASN H 47 23.59 21.01 -27.23
CA ASN H 47 22.40 20.24 -27.51
C ASN H 47 21.43 20.57 -26.39
N ALA H 48 20.29 19.90 -26.39
CA ALA H 48 19.21 20.28 -25.51
C ALA H 48 19.40 19.87 -24.00
N GLU H 49 20.05 18.74 -23.79
CA GLU H 49 20.30 18.14 -22.48
C GLU H 49 21.52 18.74 -21.70
N ILE H 50 22.24 19.70 -22.30
CA ILE H 50 23.45 20.26 -21.69
C ILE H 50 23.06 21.45 -20.84
N ARG H 51 23.40 21.38 -19.56
CA ARG H 51 22.96 22.43 -18.64
C ARG H 51 23.99 23.50 -18.39
N TYR H 52 25.23 23.11 -18.15
CA TYR H 52 26.21 24.07 -17.79
C TYR H 52 27.26 24.11 -18.89
N TRP H 53 27.68 25.34 -19.25
CA TRP H 53 28.86 25.55 -20.13
C TRP H 53 30.03 25.76 -19.16
N THR H 54 31.20 26.17 -19.65
CA THR H 54 32.36 26.45 -18.78
C THR H 54 32.76 27.91 -18.80
N MET H 55 32.95 28.47 -17.62
CA MET H 55 33.28 29.88 -17.47
C MET H 55 34.68 30.16 -18.04
N TRP H 56 34.74 31.16 -18.89
CA TRP H 56 36.01 31.61 -19.44
C TRP H 56 36.54 32.64 -18.46
N LYS H 57 37.70 32.39 -17.85
CA LYS H 57 38.23 33.27 -16.80
C LYS H 57 37.20 33.61 -15.71
N LEU H 58 36.86 34.88 -15.55
CA LEU H 58 35.91 35.28 -14.52
C LEU H 58 34.94 36.32 -15.08
N PRO H 59 33.81 36.56 -14.36
CA PRO H 59 32.92 37.68 -14.70
C PRO H 59 33.63 39.03 -14.46
N LEU H 60 33.37 40.00 -15.33
CA LEU H 60 34.03 41.29 -15.30
C LEU H 60 33.09 42.24 -14.61
N PHE H 61 33.54 42.73 -13.44
CA PHE H 61 32.62 43.10 -12.39
C PHE H 61 31.95 44.45 -12.41
N ASN H 62 32.70 45.49 -12.77
CA ASN H 62 32.07 46.76 -13.20
C ASN H 62 32.97 47.59 -14.10
N CYS H 63 33.48 46.95 -15.15
CA CYS H 63 34.10 47.69 -16.23
C CYS H 63 32.99 48.29 -17.09
N THR H 64 33.02 49.60 -17.20
CA THR H 64 31.98 50.33 -17.89
C THR H 64 32.23 50.24 -19.40
N ASN H 65 33.38 49.66 -19.78
CA ASN H 65 33.71 49.52 -21.22
C ASN H 65 33.49 48.11 -21.81
N ALA H 66 32.55 48.02 -22.74
CA ALA H 66 32.20 46.77 -23.40
C ALA H 66 33.34 46.13 -24.16
N GLN H 67 34.36 46.91 -24.51
CA GLN H 67 35.51 46.43 -25.28
C GLN H 67 36.28 45.37 -24.50
N ASP H 68 36.40 45.58 -23.21
CA ASP H 68 37.11 44.63 -22.34
C ASP H 68 36.49 43.21 -22.45
N VAL H 69 35.14 43.13 -22.37
CA VAL H 69 34.44 41.87 -22.57
C VAL H 69 34.65 41.32 -23.99
N LEU H 70 34.55 42.19 -24.99
CA LEU H 70 34.71 41.79 -26.40
C LEU H 70 36.08 41.15 -26.60
N ASN H 71 37.08 41.69 -25.89
CA ASN H 71 38.47 41.22 -25.94
C ASN H 71 38.54 39.82 -25.44
N GLU H 72 37.73 39.53 -24.43
CA GLU H 72 37.66 38.19 -23.87
C GLU H 72 37.12 37.23 -24.91
N VAL H 73 36.10 37.66 -25.63
CA VAL H 73 35.48 36.82 -26.64
C VAL H 73 36.50 36.50 -27.74
N GLN H 74 37.21 37.51 -28.21
CA GLN H 74 38.20 37.28 -29.28
C GLN H 74 39.35 36.42 -28.77
N GLN H 75 39.79 36.66 -27.55
CA GLN H 75 40.89 35.86 -27.02
C GLN H 75 40.49 34.36 -26.91
N CYS H 76 39.29 34.10 -26.39
CA CYS H 76 38.76 32.76 -26.28
C CYS H 76 38.51 32.14 -27.66
N ARG H 77 38.00 32.94 -28.59
CA ARG H 77 37.72 32.50 -29.96
C ARG H 77 38.96 32.02 -30.74
N SER H 78 40.06 32.72 -30.54
CA SER H 78 41.30 32.38 -31.23
C SER H 78 42.01 31.24 -30.47
N GLU H 79 41.86 31.19 -29.16
CA GLU H 79 42.50 30.08 -28.47
C GLU H 79 41.68 28.81 -28.49
N TYR H 80 40.41 28.90 -28.80
CA TYR H 80 39.60 27.70 -28.85
C TYR H 80 38.65 27.79 -30.03
N PRO H 81 39.19 27.71 -31.27
CA PRO H 81 38.36 27.93 -32.47
C PRO H 81 37.38 26.76 -32.81
N ASN H 82 37.56 25.60 -32.17
CA ASN H 82 36.61 24.47 -32.28
C ASN H 82 35.52 24.45 -31.19
N CYS H 83 35.38 25.52 -30.39
CA CYS H 83 34.44 25.56 -29.26
C CYS H 83 33.29 26.55 -29.48
N PHE H 84 32.12 26.26 -28.91
CA PHE H 84 31.01 27.20 -28.93
C PHE H 84 31.22 28.25 -27.85
N ILE H 85 30.92 29.48 -28.19
CA ILE H 85 31.12 30.59 -27.25
C ILE H 85 29.88 31.48 -27.18
N ARG H 86 29.53 31.83 -25.95
CA ARG H 86 28.44 32.74 -25.76
C ARG H 86 28.72 33.72 -24.65
N VAL H 87 27.91 34.78 -24.65
CA VAL H 87 27.96 35.87 -23.69
C VAL H 87 26.71 35.76 -22.83
N VAL H 88 26.92 35.84 -21.52
CA VAL H 88 25.83 35.87 -20.58
C VAL H 88 25.91 37.14 -19.71
N ALA H 89 24.79 37.43 -19.07
CA ALA H 89 24.66 38.64 -18.29
C ALA H 89 23.64 38.32 -17.21
N PHE H 90 23.99 38.68 -15.98
CA PHE H 90 23.26 38.34 -14.77
C PHE H 90 22.75 39.58 -14.07
N ASP H 91 21.60 39.48 -13.43
CA ASP H 91 21.04 40.57 -12.64
C ASP H 91 21.12 40.06 -11.21
N ASN H 92 21.93 40.72 -10.40
CA ASN H 92 22.27 40.24 -9.03
C ASN H 92 21.14 40.35 -7.97
N ILE H 93 20.44 41.50 -7.95
CA ILE H 93 19.21 41.69 -7.14
C ILE H 93 18.30 40.45 -7.34
N LYS H 94 17.66 40.38 -8.51
CA LYS H 94 16.69 39.34 -8.81
C LYS H 94 17.39 37.99 -8.84
N GLN H 95 18.71 37.99 -8.73
CA GLN H 95 19.46 36.73 -8.66
C GLN H 95 19.10 35.80 -9.84
N CYS H 96 19.15 36.34 -11.05
CA CYS H 96 18.85 35.56 -12.24
C CYS H 96 19.62 35.99 -13.48
N GLN H 97 19.62 35.10 -14.46
CA GLN H 97 20.25 35.35 -15.75
C GLN H 97 19.30 36.09 -16.70
N VAL H 98 19.80 37.18 -17.26
CA VAL H 98 18.96 38.06 -18.04
C VAL H 98 19.42 38.12 -19.50
N MET H 99 20.58 37.52 -19.82
CA MET H 99 20.99 37.43 -21.24
C MET H 99 21.78 36.17 -21.51
N SER H 100 21.66 35.65 -22.73
CA SER H 100 22.37 34.43 -23.16
C SER H 100 22.32 34.30 -24.66
N PHE H 101 23.38 34.79 -25.31
CA PHE H 101 23.44 34.73 -26.76
C PHE H 101 24.76 34.22 -27.31
N ILE H 102 24.61 33.37 -28.32
CA ILE H 102 25.69 32.70 -29.01
C ILE H 102 26.49 33.78 -29.76
N VAL H 103 27.81 33.77 -29.61
CA VAL H 103 28.63 34.77 -30.27
C VAL H 103 29.61 34.17 -31.25
N TYR H 104 29.76 32.85 -31.23
CA TYR H 104 30.68 32.14 -32.12
C TYR H 104 30.28 30.67 -32.26
N LYS H 105 30.15 30.19 -33.51
CA LYS H 105 29.96 28.76 -33.77
C LYS H 105 31.10 28.10 -34.56
N PRO H 106 31.81 27.14 -33.98
CA PRO H 106 32.87 26.53 -34.76
C PRO H 106 32.46 26.03 -36.17
N THR I 23 27.98 48.16 8.47
CA THR I 23 27.70 46.87 7.77
C THR I 23 26.85 45.84 8.58
N TYR I 24 27.33 45.37 9.74
CA TYR I 24 26.53 44.48 10.56
C TYR I 24 26.00 45.09 11.82
N TYR I 25 26.55 46.25 12.23
CA TYR I 25 26.02 47.04 13.33
C TYR I 25 25.39 48.31 12.76
N THR I 26 24.05 48.38 12.75
CA THR I 26 23.29 49.47 12.16
C THR I 26 22.31 49.96 13.19
N PRO I 27 22.78 50.80 14.13
CA PRO I 27 21.87 51.28 15.21
C PRO I 27 20.70 52.13 14.72
N ASP I 28 20.67 52.54 13.44
CA ASP I 28 19.46 53.22 12.93
C ASP I 28 18.37 52.36 12.27
N TYR I 29 18.62 51.05 12.16
CA TYR I 29 17.67 50.14 11.51
C TYR I 29 16.46 49.99 12.39
N THR I 30 15.26 50.15 11.85
CA THR I 30 14.10 49.82 12.66
C THR I 30 13.46 48.50 12.15
N PRO I 31 13.27 47.57 13.06
CA PRO I 31 12.91 46.20 12.64
C PRO I 31 11.51 46.17 12.02
N LYS I 32 11.29 45.32 11.03
CA LYS I 32 9.97 45.12 10.42
C LYS I 32 9.15 44.11 11.27
N ASP I 33 7.83 44.20 11.17
CA ASP I 33 6.96 43.28 11.85
C ASP I 33 7.12 41.85 11.34
N THR I 34 7.82 41.67 10.21
CA THR I 34 8.06 40.36 9.68
C THR I 34 9.45 39.87 10.07
N ASP I 35 10.28 40.71 10.70
CA ASP I 35 11.62 40.24 11.08
C ASP I 35 11.59 39.24 12.23
N ILE I 36 12.50 38.27 12.23
CA ILE I 36 12.81 37.56 13.51
C ILE I 36 13.82 38.41 14.35
N LEU I 37 13.52 38.66 15.60
CA LEU I 37 14.48 39.36 16.45
C LEU I 37 15.04 38.38 17.52
N ALA I 38 16.27 38.62 17.90
CA ALA I 38 16.98 37.79 18.89
C ALA I 38 17.66 38.69 19.92
N ALA I 39 17.56 38.38 21.19
CA ALA I 39 18.28 39.15 22.19
C ALA I 39 19.34 38.27 22.80
N PHE I 40 20.58 38.58 22.56
CA PHE I 40 21.69 37.76 23.03
C PHE I 40 22.38 38.49 24.20
N ARG I 41 22.71 37.77 25.26
CA ARG I 41 23.59 38.31 26.30
C ARG I 41 25.00 37.93 25.85
N VAL I 42 25.82 38.96 25.59
CA VAL I 42 27.14 38.77 25.00
C VAL I 42 28.21 39.08 26.08
N THR I 43 29.23 38.21 26.24
CA THR I 43 30.45 38.46 27.05
C THR I 43 31.65 38.44 26.11
N PRO I 44 32.11 39.61 25.66
CA PRO I 44 33.26 39.62 24.73
C PRO I 44 34.60 39.30 25.43
N GLN I 45 35.52 38.69 24.72
CA GLN I 45 36.89 38.46 25.17
C GLN I 45 37.49 39.81 25.57
N PRO I 46 38.38 39.82 26.59
CA PRO I 46 39.04 41.08 27.05
C PRO I 46 39.61 41.91 25.86
N GLY I 47 39.36 43.21 25.85
CA GLY I 47 39.85 44.02 24.78
C GLY I 47 39.07 43.96 23.46
N VAL I 48 37.94 43.25 23.42
CA VAL I 48 37.04 43.35 22.24
C VAL I 48 35.99 44.42 22.53
N PRO I 49 35.88 45.43 21.67
CA PRO I 49 34.92 46.49 22.08
C PRO I 49 33.48 46.05 21.73
N PHE I 50 32.48 46.56 22.47
CA PHE I 50 31.12 46.10 22.33
C PHE I 50 30.67 46.19 20.87
N GLU I 51 31.04 47.25 20.16
CA GLU I 51 30.55 47.39 18.80
C GLU I 51 31.01 46.32 17.86
N GLU I 52 32.25 45.82 18.01
CA GLU I 52 32.71 44.75 17.15
C GLU I 52 32.10 43.41 17.54
N ALA I 53 31.95 43.15 18.83
CA ALA I 53 31.35 41.89 19.28
C ALA I 53 29.91 41.77 18.70
N ALA I 54 29.14 42.84 18.79
CA ALA I 54 27.76 42.89 18.32
C ALA I 54 27.69 42.65 16.83
N ALA I 55 28.53 43.33 16.07
CA ALA I 55 28.60 43.05 14.65
C ALA I 55 28.91 41.60 14.42
N ALA I 56 29.76 41.02 15.28
CA ALA I 56 30.26 39.67 15.03
C ALA I 56 29.11 38.70 15.26
N VAL I 57 28.31 38.96 16.28
CA VAL I 57 27.12 38.17 16.60
C VAL I 57 26.12 38.18 15.44
N ALA I 58 25.89 39.34 14.85
CA ALA I 58 24.99 39.40 13.71
C ALA I 58 25.57 38.73 12.47
N ALA I 59 26.85 38.96 12.20
CA ALA I 59 27.53 38.33 11.04
C ALA I 59 27.64 36.79 11.11
N GLU I 60 28.13 36.30 12.24
CA GLU I 60 28.37 34.86 12.38
C GLU I 60 27.05 34.09 12.53
N SER I 61 25.91 34.79 12.70
CA SER I 61 24.61 34.09 12.77
C SER I 61 23.80 34.30 11.50
N SER I 62 24.46 34.80 10.45
CA SER I 62 23.81 35.00 9.16
C SER I 62 24.80 34.81 8.01
N THR I 63 25.13 35.87 7.29
CA THR I 63 25.94 35.76 6.06
C THR I 63 27.44 35.52 6.27
N GLY I 64 27.99 35.97 7.42
CA GLY I 64 29.33 35.53 7.89
C GLY I 64 30.49 36.22 7.19
N TRP I 70 33.43 36.18 -5.88
CA TRP I 70 32.77 36.53 -7.15
C TRP I 70 31.28 36.23 -7.15
N THR I 71 30.91 35.08 -6.60
CA THR I 71 29.50 34.72 -6.53
C THR I 71 28.74 35.69 -5.59
N ASP I 72 29.46 36.26 -4.61
CA ASP I 72 28.98 37.37 -3.74
C ASP I 72 28.28 38.49 -4.50
N LEU I 73 28.81 38.85 -5.67
CA LEU I 73 28.23 39.95 -6.44
C LEU I 73 27.22 39.49 -7.50
N LEU I 74 26.91 38.18 -7.48
CA LEU I 74 25.73 37.60 -8.16
C LEU I 74 24.48 37.75 -7.31
N THR I 75 24.66 37.87 -5.98
CA THR I 75 23.51 38.09 -5.04
C THR I 75 23.48 39.46 -4.37
N ASP I 76 22.32 39.82 -3.83
CA ASP I 76 22.21 41.04 -3.05
C ASP I 76 22.36 40.66 -1.59
N LEU I 77 23.61 40.62 -1.14
CA LEU I 77 23.88 40.18 0.23
C LEU I 77 23.20 41.06 1.29
N ASP I 78 22.79 42.27 0.93
CA ASP I 78 22.13 43.13 1.89
C ASP I 78 20.86 42.50 2.43
N ARG I 79 20.07 41.93 1.55
CA ARG I 79 18.78 41.44 2.03
C ARG I 79 18.83 40.05 2.75
N TYR I 80 20.01 39.44 2.86
CA TYR I 80 20.12 38.20 3.63
C TYR I 80 20.85 38.33 4.98
N LYS I 81 21.38 39.53 5.27
CA LYS I 81 22.14 39.70 6.49
C LYS I 81 21.22 39.89 7.72
N GLY I 82 21.63 39.34 8.84
CA GLY I 82 21.19 39.86 10.13
C GLY I 82 21.94 41.17 10.43
N CYS I 83 21.41 42.01 11.30
CA CYS I 83 22.15 43.19 11.69
C CYS I 83 21.88 43.48 13.15
N CYS I 84 22.88 43.92 13.88
CA CYS I 84 22.61 44.40 15.26
C CYS I 84 22.01 45.79 15.23
N TYR I 85 20.79 45.96 15.77
CA TYR I 85 20.17 47.26 15.68
C TYR I 85 20.23 47.99 16.99
N ASP I 86 20.75 47.37 18.04
CA ASP I 86 20.77 48.00 19.34
C ASP I 86 21.67 47.21 20.25
N ILE I 87 22.45 47.95 21.04
CA ILE I 87 23.42 47.43 22.02
C ILE I 87 23.01 48.06 23.37
N GLU I 88 22.69 47.21 24.34
CA GLU I 88 22.22 47.66 25.63
C GLU I 88 23.22 47.19 26.69
N PRO I 89 24.03 48.13 27.22
CA PRO I 89 24.95 47.83 28.33
C PRO I 89 24.18 47.36 29.54
N LEU I 90 24.84 46.53 30.34
CA LEU I 90 24.19 45.95 31.50
C LEU I 90 24.70 46.53 32.86
N PRO I 91 23.94 47.46 33.47
CA PRO I 91 24.43 48.03 34.74
C PRO I 91 24.73 46.94 35.79
N GLY I 92 25.93 46.99 36.35
CA GLY I 92 26.32 46.01 37.34
C GLY I 92 27.24 45.04 36.63
N GLU I 93 26.65 44.28 35.69
CA GLU I 93 27.34 43.12 35.05
C GLU I 93 28.70 43.48 34.52
N ASP I 94 29.65 42.54 34.60
CA ASP I 94 31.04 42.82 34.19
C ASP I 94 31.27 42.36 32.76
N ASN I 95 31.40 43.33 31.85
CA ASN I 95 31.82 43.05 30.46
C ASN I 95 30.68 42.34 29.67
N GLN I 96 29.42 42.58 30.02
CA GLN I 96 28.28 41.95 29.37
C GLN I 96 27.38 43.01 28.75
N PHE I 97 26.70 42.64 27.67
CA PHE I 97 25.63 43.50 27.17
C PHE I 97 24.61 42.70 26.37
N ILE I 98 23.46 43.33 26.13
CA ILE I 98 22.42 42.81 25.28
C ILE I 98 22.56 43.32 23.83
N ALA I 99 22.75 42.36 22.92
CA ALA I 99 22.79 42.66 21.48
C ALA I 99 21.44 42.25 20.89
N TYR I 100 20.73 43.20 20.28
CA TYR I 100 19.50 42.91 19.49
C TYR I 100 19.77 42.72 17.99
N ILE I 101 19.40 41.54 17.47
CA ILE I 101 19.68 41.21 16.09
C ILE I 101 18.31 41.07 15.40
N ALA I 102 18.27 41.50 14.13
CA ALA I 102 17.12 41.37 13.28
C ALA I 102 17.45 40.50 12.05
N TYR I 103 16.61 39.47 11.78
CA TYR I 103 16.77 38.55 10.66
C TYR I 103 15.54 38.64 9.73
N PRO I 104 15.83 38.82 8.44
CA PRO I 104 14.73 38.86 7.45
C PRO I 104 14.00 37.51 7.37
N LEU I 105 12.68 37.59 7.24
CA LEU I 105 11.75 36.48 7.16
C LEU I 105 12.22 35.39 6.20
N ASP I 106 12.71 35.79 5.05
CA ASP I 106 13.15 34.87 4.01
C ASP I 106 14.29 33.89 4.32
N LEU I 107 15.04 34.13 5.37
CA LEU I 107 16.13 33.21 5.70
C LEU I 107 15.59 31.86 6.21
N PHE I 108 14.33 31.80 6.66
CA PHE I 108 13.91 30.62 7.41
C PHE I 108 12.97 29.72 6.63
N GLU I 109 13.20 28.39 6.73
CA GLU I 109 12.25 27.44 6.24
C GLU I 109 10.93 27.49 7.00
N GLU I 110 9.83 27.53 6.24
CA GLU I 110 8.49 27.60 6.83
C GLU I 110 8.20 26.37 7.69
N GLY I 111 7.64 26.56 8.88
CA GLY I 111 7.17 25.37 9.59
C GLY I 111 8.32 24.65 10.23
N SER I 112 9.56 25.20 10.18
CA SER I 112 10.73 24.47 10.69
C SER I 112 11.45 25.08 11.90
N VAL I 113 11.16 24.63 13.10
CA VAL I 113 11.90 25.05 14.26
C VAL I 113 13.36 24.60 14.08
N THR I 114 13.56 23.43 13.50
CA THR I 114 14.92 22.93 13.24
C THR I 114 15.74 23.93 12.46
N ASN I 115 15.20 24.47 11.37
CA ASN I 115 15.93 25.40 10.55
C ASN I 115 16.10 26.77 11.24
N MET I 116 15.10 27.17 12.03
CA MET I 116 15.19 28.40 12.76
C MET I 116 16.32 28.30 13.81
N LEU I 117 16.32 27.23 14.62
CA LEU I 117 17.46 27.00 15.51
C LEU I 117 18.82 26.98 14.82
N THR I 118 18.94 26.11 13.82
CA THR I 118 20.20 26.01 13.08
C THR I 118 20.61 27.39 12.62
N SER I 119 19.70 28.19 12.05
CA SER I 119 20.13 29.50 11.49
C SER I 119 20.63 30.42 12.57
N ILE I 120 19.84 30.54 13.66
CA ILE I 120 20.19 31.51 14.70
C ILE I 120 21.38 31.08 15.61
N VAL I 121 21.33 29.86 16.17
CA VAL I 121 22.28 29.40 17.17
C VAL I 121 23.18 28.28 16.65
N GLY I 122 23.19 28.00 15.36
CA GLY I 122 23.98 26.89 14.90
C GLY I 122 25.47 27.18 14.95
N ASN I 123 25.85 28.45 14.85
CA ASN I 123 27.22 28.75 14.57
C ASN I 123 27.90 29.72 15.57
N VAL I 124 27.16 30.70 16.04
CA VAL I 124 27.71 31.89 16.58
C VAL I 124 28.31 31.68 17.98
N PHE I 125 27.83 30.67 18.69
CA PHE I 125 28.30 30.36 20.07
C PHE I 125 29.74 29.89 20.20
N GLY I 126 30.33 29.49 19.09
CA GLY I 126 31.74 29.15 19.08
C GLY I 126 32.66 30.24 18.59
N PHE I 127 32.13 31.42 18.27
CA PHE I 127 33.01 32.48 17.74
C PHE I 127 34.07 32.91 18.76
N LYS I 128 35.33 33.04 18.32
CA LYS I 128 36.46 33.19 19.23
C LYS I 128 36.55 34.52 19.98
N ALA I 129 36.01 35.61 19.42
CA ALA I 129 36.06 36.90 20.09
C ALA I 129 35.06 37.00 21.22
N LEU I 130 34.24 35.96 21.41
CA LEU I 130 33.24 35.96 22.48
C LEU I 130 33.71 35.04 23.57
N LYS I 131 33.71 35.52 24.79
CA LYS I 131 34.03 34.61 25.87
C LYS I 131 32.84 33.69 26.17
N ALA I 132 31.61 34.23 26.07
CA ALA I 132 30.38 33.52 26.42
C ALA I 132 29.24 34.25 25.71
N LEU I 133 28.12 33.52 25.56
CA LEU I 133 27.01 33.89 24.73
C LEU I 133 25.75 33.15 25.18
N ARG I 134 24.74 33.88 25.51
CA ARG I 134 23.48 33.29 25.88
C ARG I 134 22.33 33.93 25.09
N LEU I 135 21.47 33.11 24.46
CA LEU I 135 20.31 33.64 23.80
C LEU I 135 19.23 33.76 24.81
N GLU I 136 18.71 34.98 24.94
CA GLU I 136 17.76 35.21 26.01
C GLU I 136 16.29 35.16 25.53
N ASP I 137 15.99 35.62 24.32
CA ASP I 137 14.61 35.71 23.88
C ASP I 137 14.61 35.76 22.37
N LEU I 138 13.47 35.43 21.76
CA LEU I 138 13.31 35.64 20.31
C LEU I 138 11.97 36.27 20.04
N ARG I 139 11.89 37.18 19.09
CA ARG I 139 10.53 37.70 18.74
C ARG I 139 10.09 36.97 17.46
N ILE I 140 9.15 36.01 17.57
CA ILE I 140 8.71 35.31 16.34
C ILE I 140 7.65 36.15 15.68
N PRO I 141 7.82 36.49 14.42
CA PRO I 141 6.81 37.34 13.78
C PRO I 141 5.53 36.55 13.41
N VAL I 142 4.38 37.23 13.39
CA VAL I 142 3.11 36.64 13.01
C VAL I 142 3.18 35.90 11.66
N ALA I 143 3.79 36.52 10.66
CA ALA I 143 3.88 35.89 9.35
C ALA I 143 4.67 34.59 9.39
N TYR I 144 5.58 34.42 10.35
CA TYR I 144 6.33 33.15 10.40
C TYR I 144 5.45 32.20 11.20
N LEU I 145 4.86 32.67 12.31
CA LEU I 145 4.03 31.77 13.11
C LEU I 145 2.91 31.10 12.32
N LYS I 146 2.30 31.81 11.37
CA LYS I 146 1.21 31.24 10.60
C LYS I 146 1.67 30.03 9.73
N THR I 147 2.97 29.79 9.57
CA THR I 147 3.43 28.62 8.84
C THR I 147 3.58 27.39 9.78
N PHE I 148 3.27 27.51 11.08
CA PHE I 148 3.36 26.37 11.98
C PHE I 148 2.01 25.91 12.44
N GLN I 149 1.89 24.64 12.80
CA GLN I 149 0.66 24.15 13.34
C GLN I 149 0.50 24.69 14.78
N GLY I 150 1.57 24.72 15.56
CA GLY I 150 1.42 24.98 16.99
C GLY I 150 0.89 23.75 17.74
N PRO I 151 0.42 23.93 18.98
CA PRO I 151 -0.12 22.82 19.77
C PRO I 151 -1.11 21.99 19.03
N PRO I 152 -1.09 20.66 19.20
CA PRO I 152 -2.08 19.93 18.50
C PRO I 152 -3.49 20.31 19.00
N HIS I 153 -3.63 20.67 20.29
CA HIS I 153 -4.95 21.02 20.81
C HIS I 153 -4.95 22.34 21.59
N GLY I 154 -4.14 22.44 22.64
CA GLY I 154 -4.03 23.73 23.37
C GLY I 154 -5.08 23.71 24.47
N ILE I 155 -5.01 24.73 25.33
CA ILE I 155 -5.67 24.71 26.61
C ILE I 155 -7.13 24.51 26.49
N GLN I 156 -7.75 25.35 25.67
CA GLN I 156 -9.20 25.34 25.65
C GLN I 156 -9.72 24.02 25.11
N VAL I 157 -9.16 23.53 24.00
CA VAL I 157 -9.68 22.28 23.42
C VAL I 157 -9.41 21.10 24.37
N GLU I 158 -8.30 21.11 25.04
CA GLU I 158 -7.96 20.06 25.93
C GLU I 158 -8.94 19.96 27.09
N ARG I 159 -9.34 21.08 27.68
CA ARG I 159 -10.42 21.02 28.72
C ARG I 159 -11.73 20.49 28.19
N ASP I 160 -12.10 20.91 26.96
CA ASP I 160 -13.30 20.38 26.35
C ASP I 160 -13.19 18.87 26.09
N LYS I 161 -12.03 18.36 25.66
CA LYS I 161 -11.96 16.90 25.44
C LYS I 161 -12.04 16.10 26.75
N LEU I 162 -11.47 16.64 27.82
CA LEU I 162 -11.39 15.98 29.10
C LEU I 162 -12.60 16.32 30.00
N ASN I 163 -13.30 17.39 29.64
CA ASN I 163 -14.49 17.79 30.40
C ASN I 163 -14.13 18.35 31.76
N LYS I 164 -12.97 19.02 31.88
CA LYS I 164 -12.52 19.47 33.19
C LYS I 164 -12.38 20.99 33.22
N TYR I 165 -13.21 21.64 34.03
CA TYR I 165 -13.26 23.12 34.05
C TYR I 165 -13.05 23.71 35.44
N GLY I 166 -12.48 24.90 35.51
CA GLY I 166 -12.56 25.70 36.73
C GLY I 166 -11.51 25.39 37.78
N ARG I 167 -10.47 24.66 37.38
CA ARG I 167 -9.45 24.24 38.32
C ARG I 167 -8.25 23.71 37.55
N PRO I 168 -7.07 23.68 38.21
CA PRO I 168 -5.86 23.07 37.70
C PRO I 168 -6.13 21.57 37.57
N LEU I 169 -5.39 20.90 36.65
CA LEU I 169 -5.41 19.42 36.65
C LEU I 169 -4.34 18.85 37.59
N LEU I 170 -4.54 17.61 38.01
CA LEU I 170 -3.69 16.94 38.98
C LEU I 170 -3.10 15.66 38.45
N GLY I 171 -1.79 15.52 38.62
CA GLY I 171 -1.03 14.35 38.20
C GLY I 171 -0.10 13.81 39.29
N CYS I 172 0.23 12.51 39.22
CA CYS I 172 1.21 11.90 40.17
C CYS I 172 2.23 11.21 39.28
N THR I 173 3.50 11.28 39.62
CA THR I 173 4.49 10.42 38.91
C THR I 173 4.56 9.11 39.70
N ILE I 174 4.69 8.00 38.99
CA ILE I 174 4.83 6.68 39.60
C ILE I 174 6.24 6.44 40.16
N LYS I 175 6.31 5.87 41.36
CA LYS I 175 7.60 5.55 42.00
C LYS I 175 7.64 4.09 42.48
N PRO I 176 8.77 3.38 42.29
CA PRO I 176 10.07 3.83 41.75
C PRO I 176 10.01 4.15 40.27
N LYS I 177 10.89 5.06 39.85
CA LYS I 177 11.04 5.44 38.45
C LYS I 177 11.10 4.20 37.52
N LEU I 178 12.10 3.36 37.77
CA LEU I 178 12.40 2.16 37.00
C LEU I 178 12.25 0.92 37.88
N GLY I 179 11.78 -0.17 37.28
CA GLY I 179 11.97 -1.44 37.91
C GLY I 179 10.72 -2.20 38.13
N LEU I 180 9.57 -1.53 38.14
CA LEU I 180 8.30 -2.26 38.31
C LEU I 180 8.02 -3.00 37.03
N SER I 181 7.50 -4.23 37.13
CA SER I 181 7.03 -4.94 35.98
C SER I 181 5.84 -4.13 35.44
N ALA I 182 5.41 -4.42 34.19
CA ALA I 182 4.37 -3.64 33.54
C ALA I 182 3.10 -3.73 34.34
N LYS I 183 2.80 -4.91 34.87
CA LYS I 183 1.57 -5.16 35.58
C LYS I 183 1.57 -4.48 36.96
N ASN I 184 2.73 -4.47 37.61
CA ASN I 184 2.84 -3.83 38.93
C ASN I 184 2.70 -2.35 38.76
N TYR I 185 3.25 -1.87 37.65
CA TYR I 185 3.16 -0.49 37.25
C TYR I 185 1.70 -0.07 37.05
N GLY I 186 0.94 -0.87 36.32
CA GLY I 186 -0.48 -0.52 36.13
C GLY I 186 -1.29 -0.55 37.43
N ARG I 187 -0.93 -1.45 38.37
CA ARG I 187 -1.54 -1.46 39.71
C ARG I 187 -1.35 -0.09 40.41
N ALA I 188 -0.11 0.39 40.48
CA ALA I 188 0.15 1.72 41.02
C ALA I 188 -0.64 2.87 40.29
N VAL I 189 -0.77 2.79 38.96
CA VAL I 189 -1.50 3.79 38.20
C VAL I 189 -2.95 3.71 38.62
N TYR I 190 -3.52 2.51 38.67
CA TYR I 190 -4.94 2.39 39.01
C TYR I 190 -5.25 3.01 40.37
N GLU I 191 -4.44 2.69 41.38
CA GLU I 191 -4.65 3.22 42.74
C GLU I 191 -4.50 4.75 42.78
N CYS I 192 -3.49 5.31 42.12
CA CYS I 192 -3.43 6.77 41.99
C CYS I 192 -4.67 7.38 41.36
N LEU I 193 -5.11 6.85 40.21
CA LEU I 193 -6.18 7.54 39.45
C LEU I 193 -7.56 7.43 40.16
N ARG I 194 -7.79 6.28 40.81
CA ARG I 194 -9.06 6.03 41.46
C ARG I 194 -9.26 6.94 42.68
N GLY I 195 -8.20 7.49 43.23
CA GLY I 195 -8.25 8.34 44.43
C GLY I 195 -8.54 9.77 44.08
N GLY I 196 -8.54 10.09 42.78
CA GLY I 196 -8.96 11.44 42.37
C GLY I 196 -8.03 12.30 41.56
N LEU I 197 -6.87 11.77 41.17
CA LEU I 197 -5.97 12.48 40.22
C LEU I 197 -6.54 12.34 38.80
N ASP I 198 -6.35 13.34 37.98
CA ASP I 198 -6.67 13.26 36.57
C ASP I 198 -5.66 12.39 35.73
N PHE I 199 -4.36 12.55 36.01
CA PHE I 199 -3.31 11.93 35.20
C PHE I 199 -2.32 11.23 36.09
N THR I 200 -1.77 10.09 35.64
CA THR I 200 -0.44 9.64 36.12
C THR I 200 0.56 9.76 34.95
N LYS I 201 1.86 9.47 35.17
CA LYS I 201 2.93 9.90 34.26
C LYS I 201 4.06 8.83 34.18
N ASP I 202 4.51 8.48 32.95
CA ASP I 202 5.73 7.64 32.71
C ASP I 202 6.88 8.53 33.03
N ASP I 203 7.89 7.98 33.72
CA ASP I 203 9.16 8.65 33.86
C ASP I 203 9.78 8.88 32.48
N GLU I 204 10.53 9.96 32.34
CA GLU I 204 11.17 10.28 31.09
C GLU I 204 12.19 9.20 30.65
N ASN I 205 12.72 8.39 31.57
CA ASN I 205 13.69 7.36 31.29
C ASN I 205 13.07 6.05 30.78
N ILE I 206 11.78 5.88 31.04
CA ILE I 206 11.09 4.67 30.70
C ILE I 206 10.61 4.83 29.27
N ASN I 207 11.24 4.05 28.37
CA ASN I 207 10.82 3.96 26.99
C ASN I 207 10.47 2.48 26.76
N SER I 208 11.42 1.66 26.32
CA SER I 208 11.23 0.19 26.41
C SER I 208 12.54 -0.43 26.91
N GLN I 209 12.52 -1.34 27.88
CA GLN I 209 13.77 -1.78 28.49
C GLN I 209 13.61 -3.22 28.83
N PRO I 210 14.71 -3.92 29.15
CA PRO I 210 14.56 -5.34 29.52
C PRO I 210 13.59 -5.64 30.65
N PHE I 211 13.55 -4.83 31.69
CA PHE I 211 12.61 -5.03 32.83
C PHE I 211 11.19 -4.59 32.50
N GLN I 212 10.97 -3.90 31.40
CA GLN I 212 9.60 -3.51 31.15
C GLN I 212 9.46 -3.08 29.70
N ARG I 213 8.95 -3.94 28.85
CA ARG I 213 8.81 -3.59 27.42
C ARG I 213 7.60 -2.67 27.25
N TRP I 214 7.70 -1.76 26.27
CA TRP I 214 6.69 -0.71 26.08
C TRP I 214 5.28 -1.23 25.86
N ARG I 215 5.14 -2.28 25.03
CA ARG I 215 3.79 -2.69 24.63
C ARG I 215 3.02 -3.26 25.83
N ASP I 216 3.72 -4.02 26.70
CA ASP I 216 3.14 -4.53 27.97
C ASP I 216 2.74 -3.39 28.88
N ARG I 217 3.63 -2.42 29.07
CA ARG I 217 3.25 -1.23 29.79
C ARG I 217 2.00 -0.54 29.24
N PHE I 218 1.98 -0.26 27.94
CA PHE I 218 0.82 0.42 27.36
C PHE I 218 -0.44 -0.33 27.66
N LEU I 219 -0.37 -1.66 27.56
CA LEU I 219 -1.54 -2.46 27.70
C LEU I 219 -2.09 -2.45 29.15
N PHE I 220 -1.22 -2.66 30.15
CA PHE I 220 -1.70 -2.71 31.53
C PHE I 220 -2.10 -1.32 32.04
N VAL I 221 -1.47 -0.26 31.52
CA VAL I 221 -1.90 1.08 31.86
C VAL I 221 -3.26 1.39 31.37
N ALA I 222 -3.57 0.94 30.15
CA ALA I 222 -4.93 1.08 29.58
C ALA I 222 -6.00 0.36 30.43
N ASP I 223 -5.65 -0.83 30.93
CA ASP I 223 -6.58 -1.56 31.86
C ASP I 223 -6.77 -0.76 33.17
N ALA I 224 -5.71 -0.11 33.64
CA ALA I 224 -5.78 0.67 34.87
C ALA I 224 -6.67 1.86 34.65
N ILE I 225 -6.46 2.62 33.57
CA ILE I 225 -7.36 3.71 33.20
C ILE I 225 -8.84 3.30 33.11
N HIS I 226 -9.11 2.20 32.45
CA HIS I 226 -10.44 1.79 32.22
C HIS I 226 -11.11 1.55 33.58
N LYS I 227 -10.42 0.83 34.47
CA LYS I 227 -11.00 0.51 35.78
C LYS I 227 -11.21 1.77 36.65
N ALA I 228 -10.21 2.65 36.78
CA ALA I 228 -10.41 3.94 37.46
C ALA I 228 -11.50 4.85 36.86
N GLN I 229 -11.65 4.86 35.56
CA GLN I 229 -12.60 5.78 34.96
C GLN I 229 -14.01 5.22 35.17
N ALA I 230 -14.13 3.90 35.12
CA ALA I 230 -15.43 3.31 35.40
C ALA I 230 -15.80 3.47 36.87
N GLU I 231 -14.82 3.44 37.79
CA GLU I 231 -15.16 3.57 39.21
C GLU I 231 -15.49 5.01 39.58
N THR I 232 -14.78 5.98 39.05
CA THR I 232 -14.97 7.33 39.51
C THR I 232 -15.96 8.13 38.69
N GLY I 233 -16.32 7.67 37.50
CA GLY I 233 -17.12 8.50 36.57
C GLY I 233 -16.40 9.78 36.11
N GLU I 234 -15.07 9.84 36.22
CA GLU I 234 -14.32 10.99 35.69
C GLU I 234 -13.29 10.51 34.64
N ILE I 235 -13.04 11.31 33.60
CA ILE I 235 -12.08 10.98 32.57
C ILE I 235 -10.68 10.92 33.17
N LYS I 236 -9.98 9.80 32.92
CA LYS I 236 -8.61 9.62 33.42
C LYS I 236 -7.60 9.50 32.25
N GLY I 237 -6.34 9.83 32.46
CA GLY I 237 -5.30 9.60 31.43
C GLY I 237 -3.97 9.22 32.07
N HIS I 238 -3.05 8.77 31.25
CA HIS I 238 -1.70 8.51 31.72
C HIS I 238 -0.75 8.94 30.61
N TYR I 239 0.26 9.76 30.88
CA TYR I 239 1.11 10.19 29.78
C TYR I 239 2.04 9.05 29.40
N LEU I 240 1.59 8.26 28.45
CA LEU I 240 2.39 7.13 27.90
C LEU I 240 3.60 7.64 27.08
N ASN I 241 4.81 7.33 27.55
CA ASN I 241 6.03 7.81 26.93
C ASN I 241 6.29 7.13 25.62
N VAL I 242 6.22 7.91 24.52
CA VAL I 242 6.53 7.34 23.16
C VAL I 242 7.93 7.67 22.65
N THR I 243 8.75 8.41 23.43
CA THR I 243 10.13 8.68 23.04
C THR I 243 10.83 7.35 22.67
N ALA I 244 11.55 7.37 21.54
CA ALA I 244 11.94 6.15 20.86
C ALA I 244 13.22 6.36 20.10
N PRO I 245 13.94 5.27 19.72
CA PRO I 245 15.15 5.40 18.93
C PRO I 245 15.03 6.00 17.52
N THR I 246 13.90 5.79 16.80
CA THR I 246 13.73 6.24 15.43
C THR I 246 12.30 6.85 15.32
N CYS I 247 12.04 7.67 14.31
CA CYS I 247 10.65 8.09 14.07
C CYS I 247 9.65 6.98 13.83
N GLU I 248 10.01 5.91 13.10
CA GLU I 248 9.08 4.81 12.86
C GLU I 248 8.61 4.16 14.20
N GLU I 249 9.55 3.90 15.12
CA GLU I 249 9.30 3.32 16.42
C GLU I 249 8.47 4.24 17.31
N MET I 250 8.77 5.55 17.32
CA MET I 250 7.92 6.56 17.96
C MET I 250 6.42 6.58 17.45
N LEU I 251 6.25 6.55 16.13
CA LEU I 251 4.94 6.61 15.52
C LEU I 251 4.20 5.31 15.81
N LYS I 252 4.91 4.18 15.80
CA LYS I 252 4.27 2.92 16.19
C LYS I 252 3.77 2.86 17.67
N ARG I 253 4.50 3.49 18.58
CA ARG I 253 4.07 3.50 19.96
C ARG I 253 2.87 4.42 20.10
N ALA I 254 2.91 5.57 19.44
CA ALA I 254 1.73 6.50 19.29
C ALA I 254 0.48 5.81 18.78
N GLU I 255 0.63 5.08 17.66
CA GLU I 255 -0.49 4.34 17.05
C GLU I 255 -1.12 3.29 18.01
N PHE I 256 -0.30 2.63 18.81
CA PHE I 256 -0.80 1.66 19.74
C PHE I 256 -1.56 2.31 20.91
N ALA I 257 -1.02 3.41 21.47
CA ALA I 257 -1.81 4.27 22.40
C ALA I 257 -3.18 4.73 21.74
N LYS I 258 -3.15 5.18 20.52
CA LYS I 258 -4.41 5.46 19.78
C LYS I 258 -5.35 4.22 19.72
N GLU I 259 -4.81 3.09 19.28
CA GLU I 259 -5.58 1.86 19.23
C GLU I 259 -6.22 1.45 20.60
N LEU I 260 -5.57 1.78 21.70
CA LEU I 260 -6.09 1.50 23.06
C LEU I 260 -6.99 2.65 23.51
N GLU I 261 -7.24 3.62 22.63
CA GLU I 261 -8.08 4.74 22.95
C GLU I 261 -7.57 5.60 24.12
N MET I 262 -6.27 5.72 24.27
CA MET I 262 -5.69 6.58 25.28
C MET I 262 -5.84 8.04 24.86
N PRO I 263 -6.09 8.92 25.83
CA PRO I 263 -6.31 10.34 25.46
C PRO I 263 -5.03 11.15 25.42
N ILE I 264 -3.91 10.58 25.90
CA ILE I 264 -2.72 11.44 26.05
C ILE I 264 -1.44 10.60 25.97
N ILE I 265 -0.41 11.17 25.37
CA ILE I 265 0.92 10.57 25.35
C ILE I 265 1.93 11.62 25.72
N MET I 266 3.19 11.20 25.81
CA MET I 266 4.29 12.02 26.25
C MET I 266 5.52 11.92 25.33
N HIS I 267 6.25 13.04 25.24
CA HIS I 267 7.47 13.02 24.48
C HIS I 267 8.60 13.85 25.13
N ASP I 268 9.83 13.38 25.00
CA ASP I 268 11.00 14.14 25.47
C ASP I 268 11.44 14.99 24.27
N PHE I 269 10.94 16.21 24.13
CA PHE I 269 11.31 16.94 22.94
C PHE I 269 12.80 17.22 22.71
N LEU I 270 13.64 17.44 23.73
CA LEU I 270 15.02 17.84 23.50
C LEU I 270 15.95 16.69 23.23
N THR I 271 15.80 15.60 23.96
CA THR I 271 16.68 14.48 23.70
C THR I 271 16.25 13.74 22.43
N ALA I 272 14.96 13.74 22.10
CA ALA I 272 14.56 13.23 20.84
C ALA I 272 14.83 14.18 19.69
N GLY I 273 14.54 15.48 19.83
CA GLY I 273 14.78 16.40 18.73
C GLY I 273 13.48 17.01 18.16
N PHE I 274 13.63 18.20 17.62
CA PHE I 274 12.56 18.98 17.08
C PHE I 274 11.96 18.41 15.79
N THR I 275 12.78 17.78 14.96
CA THR I 275 12.31 17.03 13.83
C THR I 275 11.31 15.90 14.20
N ALA I 276 11.69 15.00 15.10
CA ALA I 276 10.81 13.98 15.66
C ALA I 276 9.57 14.65 16.29
N ASN I 277 9.79 15.74 17.04
CA ASN I 277 8.68 16.27 17.86
C ASN I 277 7.66 16.92 16.94
N THR I 278 8.14 17.58 15.90
CA THR I 278 7.25 18.18 14.92
C THR I 278 6.42 17.09 14.19
N THR I 279 7.08 15.97 13.82
CA THR I 279 6.40 14.84 13.27
C THR I 279 5.32 14.33 14.21
N LEU I 280 5.63 14.19 15.48
CA LEU I 280 4.64 13.66 16.47
C LEU I 280 3.48 14.65 16.68
N SER I 281 3.82 15.93 16.83
CA SER I 281 2.82 16.98 16.98
C SER I 281 1.80 17.01 15.80
N LYS I 282 2.26 16.91 14.55
CA LYS I 282 1.29 16.72 13.45
C LYS I 282 0.45 15.45 13.56
N TRP I 283 1.05 14.35 13.96
CA TRP I 283 0.34 13.11 14.09
C TRP I 283 -0.71 13.25 15.20
N CYS I 284 -0.41 13.97 16.27
CA CYS I 284 -1.33 14.12 17.38
C CYS I 284 -2.55 15.00 16.98
N ARG I 285 -2.32 16.08 16.23
CA ARG I 285 -3.37 16.83 15.60
C ARG I 285 -4.26 15.93 14.71
N ASP I 286 -3.63 15.12 13.80
CA ASP I 286 -4.35 14.23 12.88
C ASP I 286 -5.17 13.16 13.58
N ASN I 287 -4.77 12.81 14.80
CA ASN I 287 -5.37 11.66 15.51
C ASN I 287 -6.11 11.96 16.81
N GLY I 288 -6.27 13.24 17.15
CA GLY I 288 -6.95 13.64 18.37
C GLY I 288 -6.23 13.35 19.69
N MET I 289 -4.93 13.21 19.65
CA MET I 289 -4.20 12.75 20.83
C MET I 289 -3.58 13.95 21.56
N LEU I 290 -3.70 14.02 22.89
CA LEU I 290 -3.11 15.11 23.66
C LEU I 290 -1.63 14.80 23.82
N LEU I 291 -0.80 15.85 23.84
CA LEU I 291 0.63 15.65 23.83
C LEU I 291 1.32 16.37 25.00
N HIS I 292 1.81 15.59 25.94
CA HIS I 292 2.47 16.09 27.13
C HIS I 292 3.96 16.16 26.86
N ILE I 293 4.60 17.30 27.04
CA ILE I 293 6.01 17.42 26.64
C ILE I 293 6.92 17.53 27.87
N HIS I 294 7.86 16.61 28.00
CA HIS I 294 8.81 16.62 29.11
C HIS I 294 10.12 17.26 28.59
N ARG I 295 10.83 18.00 29.45
CA ARG I 295 11.97 18.83 29.02
C ARG I 295 13.35 18.28 29.50
N ALA I 296 13.45 16.94 29.66
CA ALA I 296 14.67 16.23 29.94
C ALA I 296 15.79 16.91 29.18
N MET I 297 16.96 17.07 29.84
CA MET I 297 18.19 17.72 29.32
C MET I 297 18.15 19.29 29.25
N HIS I 298 17.02 19.93 29.56
CA HIS I 298 17.05 21.40 29.36
C HIS I 298 18.21 22.07 30.11
N ALA I 299 18.53 21.63 31.33
CA ALA I 299 19.55 22.35 32.15
C ALA I 299 20.96 22.23 31.61
N VAL I 300 21.15 21.39 30.61
CA VAL I 300 22.46 21.28 29.99
C VAL I 300 22.78 22.60 29.33
N MET I 301 21.73 23.28 28.85
CA MET I 301 21.83 24.48 27.99
C MET I 301 21.28 25.71 28.65
N ASP I 302 20.29 25.56 29.52
CA ASP I 302 19.52 26.69 29.94
C ASP I 302 19.82 27.20 31.35
N ARG I 303 20.67 26.47 32.10
CA ARG I 303 20.97 26.80 33.46
C ARG I 303 22.03 27.94 33.69
N GLN I 304 23.17 27.93 33.01
CA GLN I 304 24.19 28.93 33.34
C GLN I 304 23.77 30.31 32.80
N LYS I 305 23.86 31.32 33.65
CA LYS I 305 23.44 32.70 33.27
C LYS I 305 24.25 33.30 32.13
N ASN I 306 25.47 32.87 31.90
CA ASN I 306 26.36 33.52 30.93
C ASN I 306 26.37 32.82 29.55
N HIS I 307 25.88 31.60 29.46
CA HIS I 307 26.06 30.84 28.22
C HIS I 307 24.94 29.85 28.03
N GLY I 308 24.54 29.67 26.77
CA GLY I 308 23.46 28.71 26.46
C GLY I 308 22.22 29.38 25.86
N ILE I 309 21.06 28.79 26.13
CA ILE I 309 19.84 29.29 25.62
C ILE I 309 18.83 29.27 26.73
N HIS I 310 18.13 30.39 26.95
CA HIS I 310 17.25 30.47 28.10
C HIS I 310 16.04 29.59 27.84
N PHE I 311 15.57 28.89 28.86
CA PHE I 311 14.36 28.07 28.70
C PHE I 311 13.18 28.75 27.97
N ARG I 312 12.95 30.03 28.17
CA ARG I 312 11.84 30.71 27.45
C ARG I 312 11.99 30.61 25.93
N VAL I 313 13.21 30.54 25.42
CA VAL I 313 13.37 30.35 23.96
C VAL I 313 12.92 28.93 23.58
N LEU I 314 13.40 27.93 24.33
CA LEU I 314 13.08 26.54 24.05
C LEU I 314 11.55 26.38 24.25
N ALA I 315 10.96 27.18 25.10
CA ALA I 315 9.54 27.07 25.32
C ALA I 315 8.73 27.62 24.13
N LYS I 316 9.19 28.73 23.57
CA LYS I 316 8.55 29.31 22.40
C LYS I 316 8.66 28.32 21.26
N CYS I 317 9.87 27.80 21.00
CA CYS I 317 10.10 26.72 20.02
C CYS I 317 9.18 25.54 20.20
N LEU I 318 8.93 25.16 21.42
CA LEU I 318 8.12 24.02 21.63
C LEU I 318 6.67 24.37 21.33
N ARG I 319 6.25 25.60 21.59
CA ARG I 319 4.85 25.96 21.37
C ARG I 319 4.62 25.95 19.84
N MET I 320 5.63 26.34 19.08
CA MET I 320 5.51 26.40 17.63
C MET I 320 5.53 24.96 17.00
N SER I 321 6.38 24.09 17.50
CA SER I 321 6.48 22.70 17.02
C SER I 321 5.20 21.98 17.46
N GLY I 322 4.93 22.10 18.75
CA GLY I 322 3.66 21.79 19.32
C GLY I 322 3.84 20.91 20.52
N GLY I 323 3.14 21.28 21.58
CA GLY I 323 2.74 20.40 22.64
C GLY I 323 1.46 20.90 23.35
N ASP I 324 0.78 20.00 24.06
CA ASP I 324 -0.37 20.44 24.83
C ASP I 324 -0.04 20.83 26.23
N HIS I 325 0.97 20.19 26.85
CA HIS I 325 1.48 20.54 28.16
C HIS I 325 2.97 20.66 28.04
N ILE I 326 3.56 21.44 28.93
CA ILE I 326 5.02 21.38 29.06
C ILE I 326 5.46 21.65 30.45
N HIS I 327 6.49 20.95 30.93
CA HIS I 327 7.03 21.28 32.29
C HIS I 327 7.63 22.67 32.35
N THR I 328 7.26 23.44 33.35
CA THR I 328 7.79 24.80 33.52
C THR I 328 8.59 24.99 34.83
N GLY I 329 8.81 23.91 35.58
CA GLY I 329 9.52 23.99 36.84
C GLY I 329 8.58 24.46 37.94
N THR I 330 9.07 24.33 39.15
CA THR I 330 8.25 24.67 40.34
C THR I 330 8.51 26.11 40.73
N VAL I 331 7.64 26.66 41.57
CA VAL I 331 7.92 28.00 42.13
C VAL I 331 8.30 27.98 43.66
N VAL I 332 8.02 26.86 44.33
CA VAL I 332 8.42 26.59 45.70
C VAL I 332 9.93 26.73 46.01
N GLY I 333 10.21 27.43 47.12
CA GLY I 333 11.58 27.65 47.61
C GLY I 333 12.49 28.40 46.63
N LYS I 334 11.88 29.31 45.85
CA LYS I 334 12.63 30.16 44.92
C LYS I 334 12.44 31.66 45.21
N LEU I 335 13.51 32.44 45.14
CA LEU I 335 13.47 33.92 45.23
C LEU I 335 12.39 34.59 44.38
N GLU I 336 11.94 35.78 44.80
CA GLU I 336 10.90 36.53 44.07
C GLU I 336 11.27 36.95 42.63
N GLY I 337 12.58 36.97 42.31
CA GLY I 337 13.03 37.28 40.96
C GLY I 337 13.10 36.06 40.03
N ASP I 338 13.33 34.87 40.59
CA ASP I 338 13.21 33.64 39.81
C ASP I 338 11.77 33.38 39.52
N LYS I 339 10.92 33.61 40.51
CA LYS I 339 9.49 33.40 40.39
C LYS I 339 8.91 34.25 39.23
N ALA I 340 9.38 35.49 39.12
CA ALA I 340 8.83 36.43 38.16
C ALA I 340 9.27 36.06 36.73
N VAL I 341 10.51 35.60 36.58
CA VAL I 341 10.97 35.03 35.33
C VAL I 341 10.13 33.77 34.88
N THR I 342 9.83 32.87 35.81
CA THR I 342 9.02 31.70 35.53
C THR I 342 7.65 32.16 35.11
N LEU I 343 7.10 33.12 35.84
CA LEU I 343 5.76 33.64 35.49
C LEU I 343 5.77 34.32 34.14
N GLY I 344 6.92 34.90 33.77
CA GLY I 344 7.05 35.54 32.48
C GLY I 344 6.90 34.47 31.41
N PHE I 345 7.67 33.38 31.51
CA PHE I 345 7.56 32.37 30.46
C PHE I 345 6.31 31.52 30.49
N VAL I 346 5.73 31.32 31.66
CA VAL I 346 4.40 30.80 31.70
C VAL I 346 3.38 31.64 30.88
N ASP I 347 3.42 32.97 31.00
CA ASP I 347 2.59 33.81 30.12
C ASP I 347 2.90 33.60 28.63
N LEU I 348 4.18 33.54 28.30
CA LEU I 348 4.57 33.33 26.92
C LEU I 348 4.02 31.99 26.42
N LEU I 349 3.87 30.98 27.29
CA LEU I 349 3.32 29.69 26.81
C LEU I 349 1.78 29.70 26.72
N ARG I 350 1.14 30.48 27.58
CA ARG I 350 -0.27 30.41 27.67
C ARG I 350 -1.05 31.45 26.94
N GLU I 351 -0.56 32.69 26.88
CA GLU I 351 -1.42 33.83 26.44
C GLU I 351 -1.29 34.11 24.98
N ASN I 352 -2.23 34.87 24.45
CA ASN I 352 -2.20 35.30 23.08
C ASN I 352 -1.28 36.49 22.81
N TYR I 353 -1.10 37.33 23.80
CA TYR I 353 -0.39 38.57 23.58
C TYR I 353 0.37 38.91 24.84
N ILE I 354 1.70 39.03 24.73
CA ILE I 354 2.50 39.25 25.91
C ILE I 354 3.41 40.48 25.72
N GLU I 355 3.20 41.48 26.59
CA GLU I 355 3.82 42.77 26.46
C GLU I 355 5.24 42.65 26.96
N GLN I 356 6.14 43.35 26.30
CA GLN I 356 7.48 43.49 26.73
C GLN I 356 7.54 43.81 28.22
N ASP I 357 8.51 43.22 28.97
CA ASP I 357 8.54 43.40 30.45
C ASP I 357 9.79 42.81 31.10
N ARG I 358 10.85 43.62 31.10
CA ARG I 358 12.16 43.09 31.53
C ARG I 358 12.19 42.67 32.99
N SER I 359 11.32 43.24 33.82
CA SER I 359 11.33 42.77 35.20
C SER I 359 10.90 41.26 35.27
N ARG I 360 10.25 40.74 34.21
CA ARG I 360 9.94 39.33 34.16
C ARG I 360 10.72 38.57 33.04
N GLY I 361 11.83 39.14 32.54
CA GLY I 361 12.64 38.53 31.48
C GLY I 361 12.02 38.43 30.08
N ILE I 362 10.99 39.23 29.81
CA ILE I 362 10.42 39.29 28.51
C ILE I 362 11.06 40.44 27.74
N TYR I 363 11.96 40.12 26.82
CA TYR I 363 12.68 41.15 26.08
C TYR I 363 11.84 41.78 24.96
N PHE I 364 10.86 41.02 24.41
CA PHE I 364 10.06 41.50 23.30
C PHE I 364 8.58 41.23 23.51
N THR I 365 7.79 42.13 22.98
CA THR I 365 6.37 41.89 22.90
C THR I 365 6.21 40.75 21.93
N GLN I 366 5.41 39.77 22.34
CA GLN I 366 5.14 38.60 21.52
C GLN I 366 3.66 38.44 21.21
N ASP I 367 3.31 38.50 19.94
CA ASP I 367 1.90 38.30 19.50
C ASP I 367 1.77 36.87 19.00
N TRP I 368 0.91 36.03 19.57
CA TRP I 368 0.85 34.61 19.02
C TRP I 368 -0.19 34.37 17.89
N ALA I 369 -0.91 35.43 17.53
CA ALA I 369 -1.86 35.39 16.41
C ALA I 369 -2.75 34.17 16.51
N SER I 370 -3.29 33.93 17.69
CA SER I 370 -4.30 32.88 17.89
C SER I 370 -3.80 31.43 17.83
N MET I 371 -2.47 31.25 17.72
CA MET I 371 -1.92 29.99 17.99
C MET I 371 -2.32 29.57 19.44
N PRO I 372 -2.81 28.33 19.62
CA PRO I 372 -3.26 27.91 20.97
C PRO I 372 -2.17 28.00 22.02
N GLY I 373 -2.59 28.17 23.27
CA GLY I 373 -1.68 28.11 24.43
C GLY I 373 -1.43 26.70 24.97
N VAL I 374 -0.34 26.52 25.71
CA VAL I 374 0.13 25.25 26.22
C VAL I 374 -0.05 25.22 27.74
N MET I 375 -0.64 24.17 28.33
CA MET I 375 -0.73 24.07 29.80
C MET I 375 0.61 24.00 30.49
N ALA I 376 0.80 24.82 31.52
CA ALA I 376 2.02 24.83 32.33
C ALA I 376 2.00 23.66 33.27
N VAL I 377 3.10 22.94 33.42
CA VAL I 377 3.04 21.78 34.30
C VAL I 377 4.02 22.07 35.43
N ALA I 378 3.52 22.21 36.65
CA ALA I 378 4.39 22.50 37.83
C ALA I 378 4.69 21.20 38.52
N SER I 379 5.97 20.90 38.67
CA SER I 379 6.36 19.67 39.37
C SER I 379 7.71 19.75 40.02
N GLY I 380 7.93 18.85 40.99
CA GLY I 380 9.19 18.80 41.77
C GLY I 380 9.11 19.32 43.21
N GLY I 381 8.92 18.39 44.15
CA GLY I 381 9.01 18.70 45.59
C GLY I 381 7.84 19.49 46.15
N ILE I 382 6.65 19.20 45.62
CA ILE I 382 5.41 19.85 46.01
C ILE I 382 4.66 18.92 46.94
N HIS I 383 3.93 19.47 47.92
CA HIS I 383 3.06 18.69 48.83
C HIS I 383 1.72 19.41 49.06
N VAL I 384 0.81 18.81 49.82
CA VAL I 384 -0.50 19.45 49.98
C VAL I 384 -0.42 20.83 50.55
N TRP I 385 0.55 21.11 51.43
CA TRP I 385 0.60 22.40 52.09
C TRP I 385 1.00 23.49 51.11
N HIS I 386 1.51 23.11 49.94
CA HIS I 386 1.86 24.10 48.89
C HIS I 386 0.67 24.46 48.05
N MET I 387 -0.36 23.65 48.09
CA MET I 387 -1.55 23.83 47.26
C MET I 387 -2.12 25.24 47.14
N PRO I 388 -2.37 25.95 48.30
CA PRO I 388 -2.86 27.32 48.17
C PRO I 388 -1.94 28.19 47.35
N ALA I 389 -0.62 28.07 47.50
CA ALA I 389 0.29 28.98 46.83
C ALA I 389 0.26 28.67 45.31
N LEU I 390 0.24 27.38 44.96
CA LEU I 390 0.25 26.90 43.58
C LEU I 390 -0.95 27.36 42.78
N VAL I 391 -2.15 27.20 43.40
CA VAL I 391 -3.39 27.72 42.86
C VAL I 391 -3.31 29.23 42.65
N ASP I 392 -2.74 29.94 43.62
CA ASP I 392 -2.64 31.40 43.54
C ASP I 392 -1.62 31.83 42.47
N ILE I 393 -0.53 31.10 42.35
CA ILE I 393 0.56 31.46 41.43
C ILE I 393 0.21 31.16 39.95
N PHE I 394 -0.30 29.94 39.71
CA PHE I 394 -0.65 29.45 38.36
C PHE I 394 -2.07 29.71 37.88
N GLY I 395 -3.02 29.87 38.79
CA GLY I 395 -4.45 29.97 38.35
C GLY I 395 -4.94 28.61 37.84
N ASP I 396 -6.01 28.60 37.08
CA ASP I 396 -6.62 27.35 36.60
C ASP I 396 -5.79 26.54 35.56
N ASP I 397 -4.98 27.23 34.76
CA ASP I 397 -4.51 26.57 33.56
C ASP I 397 -3.14 25.99 33.74
N ALA I 398 -3.09 24.94 34.54
CA ALA I 398 -1.81 24.31 34.90
C ALA I 398 -2.10 22.87 35.25
N VAL I 399 -1.06 22.03 35.16
CA VAL I 399 -1.19 20.71 35.72
C VAL I 399 -0.30 20.76 36.96
N LEU I 400 -0.80 20.25 38.08
CA LEU I 400 0.02 20.18 39.28
C LEU I 400 0.41 18.76 39.47
N GLN I 401 1.69 18.51 39.32
CA GLN I 401 2.19 17.16 39.19
C GLN I 401 2.91 16.80 40.49
N PHE I 402 2.37 15.89 41.29
CA PHE I 402 2.99 15.52 42.58
C PHE I 402 3.80 14.18 42.50
N GLY I 403 4.73 13.97 43.45
CA GLY I 403 5.49 12.69 43.58
C GLY I 403 6.98 12.84 43.86
N GLY I 408 5.33 10.53 50.34
CA GLY I 408 4.29 9.53 50.10
C GLY I 408 3.27 9.49 51.25
N HIS I 409 2.01 9.36 50.91
CA HIS I 409 0.97 9.32 51.91
C HIS I 409 1.02 8.05 52.80
N PRO I 410 0.81 8.22 54.13
CA PRO I 410 0.86 7.17 55.14
C PRO I 410 -0.01 5.98 54.80
N TRP I 411 -1.17 6.24 54.20
CA TRP I 411 -2.08 5.14 53.86
C TRP I 411 -1.96 4.65 52.39
N GLY I 412 -1.03 5.19 51.61
CA GLY I 412 -0.84 4.74 50.24
C GLY I 412 -1.36 5.65 49.13
N ASN I 413 -1.45 5.09 47.94
CA ASN I 413 -1.67 5.84 46.69
C ASN I 413 -3.03 6.48 46.60
N ALA I 414 -4.07 5.68 46.73
CA ALA I 414 -5.43 6.19 46.61
C ALA I 414 -5.80 7.27 47.66
N PRO I 415 -5.45 7.04 48.95
CA PRO I 415 -5.66 8.11 49.96
C PRO I 415 -4.82 9.36 49.69
N GLY I 416 -3.54 9.19 49.34
CA GLY I 416 -2.68 10.34 49.01
C GLY I 416 -3.28 11.19 47.87
N ALA I 417 -3.91 10.50 46.93
CA ALA I 417 -4.56 11.13 45.79
C ALA I 417 -5.82 11.91 46.23
N THR I 418 -6.68 11.28 47.04
CA THR I 418 -7.85 11.97 47.64
C THR I 418 -7.39 13.19 48.47
N ALA I 419 -6.26 13.07 49.19
CA ALA I 419 -5.76 14.19 50.01
C ALA I 419 -5.47 15.40 49.14
N ASN I 420 -4.78 15.17 48.04
CA ASN I 420 -4.40 16.27 47.14
C ASN I 420 -5.64 16.84 46.42
N ARG I 421 -6.51 15.95 45.97
CA ARG I 421 -7.74 16.34 45.35
C ARG I 421 -8.68 17.15 46.28
N VAL I 422 -8.88 16.73 47.54
CA VAL I 422 -9.68 17.55 48.47
C VAL I 422 -8.97 18.90 48.68
N ALA I 423 -7.67 18.89 48.96
CA ALA I 423 -6.91 20.12 49.20
C ALA I 423 -7.14 21.09 48.06
N LEU I 424 -7.03 20.59 46.83
CA LEU I 424 -7.18 21.45 45.67
C LEU I 424 -8.61 22.03 45.57
N GLU I 425 -9.62 21.19 45.66
CA GLU I 425 -10.97 21.68 45.62
C GLU I 425 -11.27 22.72 46.75
N ALA I 426 -10.64 22.52 47.91
CA ALA I 426 -10.86 23.43 49.04
C ALA I 426 -10.28 24.78 48.70
N CYS I 427 -9.05 24.79 48.17
CA CYS I 427 -8.47 26.06 47.73
C CYS I 427 -9.28 26.74 46.67
N ILE I 428 -9.88 25.97 45.75
CA ILE I 428 -10.57 26.62 44.63
C ILE I 428 -11.85 27.25 45.19
N GLN I 429 -12.58 26.49 46.01
CA GLN I 429 -13.78 27.01 46.65
C GLN I 429 -13.50 28.31 47.38
N ALA I 430 -12.42 28.28 48.17
CA ALA I 430 -12.01 29.40 48.97
C ALA I 430 -11.67 30.62 48.13
N ARG I 431 -10.86 30.41 47.09
CA ARG I 431 -10.49 31.50 46.17
C ARG I 431 -11.74 32.13 45.57
N ASN I 432 -12.66 31.29 45.09
CA ASN I 432 -13.83 31.79 44.42
C ASN I 432 -14.63 32.60 45.43
N GLU I 433 -14.62 32.16 46.71
CA GLU I 433 -15.33 32.89 47.80
C GLU I 433 -14.70 34.22 48.20
N GLY I 434 -13.54 34.57 47.65
CA GLY I 434 -12.92 35.85 47.93
C GLY I 434 -11.85 35.76 49.00
N ARG I 435 -11.62 34.57 49.54
CA ARG I 435 -10.58 34.41 50.56
C ARG I 435 -9.18 34.58 49.99
N ASP I 436 -8.25 35.00 50.83
CA ASP I 436 -6.89 35.27 50.38
C ASP I 436 -6.02 34.03 50.61
N LEU I 437 -5.61 33.39 49.50
CA LEU I 437 -4.94 32.09 49.60
C LEU I 437 -3.56 32.18 50.18
N MET I 438 -2.89 33.32 50.05
CA MET I 438 -1.57 33.51 50.69
C MET I 438 -1.63 33.67 52.23
N ARG I 439 -2.66 34.33 52.74
CA ARG I 439 -2.78 34.52 54.18
C ARG I 439 -3.56 33.40 54.81
N GLU I 440 -4.71 33.05 54.23
CA GLU I 440 -5.59 32.00 54.80
C GLU I 440 -5.27 30.53 54.45
N GLY I 441 -4.17 30.29 53.73
CA GLY I 441 -3.84 28.95 53.21
C GLY I 441 -3.97 27.81 54.20
N GLY I 442 -3.13 27.83 55.23
CA GLY I 442 -3.18 26.84 56.32
C GLY I 442 -4.58 26.66 56.90
N ASP I 443 -5.30 27.78 57.13
CA ASP I 443 -6.70 27.70 57.64
C ASP I 443 -7.58 26.90 56.68
N ILE I 444 -7.48 27.22 55.40
CA ILE I 444 -8.32 26.56 54.39
C ILE I 444 -8.10 25.05 54.42
N ILE I 445 -6.82 24.68 54.46
CA ILE I 445 -6.38 23.29 54.56
C ILE I 445 -6.85 22.64 55.88
N ARG I 446 -6.72 23.37 56.98
CA ARG I 446 -7.11 22.84 58.29
C ARG I 446 -8.60 22.59 58.34
N GLU I 447 -9.39 23.53 57.79
CA GLU I 447 -10.86 23.34 57.74
C GLU I 447 -11.25 22.09 56.98
N ALA I 448 -10.59 21.84 55.85
CA ALA I 448 -10.91 20.68 55.01
C ALA I 448 -10.47 19.39 55.68
N ALA I 449 -9.31 19.43 56.32
CA ALA I 449 -8.78 18.31 57.10
C ALA I 449 -9.77 17.83 58.17
N ARG I 450 -10.67 18.71 58.59
CA ARG I 450 -11.64 18.36 59.62
C ARG I 450 -12.66 17.35 59.12
N TRP I 451 -13.06 17.46 57.86
CA TRP I 451 -14.01 16.45 57.38
C TRP I 451 -13.40 15.46 56.36
N SER I 452 -12.10 15.54 56.09
CA SER I 452 -11.39 14.52 55.27
C SER I 452 -10.26 13.85 56.01
N PRO I 453 -10.44 12.58 56.35
CA PRO I 453 -9.46 11.83 57.16
C PRO I 453 -8.15 11.65 56.41
N GLU I 454 -8.29 11.47 55.09
CA GLU I 454 -7.12 11.35 54.18
C GLU I 454 -6.24 12.58 54.24
N LEU I 455 -6.84 13.76 54.09
CA LEU I 455 -6.15 15.03 54.17
C LEU I 455 -5.59 15.26 55.59
N ALA I 456 -6.41 14.96 56.58
CA ALA I 456 -5.89 15.04 57.96
C ALA I 456 -4.61 14.20 58.13
N ALA I 457 -4.66 12.95 57.68
CA ALA I 457 -3.51 12.06 57.86
C ALA I 457 -2.28 12.60 57.15
N ALA I 458 -2.50 13.38 56.09
CA ALA I 458 -1.38 14.04 55.44
C ALA I 458 -0.86 15.30 56.19
N CYS I 459 -1.42 15.60 57.37
CA CYS I 459 -0.87 16.67 58.22
C CYS I 459 -0.51 16.11 59.61
N THR J 3 -22.03 -35.72 34.96
CA THR J 3 -21.95 -34.48 34.13
C THR J 3 -21.44 -33.31 35.00
N LEU J 4 -20.34 -32.69 34.58
CA LEU J 4 -19.80 -31.64 35.39
C LEU J 4 -20.78 -30.43 35.36
N PRO J 5 -21.13 -29.89 36.55
CA PRO J 5 -21.97 -28.67 36.69
C PRO J 5 -21.27 -27.44 36.12
N LYS J 6 -22.01 -26.44 35.66
CA LYS J 6 -21.42 -25.16 35.23
C LYS J 6 -21.37 -24.18 36.41
N GLU J 7 -20.17 -23.72 36.77
CA GLU J 7 -19.99 -22.87 37.96
C GLU J 7 -18.78 -21.94 37.84
N ARG J 8 -18.95 -20.68 38.27
CA ARG J 8 -17.88 -19.68 38.25
C ARG J 8 -16.69 -20.07 39.14
N ARG J 9 -15.49 -19.89 38.61
CA ARG J 9 -14.32 -20.16 39.35
C ARG J 9 -13.54 -18.88 39.53
N TYR J 10 -12.37 -19.00 40.15
CA TYR J 10 -11.70 -17.85 40.79
C TYR J 10 -10.16 -18.03 40.84
N GLU J 11 -9.61 -18.83 39.93
CA GLU J 11 -8.17 -19.10 39.88
C GLU J 11 -7.68 -19.97 41.07
N THR J 12 -6.41 -19.82 41.43
CA THR J 12 -5.76 -20.76 42.35
C THR J 12 -6.57 -20.93 43.61
N PHE J 13 -6.88 -22.22 43.88
CA PHE J 13 -7.59 -22.78 45.07
C PHE J 13 -9.13 -22.78 45.00
N SER J 14 -9.66 -22.21 43.92
CA SER J 14 -11.12 -22.24 43.70
C SER J 14 -11.59 -23.60 43.28
N TYR J 15 -10.75 -24.61 43.16
CA TYR J 15 -11.33 -25.99 42.90
C TYR J 15 -11.38 -26.88 44.17
N LEU J 16 -10.82 -26.35 45.26
CA LEU J 16 -10.90 -26.89 46.62
C LEU J 16 -12.11 -26.30 47.41
N PRO J 17 -12.44 -26.93 48.57
CA PRO J 17 -13.44 -26.36 49.50
C PRO J 17 -12.89 -25.03 49.96
N PRO J 18 -13.78 -24.04 50.14
CA PRO J 18 -13.30 -22.76 50.58
C PRO J 18 -12.43 -22.97 51.79
N LEU J 19 -11.33 -22.22 51.88
CA LEU J 19 -10.42 -22.42 53.01
C LEU J 19 -10.96 -21.97 54.38
N SER J 20 -10.71 -22.81 55.40
CA SER J 20 -10.89 -22.38 56.81
C SER J 20 -9.90 -21.27 57.14
N ASP J 21 -10.17 -20.47 58.17
CA ASP J 21 -9.22 -19.43 58.64
C ASP J 21 -7.85 -20.00 58.98
N ALA J 22 -7.79 -21.22 59.52
CA ALA J 22 -6.51 -21.86 59.88
C ALA J 22 -5.73 -22.25 58.61
N GLN J 23 -6.48 -22.74 57.61
CA GLN J 23 -5.94 -22.92 56.27
C GLN J 23 -5.41 -21.67 55.58
N ILE J 24 -6.14 -20.57 55.63
CA ILE J 24 -5.61 -19.27 55.15
C ILE J 24 -4.31 -18.86 55.89
N ALA J 25 -4.26 -19.13 57.19
CA ALA J 25 -3.09 -18.76 57.97
C ALA J 25 -1.89 -19.56 57.52
N ARG J 26 -2.08 -20.86 57.30
CA ARG J 26 -0.95 -21.72 56.89
C ARG J 26 -0.32 -21.31 55.53
N GLN J 27 -1.16 -20.93 54.58
CA GLN J 27 -0.73 -20.39 53.27
C GLN J 27 0.03 -19.07 53.44
N ILE J 28 -0.54 -18.13 54.20
CA ILE J 28 0.11 -16.87 54.51
C ILE J 28 1.44 -17.11 55.19
N GLN J 29 1.55 -18.12 56.05
CA GLN J 29 2.81 -18.44 56.74
C GLN J 29 3.87 -18.97 55.76
N TYR J 30 3.45 -19.77 54.79
CA TYR J 30 4.33 -20.16 53.71
C TYR J 30 4.95 -18.93 53.00
N ALA J 31 4.12 -17.96 52.62
CA ALA J 31 4.63 -16.75 51.99
C ALA J 31 5.65 -15.96 52.87
N ILE J 32 5.37 -15.88 54.16
CA ILE J 32 6.25 -15.22 55.11
C ILE J 32 7.59 -15.98 55.22
N ASP J 33 7.50 -17.31 55.32
CA ASP J 33 8.70 -18.14 55.39
C ASP J 33 9.52 -18.13 54.15
N GLN J 34 8.94 -17.80 52.99
CA GLN J 34 9.75 -17.69 51.77
C GLN J 34 10.36 -16.30 51.59
N GLY J 35 10.01 -15.37 52.49
CA GLY J 35 10.37 -13.98 52.37
C GLY J 35 9.51 -13.17 51.41
N TYR J 36 8.34 -13.69 51.02
CA TYR J 36 7.42 -12.90 50.17
C TYR J 36 6.63 -11.87 50.96
N HIS J 37 6.08 -10.89 50.26
CA HIS J 37 5.31 -9.85 50.88
C HIS J 37 3.81 -10.02 50.60
N PRO J 38 3.03 -10.46 51.59
CA PRO J 38 1.61 -10.68 51.43
C PRO J 38 0.82 -9.37 51.36
N CYS J 39 -0.33 -9.42 50.72
CA CYS J 39 -1.18 -8.26 50.54
C CYS J 39 -2.54 -8.82 50.31
N VAL J 40 -3.54 -8.03 50.64
CA VAL J 40 -4.90 -8.43 50.52
C VAL J 40 -5.58 -7.51 49.52
N GLU J 41 -6.46 -8.09 48.72
CA GLU J 41 -7.25 -7.34 47.80
C GLU J 41 -8.68 -7.93 47.63
N PHE J 42 -9.58 -7.08 47.11
CA PHE J 42 -10.95 -7.47 47.00
C PHE J 42 -11.45 -6.84 45.76
N ASN J 43 -12.61 -7.26 45.30
CA ASN J 43 -13.29 -6.59 44.23
C ASN J 43 -14.71 -6.99 44.37
N GLU J 44 -15.63 -6.23 43.78
CA GLU J 44 -17.05 -6.64 43.78
C GLU J 44 -17.41 -7.80 42.85
N THR J 45 -16.69 -7.98 41.76
CA THR J 45 -17.00 -9.13 40.91
C THR J 45 -15.69 -9.79 40.51
N SER J 46 -15.82 -10.90 39.81
CA SER J 46 -14.66 -11.62 39.30
C SER J 46 -15.06 -12.29 37.98
N ASN J 47 -14.29 -12.06 36.94
CA ASN J 47 -14.45 -12.78 35.72
C ASN J 47 -13.17 -12.72 34.94
N ALA J 48 -13.15 -13.44 33.82
CA ALA J 48 -11.97 -13.57 33.00
C ALA J 48 -11.46 -12.18 32.60
N GLU J 49 -12.36 -11.25 32.31
CA GLU J 49 -12.08 -9.93 31.70
C GLU J 49 -11.50 -8.88 32.65
N ILE J 50 -11.66 -9.11 33.96
CA ILE J 50 -11.19 -8.17 34.97
C ILE J 50 -9.73 -8.37 35.20
N ARG J 51 -8.94 -7.31 35.06
CA ARG J 51 -7.52 -7.41 35.20
C ARG J 51 -6.95 -7.08 36.61
N TYR J 52 -7.51 -6.05 37.25
CA TYR J 52 -7.04 -5.57 38.58
C TYR J 52 -8.20 -5.61 39.63
N TRP J 53 -7.85 -6.01 40.86
CA TRP J 53 -8.73 -5.87 41.99
C TRP J 53 -8.31 -4.59 42.77
N THR J 54 -8.98 -4.34 43.88
CA THR J 54 -8.68 -3.14 44.65
C THR J 54 -7.86 -3.50 45.89
N MET J 55 -6.76 -2.81 46.10
CA MET J 55 -5.90 -3.09 47.27
C MET J 55 -6.59 -2.80 48.61
N TRP J 56 -6.51 -3.71 49.58
CA TRP J 56 -6.94 -3.43 50.97
C TRP J 56 -5.79 -2.80 51.71
N LYS J 57 -5.92 -1.54 52.12
CA LYS J 57 -4.85 -0.80 52.81
C LYS J 57 -3.54 -0.93 52.05
N LEU J 58 -2.48 -1.38 52.73
CA LEU J 58 -1.11 -1.49 52.18
C LEU J 58 -0.61 -2.94 52.22
N PRO J 59 0.48 -3.26 51.49
CA PRO J 59 1.15 -4.57 51.74
C PRO J 59 1.75 -4.60 53.15
N LEU J 60 1.88 -5.78 53.75
CA LEU J 60 2.49 -5.91 55.09
C LEU J 60 3.98 -6.32 55.03
N PHE J 61 4.89 -5.36 55.26
CA PHE J 61 6.24 -5.42 54.69
C PHE J 61 7.35 -6.12 55.47
N ASN J 62 6.97 -6.84 56.51
CA ASN J 62 7.78 -7.88 57.13
C ASN J 62 7.36 -8.08 58.59
N CYS J 63 6.08 -8.42 58.75
CA CYS J 63 5.60 -8.93 60.01
C CYS J 63 5.99 -10.42 59.95
N THR J 64 6.31 -10.99 61.11
CA THR J 64 6.83 -12.38 61.19
C THR J 64 5.68 -13.39 61.32
N ASN J 65 4.44 -12.89 61.43
CA ASN J 65 3.29 -13.71 61.83
C ASN J 65 2.01 -13.60 60.95
N ALA J 66 1.59 -14.75 60.44
CA ALA J 66 0.41 -14.86 59.58
C ALA J 66 -0.84 -14.20 60.15
N GLN J 67 -0.89 -14.02 61.47
CA GLN J 67 -2.13 -13.58 62.12
C GLN J 67 -2.55 -12.17 61.71
N ASP J 68 -1.62 -11.22 61.72
CA ASP J 68 -1.97 -9.84 61.38
C ASP J 68 -2.51 -9.77 59.96
N VAL J 69 -2.13 -10.70 59.10
CA VAL J 69 -2.66 -10.70 57.74
C VAL J 69 -4.08 -11.23 57.80
N LEU J 70 -4.24 -12.28 58.60
CA LEU J 70 -5.51 -12.97 58.71
C LEU J 70 -6.53 -11.99 59.27
N ASN J 71 -6.08 -11.17 60.23
CA ASN J 71 -6.93 -10.13 60.81
C ASN J 71 -7.54 -9.26 59.70
N GLU J 72 -6.68 -8.86 58.78
CA GLU J 72 -7.05 -7.99 57.67
C GLU J 72 -8.11 -8.62 56.80
N VAL J 73 -7.92 -9.88 56.50
CA VAL J 73 -8.94 -10.70 55.83
C VAL J 73 -10.27 -10.76 56.60
N GLN J 74 -10.19 -10.91 57.92
CA GLN J 74 -11.42 -10.92 58.68
C GLN J 74 -12.05 -9.53 58.67
N GLN J 75 -11.22 -8.49 58.77
CA GLN J 75 -11.78 -7.15 58.80
C GLN J 75 -12.50 -6.77 57.48
N CYS J 76 -11.85 -7.13 56.37
CA CYS J 76 -12.39 -6.88 55.03
C CYS J 76 -13.72 -7.60 54.80
N ARG J 77 -13.73 -8.85 55.25
CA ARG J 77 -14.85 -9.78 55.08
C ARG J 77 -16.09 -9.27 55.83
N SER J 78 -15.84 -8.59 56.94
CA SER J 78 -16.94 -8.06 57.72
C SER J 78 -17.39 -6.70 57.21
N GLU J 79 -16.47 -5.87 56.71
CA GLU J 79 -16.87 -4.59 56.08
C GLU J 79 -17.53 -4.80 54.71
N TYR J 80 -17.12 -5.82 53.99
CA TYR J 80 -17.60 -5.95 52.61
C TYR J 80 -18.10 -7.34 52.30
N PRO J 81 -19.15 -7.78 52.98
CA PRO J 81 -19.60 -9.17 52.78
C PRO J 81 -20.10 -9.45 51.36
N ASN J 82 -20.41 -8.41 50.57
CA ASN J 82 -20.73 -8.63 49.13
C ASN J 82 -19.59 -8.55 48.09
N CYS J 83 -18.35 -8.74 48.53
CA CYS J 83 -17.14 -8.53 47.73
C CYS J 83 -16.28 -9.80 47.80
N PHE J 84 -15.67 -10.21 46.69
CA PHE J 84 -14.66 -11.27 46.74
C PHE J 84 -13.36 -10.74 47.33
N ILE J 85 -12.62 -11.62 47.99
CA ILE J 85 -11.34 -11.30 48.60
C ILE J 85 -10.27 -12.40 48.27
N ARG J 86 -9.03 -11.97 48.08
CA ARG J 86 -7.90 -12.87 47.93
C ARG J 86 -6.64 -12.28 48.49
N VAL J 87 -5.70 -13.18 48.76
CA VAL J 87 -4.42 -12.86 49.33
C VAL J 87 -3.47 -13.07 48.16
N VAL J 88 -2.44 -12.24 48.10
CA VAL J 88 -1.44 -12.28 47.06
C VAL J 88 -0.07 -12.15 47.71
N ALA J 89 1.00 -12.64 47.06
CA ALA J 89 2.34 -12.50 47.63
C ALA J 89 3.28 -12.15 46.54
N PHE J 90 4.16 -11.18 46.81
CA PHE J 90 5.20 -10.65 45.90
C PHE J 90 6.61 -11.08 46.25
N ASP J 91 7.38 -11.41 45.22
CA ASP J 91 8.81 -11.68 45.25
C ASP J 91 9.49 -10.41 44.66
N ASN J 92 10.18 -9.64 45.50
CA ASN J 92 10.80 -8.34 45.11
C ASN J 92 12.12 -8.51 44.34
N ILE J 93 12.78 -9.66 44.59
CA ILE J 93 13.99 -10.10 43.88
C ILE J 93 13.63 -10.13 42.38
N LYS J 94 12.71 -11.03 42.00
CA LYS J 94 12.35 -11.21 40.59
C LYS J 94 11.27 -10.26 40.13
N GLN J 95 10.85 -9.35 41.00
CA GLN J 95 9.76 -8.44 40.64
C GLN J 95 8.60 -9.19 39.95
N CYS J 96 8.20 -10.29 40.59
CA CYS J 96 7.04 -11.09 40.15
C CYS J 96 6.13 -11.49 41.33
N GLN J 97 4.81 -11.59 41.05
CA GLN J 97 3.80 -12.11 41.94
C GLN J 97 3.90 -13.64 41.94
N VAL J 98 3.87 -14.28 43.11
CA VAL J 98 4.06 -15.72 43.19
C VAL J 98 2.92 -16.44 43.89
N MET J 99 1.90 -15.70 44.24
CA MET J 99 0.72 -16.26 44.91
C MET J 99 -0.45 -15.35 44.63
N SER J 100 -1.63 -15.96 44.49
CA SER J 100 -2.91 -15.23 44.33
C SER J 100 -4.02 -16.26 44.48
N PHE J 101 -4.52 -16.40 45.71
CA PHE J 101 -5.58 -17.37 46.01
C PHE J 101 -6.84 -16.77 46.63
N ILE J 102 -7.98 -17.36 46.27
CA ILE J 102 -9.27 -16.85 46.69
C ILE J 102 -9.47 -17.22 48.16
N VAL J 103 -9.68 -16.22 49.00
CA VAL J 103 -9.92 -16.49 50.44
C VAL J 103 -11.34 -16.20 50.99
N TYR J 104 -12.27 -15.72 50.14
CA TYR J 104 -13.63 -15.38 50.56
C TYR J 104 -14.47 -15.01 49.35
N LYS J 105 -15.63 -15.65 49.22
CA LYS J 105 -16.65 -15.30 48.24
C LYS J 105 -17.97 -14.96 48.97
N PRO J 106 -18.83 -14.10 48.38
CA PRO J 106 -20.17 -13.81 48.91
C PRO J 106 -21.07 -14.94 49.47
N THR K 23 48.60 -23.88 15.73
CA THR K 23 47.68 -23.18 14.76
C THR K 23 46.16 -23.25 15.07
N TYR K 24 45.56 -24.45 15.07
CA TYR K 24 44.15 -24.61 15.54
C TYR K 24 43.95 -25.17 16.93
N TYR K 25 44.98 -25.78 17.50
CA TYR K 25 44.96 -26.27 18.88
C TYR K 25 45.87 -25.39 19.72
N THR K 26 45.32 -24.52 20.57
CA THR K 26 46.08 -23.58 21.40
C THR K 26 45.65 -23.77 22.84
N PRO K 27 46.20 -24.79 23.51
CA PRO K 27 45.79 -25.01 24.91
C PRO K 27 46.09 -23.83 25.91
N ASP K 28 46.87 -22.83 25.49
CA ASP K 28 47.11 -21.65 26.37
C ASP K 28 46.19 -20.48 26.13
N TYR K 29 45.36 -20.53 25.09
CA TYR K 29 44.41 -19.45 24.84
C TYR K 29 43.39 -19.38 25.98
N THR K 30 43.11 -18.18 26.48
CA THR K 30 42.00 -18.07 27.43
C THR K 30 40.83 -17.28 26.77
N PRO K 31 39.65 -17.87 26.78
CA PRO K 31 38.50 -17.31 26.05
C PRO K 31 38.11 -15.93 26.58
N LYS K 32 37.75 -15.02 25.68
CA LYS K 32 37.17 -13.72 26.04
C LYS K 32 35.69 -13.89 26.41
N ASP K 33 35.18 -12.99 27.24
CA ASP K 33 33.77 -12.91 27.53
C ASP K 33 32.87 -12.63 26.31
N THR K 34 33.45 -12.19 25.18
CA THR K 34 32.66 -11.97 24.00
C THR K 34 32.78 -13.20 23.04
N ASP K 35 33.58 -14.20 23.39
CA ASP K 35 33.71 -15.37 22.46
C ASP K 35 32.44 -16.26 22.54
N ILE K 36 32.00 -16.83 21.43
CA ILE K 36 31.13 -18.01 21.51
C ILE K 36 31.99 -19.31 21.74
N LEU K 37 31.55 -20.13 22.68
CA LEU K 37 32.27 -21.34 23.01
C LEU K 37 31.35 -22.53 22.67
N ALA K 38 31.93 -23.61 22.18
CA ALA K 38 31.25 -24.86 21.80
C ALA K 38 31.96 -26.02 22.55
N ALA K 39 31.22 -27.00 23.04
CA ALA K 39 31.82 -28.18 23.69
C ALA K 39 31.35 -29.34 22.84
N PHE K 40 32.27 -29.98 22.13
CA PHE K 40 31.92 -31.07 21.22
C PHE K 40 32.42 -32.39 21.83
N ARG K 41 31.54 -33.42 21.87
CA ARG K 41 31.99 -34.75 22.10
C ARG K 41 32.48 -35.36 20.77
N VAL K 42 33.79 -35.62 20.71
CA VAL K 42 34.48 -36.06 19.50
C VAL K 42 34.95 -37.58 19.50
N THR K 43 34.61 -38.32 18.46
CA THR K 43 35.02 -39.75 18.34
C THR K 43 35.90 -39.79 17.10
N PRO K 44 37.22 -39.75 17.30
CA PRO K 44 38.12 -39.76 16.11
C PRO K 44 38.15 -41.16 15.47
N GLN K 45 38.51 -41.18 14.19
CA GLN K 45 38.71 -42.43 13.46
C GLN K 45 39.88 -43.12 14.13
N PRO K 46 39.88 -44.47 14.12
CA PRO K 46 41.01 -45.25 14.68
C PRO K 46 42.36 -44.74 14.15
N GLY K 47 43.32 -44.57 15.07
CA GLY K 47 44.61 -44.04 14.67
C GLY K 47 44.75 -42.54 14.45
N VAL K 48 43.68 -41.76 14.66
CA VAL K 48 43.81 -40.26 14.65
C VAL K 48 44.04 -39.83 16.09
N PRO K 49 45.14 -39.15 16.37
CA PRO K 49 45.35 -38.73 17.76
C PRO K 49 44.43 -37.56 18.17
N PHE K 50 44.12 -37.49 19.46
CA PHE K 50 43.22 -36.49 19.96
C PHE K 50 43.61 -35.09 19.50
N GLU K 51 44.89 -34.75 19.57
CA GLU K 51 45.25 -33.38 19.27
C GLU K 51 44.94 -32.98 17.82
N GLU K 52 45.07 -33.91 16.87
CA GLU K 52 44.79 -33.57 15.49
C GLU K 52 43.28 -33.52 15.26
N ALA K 53 42.51 -34.40 15.88
CA ALA K 53 41.04 -34.38 15.74
C ALA K 53 40.49 -33.03 16.27
N ALA K 54 41.03 -32.57 17.42
CA ALA K 54 40.63 -31.33 18.05
C ALA K 54 40.84 -30.16 17.14
N ALA K 55 42.04 -30.12 16.54
CA ALA K 55 42.42 -29.05 15.67
C ALA K 55 41.51 -29.06 14.46
N ALA K 56 41.13 -30.26 14.02
CA ALA K 56 40.33 -30.40 12.80
C ALA K 56 38.93 -29.84 13.08
N VAL K 57 38.36 -30.15 14.24
CA VAL K 57 37.05 -29.66 14.65
C VAL K 57 37.05 -28.09 14.64
N ALA K 58 38.12 -27.49 15.21
CA ALA K 58 38.23 -26.03 15.20
C ALA K 58 38.37 -25.45 13.80
N ALA K 59 39.26 -26.04 13.01
CA ALA K 59 39.49 -25.59 11.65
C ALA K 59 38.27 -25.78 10.69
N GLU K 60 37.70 -26.99 10.66
CA GLU K 60 36.59 -27.25 9.77
C GLU K 60 35.28 -26.51 10.19
N SER K 61 35.23 -25.94 11.39
CA SER K 61 34.06 -25.15 11.78
C SER K 61 34.39 -23.66 11.76
N SER K 62 35.49 -23.28 11.11
CA SER K 62 35.83 -21.85 11.00
C SER K 62 36.51 -21.58 9.67
N THR K 63 37.80 -21.30 9.67
CA THR K 63 38.55 -20.84 8.46
C THR K 63 38.94 -21.96 7.49
N GLY K 64 39.17 -23.18 8.02
CA GLY K 64 39.27 -24.42 7.21
C GLY K 64 40.58 -24.56 6.47
N TRP K 70 46.71 -16.50 -2.24
CA TRP K 70 47.23 -15.12 -2.23
C TRP K 70 46.31 -14.15 -1.48
N THR K 71 45.00 -14.37 -1.63
CA THR K 71 44.03 -13.51 -0.95
C THR K 71 44.12 -13.70 0.57
N ASP K 72 44.55 -14.91 0.99
CA ASP K 72 44.87 -15.27 2.40
C ASP K 72 45.74 -14.23 3.11
N LEU K 73 46.71 -13.67 2.37
CA LEU K 73 47.62 -12.69 2.94
C LEU K 73 47.18 -11.23 2.71
N LEU K 74 45.99 -11.07 2.10
CA LEU K 74 45.23 -9.80 2.17
C LEU K 74 44.47 -9.68 3.51
N THR K 75 44.14 -10.81 4.15
CA THR K 75 43.42 -10.78 5.47
C THR K 75 44.25 -11.29 6.64
N ASP K 76 43.81 -10.93 7.84
CA ASP K 76 44.46 -11.42 9.03
C ASP K 76 43.68 -12.62 9.49
N LEU K 77 44.05 -13.77 8.95
CA LEU K 77 43.33 -15.00 9.28
C LEU K 77 43.29 -15.35 10.79
N ASP K 78 44.28 -14.90 11.55
CA ASP K 78 44.25 -15.14 12.98
C ASP K 78 42.96 -14.70 13.67
N ARG K 79 42.47 -13.53 13.33
CA ARG K 79 41.31 -13.07 14.08
C ARG K 79 39.95 -13.67 13.59
N TYR K 80 39.96 -14.53 12.57
CA TYR K 80 38.74 -15.21 12.15
C TYR K 80 38.70 -16.73 12.45
N LYS K 81 39.81 -17.27 12.97
CA LYS K 81 39.82 -18.69 13.29
C LYS K 81 39.15 -19.00 14.62
N GLY K 82 38.47 -20.13 14.68
CA GLY K 82 38.19 -20.77 15.95
C GLY K 82 39.48 -21.46 16.40
N CYS K 83 39.56 -21.80 17.67
CA CYS K 83 40.67 -22.60 18.17
C CYS K 83 40.21 -23.55 19.26
N CYS K 84 40.76 -24.75 19.29
CA CYS K 84 40.53 -25.63 20.46
C CYS K 84 41.41 -25.18 21.63
N TYR K 85 40.79 -24.76 22.72
CA TYR K 85 41.59 -24.31 23.82
C TYR K 85 41.71 -25.31 24.92
N ASP K 86 41.01 -26.44 24.81
CA ASP K 86 41.09 -27.46 25.81
C ASP K 86 40.56 -28.81 25.28
N ILE K 87 41.25 -29.90 25.66
CA ILE K 87 40.90 -31.27 25.28
C ILE K 87 40.68 -31.99 26.59
N GLU K 88 39.47 -32.52 26.80
CA GLU K 88 39.16 -33.21 28.03
C GLU K 88 38.84 -34.68 27.73
N PRO K 89 39.79 -35.60 28.08
CA PRO K 89 39.58 -37.05 27.92
C PRO K 89 38.36 -37.49 28.72
N LEU K 90 37.72 -38.58 28.32
CA LEU K 90 36.50 -39.00 28.99
C LEU K 90 36.71 -40.36 29.69
N PRO K 91 36.87 -40.35 31.03
CA PRO K 91 37.09 -41.62 31.75
C PRO K 91 35.98 -42.64 31.48
N GLY K 92 36.38 -43.81 31.02
CA GLY K 92 35.43 -44.87 30.73
C GLY K 92 35.26 -44.92 29.23
N GLU K 93 34.72 -43.82 28.65
CA GLU K 93 34.36 -43.79 27.22
C GLU K 93 35.47 -44.27 26.28
N ASP K 94 35.08 -44.96 25.21
CA ASP K 94 36.09 -45.50 24.31
C ASP K 94 36.38 -44.54 23.15
N ASN K 95 37.59 -43.99 23.14
CA ASN K 95 38.07 -43.17 22.02
C ASN K 95 37.23 -41.86 21.90
N GLN K 96 36.71 -41.36 23.01
CA GLN K 96 35.92 -40.12 23.02
C GLN K 96 36.59 -39.06 23.85
N PHE K 97 36.49 -37.81 23.40
CA PHE K 97 36.85 -36.67 24.24
C PHE K 97 36.03 -35.39 23.99
N ILE K 98 36.17 -34.46 24.91
CA ILE K 98 35.49 -33.20 24.82
C ILE K 98 36.48 -32.16 24.28
N ALA K 99 36.15 -31.57 23.12
CA ALA K 99 36.99 -30.52 22.54
C ALA K 99 36.25 -29.21 22.82
N TYR K 100 36.91 -28.24 23.48
CA TYR K 100 36.36 -26.88 23.69
C TYR K 100 36.90 -25.92 22.63
N ILE K 101 35.99 -25.30 21.91
CA ILE K 101 36.32 -24.39 20.83
C ILE K 101 35.83 -22.97 21.21
N ALA K 102 36.62 -21.98 20.86
CA ALA K 102 36.29 -20.60 21.05
C ALA K 102 36.23 -19.94 19.66
N TYR K 103 35.15 -19.20 19.40
CA TYR K 103 34.94 -18.44 18.16
C TYR K 103 34.79 -16.98 18.45
N PRO K 104 35.48 -16.13 17.69
CA PRO K 104 35.35 -14.65 17.85
C PRO K 104 33.96 -14.13 17.54
N LEU K 105 33.52 -13.15 18.34
CA LEU K 105 32.22 -12.51 18.22
C LEU K 105 31.88 -12.06 16.77
N ASP K 106 32.88 -11.54 16.05
CA ASP K 106 32.73 -11.06 14.67
C ASP K 106 32.41 -12.07 13.56
N LEU K 107 32.53 -13.36 13.82
CA LEU K 107 32.11 -14.35 12.82
C LEU K 107 30.62 -14.38 12.54
N PHE K 108 29.80 -13.85 13.44
CA PHE K 108 28.38 -14.19 13.40
C PHE K 108 27.48 -13.03 13.07
N GLU K 109 26.54 -13.26 12.16
CA GLU K 109 25.49 -12.31 11.98
C GLU K 109 24.64 -11.98 13.26
N GLU K 110 24.46 -10.70 13.57
CA GLU K 110 23.63 -10.26 14.68
C GLU K 110 22.18 -10.76 14.56
N GLY K 111 21.67 -11.36 15.62
CA GLY K 111 20.22 -11.60 15.65
C GLY K 111 19.85 -12.84 14.83
N SER K 112 20.88 -13.51 14.27
CA SER K 112 20.67 -14.71 13.44
C SER K 112 21.11 -16.10 14.05
N VAL K 113 20.17 -16.81 14.61
CA VAL K 113 20.39 -18.17 15.01
C VAL K 113 20.77 -19.01 13.79
N THR K 114 20.10 -18.72 12.67
CA THR K 114 20.42 -19.39 11.42
C THR K 114 21.90 -19.35 11.08
N ASN K 115 22.50 -18.17 11.08
CA ASN K 115 23.93 -17.99 10.82
C ASN K 115 24.82 -18.61 11.92
N MET K 116 24.36 -18.59 13.17
CA MET K 116 25.18 -19.16 14.24
C MET K 116 25.28 -20.71 14.06
N LEU K 117 24.12 -21.34 13.84
CA LEU K 117 24.13 -22.77 13.42
C LEU K 117 24.95 -23.10 12.18
N THR K 118 24.71 -22.37 11.10
CA THR K 118 25.45 -22.62 9.87
C THR K 118 26.93 -22.52 10.21
N SER K 119 27.35 -21.51 10.97
CA SER K 119 28.79 -21.35 11.22
C SER K 119 29.38 -22.53 12.00
N ILE K 120 28.73 -22.92 13.07
CA ILE K 120 29.30 -23.83 13.98
C ILE K 120 29.15 -25.29 13.52
N VAL K 121 27.93 -25.68 13.12
CA VAL K 121 27.58 -27.06 12.77
C VAL K 121 27.31 -27.26 11.28
N GLY K 122 27.65 -26.28 10.44
CA GLY K 122 27.31 -26.34 9.07
C GLY K 122 28.09 -27.42 8.36
N ASN K 123 29.31 -27.65 8.80
CA ASN K 123 30.28 -28.30 7.98
C ASN K 123 30.95 -29.48 8.72
N VAL K 124 31.29 -29.27 9.97
CA VAL K 124 32.26 -30.06 10.69
C VAL K 124 31.86 -31.54 10.90
N PHE K 125 30.56 -31.85 10.92
CA PHE K 125 30.06 -33.19 11.21
C PHE K 125 30.29 -34.20 10.07
N GLY K 126 30.78 -33.74 8.93
CA GLY K 126 31.09 -34.67 7.86
C GLY K 126 32.58 -34.88 7.68
N PHE K 127 33.41 -34.28 8.52
CA PHE K 127 34.84 -34.42 8.37
C PHE K 127 35.31 -35.87 8.51
N LYS K 128 36.15 -36.31 7.60
CA LYS K 128 36.42 -37.73 7.45
C LYS K 128 37.28 -38.37 8.51
N ALA K 129 38.11 -37.57 9.18
CA ALA K 129 38.90 -38.05 10.30
C ALA K 129 38.12 -38.22 11.60
N LEU K 130 36.84 -37.86 11.61
CA LEU K 130 35.94 -38.09 12.75
C LEU K 130 35.00 -39.24 12.47
N LYS K 131 34.83 -40.11 13.43
CA LYS K 131 33.87 -41.18 13.25
C LYS K 131 32.49 -40.70 13.70
N ALA K 132 32.48 -39.85 14.71
CA ALA K 132 31.23 -39.32 15.18
C ALA K 132 31.55 -38.00 15.85
N LEU K 133 30.50 -37.16 15.94
CA LEU K 133 30.57 -35.80 16.52
C LEU K 133 29.23 -35.35 17.11
N ARG K 134 29.26 -34.90 18.34
CA ARG K 134 28.05 -34.41 18.94
C ARG K 134 28.30 -33.06 19.60
N LEU K 135 27.47 -32.04 19.26
CA LEU K 135 27.60 -30.78 19.96
C LEU K 135 26.83 -30.89 21.23
N GLU K 136 27.54 -30.65 22.33
CA GLU K 136 26.97 -30.83 23.61
C GLU K 136 26.45 -29.53 24.22
N ASP K 137 27.13 -28.40 24.04
CA ASP K 137 26.72 -27.17 24.76
C ASP K 137 27.34 -25.99 24.02
N LEU K 138 26.79 -24.79 24.22
CA LEU K 138 27.34 -23.57 23.66
C LEU K 138 27.32 -22.51 24.72
N ARG K 139 28.35 -21.68 24.80
CA ARG K 139 28.29 -20.55 25.71
C ARG K 139 28.02 -19.32 24.88
N ILE K 140 26.79 -18.79 24.94
CA ILE K 140 26.44 -17.58 24.12
C ILE K 140 26.85 -16.36 24.96
N PRO K 141 27.75 -15.49 24.44
CA PRO K 141 28.21 -14.30 25.21
C PRO K 141 27.17 -13.22 25.31
N VAL K 142 27.20 -12.45 26.39
CA VAL K 142 26.27 -11.37 26.62
C VAL K 142 26.19 -10.44 25.40
N ALA K 143 27.33 -10.12 24.81
CA ALA K 143 27.34 -9.15 23.78
C ALA K 143 26.60 -9.67 22.54
N TYR K 144 26.54 -10.99 22.32
CA TYR K 144 25.79 -11.53 21.18
C TYR K 144 24.31 -11.64 21.54
N LEU K 145 24.04 -12.16 22.74
CA LEU K 145 22.65 -12.20 23.22
C LEU K 145 21.86 -10.89 23.08
N LYS K 146 22.50 -9.77 23.39
CA LYS K 146 21.87 -8.46 23.28
C LYS K 146 21.41 -8.12 21.82
N THR K 147 21.96 -8.77 20.81
CA THR K 147 21.47 -8.53 19.42
C THR K 147 20.13 -9.34 19.14
N PHE K 148 19.66 -10.17 20.08
CA PHE K 148 18.41 -10.94 19.85
C PHE K 148 17.28 -10.39 20.61
N GLN K 149 16.06 -10.54 20.09
CA GLN K 149 14.88 -10.24 20.88
C GLN K 149 14.66 -11.23 22.04
N GLY K 150 14.82 -12.53 21.80
CA GLY K 150 14.44 -13.54 22.79
C GLY K 150 12.92 -13.77 22.79
N PRO K 151 12.40 -14.40 23.87
CA PRO K 151 10.98 -14.74 23.94
C PRO K 151 10.13 -13.51 23.70
N PRO K 152 9.03 -13.67 23.00
CA PRO K 152 8.24 -12.45 22.78
C PRO K 152 7.66 -11.94 24.13
N HIS K 153 7.49 -12.83 25.13
CA HIS K 153 6.97 -12.39 26.43
C HIS K 153 7.72 -12.93 27.62
N GLY K 154 7.77 -14.24 27.80
CA GLY K 154 8.59 -14.78 28.88
C GLY K 154 7.68 -15.04 30.07
N ILE K 155 8.25 -15.74 31.06
CA ILE K 155 7.47 -16.36 32.10
C ILE K 155 6.67 -15.33 32.80
N GLN K 156 7.36 -14.30 33.25
CA GLN K 156 6.70 -13.29 34.07
C GLN K 156 5.59 -12.54 33.35
N VAL K 157 5.83 -12.04 32.16
CA VAL K 157 4.82 -11.31 31.44
C VAL K 157 3.65 -12.24 31.12
N GLU K 158 3.94 -13.49 30.77
CA GLU K 158 2.91 -14.40 30.41
C GLU K 158 1.93 -14.62 31.56
N ARG K 159 2.42 -14.81 32.78
CA ARG K 159 1.50 -14.94 33.93
C ARG K 159 0.70 -13.69 34.13
N ASP K 160 1.34 -12.52 34.00
CA ASP K 160 0.59 -11.26 34.06
C ASP K 160 -0.50 -11.14 32.98
N LYS K 161 -0.23 -11.52 31.76
CA LYS K 161 -1.32 -11.50 30.76
C LYS K 161 -2.46 -12.49 31.06
N LEU K 162 -2.13 -13.64 31.60
CA LEU K 162 -3.10 -14.68 31.77
C LEU K 162 -3.73 -14.59 33.16
N ASN K 163 -3.08 -13.82 34.03
CA ASN K 163 -3.58 -13.65 35.41
C ASN K 163 -3.45 -14.92 36.22
N LYS K 164 -2.44 -15.72 35.94
CA LYS K 164 -2.35 -17.02 36.63
C LYS K 164 -1.08 -17.12 37.48
N TYR K 165 -1.24 -17.19 38.81
CA TYR K 165 -0.10 -17.13 39.73
C TYR K 165 -0.03 -18.30 40.69
N GLY K 166 1.17 -18.73 41.04
CA GLY K 166 1.36 -19.60 42.21
C GLY K 166 1.17 -21.06 41.92
N ARG K 167 1.15 -21.39 40.63
CA ARG K 167 0.98 -22.77 40.24
C ARG K 167 1.42 -22.99 38.77
N PRO K 168 1.75 -24.25 38.40
CA PRO K 168 1.98 -24.69 37.04
C PRO K 168 0.71 -24.48 36.29
N LEU K 169 0.80 -24.21 35.00
CA LEU K 169 -0.44 -24.24 34.13
C LEU K 169 -0.76 -25.65 33.63
N LEU K 170 -2.01 -25.83 33.16
CA LEU K 170 -2.52 -27.13 32.78
C LEU K 170 -3.07 -27.16 31.36
N GLY K 171 -2.62 -28.14 30.55
CA GLY K 171 -3.06 -28.31 29.16
C GLY K 171 -3.44 -29.75 28.86
N CYS K 172 -4.36 -29.93 27.92
CA CYS K 172 -4.75 -31.27 27.42
C CYS K 172 -4.45 -31.25 25.92
N THR K 173 -4.02 -32.37 25.36
CA THR K 173 -4.01 -32.48 23.91
C THR K 173 -5.29 -33.13 23.51
N ILE K 174 -5.84 -32.73 22.36
CA ILE K 174 -7.09 -33.28 21.84
C ILE K 174 -6.86 -34.59 21.13
N LYS K 175 -7.72 -35.56 21.39
CA LYS K 175 -7.63 -36.89 20.76
C LYS K 175 -8.96 -37.29 20.10
N PRO K 176 -8.92 -37.92 18.89
CA PRO K 176 -7.76 -38.34 18.11
C PRO K 176 -6.96 -37.16 17.60
N LYS K 177 -5.68 -37.40 17.32
CA LYS K 177 -4.79 -36.40 16.72
C LYS K 177 -5.42 -35.79 15.46
N LEU K 178 -5.75 -36.63 14.49
CA LEU K 178 -6.27 -36.21 13.21
C LEU K 178 -7.64 -36.83 12.99
N GLY K 179 -8.52 -36.10 12.29
CA GLY K 179 -9.71 -36.73 11.77
C GLY K 179 -10.97 -36.11 12.25
N LEU K 180 -10.94 -35.38 13.35
CA LEU K 180 -12.12 -34.65 13.76
C LEU K 180 -12.43 -33.52 12.78
N SER K 181 -13.71 -33.25 12.48
CA SER K 181 -14.08 -32.07 11.71
C SER K 181 -13.80 -30.85 12.61
N ALA K 182 -13.69 -29.68 12.01
CA ALA K 182 -13.39 -28.47 12.81
C ALA K 182 -14.36 -28.30 14.02
N LYS K 183 -15.64 -28.49 13.73
CA LYS K 183 -16.70 -28.30 14.71
C LYS K 183 -16.60 -29.34 15.83
N ASN K 184 -16.39 -30.59 15.47
CA ASN K 184 -16.24 -31.64 16.51
C ASN K 184 -15.04 -31.36 17.38
N TYR K 185 -13.95 -30.99 16.74
CA TYR K 185 -12.74 -30.55 17.39
C TYR K 185 -12.98 -29.45 18.37
N GLY K 186 -13.75 -28.44 17.97
CA GLY K 186 -14.08 -27.37 18.90
C GLY K 186 -14.90 -27.82 20.08
N ARG K 187 -15.82 -28.79 19.89
CA ARG K 187 -16.59 -29.43 21.01
C ARG K 187 -15.69 -30.06 22.03
N ALA K 188 -14.74 -30.88 21.60
CA ALA K 188 -13.74 -31.43 22.49
C ALA K 188 -12.95 -30.36 23.27
N VAL K 189 -12.63 -29.23 22.61
CA VAL K 189 -11.84 -28.18 23.24
C VAL K 189 -12.66 -27.57 24.33
N TYR K 190 -13.91 -27.22 24.00
CA TYR K 190 -14.81 -26.65 24.99
C TYR K 190 -15.00 -27.52 26.27
N GLU K 191 -15.13 -28.82 26.09
CA GLU K 191 -15.38 -29.67 27.25
C GLU K 191 -14.15 -29.74 28.11
N CYS K 192 -12.97 -29.85 27.47
CA CYS K 192 -11.70 -29.87 28.21
C CYS K 192 -11.54 -28.59 29.00
N LEU K 193 -11.71 -27.44 28.33
CA LEU K 193 -11.41 -26.15 28.99
C LEU K 193 -12.37 -25.84 30.14
N ARG K 194 -13.65 -26.19 29.95
CA ARG K 194 -14.68 -25.81 30.91
C ARG K 194 -14.50 -26.63 32.20
N GLY K 195 -13.74 -27.73 32.15
CA GLY K 195 -13.48 -28.57 33.27
C GLY K 195 -12.34 -28.08 34.13
N GLY K 196 -11.61 -27.02 33.72
CA GLY K 196 -10.55 -26.48 34.57
C GLY K 196 -9.11 -26.46 34.06
N LEU K 197 -8.89 -26.91 32.83
CA LEU K 197 -7.58 -26.75 32.18
C LEU K 197 -7.43 -25.27 31.71
N ASP K 198 -6.19 -24.81 31.61
CA ASP K 198 -5.91 -23.45 31.12
C ASP K 198 -5.83 -23.44 29.59
N PHE K 199 -5.39 -24.54 28.99
CA PHE K 199 -5.05 -24.55 27.58
C PHE K 199 -5.43 -25.90 27.02
N THR K 200 -5.79 -25.90 25.73
CA THR K 200 -5.76 -27.15 24.94
C THR K 200 -4.81 -26.91 23.75
N LYS K 201 -4.51 -27.92 22.97
CA LYS K 201 -3.34 -27.88 22.09
C LYS K 201 -3.69 -28.56 20.73
N ASP K 202 -3.39 -27.90 19.61
CA ASP K 202 -3.39 -28.57 18.28
C ASP K 202 -2.25 -29.60 18.24
N ASP K 203 -2.46 -30.76 17.64
CA ASP K 203 -1.36 -31.67 17.36
C ASP K 203 -0.37 -31.03 16.37
N GLU K 204 0.91 -31.41 16.47
CA GLU K 204 1.89 -30.82 15.61
C GLU K 204 1.67 -31.20 14.11
N ASN K 205 0.88 -32.22 13.81
CA ASN K 205 0.62 -32.62 12.42
C ASN K 205 -0.53 -31.86 11.81
N ILE K 206 -1.33 -31.21 12.63
CA ILE K 206 -2.48 -30.52 12.18
C ILE K 206 -2.06 -29.12 11.76
N ASN K 207 -2.14 -28.86 10.46
CA ASN K 207 -1.82 -27.56 9.91
C ASN K 207 -3.12 -27.19 9.12
N SER K 208 -3.20 -27.57 7.86
CA SER K 208 -4.49 -27.46 7.20
C SER K 208 -4.56 -28.65 6.26
N GLN K 209 -5.65 -29.42 6.32
CA GLN K 209 -5.72 -30.67 5.58
C GLN K 209 -7.10 -30.85 4.97
N PRO K 210 -7.25 -31.80 4.03
CA PRO K 210 -8.61 -32.05 3.46
C PRO K 210 -9.74 -32.30 4.49
N PHE K 211 -9.46 -33.03 5.55
CA PHE K 211 -10.45 -33.29 6.60
C PHE K 211 -10.66 -32.11 7.56
N GLN K 212 -9.85 -31.06 7.47
CA GLN K 212 -10.01 -30.01 8.44
C GLN K 212 -9.16 -28.83 8.03
N ARG K 213 -9.79 -27.82 7.42
CA ARG K 213 -9.03 -26.67 6.93
C ARG K 213 -8.75 -25.74 8.12
N TRP K 214 -7.59 -25.09 8.08
CA TRP K 214 -7.17 -24.27 9.24
C TRP K 214 -8.19 -23.17 9.61
N ARG K 215 -8.75 -22.47 8.65
CA ARG K 215 -9.58 -21.32 9.03
C ARG K 215 -10.84 -21.73 9.85
N ASP K 216 -11.46 -22.83 9.44
CA ASP K 216 -12.59 -23.45 10.14
C ASP K 216 -12.20 -23.92 11.56
N ARG K 217 -11.10 -24.67 11.67
CA ARG K 217 -10.54 -24.87 12.98
C ARG K 217 -10.36 -23.60 13.84
N PHE K 218 -9.68 -22.58 13.33
CA PHE K 218 -9.46 -21.38 14.17
C PHE K 218 -10.75 -20.75 14.66
N LEU K 219 -11.75 -20.73 13.80
CA LEU K 219 -13.01 -20.17 14.14
C LEU K 219 -13.79 -20.95 15.20
N PHE K 220 -13.93 -22.26 15.06
CA PHE K 220 -14.65 -23.05 16.05
C PHE K 220 -13.91 -23.16 17.38
N VAL K 221 -12.57 -23.21 17.33
CA VAL K 221 -11.81 -23.14 18.58
C VAL K 221 -12.00 -21.82 19.33
N ALA K 222 -12.13 -20.69 18.62
CA ALA K 222 -12.40 -19.42 19.31
C ALA K 222 -13.78 -19.40 19.94
N ASP K 223 -14.76 -20.01 19.28
CA ASP K 223 -16.08 -20.14 19.90
C ASP K 223 -16.00 -20.97 21.19
N ALA K 224 -15.19 -22.02 21.18
CA ALA K 224 -15.04 -22.93 22.32
C ALA K 224 -14.39 -22.19 23.44
N ILE K 225 -13.32 -21.47 23.17
CA ILE K 225 -12.69 -20.63 24.17
C ILE K 225 -13.65 -19.61 24.77
N HIS K 226 -14.37 -18.86 23.93
CA HIS K 226 -15.30 -17.86 24.47
C HIS K 226 -16.37 -18.50 25.44
N LYS K 227 -16.98 -19.61 25.03
CA LYS K 227 -17.95 -20.27 25.91
C LYS K 227 -17.31 -20.79 27.23
N ALA K 228 -16.16 -21.47 27.16
CA ALA K 228 -15.47 -21.90 28.42
C ALA K 228 -15.05 -20.74 29.30
N GLN K 229 -14.59 -19.68 28.66
CA GLN K 229 -14.04 -18.62 29.46
C GLN K 229 -15.20 -17.92 30.14
N ALA K 230 -16.33 -17.80 29.46
CA ALA K 230 -17.52 -17.13 30.10
C ALA K 230 -18.10 -18.03 31.19
N GLU K 231 -18.11 -19.36 31.02
CA GLU K 231 -18.69 -20.23 32.05
C GLU K 231 -17.82 -20.27 33.28
N THR K 232 -16.51 -20.27 33.09
CA THR K 232 -15.66 -20.48 34.24
C THR K 232 -15.17 -19.21 34.90
N GLY K 233 -15.16 -18.07 34.20
CA GLY K 233 -14.54 -16.84 34.74
C GLY K 233 -13.01 -16.88 34.84
N GLU K 234 -12.39 -17.79 34.12
CA GLU K 234 -10.92 -17.92 34.01
C GLU K 234 -10.47 -17.78 32.52
N ILE K 235 -9.33 -17.13 32.31
CA ILE K 235 -8.82 -16.95 30.97
C ILE K 235 -8.46 -18.34 30.42
N LYS K 236 -8.92 -18.59 29.18
CA LYS K 236 -8.61 -19.84 28.51
C LYS K 236 -7.82 -19.59 27.20
N GLY K 237 -7.04 -20.58 26.77
CA GLY K 237 -6.39 -20.50 25.44
C GLY K 237 -6.26 -21.88 24.76
N HIS K 238 -5.87 -21.84 23.49
CA HIS K 238 -5.64 -23.05 22.78
C HIS K 238 -4.43 -22.78 21.88
N TYR K 239 -3.39 -23.62 21.90
CA TYR K 239 -2.25 -23.34 21.01
C TYR K 239 -2.65 -23.66 19.55
N LEU K 240 -3.09 -22.63 18.86
CA LEU K 240 -3.47 -22.76 17.44
C LEU K 240 -2.21 -22.88 16.56
N ASN K 241 -2.07 -24.01 15.89
CA ASN K 241 -0.85 -24.32 15.13
C ASN K 241 -0.80 -23.51 13.85
N VAL K 242 0.13 -22.56 13.73
CA VAL K 242 0.30 -21.74 12.51
C VAL K 242 1.43 -22.28 11.60
N THR K 243 2.07 -23.40 11.96
CA THR K 243 3.08 -24.00 11.06
C THR K 243 2.47 -24.15 9.62
N ALA K 244 3.23 -23.79 8.60
CA ALA K 244 2.69 -23.54 7.31
C ALA K 244 3.73 -23.83 6.23
N PRO K 245 3.29 -23.96 4.96
CA PRO K 245 4.28 -24.10 3.84
C PRO K 245 5.26 -22.97 3.56
N THR K 246 4.85 -21.71 3.76
CA THR K 246 5.62 -20.54 3.43
C THR K 246 5.46 -19.56 4.62
N CYS K 247 6.33 -18.56 4.72
CA CYS K 247 6.21 -17.48 5.71
C CYS K 247 4.95 -16.65 5.53
N GLU K 248 4.54 -16.39 4.28
CA GLU K 248 3.31 -15.61 4.07
C GLU K 248 2.07 -16.32 4.68
N GLU K 249 1.94 -17.62 4.46
CA GLU K 249 0.81 -18.41 4.96
C GLU K 249 0.90 -18.59 6.48
N MET K 250 2.10 -18.75 7.06
CA MET K 250 2.28 -18.70 8.51
C MET K 250 1.81 -17.36 9.16
N LEU K 251 2.19 -16.25 8.55
CA LEU K 251 1.81 -14.95 9.09
C LEU K 251 0.32 -14.66 8.89
N LYS K 252 -0.27 -15.13 7.79
CA LYS K 252 -1.73 -15.06 7.63
C LYS K 252 -2.52 -15.86 8.66
N ARG K 253 -2.04 -17.05 9.06
CA ARG K 253 -2.69 -17.83 10.12
C ARG K 253 -2.54 -17.12 11.46
N ALA K 254 -1.34 -16.60 11.76
CA ALA K 254 -1.10 -15.78 12.98
C ALA K 254 -2.04 -14.55 13.07
N GLU K 255 -2.11 -13.76 11.99
CA GLU K 255 -3.04 -12.67 11.88
C GLU K 255 -4.53 -13.00 12.12
N PHE K 256 -5.00 -14.13 11.62
CA PHE K 256 -6.37 -14.48 11.85
C PHE K 256 -6.59 -14.86 13.32
N ALA K 257 -5.65 -15.62 13.96
CA ALA K 257 -5.73 -15.83 15.43
C ALA K 257 -5.80 -14.45 16.19
N LYS K 258 -5.00 -13.49 15.73
CA LYS K 258 -4.99 -12.15 16.34
C LYS K 258 -6.39 -11.51 16.15
N GLU K 259 -6.91 -11.57 14.92
CA GLU K 259 -8.22 -11.08 14.61
C GLU K 259 -9.31 -11.72 15.51
N LEU K 260 -9.19 -13.00 15.82
CA LEU K 260 -10.11 -13.64 16.78
C LEU K 260 -9.80 -13.38 18.24
N GLU K 261 -8.78 -12.56 18.52
CA GLU K 261 -8.32 -12.24 19.87
C GLU K 261 -7.89 -13.51 20.63
N MET K 262 -7.20 -14.42 19.99
CA MET K 262 -6.69 -15.57 20.68
C MET K 262 -5.43 -15.12 21.39
N PRO K 263 -5.18 -15.61 22.62
CA PRO K 263 -4.00 -15.21 23.37
C PRO K 263 -2.73 -15.96 23.03
N ILE K 264 -2.89 -17.10 22.37
CA ILE K 264 -1.73 -17.96 22.16
C ILE K 264 -1.82 -18.76 20.82
N ILE K 265 -0.64 -18.96 20.23
CA ILE K 265 -0.50 -19.80 19.06
C ILE K 265 0.70 -20.71 19.24
N MET K 266 0.86 -21.62 18.28
CA MET K 266 1.90 -22.61 18.34
C MET K 266 2.73 -22.69 17.03
N HIS K 267 3.98 -23.14 17.16
CA HIS K 267 4.84 -23.31 16.00
C HIS K 267 5.84 -24.51 16.12
N ASP K 268 5.96 -25.29 15.07
CA ASP K 268 6.96 -26.34 15.05
C ASP K 268 8.32 -25.68 14.65
N PHE K 269 9.16 -25.27 15.62
CA PHE K 269 10.38 -24.56 15.22
C PHE K 269 11.39 -25.29 14.38
N LEU K 270 11.54 -26.61 14.55
CA LEU K 270 12.59 -27.36 13.78
C LEU K 270 12.17 -27.79 12.39
N THR K 271 10.95 -28.29 12.23
CA THR K 271 10.52 -28.63 10.89
C THR K 271 10.24 -27.37 10.09
N ALA K 272 9.73 -26.33 10.74
CA ALA K 272 9.59 -25.04 10.01
C ALA K 272 10.93 -24.32 9.76
N GLY K 273 11.83 -24.30 10.72
CA GLY K 273 13.12 -23.66 10.58
C GLY K 273 13.21 -22.31 11.33
N PHE K 274 14.44 -21.90 11.62
CA PHE K 274 14.75 -20.82 12.50
C PHE K 274 14.57 -19.49 11.81
N THR K 275 14.73 -19.46 10.48
CA THR K 275 14.29 -18.27 9.74
C THR K 275 12.77 -17.91 9.90
N ALA K 276 11.90 -18.87 9.68
CA ALA K 276 10.46 -18.70 9.90
C ALA K 276 10.13 -18.47 11.36
N ASN K 277 10.78 -19.19 12.27
CA ASN K 277 10.50 -19.02 13.69
C ASN K 277 10.90 -17.64 14.21
N THR K 278 12.05 -17.14 13.77
CA THR K 278 12.49 -15.82 14.18
C THR K 278 11.49 -14.76 13.66
N THR K 279 10.96 -14.94 12.43
CA THR K 279 10.00 -14.03 11.88
C THR K 279 8.72 -14.04 12.74
N LEU K 280 8.30 -15.22 13.16
CA LEU K 280 7.08 -15.37 13.92
C LEU K 280 7.24 -14.77 15.35
N SER K 281 8.41 -14.98 15.93
CA SER K 281 8.71 -14.52 17.25
C SER K 281 8.67 -12.97 17.24
N LYS K 282 9.23 -12.33 16.22
CA LYS K 282 9.10 -10.87 16.15
C LYS K 282 7.64 -10.40 16.03
N TRP K 283 6.88 -11.13 15.22
CA TRP K 283 5.47 -10.82 14.95
C TRP K 283 4.70 -10.97 16.27
N CYS K 284 5.05 -11.95 17.08
CA CYS K 284 4.38 -12.19 18.35
C CYS K 284 4.63 -11.09 19.38
N ARG K 285 5.90 -10.66 19.51
CA ARG K 285 6.22 -9.45 20.25
C ARG K 285 5.43 -8.21 19.77
N ASP K 286 5.42 -7.96 18.44
CA ASP K 286 4.70 -6.81 17.83
C ASP K 286 3.21 -6.79 18.07
N ASN K 287 2.65 -7.96 18.25
CA ASN K 287 1.21 -8.11 18.35
C ASN K 287 0.67 -8.61 19.68
N GLY K 288 1.49 -8.76 20.72
CA GLY K 288 1.04 -9.30 22.03
C GLY K 288 0.64 -10.76 22.08
N MET K 289 1.12 -11.56 21.15
CA MET K 289 0.67 -12.94 21.07
C MET K 289 1.63 -13.90 21.81
N LEU K 290 1.11 -14.83 22.61
CA LEU K 290 1.98 -15.80 23.28
C LEU K 290 2.37 -16.89 22.27
N LEU K 291 3.59 -17.43 22.40
CA LEU K 291 4.09 -18.37 21.42
C LEU K 291 4.57 -19.68 22.04
N HIS K 292 3.83 -20.75 21.75
CA HIS K 292 4.09 -22.09 22.31
C HIS K 292 4.92 -22.80 21.28
N ILE K 293 6.09 -23.34 21.65
CA ILE K 293 6.96 -23.98 20.67
C ILE K 293 7.01 -25.51 20.82
N HIS K 294 6.68 -26.23 19.74
CA HIS K 294 6.66 -27.70 19.76
C HIS K 294 7.97 -28.11 19.09
N ARG K 295 8.58 -29.18 19.54
CA ARG K 295 9.91 -29.62 19.09
C ARG K 295 9.93 -30.88 18.17
N ALA K 296 8.85 -31.08 17.37
CA ALA K 296 8.78 -32.09 16.33
C ALA K 296 10.14 -32.23 15.68
N MET K 297 10.60 -33.49 15.54
CA MET K 297 11.83 -33.85 14.84
C MET K 297 13.09 -33.76 15.65
N HIS K 298 12.98 -33.32 16.91
CA HIS K 298 14.23 -33.14 17.72
C HIS K 298 15.04 -34.43 17.87
N ALA K 299 14.36 -35.58 18.06
CA ALA K 299 15.07 -36.86 18.22
C ALA K 299 15.80 -37.34 16.98
N VAL K 300 15.55 -36.71 15.82
CA VAL K 300 16.32 -37.08 14.63
C VAL K 300 17.82 -36.74 14.86
N MET K 301 18.05 -35.64 15.57
CA MET K 301 19.36 -35.09 15.82
C MET K 301 19.87 -35.25 17.26
N ASP K 302 18.98 -35.33 18.24
CA ASP K 302 19.39 -35.10 19.60
C ASP K 302 19.43 -36.36 20.44
N ARG K 303 19.07 -37.50 19.84
CA ARG K 303 18.86 -38.72 20.61
C ARG K 303 20.14 -39.57 20.80
N GLN K 304 20.91 -39.82 19.76
CA GLN K 304 22.04 -40.66 19.91
C GLN K 304 23.16 -39.95 20.73
N LYS K 305 23.77 -40.66 21.67
CA LYS K 305 24.86 -40.10 22.50
C LYS K 305 26.13 -39.76 21.72
N ASN K 306 26.38 -40.41 20.60
CA ASN K 306 27.66 -40.24 19.93
C ASN K 306 27.66 -39.14 18.81
N HIS K 307 26.49 -38.74 18.33
CA HIS K 307 26.41 -37.90 17.14
C HIS K 307 25.15 -37.10 17.13
N GLY K 308 25.27 -35.85 16.72
CA GLY K 308 24.07 -34.97 16.60
C GLY K 308 24.29 -33.69 17.36
N ILE K 309 23.18 -33.13 17.87
CA ILE K 309 23.21 -31.96 18.65
C ILE K 309 22.33 -32.20 19.88
N HIS K 310 22.88 -31.91 21.06
CA HIS K 310 22.12 -32.13 22.27
C HIS K 310 20.93 -31.18 22.31
N PHE K 311 19.78 -31.67 22.77
CA PHE K 311 18.61 -30.79 22.87
C PHE K 311 18.90 -29.46 23.61
N ARG K 312 19.79 -29.49 24.58
CA ARG K 312 20.06 -28.26 25.33
C ARG K 312 20.59 -27.18 24.41
N VAL K 313 21.29 -27.56 23.35
CA VAL K 313 21.74 -26.55 22.38
C VAL K 313 20.55 -25.99 21.60
N LEU K 314 19.65 -26.86 21.17
CA LEU K 314 18.51 -26.45 20.37
C LEU K 314 17.59 -25.57 21.23
N ALA K 315 17.56 -25.85 22.55
CA ALA K 315 16.78 -25.07 23.49
C ALA K 315 17.35 -23.66 23.68
N LYS K 316 18.66 -23.51 23.77
CA LYS K 316 19.26 -22.22 23.89
C LYS K 316 18.91 -21.43 22.59
N CYS K 317 19.11 -22.08 21.42
CA CYS K 317 18.76 -21.41 20.15
C CYS K 317 17.26 -20.98 20.18
N LEU K 318 16.41 -21.85 20.63
CA LEU K 318 15.01 -21.47 20.63
C LEU K 318 14.79 -20.24 21.55
N ARG K 319 15.47 -20.19 22.70
CA ARG K 319 15.30 -19.08 23.62
C ARG K 319 15.70 -17.76 22.95
N MET K 320 16.81 -17.78 22.22
CA MET K 320 17.29 -16.62 21.47
C MET K 320 16.35 -16.17 20.31
N SER K 321 15.93 -17.11 19.47
CA SER K 321 15.04 -16.87 18.35
C SER K 321 13.70 -16.42 18.94
N GLY K 322 13.17 -17.25 19.82
CA GLY K 322 12.12 -16.83 20.68
C GLY K 322 10.98 -17.81 20.79
N GLY K 323 10.55 -18.01 22.04
CA GLY K 323 9.33 -18.76 22.32
C GLY K 323 8.85 -18.45 23.73
N ASP K 324 7.57 -18.54 24.01
CA ASP K 324 7.13 -18.45 25.39
C ASP K 324 7.08 -19.76 26.15
N HIS K 325 6.86 -20.86 25.45
CA HIS K 325 6.83 -22.19 26.04
C HIS K 325 7.71 -23.03 25.16
N ILE K 326 8.25 -24.13 25.70
CA ILE K 326 8.80 -25.16 24.88
C ILE K 326 8.70 -26.48 25.54
N HIS K 327 8.38 -27.51 24.77
CA HIS K 327 8.40 -28.89 25.30
C HIS K 327 9.81 -29.31 25.70
N THR K 328 9.88 -29.88 26.89
CA THR K 328 11.15 -30.30 27.52
C THR K 328 11.16 -31.78 27.87
N GLY K 329 10.16 -32.51 27.46
CA GLY K 329 10.11 -33.94 27.78
C GLY K 329 9.58 -34.19 29.19
N THR K 330 9.20 -35.45 29.43
CA THR K 330 8.73 -35.84 30.73
C THR K 330 9.87 -36.30 31.63
N VAL K 331 9.61 -36.34 32.94
CA VAL K 331 10.60 -36.92 33.84
C VAL K 331 10.18 -38.31 34.40
N VAL K 332 8.91 -38.67 34.18
CA VAL K 332 8.36 -39.98 34.59
C VAL K 332 9.03 -41.20 33.92
N GLY K 333 9.32 -42.21 34.74
CA GLY K 333 9.94 -43.46 34.27
C GLY K 333 11.32 -43.26 33.65
N LYS K 334 12.10 -42.30 34.18
CA LYS K 334 13.48 -42.07 33.72
C LYS K 334 14.48 -42.14 34.86
N LEU K 335 15.65 -42.71 34.59
CA LEU K 335 16.77 -42.75 35.57
C LEU K 335 17.15 -41.40 36.20
N GLU K 336 17.72 -41.42 37.41
CA GLU K 336 18.12 -40.18 38.10
C GLU K 336 19.17 -39.30 37.35
N GLY K 337 19.88 -39.93 36.42
CA GLY K 337 20.88 -39.23 35.61
C GLY K 337 20.27 -38.56 34.39
N ASP K 338 19.21 -39.15 33.82
CA ASP K 338 18.46 -38.48 32.75
C ASP K 338 17.68 -37.32 33.31
N LYS K 339 17.12 -37.54 34.49
CA LYS K 339 16.38 -36.50 35.21
C LYS K 339 17.27 -35.27 35.45
N ALA K 340 18.50 -35.49 35.91
CA ALA K 340 19.40 -34.37 36.22
C ALA K 340 19.76 -33.57 34.96
N VAL K 341 19.90 -34.28 33.84
CA VAL K 341 20.13 -33.62 32.57
C VAL K 341 18.92 -32.76 32.08
N THR K 342 17.71 -33.27 32.25
CA THR K 342 16.51 -32.52 31.95
C THR K 342 16.41 -31.29 32.80
N LEU K 343 16.65 -31.47 34.08
CA LEU K 343 16.61 -30.34 35.02
C LEU K 343 17.69 -29.30 34.68
N GLY K 344 18.85 -29.77 34.21
CA GLY K 344 19.89 -28.87 33.82
C GLY K 344 19.38 -27.94 32.71
N PHE K 345 18.76 -28.53 31.66
CA PHE K 345 18.30 -27.71 30.54
C PHE K 345 17.04 -26.91 30.81
N VAL K 346 16.18 -27.42 31.69
CA VAL K 346 15.13 -26.60 32.24
C VAL K 346 15.65 -25.34 32.87
N ASP K 347 16.68 -25.42 33.71
CA ASP K 347 17.25 -24.20 34.25
C ASP K 347 17.77 -23.30 33.16
N LEU K 348 18.50 -23.87 32.18
CA LEU K 348 19.00 -23.05 31.06
C LEU K 348 17.88 -22.32 30.31
N LEU K 349 16.65 -22.84 30.34
CA LEU K 349 15.52 -22.20 29.66
C LEU K 349 14.88 -21.12 30.52
N ARG K 350 14.84 -21.35 31.83
CA ARG K 350 14.10 -20.51 32.73
C ARG K 350 14.92 -19.45 33.43
N GLU K 351 16.14 -19.71 33.84
CA GLU K 351 16.86 -18.82 34.78
C GLU K 351 17.60 -17.75 34.09
N ASN K 352 18.01 -16.71 34.83
CA ASN K 352 18.89 -15.69 34.31
C ASN K 352 20.38 -16.07 34.31
N TYR K 353 20.80 -16.88 35.27
CA TYR K 353 22.21 -17.22 35.44
C TYR K 353 22.32 -18.70 35.83
N ILE K 354 23.03 -19.48 35.03
CA ILE K 354 23.19 -20.89 35.30
C ILE K 354 24.69 -21.23 35.40
N GLU K 355 25.08 -21.74 36.56
CA GLU K 355 26.45 -22.01 36.83
C GLU K 355 26.86 -23.31 36.14
N GLN K 356 28.10 -23.38 35.68
CA GLN K 356 28.61 -24.61 35.14
C GLN K 356 28.35 -25.79 36.12
N ASP K 357 28.01 -26.98 35.62
CA ASP K 357 27.62 -28.11 36.45
C ASP K 357 27.48 -29.40 35.63
N ARG K 358 28.62 -30.05 35.47
CA ARG K 358 28.71 -31.28 34.65
C ARG K 358 27.80 -32.44 35.09
N SER K 359 27.51 -32.52 36.40
CA SER K 359 26.65 -33.58 36.85
C SER K 359 25.24 -33.41 36.26
N ARG K 360 24.95 -32.21 35.70
CA ARG K 360 23.67 -32.02 35.08
C ARG K 360 23.84 -31.63 33.60
N GLY K 361 25.02 -31.87 33.04
CA GLY K 361 25.29 -31.63 31.61
C GLY K 361 25.43 -30.17 31.18
N ILE K 362 25.65 -29.28 32.14
CA ILE K 362 25.93 -27.90 31.88
C ILE K 362 27.45 -27.73 31.75
N TYR K 363 27.91 -27.58 30.49
CA TYR K 363 29.36 -27.47 30.23
C TYR K 363 29.91 -26.10 30.50
N PHE K 364 29.07 -25.05 30.39
CA PHE K 364 29.55 -23.69 30.60
C PHE K 364 28.54 -22.95 31.48
N THR K 365 29.08 -21.97 32.20
CA THR K 365 28.28 -20.99 32.89
C THR K 365 27.62 -20.17 31.82
N GLN K 366 26.30 -19.98 31.97
CA GLN K 366 25.52 -19.21 30.98
C GLN K 366 24.82 -18.03 31.62
N ASP K 367 25.14 -16.83 31.19
CA ASP K 367 24.56 -15.59 31.74
C ASP K 367 23.55 -15.11 30.71
N TRP K 368 22.25 -14.99 31.05
CA TRP K 368 21.28 -14.56 29.99
C TRP K 368 21.02 -13.03 29.86
N ALA K 369 21.67 -12.25 30.72
CA ALA K 369 21.63 -10.79 30.67
C ALA K 369 20.19 -10.28 30.50
N SER K 370 19.30 -10.81 31.34
CA SER K 370 17.91 -10.35 31.44
C SER K 370 17.01 -10.70 30.25
N MET K 371 17.48 -11.53 29.35
CA MET K 371 16.60 -12.09 28.38
C MET K 371 15.53 -12.93 29.18
N PRO K 372 14.24 -12.74 28.89
CA PRO K 372 13.22 -13.52 29.60
C PRO K 372 13.38 -15.01 29.46
N GLY K 373 12.96 -15.73 30.49
CA GLY K 373 12.93 -17.20 30.50
C GLY K 373 11.67 -17.76 29.79
N VAL K 374 11.71 -19.04 29.43
CA VAL K 374 10.69 -19.75 28.66
C VAL K 374 10.04 -20.76 29.56
N MET K 375 8.70 -20.85 29.62
CA MET K 375 8.05 -21.96 30.36
C MET K 375 8.38 -23.37 29.83
N ALA K 376 8.71 -24.26 30.77
CA ALA K 376 8.97 -25.66 30.49
C ALA K 376 7.65 -26.37 30.29
N VAL K 377 7.52 -27.20 29.27
CA VAL K 377 6.24 -27.87 29.05
C VAL K 377 6.52 -29.34 29.24
N ALA K 378 5.87 -29.91 30.26
CA ALA K 378 6.08 -31.36 30.54
C ALA K 378 4.93 -32.15 29.95
N SER K 379 5.23 -33.09 29.04
CA SER K 379 4.18 -33.92 28.49
C SER K 379 4.69 -35.27 28.05
N GLY K 380 3.74 -36.19 27.84
CA GLY K 380 4.03 -37.59 27.46
C GLY K 380 3.84 -38.58 28.59
N GLY K 381 2.66 -39.19 28.65
CA GLY K 381 2.42 -40.36 29.55
C GLY K 381 2.25 -40.01 31.03
N ILE K 382 1.60 -38.89 31.29
CA ILE K 382 1.42 -38.35 32.63
C ILE K 382 -0.02 -38.60 33.05
N HIS K 383 -0.26 -38.91 34.33
CA HIS K 383 -1.63 -39.06 34.88
C HIS K 383 -1.71 -38.41 36.25
N VAL K 384 -2.91 -38.39 36.84
CA VAL K 384 -3.08 -37.65 38.10
C VAL K 384 -2.14 -38.12 39.18
N TRP K 385 -1.79 -39.41 39.19
CA TRP K 385 -0.95 -39.91 40.29
C TRP K 385 0.49 -39.40 40.14
N HIS K 386 0.83 -38.84 38.98
CA HIS K 386 2.16 -38.25 38.79
C HIS K 386 2.22 -36.83 39.27
N MET K 387 1.06 -36.21 39.50
CA MET K 387 0.98 -34.82 39.90
C MET K 387 1.94 -34.37 41.02
N PRO K 388 1.99 -35.07 42.18
CA PRO K 388 2.88 -34.58 43.26
C PRO K 388 4.33 -34.52 42.84
N ALA K 389 4.78 -35.55 42.11
CA ALA K 389 6.13 -35.57 41.62
C ALA K 389 6.41 -34.41 40.64
N LEU K 390 5.41 -34.03 39.82
CA LEU K 390 5.60 -33.07 38.71
C LEU K 390 5.75 -31.68 39.27
N VAL K 391 4.90 -31.36 40.24
CA VAL K 391 4.96 -30.13 40.99
C VAL K 391 6.27 -30.03 41.75
N ASP K 392 6.70 -31.12 42.39
CA ASP K 392 7.95 -31.09 43.12
C ASP K 392 9.13 -30.92 42.20
N ILE K 393 9.12 -31.57 41.04
CA ILE K 393 10.25 -31.55 40.11
C ILE K 393 10.39 -30.20 39.35
N PHE K 394 9.31 -29.70 38.77
CA PHE K 394 9.32 -28.50 37.96
C PHE K 394 9.06 -27.18 38.73
N GLY K 395 8.39 -27.25 39.87
CA GLY K 395 7.96 -26.03 40.57
C GLY K 395 6.80 -25.36 39.83
N ASP K 396 6.57 -24.08 40.12
CA ASP K 396 5.48 -23.32 39.51
C ASP K 396 5.58 -23.08 37.97
N ASP K 397 6.82 -22.91 37.46
CA ASP K 397 6.95 -22.34 36.11
C ASP K 397 7.02 -23.36 35.03
N ALA K 398 5.86 -23.99 34.78
CA ALA K 398 5.78 -25.13 33.88
C ALA K 398 4.39 -25.24 33.42
N VAL K 399 4.23 -25.89 32.26
CA VAL K 399 2.90 -26.26 31.85
C VAL K 399 2.83 -27.80 31.98
N LEU K 400 1.79 -28.33 32.58
CA LEU K 400 1.71 -29.76 32.65
C LEU K 400 0.69 -30.17 31.63
N GLN K 401 1.15 -30.88 30.60
CA GLN K 401 0.36 -31.14 29.42
C GLN K 401 -0.09 -32.62 29.46
N PHE K 402 -1.37 -32.88 29.74
CA PHE K 402 -1.96 -34.24 29.74
C PHE K 402 -2.64 -34.73 28.44
N GLY K 403 -2.65 -36.05 28.20
CA GLY K 403 -3.42 -36.67 27.09
C GLY K 403 -2.77 -37.89 26.44
N GLY K 408 -7.77 -41.68 29.36
CA GLY K 408 -9.01 -40.94 29.27
C GLY K 408 -9.83 -41.16 30.53
N HIS K 409 -10.37 -40.08 31.11
CA HIS K 409 -11.24 -40.18 32.25
C HIS K 409 -12.52 -40.96 31.90
N PRO K 410 -12.98 -41.84 32.82
CA PRO K 410 -14.24 -42.61 32.73
C PRO K 410 -15.47 -41.77 32.39
N TRP K 411 -15.60 -40.58 32.96
CA TRP K 411 -16.77 -39.76 32.67
C TRP K 411 -16.56 -38.73 31.54
N GLY K 412 -15.39 -38.74 30.92
CA GLY K 412 -15.14 -37.83 29.77
C GLY K 412 -14.27 -36.62 30.07
N ASN K 413 -14.25 -35.70 29.11
CA ASN K 413 -13.33 -34.56 29.04
C ASN K 413 -13.41 -33.57 30.21
N ALA K 414 -14.63 -33.04 30.45
CA ALA K 414 -14.77 -32.06 31.49
C ALA K 414 -14.45 -32.66 32.89
N PRO K 415 -15.00 -33.87 33.21
CA PRO K 415 -14.59 -34.50 34.52
C PRO K 415 -13.11 -34.82 34.63
N GLY K 416 -12.52 -35.38 33.56
CA GLY K 416 -11.07 -35.64 33.56
C GLY K 416 -10.22 -34.38 33.79
N ALA K 417 -10.75 -33.24 33.33
CA ALA K 417 -10.09 -31.95 33.48
C ALA K 417 -10.18 -31.50 34.94
N THR K 418 -11.38 -31.51 35.51
CA THR K 418 -11.57 -31.25 36.97
C THR K 418 -10.72 -32.17 37.82
N ALA K 419 -10.70 -33.45 37.50
CA ALA K 419 -9.81 -34.36 38.29
C ALA K 419 -8.38 -33.85 38.34
N ASN K 420 -7.84 -33.47 37.18
CA ASN K 420 -6.44 -32.98 37.12
C ASN K 420 -6.25 -31.62 37.81
N ARG K 421 -7.20 -30.76 37.60
CA ARG K 421 -7.18 -29.44 38.25
C ARG K 421 -7.31 -29.53 39.78
N VAL K 422 -8.22 -30.40 40.30
CA VAL K 422 -8.26 -30.55 41.81
C VAL K 422 -6.94 -31.18 42.28
N ALA K 423 -6.47 -32.22 41.59
CA ALA K 423 -5.22 -32.89 42.02
C ALA K 423 -4.12 -31.85 42.15
N LEU K 424 -3.96 -31.02 41.09
CA LEU K 424 -2.94 -29.97 41.11
C LEU K 424 -3.10 -28.99 42.30
N GLU K 425 -4.29 -28.42 42.44
CA GLU K 425 -4.48 -27.49 43.52
C GLU K 425 -4.24 -28.17 44.91
N ALA K 426 -4.61 -29.44 45.01
CA ALA K 426 -4.33 -30.18 46.25
C ALA K 426 -2.86 -30.24 46.49
N CYS K 427 -2.06 -30.58 45.49
CA CYS K 427 -0.60 -30.66 45.69
C CYS K 427 0.00 -29.34 46.05
N ILE K 428 -0.48 -28.27 45.44
CA ILE K 428 0.09 -26.94 45.69
C ILE K 428 -0.23 -26.49 47.12
N GLN K 429 -1.49 -26.59 47.52
CA GLN K 429 -1.84 -26.35 48.92
C GLN K 429 -0.93 -27.15 49.89
N ALA K 430 -0.72 -28.43 49.57
CA ALA K 430 0.05 -29.31 50.44
C ALA K 430 1.48 -28.88 50.54
N ARG K 431 2.04 -28.45 49.41
CA ARG K 431 3.44 -28.01 49.35
C ARG K 431 3.61 -26.79 50.18
N ASN K 432 2.70 -25.83 49.98
CA ASN K 432 2.81 -24.56 50.61
C ASN K 432 2.69 -24.81 52.11
N GLU K 433 1.94 -25.84 52.51
CA GLU K 433 1.77 -26.20 53.95
C GLU K 433 2.98 -26.85 54.58
N GLY K 434 3.99 -27.21 53.81
CA GLY K 434 5.18 -27.84 54.36
C GLY K 434 5.19 -29.34 54.20
N ARG K 435 4.15 -29.91 53.60
CA ARG K 435 4.13 -31.36 53.45
C ARG K 435 5.14 -31.81 52.40
N ASP K 436 5.61 -33.05 52.50
CA ASP K 436 6.64 -33.54 51.56
C ASP K 436 5.98 -34.30 50.43
N LEU K 437 5.98 -33.72 49.24
CA LEU K 437 5.21 -34.25 48.13
C LEU K 437 5.69 -35.58 47.64
N MET K 438 6.97 -35.88 47.82
CA MET K 438 7.48 -37.23 47.44
C MET K 438 7.01 -38.37 48.39
N ARG K 439 6.89 -38.09 49.68
CA ARG K 439 6.46 -39.13 50.63
C ARG K 439 4.93 -39.17 50.82
N GLU K 440 4.32 -37.98 50.93
CA GLU K 440 2.88 -37.85 51.17
C GLU K 440 1.97 -37.76 49.91
N GLY K 441 2.54 -37.87 48.72
CA GLY K 441 1.79 -37.70 47.47
C GLY K 441 0.46 -38.44 47.38
N GLY K 442 0.50 -39.78 47.43
CA GLY K 442 -0.71 -40.62 47.44
C GLY K 442 -1.74 -40.22 48.47
N ASP K 443 -1.27 -39.89 49.69
CA ASP K 443 -2.13 -39.37 50.74
C ASP K 443 -2.82 -38.10 50.31
N ILE K 444 -2.02 -37.13 49.80
CA ILE K 444 -2.56 -35.83 49.41
C ILE K 444 -3.66 -36.03 48.37
N ILE K 445 -3.39 -36.90 47.41
CA ILE K 445 -4.38 -37.26 46.37
C ILE K 445 -5.63 -37.99 46.96
N ARG K 446 -5.39 -38.97 47.86
CA ARG K 446 -6.51 -39.69 48.49
C ARG K 446 -7.38 -38.73 49.30
N GLU K 447 -6.78 -37.83 50.06
CA GLU K 447 -7.58 -36.86 50.81
C GLU K 447 -8.51 -36.09 49.90
N ALA K 448 -7.97 -35.59 48.78
CA ALA K 448 -8.77 -34.78 47.84
C ALA K 448 -9.85 -35.62 47.14
N ALA K 449 -9.50 -36.83 46.75
CA ALA K 449 -10.46 -37.76 46.19
C ALA K 449 -11.70 -37.95 47.10
N ARG K 450 -11.56 -37.67 48.40
CA ARG K 450 -12.68 -37.84 49.33
C ARG K 450 -13.75 -36.79 49.08
N TRP K 451 -13.37 -35.57 48.72
CA TRP K 451 -14.43 -34.61 48.47
C TRP K 451 -14.60 -34.26 46.97
N SER K 452 -13.75 -34.79 46.10
CA SER K 452 -13.95 -34.70 44.64
C SER K 452 -14.30 -36.03 43.96
N PRO K 453 -15.57 -36.17 43.53
CA PRO K 453 -16.00 -37.43 42.89
C PRO K 453 -15.27 -37.68 41.57
N GLU K 454 -14.95 -36.60 40.83
CA GLU K 454 -14.22 -36.72 39.55
C GLU K 454 -12.82 -37.30 39.76
N LEU K 455 -12.12 -36.77 40.76
CA LEU K 455 -10.78 -37.25 41.14
C LEU K 455 -10.87 -38.68 41.65
N ALA K 456 -11.85 -38.97 42.52
CA ALA K 456 -12.04 -40.35 43.01
C ALA K 456 -12.24 -41.31 41.83
N ALA K 457 -13.12 -40.95 40.89
CA ALA K 457 -13.36 -41.78 39.71
C ALA K 457 -12.08 -42.03 38.91
N ALA K 458 -11.18 -41.06 38.93
CA ALA K 458 -9.87 -41.27 38.34
C ALA K 458 -8.92 -42.13 39.18
N CYS K 459 -9.36 -42.59 40.35
CA CYS K 459 -8.60 -43.64 41.06
C CYS K 459 -9.38 -44.97 41.21
N THR L 3 -51.89 -13.08 10.76
CA THR L 3 -50.59 -12.38 11.13
C THR L 3 -49.68 -13.30 11.95
N LEU L 4 -48.54 -13.69 11.41
CA LEU L 4 -47.62 -14.56 12.18
C LEU L 4 -47.23 -13.94 13.55
N PRO L 5 -47.22 -14.76 14.64
CA PRO L 5 -46.58 -14.33 15.88
C PRO L 5 -45.05 -14.42 15.85
N LYS L 6 -44.42 -13.57 16.65
CA LYS L 6 -42.98 -13.60 16.88
C LYS L 6 -42.69 -14.64 17.98
N GLU L 7 -41.92 -15.66 17.64
CA GLU L 7 -41.59 -16.70 18.60
C GLU L 7 -40.22 -17.26 18.35
N ARG L 8 -39.38 -17.18 19.37
CA ARG L 8 -38.10 -17.86 19.37
C ARG L 8 -38.33 -19.33 18.98
N ARG L 9 -37.44 -19.88 18.16
CA ARG L 9 -37.46 -21.26 17.69
C ARG L 9 -36.08 -21.86 17.91
N TYR L 10 -35.87 -23.09 17.44
CA TYR L 10 -34.79 -24.01 18.01
C TYR L 10 -34.31 -25.03 17.01
N GLU L 11 -34.23 -24.58 15.76
CA GLU L 11 -33.84 -25.46 14.67
C GLU L 11 -34.77 -26.72 14.53
N THR L 12 -34.26 -27.82 13.99
CA THR L 12 -35.06 -28.99 13.62
C THR L 12 -36.04 -29.51 14.72
N PHE L 13 -37.30 -29.51 14.24
CA PHE L 13 -38.52 -29.98 14.89
C PHE L 13 -39.20 -28.91 15.74
N SER L 14 -38.52 -27.79 15.95
CA SER L 14 -39.09 -26.69 16.72
C SER L 14 -40.32 -26.04 16.06
N TYR L 15 -40.71 -26.47 14.85
CA TYR L 15 -41.98 -25.97 14.24
C TYR L 15 -43.19 -26.91 14.47
N LEU L 16 -42.88 -28.14 14.90
CA LEU L 16 -43.83 -29.17 15.34
C LEU L 16 -44.27 -28.98 16.81
N PRO L 17 -45.45 -29.53 17.19
CA PRO L 17 -45.72 -29.52 18.64
C PRO L 17 -44.66 -30.42 19.26
N PRO L 18 -44.28 -30.18 20.54
CA PRO L 18 -43.24 -30.97 21.27
C PRO L 18 -43.43 -32.49 21.10
N LEU L 19 -42.37 -33.25 20.96
CA LEU L 19 -42.57 -34.67 20.68
C LEU L 19 -42.73 -35.49 21.95
N SER L 20 -43.54 -36.54 21.86
CA SER L 20 -43.82 -37.43 23.02
C SER L 20 -42.58 -38.31 23.27
N ASP L 21 -42.43 -38.82 24.50
CA ASP L 21 -41.31 -39.69 24.78
C ASP L 21 -41.28 -40.83 23.74
N ALA L 22 -42.46 -41.34 23.36
CA ALA L 22 -42.56 -42.36 22.32
C ALA L 22 -42.11 -41.80 20.95
N GLN L 23 -42.42 -40.52 20.68
CA GLN L 23 -41.97 -39.87 19.46
C GLN L 23 -40.43 -39.67 19.46
N ILE L 24 -39.89 -39.14 20.58
CA ILE L 24 -38.46 -39.08 20.79
C ILE L 24 -37.81 -40.47 20.60
N ALA L 25 -38.41 -41.52 21.14
CA ALA L 25 -37.78 -42.84 21.03
C ALA L 25 -37.77 -43.43 19.59
N ARG L 26 -38.78 -43.04 18.80
CA ARG L 26 -38.82 -43.35 17.37
C ARG L 26 -37.71 -42.64 16.62
N GLN L 27 -37.57 -41.33 16.84
CA GLN L 27 -36.46 -40.54 16.26
C GLN L 27 -35.09 -41.18 16.64
N ILE L 28 -34.84 -41.38 17.94
CA ILE L 28 -33.67 -42.17 18.39
C ILE L 28 -33.55 -43.53 17.70
N GLN L 29 -34.65 -44.24 17.54
CA GLN L 29 -34.59 -45.56 16.89
C GLN L 29 -34.13 -45.42 15.42
N TYR L 30 -34.65 -44.42 14.73
CA TYR L 30 -34.18 -44.19 13.38
C TYR L 30 -32.62 -44.10 13.36
N ALA L 31 -32.05 -43.25 14.24
CA ALA L 31 -30.60 -43.00 14.35
C ALA L 31 -29.76 -44.25 14.62
N ILE L 32 -30.23 -45.07 15.57
CA ILE L 32 -29.65 -46.38 15.84
C ILE L 32 -29.70 -47.31 14.63
N ASP L 33 -30.84 -47.35 13.92
CA ASP L 33 -30.96 -48.21 12.74
C ASP L 33 -30.11 -47.73 11.60
N GLN L 34 -29.73 -46.43 11.58
CA GLN L 34 -28.85 -45.97 10.50
C GLN L 34 -27.37 -46.21 10.82
N GLY L 35 -27.11 -46.66 12.03
CA GLY L 35 -25.75 -46.77 12.52
C GLY L 35 -25.17 -45.48 13.06
N TYR L 36 -26.00 -44.45 13.29
CA TYR L 36 -25.53 -43.19 13.90
C TYR L 36 -25.35 -43.30 15.40
N HIS L 37 -24.58 -42.37 15.97
CA HIS L 37 -24.30 -42.39 17.40
C HIS L 37 -24.99 -41.26 18.13
N PRO L 38 -26.07 -41.58 18.87
CA PRO L 38 -26.88 -40.55 19.56
C PRO L 38 -26.18 -39.97 20.78
N CYS L 39 -26.57 -38.76 21.15
CA CYS L 39 -25.94 -38.10 22.24
C CYS L 39 -26.93 -37.06 22.74
N VAL L 40 -26.78 -36.67 24.00
CA VAL L 40 -27.69 -35.75 24.60
C VAL L 40 -26.97 -34.48 25.03
N GLU L 41 -27.59 -33.36 24.80
CA GLU L 41 -26.91 -32.16 25.22
C GLU L 41 -27.95 -31.14 25.65
N PHE L 42 -27.53 -30.17 26.43
CA PHE L 42 -28.45 -29.21 26.99
C PHE L 42 -27.73 -27.89 27.16
N ASN L 43 -28.50 -26.84 27.37
CA ASN L 43 -27.94 -25.52 27.57
C ASN L 43 -29.00 -24.66 28.22
N GLU L 44 -28.56 -23.64 28.99
CA GLU L 44 -29.48 -22.65 29.61
C GLU L 44 -30.28 -21.74 28.68
N THR L 45 -29.72 -21.31 27.55
CA THR L 45 -30.50 -20.63 26.51
C THR L 45 -30.22 -21.20 25.14
N SER L 46 -30.86 -20.58 24.17
CA SER L 46 -30.69 -20.91 22.77
C SER L 46 -30.98 -19.59 22.13
N ASN L 47 -30.08 -19.20 21.23
CA ASN L 47 -30.30 -18.12 20.28
C ASN L 47 -29.34 -18.35 19.10
N ALA L 48 -29.37 -17.43 18.16
CA ALA L 48 -28.65 -17.60 16.90
C ALA L 48 -27.14 -17.62 17.08
N GLU L 49 -26.62 -16.89 18.06
CA GLU L 49 -25.18 -16.70 18.20
C GLU L 49 -24.44 -17.82 19.01
N ILE L 50 -25.19 -18.65 19.74
CA ILE L 50 -24.61 -19.73 20.48
C ILE L 50 -24.22 -20.84 19.57
N ARG L 51 -22.98 -21.31 19.72
CA ARG L 51 -22.45 -22.36 18.87
C ARG L 51 -22.45 -23.74 19.51
N TYR L 52 -22.07 -23.81 20.78
CA TYR L 52 -22.03 -25.10 21.47
C TYR L 52 -22.99 -25.18 22.64
N TRP L 53 -23.54 -26.37 22.82
CA TRP L 53 -24.29 -26.71 24.01
C TRP L 53 -23.33 -27.55 24.87
N THR L 54 -23.81 -28.07 26.01
CA THR L 54 -22.99 -28.92 26.87
C THR L 54 -23.40 -30.37 26.80
N MET L 55 -22.43 -31.28 26.73
CA MET L 55 -22.73 -32.71 26.59
C MET L 55 -23.27 -33.28 27.92
N TRP L 56 -24.30 -34.10 27.81
CA TRP L 56 -24.82 -34.84 28.96
C TRP L 56 -24.10 -36.16 28.97
N LYS L 57 -23.27 -36.36 30.01
CA LYS L 57 -22.43 -37.56 30.16
C LYS L 57 -21.52 -37.81 28.95
N LEU L 58 -21.71 -38.92 28.25
CA LEU L 58 -20.98 -39.22 26.98
C LEU L 58 -21.92 -39.78 25.91
N PRO L 59 -21.50 -39.78 24.63
CA PRO L 59 -22.31 -40.62 23.69
C PRO L 59 -22.26 -42.12 24.06
N LEU L 60 -23.41 -42.78 23.93
CA LEU L 60 -23.54 -44.23 24.12
C LEU L 60 -23.28 -44.85 22.75
N PHE L 61 -22.28 -45.73 22.70
CA PHE L 61 -21.72 -46.02 21.40
C PHE L 61 -22.37 -47.10 20.55
N ASN L 62 -22.94 -48.12 21.17
CA ASN L 62 -23.91 -48.94 20.45
C ASN L 62 -24.62 -49.92 21.33
N CYS L 63 -25.47 -49.36 22.17
CA CYS L 63 -26.57 -50.11 22.73
C CYS L 63 -27.61 -50.11 21.60
N THR L 64 -28.30 -51.25 21.43
CA THR L 64 -29.19 -51.52 20.29
C THR L 64 -30.63 -51.00 20.51
N ASN L 65 -30.87 -50.42 21.67
CA ASN L 65 -32.21 -50.09 22.09
C ASN L 65 -32.32 -48.60 22.40
N ALA L 66 -33.38 -47.98 21.89
CA ALA L 66 -33.63 -46.52 22.03
C ALA L 66 -33.97 -46.04 23.45
N GLN L 67 -34.20 -47.01 24.36
CA GLN L 67 -34.70 -46.73 25.70
C GLN L 67 -33.59 -46.21 26.59
N ASP L 68 -32.45 -46.89 26.55
CA ASP L 68 -31.31 -46.40 27.32
C ASP L 68 -31.01 -44.95 26.95
N VAL L 69 -31.13 -44.60 25.67
CA VAL L 69 -30.95 -43.19 25.27
C VAL L 69 -32.09 -42.30 25.77
N LEU L 70 -33.32 -42.78 25.65
CA LEU L 70 -34.46 -42.05 26.22
C LEU L 70 -34.26 -41.80 27.70
N ASN L 71 -33.80 -42.83 28.42
CA ASN L 71 -33.51 -42.74 29.86
C ASN L 71 -32.67 -41.55 30.21
N GLU L 72 -31.71 -41.29 29.34
CA GLU L 72 -30.79 -40.18 29.51
C GLU L 72 -31.53 -38.90 29.29
N VAL L 73 -32.26 -38.79 28.19
CA VAL L 73 -33.13 -37.61 28.02
C VAL L 73 -33.90 -37.27 29.32
N GLN L 74 -34.62 -38.27 29.85
CA GLN L 74 -35.51 -38.04 31.02
C GLN L 74 -34.73 -37.81 32.31
N GLN L 75 -33.60 -38.51 32.47
CA GLN L 75 -32.71 -38.22 33.61
C GLN L 75 -32.24 -36.74 33.55
N CYS L 76 -31.78 -36.29 32.38
CA CYS L 76 -31.41 -34.87 32.18
C CYS L 76 -32.59 -33.94 32.47
N ARG L 77 -33.75 -34.30 31.90
CA ARG L 77 -34.99 -33.52 32.07
C ARG L 77 -35.39 -33.34 33.52
N SER L 78 -35.18 -34.37 34.34
CA SER L 78 -35.59 -34.24 35.73
C SER L 78 -34.57 -33.45 36.55
N GLU L 79 -33.27 -33.70 36.33
CA GLU L 79 -32.25 -32.90 37.00
C GLU L 79 -32.16 -31.45 36.54
N TYR L 80 -32.32 -31.22 35.24
CA TYR L 80 -32.11 -29.88 34.69
C TYR L 80 -33.39 -29.39 34.06
N PRO L 81 -34.29 -28.93 34.90
CA PRO L 81 -35.60 -28.72 34.25
C PRO L 81 -35.74 -27.27 33.79
N ASN L 82 -34.78 -26.40 34.20
CA ASN L 82 -34.65 -25.03 33.62
C ASN L 82 -33.79 -24.94 32.30
N CYS L 83 -33.38 -26.10 31.76
CA CYS L 83 -32.46 -26.14 30.61
C CYS L 83 -33.06 -26.75 29.32
N PHE L 84 -32.72 -26.16 28.16
CA PHE L 84 -33.12 -26.74 26.88
C PHE L 84 -32.38 -28.05 26.70
N ILE L 85 -32.96 -29.00 25.98
CA ILE L 85 -32.29 -30.28 25.81
C ILE L 85 -32.52 -30.72 24.39
N ARG L 86 -31.54 -31.36 23.78
CA ARG L 86 -31.77 -31.83 22.43
C ARG L 86 -31.01 -33.11 22.20
N VAL L 87 -31.45 -33.86 21.19
CA VAL L 87 -30.79 -35.07 20.76
C VAL L 87 -30.01 -34.83 19.42
N VAL L 88 -28.77 -35.32 19.42
CA VAL L 88 -27.84 -35.16 18.32
C VAL L 88 -27.40 -36.54 17.89
N ALA L 89 -27.08 -36.71 16.61
CA ALA L 89 -26.62 -38.01 16.15
C ALA L 89 -25.47 -37.83 15.23
N PHE L 90 -24.44 -38.62 15.42
CA PHE L 90 -23.22 -38.53 14.62
C PHE L 90 -23.01 -39.72 13.72
N ASP L 91 -22.56 -39.41 12.50
CA ASP L 91 -22.02 -40.37 11.57
C ASP L 91 -20.48 -40.39 11.71
N ASN L 92 -19.90 -41.55 12.02
CA ASN L 92 -18.45 -41.54 12.30
C ASN L 92 -17.58 -41.74 11.03
N ILE L 93 -18.16 -42.49 10.07
CA ILE L 93 -17.68 -42.61 8.71
C ILE L 93 -17.43 -41.19 8.12
N LYS L 94 -18.50 -40.52 7.66
CA LYS L 94 -18.37 -39.21 7.03
C LYS L 94 -17.92 -38.14 8.02
N GLN L 95 -17.63 -38.55 9.25
CA GLN L 95 -17.30 -37.56 10.30
C GLN L 95 -18.25 -36.33 10.32
N CYS L 96 -19.56 -36.57 10.21
CA CYS L 96 -20.50 -35.45 10.28
C CYS L 96 -21.71 -35.68 11.19
N GLN L 97 -22.26 -34.58 11.74
CA GLN L 97 -23.51 -34.58 12.52
C GLN L 97 -24.69 -34.65 11.53
N VAL L 98 -25.63 -35.53 11.84
CA VAL L 98 -26.74 -35.77 10.96
C VAL L 98 -28.07 -35.54 11.58
N MET L 99 -28.14 -35.28 12.89
CA MET L 99 -29.43 -35.01 13.56
C MET L 99 -29.16 -34.09 14.71
N SER L 100 -30.12 -33.23 15.00
CA SER L 100 -30.07 -32.27 16.10
C SER L 100 -31.47 -31.72 16.32
N PHE L 101 -32.20 -32.34 17.25
CA PHE L 101 -33.60 -31.95 17.53
C PHE L 101 -33.89 -31.65 18.99
N ILE L 102 -34.64 -30.59 19.17
CA ILE L 102 -35.15 -30.10 20.44
C ILE L 102 -36.11 -31.17 21.02
N VAL L 103 -35.81 -31.71 22.21
CA VAL L 103 -36.71 -32.68 22.89
C VAL L 103 -37.45 -32.13 24.13
N TYR L 104 -36.89 -31.11 24.77
CA TYR L 104 -37.48 -30.47 25.92
C TYR L 104 -37.18 -28.97 25.89
N LYS L 105 -38.19 -28.14 26.14
CA LYS L 105 -37.99 -26.73 26.45
C LYS L 105 -38.50 -26.49 27.85
N PRO L 106 -37.79 -25.68 28.67
CA PRO L 106 -38.26 -25.24 29.98
C PRO L 106 -39.74 -24.78 29.99
N THR M 23 -2.91 -43.71 -35.46
CA THR M 23 -2.35 -42.37 -35.01
C THR M 23 -3.23 -41.62 -33.95
N TYR M 24 -4.46 -41.25 -34.30
CA TYR M 24 -5.36 -40.70 -33.28
C TYR M 24 -6.43 -41.64 -32.76
N TYR M 25 -6.72 -42.69 -33.52
CA TYR M 25 -7.63 -43.77 -33.10
C TYR M 25 -6.80 -44.99 -32.70
N THR M 26 -6.73 -45.29 -31.39
CA THR M 26 -5.88 -46.36 -30.87
C THR M 26 -6.73 -47.16 -29.92
N PRO M 27 -7.57 -48.07 -30.45
CA PRO M 27 -8.47 -48.83 -29.55
C PRO M 27 -7.77 -49.78 -28.57
N ASP M 28 -6.45 -49.96 -28.69
CA ASP M 28 -5.72 -50.77 -27.69
C ASP M 28 -5.17 -50.02 -26.48
N TYR M 29 -5.17 -48.69 -26.53
CA TYR M 29 -4.63 -47.85 -25.45
C TYR M 29 -5.44 -48.06 -24.19
N THR M 30 -4.77 -48.30 -23.06
CA THR M 30 -5.54 -48.27 -21.81
C THR M 30 -5.16 -47.02 -20.99
N PRO M 31 -6.17 -46.26 -20.57
CA PRO M 31 -5.98 -44.95 -20.00
C PRO M 31 -5.26 -45.09 -18.67
N LYS M 32 -4.37 -44.16 -18.37
CA LYS M 32 -3.72 -44.04 -17.07
C LYS M 32 -4.71 -43.35 -16.10
N ASP M 33 -4.57 -43.66 -14.84
CA ASP M 33 -5.20 -42.95 -13.76
C ASP M 33 -4.91 -41.41 -13.69
N THR M 34 -3.84 -40.95 -14.35
CA THR M 34 -3.57 -39.56 -14.38
C THR M 34 -4.19 -38.90 -15.68
N ASP M 35 -4.80 -39.69 -16.58
CA ASP M 35 -5.31 -39.10 -17.86
C ASP M 35 -6.62 -38.39 -17.59
N ILE M 36 -6.89 -37.29 -18.33
CA ILE M 36 -8.27 -36.74 -18.33
C ILE M 36 -9.00 -37.48 -19.46
N LEU M 37 -10.18 -37.98 -19.16
CA LEU M 37 -10.99 -38.68 -20.15
C LEU M 37 -12.23 -37.85 -20.47
N ALA M 38 -12.65 -37.89 -21.75
CA ALA M 38 -13.83 -37.19 -22.21
C ALA M 38 -14.77 -38.22 -22.97
N ALA M 39 -16.09 -38.10 -22.82
CA ALA M 39 -16.99 -38.96 -23.58
C ALA M 39 -17.85 -38.01 -24.38
N PHE M 40 -17.67 -38.03 -25.71
CA PHE M 40 -18.36 -37.12 -26.67
C PHE M 40 -19.45 -37.91 -27.37
N ARG M 41 -20.67 -37.41 -27.40
CA ARG M 41 -21.64 -37.90 -28.37
C ARG M 41 -21.39 -37.28 -29.78
N VAL M 42 -20.99 -38.10 -30.76
CA VAL M 42 -20.54 -37.62 -32.06
C VAL M 42 -21.59 -37.91 -33.14
N THR M 43 -21.92 -36.92 -34.00
CA THR M 43 -22.82 -37.12 -35.16
C THR M 43 -22.02 -36.71 -36.34
N PRO M 44 -21.45 -37.71 -37.05
CA PRO M 44 -20.65 -37.40 -38.23
C PRO M 44 -21.51 -36.92 -39.41
N GLN M 45 -20.88 -36.25 -40.36
CA GLN M 45 -21.57 -35.78 -41.58
C GLN M 45 -21.85 -37.05 -42.32
N PRO M 46 -22.93 -37.05 -43.12
CA PRO M 46 -23.21 -38.22 -44.03
C PRO M 46 -21.94 -38.69 -44.80
N GLY M 47 -21.69 -39.99 -44.79
CA GLY M 47 -20.52 -40.50 -45.50
C GLY M 47 -19.17 -40.45 -44.78
N VAL M 48 -19.12 -39.89 -43.57
CA VAL M 48 -17.86 -39.94 -42.78
C VAL M 48 -17.94 -41.20 -41.91
N PRO M 49 -16.98 -42.08 -42.07
CA PRO M 49 -17.08 -43.30 -41.21
C PRO M 49 -16.70 -42.97 -39.74
N PHE M 50 -17.28 -43.74 -38.82
CA PHE M 50 -17.06 -43.58 -37.38
C PHE M 50 -15.58 -43.46 -37.00
N GLU M 51 -14.70 -44.27 -37.59
CA GLU M 51 -13.32 -44.27 -37.15
C GLU M 51 -12.60 -43.00 -37.57
N GLU M 52 -13.02 -42.37 -38.65
CA GLU M 52 -12.36 -41.12 -39.00
C GLU M 52 -12.90 -39.98 -38.14
N ALA M 53 -14.19 -39.99 -37.84
CA ALA M 53 -14.77 -38.91 -37.04
C ALA M 53 -14.09 -38.95 -35.63
N ALA M 54 -13.95 -40.17 -35.06
CA ALA M 54 -13.34 -40.38 -33.75
C ALA M 54 -11.91 -39.85 -33.73
N ALA M 55 -11.15 -40.18 -34.75
CA ALA M 55 -9.80 -39.70 -34.81
C ALA M 55 -9.79 -38.19 -34.88
N ALA M 56 -10.76 -37.64 -35.63
CA ALA M 56 -10.81 -36.22 -35.86
C ALA M 56 -11.16 -35.52 -34.53
N VAL M 57 -12.10 -36.07 -33.77
CA VAL M 57 -12.44 -35.58 -32.43
C VAL M 57 -11.20 -35.51 -31.49
N ALA M 58 -10.40 -36.58 -31.48
CA ALA M 58 -9.16 -36.62 -30.70
C ALA M 58 -8.13 -35.62 -31.17
N ALA M 59 -7.90 -35.58 -32.49
CA ALA M 59 -6.89 -34.67 -33.08
C ALA M 59 -7.22 -33.18 -32.92
N GLU M 60 -8.44 -32.79 -33.30
CA GLU M 60 -8.84 -31.42 -33.28
C GLU M 60 -8.97 -30.89 -31.84
N SER M 61 -9.01 -31.78 -30.84
CA SER M 61 -9.06 -31.33 -29.42
C SER M 61 -7.69 -31.50 -28.76
N SER M 62 -6.63 -31.66 -29.57
CA SER M 62 -5.28 -31.76 -29.04
C SER M 62 -4.28 -31.22 -30.07
N THR M 63 -3.37 -32.07 -30.55
CA THR M 63 -2.27 -31.59 -31.40
C THR M 63 -2.69 -31.12 -32.79
N GLY M 64 -3.77 -31.69 -33.35
CA GLY M 64 -4.40 -31.16 -34.58
C GLY M 64 -3.69 -31.54 -35.87
N TRP M 70 8.93 -28.75 -39.46
CA TRP M 70 10.28 -28.98 -38.95
C TRP M 70 10.35 -28.91 -37.41
N THR M 71 9.62 -27.97 -36.82
CA THR M 71 9.63 -27.84 -35.37
C THR M 71 8.93 -29.06 -34.72
N ASP M 72 8.04 -29.68 -35.50
CA ASP M 72 7.37 -30.96 -35.16
C ASP M 72 8.35 -32.04 -34.70
N LEU M 73 9.52 -32.06 -35.33
CA LEU M 73 10.49 -33.08 -35.03
C LEU M 73 11.53 -32.61 -34.04
N LEU M 74 11.32 -31.39 -33.51
CA LEU M 74 12.00 -30.94 -32.27
C LEU M 74 11.27 -31.49 -31.03
N THR M 75 9.96 -31.76 -31.17
CA THR M 75 9.16 -32.29 -30.03
C THR M 75 8.71 -33.76 -30.20
N ASP M 76 8.37 -34.40 -29.09
CA ASP M 76 7.82 -35.74 -29.15
C ASP M 76 6.31 -35.60 -29.15
N LEU M 77 5.76 -35.41 -30.33
CA LEU M 77 4.31 -35.20 -30.43
C LEU M 77 3.45 -36.32 -29.81
N ASP M 78 3.99 -37.54 -29.71
CA ASP M 78 3.24 -38.64 -29.13
C ASP M 78 2.74 -38.30 -27.76
N ARG M 79 3.60 -37.73 -26.93
CA ARG M 79 3.18 -37.55 -25.56
C ARG M 79 2.24 -36.32 -25.33
N TYR M 80 1.86 -35.63 -26.39
CA TYR M 80 0.95 -34.48 -26.27
C TYR M 80 -0.40 -34.67 -26.99
N LYS M 81 -0.54 -35.77 -27.72
CA LYS M 81 -1.79 -36.07 -28.38
C LYS M 81 -2.85 -36.62 -27.41
N GLY M 82 -4.10 -36.25 -27.63
CA GLY M 82 -5.21 -37.05 -27.17
C GLY M 82 -5.42 -38.23 -28.12
N CYS M 83 -6.08 -39.27 -27.69
CA CYS M 83 -6.36 -40.35 -28.61
C CYS M 83 -7.71 -40.92 -28.31
N CYS M 84 -8.41 -41.33 -29.33
CA CYS M 84 -9.64 -42.10 -29.12
C CYS M 84 -9.37 -43.54 -28.74
N TYR M 85 -9.77 -43.96 -27.55
CA TYR M 85 -9.40 -45.33 -27.19
C TYR M 85 -10.59 -46.25 -27.27
N ASP M 86 -11.75 -45.74 -27.63
CA ASP M 86 -12.96 -46.58 -27.69
C ASP M 86 -14.07 -45.79 -28.39
N ILE M 87 -14.82 -46.51 -29.22
CA ILE M 87 -15.92 -46.03 -30.04
C ILE M 87 -17.07 -46.95 -29.67
N GLU M 88 -18.15 -46.38 -29.16
CA GLU M 88 -19.28 -47.14 -28.76
C GLU M 88 -20.49 -46.67 -29.57
N PRO M 89 -20.92 -47.52 -30.55
CA PRO M 89 -22.18 -47.31 -31.32
C PRO M 89 -23.39 -47.16 -30.41
N LEU M 90 -24.42 -46.48 -30.88
CA LEU M 90 -25.57 -46.19 -30.05
C LEU M 90 -26.83 -46.86 -30.60
N PRO M 91 -27.24 -47.97 -29.96
CA PRO M 91 -28.41 -48.69 -30.48
C PRO M 91 -29.65 -47.80 -30.59
N GLY M 92 -30.21 -47.75 -31.79
CA GLY M 92 -31.39 -46.93 -32.00
C GLY M 92 -30.94 -45.65 -32.68
N GLU M 93 -30.12 -44.86 -31.98
CA GLU M 93 -29.72 -43.50 -32.48
C GLU M 93 -29.31 -43.54 -33.94
N ASP M 94 -29.61 -42.45 -34.67
CA ASP M 94 -29.24 -42.42 -36.08
C ASP M 94 -27.89 -41.71 -36.29
N ASN M 95 -26.88 -42.48 -36.68
CA ASN M 95 -25.62 -41.91 -37.11
C ASN M 95 -24.86 -41.26 -35.89
N GLN M 96 -25.08 -41.79 -34.70
CA GLN M 96 -24.47 -41.22 -33.49
C GLN M 96 -23.64 -42.27 -32.86
N PHE M 97 -22.55 -41.85 -32.23
CA PHE M 97 -21.79 -42.77 -31.36
C PHE M 97 -21.01 -42.01 -30.26
N ILE M 98 -20.56 -42.77 -29.28
CA ILE M 98 -19.80 -42.21 -28.15
C ILE M 98 -18.35 -42.47 -28.44
N ALA M 99 -17.55 -41.39 -28.56
CA ALA M 99 -16.10 -41.47 -28.69
C ALA M 99 -15.46 -41.17 -27.30
N TYR M 100 -14.66 -42.10 -26.77
CA TYR M 100 -13.90 -41.88 -25.51
C TYR M 100 -12.48 -41.42 -25.82
N ILE M 101 -12.15 -40.22 -25.32
CA ILE M 101 -10.85 -39.59 -25.55
C ILE M 101 -10.06 -39.54 -24.23
N ALA M 102 -8.76 -39.82 -24.33
CA ALA M 102 -7.81 -39.70 -23.25
C ALA M 102 -6.78 -38.57 -23.54
N TYR M 103 -6.58 -37.68 -22.56
CA TYR M 103 -5.60 -36.59 -22.63
C TYR M 103 -4.57 -36.71 -21.51
N PRO M 104 -3.30 -36.46 -21.81
CA PRO M 104 -2.31 -36.62 -20.83
C PRO M 104 -2.40 -35.47 -19.84
N LEU M 105 -2.06 -35.78 -18.59
CA LEU M 105 -2.10 -34.82 -17.50
C LEU M 105 -1.37 -33.53 -17.84
N ASP M 106 -0.23 -33.67 -18.50
CA ASP M 106 0.64 -32.49 -18.77
C ASP M 106 0.06 -31.43 -19.71
N LEU M 107 -1.05 -31.69 -20.34
CA LEU M 107 -1.59 -30.69 -21.29
C LEU M 107 -2.16 -29.51 -20.57
N PHE M 108 -2.53 -29.69 -19.30
CA PHE M 108 -3.43 -28.75 -18.64
C PHE M 108 -2.74 -27.93 -17.57
N GLU M 109 -3.07 -26.63 -17.54
CA GLU M 109 -2.66 -25.76 -16.47
C GLU M 109 -3.30 -26.14 -15.09
N GLU M 110 -2.44 -26.29 -14.11
CA GLU M 110 -2.86 -26.61 -12.72
C GLU M 110 -3.87 -25.61 -12.19
N GLY M 111 -4.97 -26.08 -11.61
CA GLY M 111 -5.86 -25.14 -10.95
C GLY M 111 -6.73 -24.30 -11.89
N SER M 112 -6.65 -24.60 -13.21
CA SER M 112 -7.35 -23.79 -14.24
C SER M 112 -8.53 -24.51 -14.99
N VAL M 113 -9.74 -24.33 -14.50
CA VAL M 113 -10.88 -24.81 -15.26
C VAL M 113 -10.90 -24.14 -16.62
N THR M 114 -10.62 -22.84 -16.65
CA THR M 114 -10.52 -22.13 -17.92
C THR M 114 -9.66 -22.85 -18.97
N ASN M 115 -8.44 -23.22 -18.59
CA ASN M 115 -7.55 -23.88 -19.49
C ASN M 115 -8.06 -25.32 -19.86
N MET M 116 -8.74 -25.99 -18.93
CA MET M 116 -9.24 -27.34 -19.16
C MET M 116 -10.33 -27.30 -20.24
N LEU M 117 -11.27 -26.37 -20.08
CA LEU M 117 -12.29 -26.12 -21.10
C LEU M 117 -11.71 -25.67 -22.42
N THR M 118 -10.86 -24.67 -22.40
CA THR M 118 -10.25 -24.25 -23.64
C THR M 118 -9.69 -25.45 -24.33
N SER M 119 -8.95 -26.29 -23.59
CA SER M 119 -8.20 -27.37 -24.25
C SER M 119 -9.15 -28.41 -24.85
N ILE M 120 -10.16 -28.81 -24.10
CA ILE M 120 -10.96 -29.87 -24.56
C ILE M 120 -12.03 -29.40 -25.53
N VAL M 121 -12.80 -28.34 -25.19
CA VAL M 121 -13.92 -27.88 -26.01
C VAL M 121 -13.64 -26.60 -26.79
N GLY M 122 -12.40 -26.11 -26.80
CA GLY M 122 -12.15 -24.82 -27.41
C GLY M 122 -12.39 -24.82 -28.91
N ASN M 123 -12.18 -25.98 -29.53
CA ASN M 123 -11.95 -26.01 -30.96
C ASN M 123 -12.81 -26.99 -31.73
N VAL M 124 -12.99 -28.16 -31.12
CA VAL M 124 -13.43 -29.36 -31.82
C VAL M 124 -14.90 -29.31 -32.33
N PHE M 125 -15.75 -28.52 -31.66
CA PHE M 125 -17.19 -28.41 -32.02
C PHE M 125 -17.46 -27.71 -33.36
N GLY M 126 -16.47 -27.06 -33.97
CA GLY M 126 -16.68 -26.43 -35.28
C GLY M 126 -16.09 -27.29 -36.42
N PHE M 127 -15.58 -28.50 -36.12
CA PHE M 127 -14.93 -29.29 -37.14
C PHE M 127 -15.94 -29.70 -38.22
N LYS M 128 -15.54 -29.57 -39.49
CA LYS M 128 -16.51 -29.66 -40.57
C LYS M 128 -17.02 -31.05 -40.86
N ALA M 129 -16.19 -32.05 -40.61
CA ALA M 129 -16.66 -33.45 -40.76
C ALA M 129 -17.74 -33.91 -39.73
N LEU M 130 -18.00 -33.11 -38.71
CA LEU M 130 -19.03 -33.43 -37.71
C LEU M 130 -20.26 -32.59 -37.94
N LYS M 131 -21.41 -33.26 -37.92
CA LYS M 131 -22.63 -32.54 -38.08
C LYS M 131 -23.02 -31.93 -36.72
N ALA M 132 -22.73 -32.65 -35.64
CA ALA M 132 -23.08 -32.23 -34.31
C ALA M 132 -22.12 -32.95 -33.34
N LEU M 133 -21.95 -32.36 -32.15
CA LEU M 133 -21.03 -32.85 -31.12
C LEU M 133 -21.49 -32.43 -29.73
N ARG M 134 -21.57 -33.37 -28.81
CA ARG M 134 -21.96 -33.02 -27.48
C ARG M 134 -20.99 -33.68 -26.51
N LEU M 135 -20.39 -32.88 -25.60
CA LEU M 135 -19.58 -33.48 -24.53
C LEU M 135 -20.45 -33.94 -23.41
N GLU M 136 -20.38 -35.21 -23.10
CA GLU M 136 -21.33 -35.79 -22.17
C GLU M 136 -20.74 -35.94 -20.78
N ASP M 137 -19.44 -36.22 -20.68
CA ASP M 137 -18.86 -36.48 -19.35
C ASP M 137 -17.37 -36.33 -19.41
N LEU M 138 -16.73 -36.20 -18.25
CA LEU M 138 -15.29 -36.04 -18.16
C LEU M 138 -14.85 -36.77 -16.92
N ARG M 139 -13.78 -37.50 -17.03
CA ARG M 139 -13.22 -38.13 -15.86
C ARG M 139 -12.00 -37.31 -15.40
N ILE M 140 -12.16 -36.54 -14.32
CA ILE M 140 -11.03 -35.74 -13.79
C ILE M 140 -10.21 -36.61 -12.88
N PRO M 141 -8.90 -36.76 -13.16
CA PRO M 141 -8.03 -37.63 -12.36
C PRO M 141 -7.62 -36.96 -11.05
N VAL M 142 -7.37 -37.82 -10.04
CA VAL M 142 -7.04 -37.37 -8.70
C VAL M 142 -5.86 -36.41 -8.73
N ALA M 143 -4.85 -36.72 -9.54
CA ALA M 143 -3.70 -35.89 -9.55
C ALA M 143 -4.00 -34.45 -10.08
N TYR M 144 -4.95 -34.29 -10.99
CA TYR M 144 -5.33 -32.95 -11.43
C TYR M 144 -6.24 -32.30 -10.36
N LEU M 145 -7.22 -33.04 -9.82
CA LEU M 145 -8.07 -32.48 -8.74
C LEU M 145 -7.28 -31.90 -7.57
N LYS M 146 -6.19 -32.53 -7.16
CA LYS M 146 -5.45 -31.98 -6.06
C LYS M 146 -4.86 -30.54 -6.32
N THR M 147 -4.80 -30.10 -7.59
CA THR M 147 -4.30 -28.73 -7.91
C THR M 147 -5.40 -27.69 -7.74
N PHE M 148 -6.63 -28.11 -7.41
CA PHE M 148 -7.76 -27.15 -7.26
C PHE M 148 -8.14 -27.02 -5.83
N GLN M 149 -8.57 -25.83 -5.44
CA GLN M 149 -9.17 -25.66 -4.12
C GLN M 149 -10.49 -26.43 -3.95
N GLY M 150 -11.39 -26.36 -4.93
CA GLY M 150 -12.74 -26.92 -4.71
C GLY M 150 -13.66 -25.94 -3.98
N PRO M 151 -14.84 -26.41 -3.55
CA PRO M 151 -15.75 -25.55 -2.85
C PRO M 151 -15.03 -24.81 -1.73
N PRO M 152 -15.38 -23.52 -1.51
CA PRO M 152 -14.71 -22.85 -0.38
C PRO M 152 -15.05 -23.51 0.96
N HIS M 153 -16.23 -24.19 1.06
CA HIS M 153 -16.61 -24.79 2.35
C HIS M 153 -17.13 -26.20 2.17
N GLY M 154 -18.22 -26.36 1.45
CA GLY M 154 -18.68 -27.72 1.18
C GLY M 154 -19.75 -28.04 2.21
N ILE M 155 -20.46 -29.14 1.97
CA ILE M 155 -21.68 -29.49 2.70
C ILE M 155 -21.45 -29.54 4.19
N GLN M 156 -20.47 -30.29 4.62
CA GLN M 156 -20.32 -30.52 6.04
C GLN M 156 -19.95 -29.22 6.77
N VAL M 157 -18.98 -28.47 6.26
CA VAL M 157 -18.56 -27.24 6.91
C VAL M 157 -19.71 -26.24 6.95
N GLU M 158 -20.48 -26.18 5.88
CA GLU M 158 -21.53 -25.20 5.81
C GLU M 158 -22.60 -25.50 6.89
N ARG M 159 -22.95 -26.75 7.09
CA ARG M 159 -23.95 -27.04 8.17
C ARG M 159 -23.41 -26.67 9.53
N ASP M 160 -22.12 -26.93 9.75
CA ASP M 160 -21.48 -26.49 10.98
C ASP M 160 -21.44 -24.97 11.20
N LYS M 161 -21.20 -24.19 10.13
CA LYS M 161 -21.24 -22.71 10.28
C LYS M 161 -22.67 -22.21 10.54
N LEU M 162 -23.67 -22.83 9.89
CA LEU M 162 -25.06 -22.39 10.01
C LEU M 162 -25.77 -23.07 11.21
N ASN M 163 -25.16 -24.12 11.72
CA ASN M 163 -25.79 -24.86 12.79
C ASN M 163 -27.05 -25.61 12.40
N LYS M 164 -27.13 -26.09 11.16
CA LYS M 164 -28.39 -26.70 10.72
C LYS M 164 -28.15 -28.13 10.30
N TYR M 165 -28.79 -29.06 11.04
CA TYR M 165 -28.59 -30.50 10.86
C TYR M 165 -29.90 -31.29 10.63
N GLY M 166 -29.79 -32.39 9.86
CA GLY M 166 -30.82 -33.40 9.79
C GLY M 166 -32.01 -33.03 8.96
N ARG M 167 -31.83 -32.03 8.10
CA ARG M 167 -32.89 -31.61 7.19
C ARG M 167 -32.33 -30.81 6.03
N PRO M 168 -33.09 -30.73 4.92
CA PRO M 168 -32.78 -29.85 3.80
C PRO M 168 -32.90 -28.45 4.31
N LEU M 169 -32.14 -27.53 3.70
CA LEU M 169 -32.41 -26.10 3.95
C LEU M 169 -33.55 -25.52 3.07
N LEU M 170 -34.12 -24.39 3.48
CA LEU M 170 -35.22 -23.79 2.74
C LEU M 170 -34.95 -22.37 2.34
N GLY M 171 -35.24 -22.06 1.07
CA GLY M 171 -35.12 -20.69 0.55
C GLY M 171 -36.33 -20.19 -0.19
N CYS M 172 -36.53 -18.87 -0.23
CA CYS M 172 -37.62 -18.27 -1.05
C CYS M 172 -36.97 -17.28 -1.98
N THR M 173 -37.39 -17.20 -3.23
CA THR M 173 -36.93 -16.08 -4.09
C THR M 173 -37.89 -14.95 -3.85
N ILE M 174 -37.40 -13.72 -3.85
CA ILE M 174 -38.25 -12.53 -3.69
C ILE M 174 -38.93 -12.17 -5.00
N LYS M 175 -40.21 -11.83 -4.94
CA LYS M 175 -40.96 -11.40 -6.12
C LYS M 175 -41.65 -10.05 -5.88
N PRO M 176 -41.68 -9.14 -6.90
CA PRO M 176 -41.20 -9.29 -8.29
C PRO M 176 -39.69 -9.37 -8.35
N LYS M 177 -39.19 -10.02 -9.41
CA LYS M 177 -37.76 -10.12 -9.70
C LYS M 177 -37.06 -8.76 -9.60
N LEU M 178 -37.54 -7.81 -10.42
CA LEU M 178 -37.01 -6.46 -10.56
C LEU M 178 -38.07 -5.44 -10.18
N GLY M 179 -37.65 -4.35 -9.59
CA GLY M 179 -38.50 -3.20 -9.50
C GLY M 179 -38.71 -2.65 -8.12
N LEU M 180 -38.66 -3.52 -7.10
CA LEU M 180 -38.64 -3.06 -5.70
C LEU M 180 -37.47 -2.14 -5.40
N SER M 181 -37.72 -1.07 -4.66
CA SER M 181 -36.63 -0.26 -4.11
C SER M 181 -35.85 -1.10 -3.08
N ALA M 182 -34.63 -0.68 -2.75
CA ALA M 182 -33.87 -1.48 -1.78
C ALA M 182 -34.61 -1.72 -0.48
N LYS M 183 -35.25 -0.66 0.01
CA LYS M 183 -35.94 -0.76 1.30
C LYS M 183 -37.15 -1.71 1.24
N ASN M 184 -37.92 -1.67 0.16
CA ASN M 184 -39.08 -2.53 0.01
C ASN M 184 -38.62 -3.95 -0.15
N TYR M 185 -37.53 -4.08 -0.86
CA TYR M 185 -36.90 -5.39 -1.03
C TYR M 185 -36.50 -6.00 0.32
N GLY M 186 -35.86 -5.22 1.18
CA GLY M 186 -35.53 -5.71 2.53
C GLY M 186 -36.75 -6.11 3.34
N ARG M 187 -37.84 -5.36 3.22
CA ARG M 187 -39.11 -5.66 3.95
C ARG M 187 -39.59 -7.06 3.57
N ALA M 188 -39.69 -7.35 2.26
CA ALA M 188 -39.97 -8.69 1.77
C ALA M 188 -39.01 -9.78 2.34
N VAL M 189 -37.72 -9.47 2.42
CA VAL M 189 -36.78 -10.43 2.91
C VAL M 189 -37.07 -10.74 4.37
N TYR M 190 -37.30 -9.71 5.17
CA TYR M 190 -37.52 -9.89 6.61
C TYR M 190 -38.78 -10.75 6.85
N GLU M 191 -39.81 -10.55 6.02
CA GLU M 191 -41.05 -11.27 6.31
C GLU M 191 -40.84 -12.73 5.98
N CYS M 192 -40.21 -13.02 4.86
CA CYS M 192 -39.86 -14.39 4.51
C CYS M 192 -39.03 -15.05 5.60
N LEU M 193 -37.94 -14.42 6.00
CA LEU M 193 -37.01 -15.10 6.89
C LEU M 193 -37.62 -15.37 8.26
N ARG M 194 -38.40 -14.39 8.75
CA ARG M 194 -38.99 -14.47 10.09
C ARG M 194 -40.06 -15.58 10.14
N GLY M 195 -40.54 -16.04 8.96
CA GLY M 195 -41.54 -17.11 8.87
C GLY M 195 -40.95 -18.51 9.06
N GLY M 196 -39.62 -18.65 8.96
CA GLY M 196 -38.99 -19.94 9.18
C GLY M 196 -38.20 -20.47 8.01
N LEU M 197 -37.94 -19.64 6.97
CA LEU M 197 -37.00 -20.01 5.86
C LEU M 197 -35.57 -19.73 6.31
N ASP M 198 -34.61 -20.52 5.83
CA ASP M 198 -33.21 -20.26 6.19
C ASP M 198 -32.60 -19.10 5.32
N PHE M 199 -33.02 -18.99 4.06
CA PHE M 199 -32.38 -18.12 3.10
C PHE M 199 -33.43 -17.46 2.24
N THR M 200 -33.13 -16.25 1.79
CA THR M 200 -33.83 -15.66 0.65
C THR M 200 -32.77 -15.39 -0.38
N LYS M 201 -33.15 -15.01 -1.60
CA LYS M 201 -32.24 -15.03 -2.73
C LYS M 201 -32.44 -13.75 -3.63
N ASP M 202 -31.33 -13.15 -4.06
CA ASP M 202 -31.37 -12.15 -5.16
C ASP M 202 -31.69 -12.86 -6.43
N ASP M 203 -32.49 -12.24 -7.31
CA ASP M 203 -32.60 -12.72 -8.66
C ASP M 203 -31.25 -12.60 -9.38
N GLU M 204 -30.97 -13.54 -10.26
CA GLU M 204 -29.76 -13.53 -11.04
C GLU M 204 -29.61 -12.24 -11.90
N ASN M 205 -30.70 -11.53 -12.17
CA ASN M 205 -30.68 -10.30 -13.00
C ASN M 205 -30.32 -9.05 -12.26
N ILE M 206 -30.48 -9.11 -10.95
CA ILE M 206 -30.28 -8.01 -10.09
C ILE M 206 -28.83 -7.97 -9.68
N ASN M 207 -28.16 -6.93 -10.18
CA ASN M 207 -26.76 -6.71 -9.85
C ASN M 207 -26.78 -5.28 -9.27
N SER M 208 -26.73 -4.28 -10.13
CA SER M 208 -26.93 -2.92 -9.64
C SER M 208 -27.55 -2.20 -10.79
N GLN M 209 -28.66 -1.53 -10.56
CA GLN M 209 -29.43 -0.93 -11.65
C GLN M 209 -29.99 0.38 -11.20
N PRO M 210 -30.49 1.20 -12.16
CA PRO M 210 -31.08 2.52 -11.77
C PRO M 210 -32.18 2.41 -10.70
N PHE M 211 -33.05 1.43 -10.79
CA PHE M 211 -34.11 1.29 -9.77
C PHE M 211 -33.60 0.71 -8.42
N GLN M 212 -32.34 0.27 -8.33
CA GLN M 212 -31.91 -0.37 -7.10
C GLN M 212 -30.42 -0.60 -7.19
N ARG M 213 -29.64 0.24 -6.51
CA ARG M 213 -28.18 0.18 -6.49
C ARG M 213 -27.78 -0.87 -5.49
N TRP M 214 -26.71 -1.60 -5.82
CA TRP M 214 -26.30 -2.74 -4.98
C TRP M 214 -25.96 -2.33 -3.53
N ARG M 215 -25.33 -1.20 -3.31
CA ARG M 215 -24.91 -0.92 -1.91
C ARG M 215 -26.14 -0.75 -0.96
N ASP M 216 -27.16 -0.07 -1.47
CA ASP M 216 -28.44 0.10 -0.78
C ASP M 216 -29.15 -1.25 -0.50
N ARG M 217 -29.21 -2.14 -1.50
CA ARG M 217 -29.71 -3.45 -1.31
C ARG M 217 -28.93 -4.25 -0.27
N PHE M 218 -27.61 -4.27 -0.37
CA PHE M 218 -26.81 -4.96 0.64
C PHE M 218 -27.12 -4.45 2.03
N LEU M 219 -27.30 -3.15 2.17
CA LEU M 219 -27.47 -2.59 3.50
C LEU M 219 -28.85 -2.88 4.12
N PHE M 220 -29.91 -2.70 3.35
CA PHE M 220 -31.27 -3.03 3.87
C PHE M 220 -31.51 -4.55 3.99
N VAL M 221 -30.85 -5.36 3.16
CA VAL M 221 -30.92 -6.81 3.40
C VAL M 221 -30.28 -7.22 4.72
N ALA M 222 -29.17 -6.58 5.07
CA ALA M 222 -28.50 -6.90 6.33
C ALA M 222 -29.35 -6.48 7.53
N ASP M 223 -30.07 -5.37 7.39
CA ASP M 223 -31.03 -5.01 8.46
C ASP M 223 -32.13 -6.06 8.58
N ALA M 224 -32.60 -6.61 7.45
CA ALA M 224 -33.67 -7.59 7.48
C ALA M 224 -33.20 -8.86 8.16
N ILE M 225 -32.05 -9.38 7.72
CA ILE M 225 -31.45 -10.50 8.40
C ILE M 225 -31.29 -10.32 9.91
N HIS M 226 -30.78 -9.17 10.33
CA HIS M 226 -30.51 -8.98 11.76
C HIS M 226 -31.85 -9.04 12.58
N LYS M 227 -32.88 -8.40 12.09
CA LYS M 227 -34.18 -8.46 12.74
C LYS M 227 -34.79 -9.90 12.73
N ALA M 228 -34.82 -10.58 11.58
CA ALA M 228 -35.30 -11.98 11.57
C ALA M 228 -34.52 -12.96 12.48
N GLN M 229 -33.21 -12.72 12.59
CA GLN M 229 -32.39 -13.68 13.26
C GLN M 229 -32.60 -13.44 14.75
N ALA M 230 -32.81 -12.18 15.14
CA ALA M 230 -32.96 -11.88 16.54
C ALA M 230 -34.37 -12.33 16.95
N GLU M 231 -35.37 -12.19 16.09
CA GLU M 231 -36.73 -12.64 16.46
C GLU M 231 -36.83 -14.16 16.56
N THR M 232 -36.22 -14.90 15.63
CA THR M 232 -36.39 -16.34 15.61
C THR M 232 -35.34 -17.15 16.40
N GLY M 233 -34.20 -16.55 16.75
CA GLY M 233 -33.05 -17.33 17.29
C GLY M 233 -32.48 -18.40 16.35
N GLU M 234 -32.70 -18.27 15.04
CA GLU M 234 -32.08 -19.16 14.03
C GLU M 234 -31.20 -18.30 13.07
N ILE M 235 -30.06 -18.83 12.68
CA ILE M 235 -29.18 -18.15 11.73
C ILE M 235 -29.87 -17.99 10.39
N LYS M 236 -29.92 -16.75 9.89
CA LYS M 236 -30.55 -16.46 8.57
C LYS M 236 -29.50 -15.97 7.55
N GLY M 237 -29.79 -16.10 6.26
CA GLY M 237 -28.91 -15.59 5.24
C GLY M 237 -29.68 -15.16 4.00
N HIS M 238 -29.02 -14.46 3.09
CA HIS M 238 -29.68 -14.04 1.89
C HIS M 238 -28.60 -14.13 0.83
N TYR M 239 -28.79 -14.87 -0.26
CA TYR M 239 -27.71 -14.89 -1.27
C TYR M 239 -27.59 -13.52 -1.99
N LEU M 240 -26.76 -12.64 -1.44
CA LEU M 240 -26.49 -11.34 -2.05
C LEU M 240 -25.68 -11.52 -3.37
N ASN M 241 -26.25 -11.06 -4.48
CA ASN M 241 -25.63 -11.28 -5.78
C ASN M 241 -24.47 -10.28 -5.98
N VAL M 242 -23.25 -10.81 -6.12
CA VAL M 242 -22.05 -9.99 -6.43
C VAL M 242 -21.65 -10.04 -7.93
N THR M 243 -22.35 -10.78 -8.77
CA THR M 243 -22.03 -10.71 -10.17
C THR M 243 -21.95 -9.20 -10.59
N ALA M 244 -20.94 -8.86 -11.39
CA ALA M 244 -20.47 -7.53 -11.63
C ALA M 244 -19.81 -7.44 -13.00
N PRO M 245 -19.65 -6.22 -13.52
CA PRO M 245 -18.97 -6.03 -14.82
C PRO M 245 -17.48 -6.38 -14.83
N THR M 246 -16.72 -6.16 -13.74
CA THR M 246 -15.27 -6.44 -13.67
C THR M 246 -14.95 -7.29 -12.38
N CYS M 247 -13.79 -7.92 -12.34
CA CYS M 247 -13.31 -8.55 -11.11
C CYS M 247 -13.18 -7.60 -9.90
N GLU M 248 -12.69 -6.39 -10.15
CA GLU M 248 -12.57 -5.40 -9.05
C GLU M 248 -13.92 -5.11 -8.42
N GLU M 249 -14.95 -4.93 -9.26
CA GLU M 249 -16.26 -4.53 -8.76
C GLU M 249 -16.97 -5.75 -8.08
N MET M 250 -16.76 -6.96 -8.59
CA MET M 250 -17.19 -8.19 -7.92
C MET M 250 -16.59 -8.35 -6.51
N LEU M 251 -15.30 -8.16 -6.38
CA LEU M 251 -14.64 -8.29 -5.10
C LEU M 251 -15.05 -7.18 -4.12
N LYS M 252 -15.23 -5.95 -4.61
CA LYS M 252 -15.76 -4.89 -3.80
C LYS M 252 -17.16 -5.19 -3.23
N ARG M 253 -17.98 -5.92 -3.98
CA ARG M 253 -19.36 -6.20 -3.52
C ARG M 253 -19.24 -7.30 -2.46
N ALA M 254 -18.34 -8.27 -2.73
CA ALA M 254 -18.00 -9.32 -1.74
C ALA M 254 -17.52 -8.78 -0.36
N GLU M 255 -16.53 -7.88 -0.42
CA GLU M 255 -15.99 -7.26 0.75
C GLU M 255 -17.06 -6.48 1.53
N PHE M 256 -17.98 -5.85 0.86
CA PHE M 256 -18.98 -5.13 1.60
C PHE M 256 -19.96 -6.10 2.29
N ALA M 257 -20.36 -7.18 1.60
CA ALA M 257 -21.09 -8.28 2.29
C ALA M 257 -20.32 -8.80 3.57
N LYS M 258 -19.00 -8.95 3.41
CA LYS M 258 -18.13 -9.42 4.51
C LYS M 258 -18.19 -8.37 5.61
N GLU M 259 -18.01 -7.11 5.22
CA GLU M 259 -18.09 -6.02 6.19
C GLU M 259 -19.40 -5.97 6.98
N LEU M 260 -20.51 -6.31 6.34
CA LEU M 260 -21.81 -6.38 6.99
C LEU M 260 -22.00 -7.72 7.73
N GLU M 261 -21.00 -8.59 7.74
CA GLU M 261 -21.09 -9.89 8.40
C GLU M 261 -22.15 -10.81 7.81
N MET M 262 -22.43 -10.68 6.51
CA MET M 262 -23.33 -11.61 5.81
C MET M 262 -22.65 -12.97 5.68
N PRO M 263 -23.39 -14.07 5.86
CA PRO M 263 -22.80 -15.43 5.81
C PRO M 263 -22.71 -16.00 4.42
N ILE M 264 -23.41 -15.38 3.46
CA ILE M 264 -23.50 -15.99 2.14
C ILE M 264 -23.72 -14.98 1.02
N ILE M 265 -23.14 -15.26 -0.13
CA ILE M 265 -23.30 -14.45 -1.31
C ILE M 265 -23.59 -15.39 -2.45
N MET M 266 -23.81 -14.77 -3.60
CA MET M 266 -24.21 -15.49 -4.81
C MET M 266 -23.40 -15.05 -6.05
N HIS M 267 -23.14 -15.99 -6.94
CA HIS M 267 -22.47 -15.64 -8.21
C HIS M 267 -23.08 -16.39 -9.44
N ASP M 268 -23.26 -15.68 -10.55
CA ASP M 268 -23.63 -16.31 -11.83
C ASP M 268 -22.36 -16.85 -12.50
N PHE M 269 -22.02 -18.11 -12.29
CA PHE M 269 -20.75 -18.57 -12.81
C PHE M 269 -20.60 -18.59 -14.30
N LEU M 270 -21.65 -18.78 -15.07
CA LEU M 270 -21.43 -18.96 -16.55
C LEU M 270 -21.43 -17.67 -17.28
N THR M 271 -22.31 -16.76 -16.93
CA THR M 271 -22.35 -15.47 -17.57
C THR M 271 -21.20 -14.64 -17.10
N ALA M 272 -20.78 -14.77 -15.82
CA ALA M 272 -19.52 -14.10 -15.40
C ALA M 272 -18.26 -14.76 -15.91
N GLY M 273 -18.21 -16.10 -15.94
CA GLY M 273 -16.95 -16.77 -16.35
C GLY M 273 -16.20 -17.46 -15.23
N PHE M 274 -15.40 -18.45 -15.60
CA PHE M 274 -14.69 -19.29 -14.69
C PHE M 274 -13.50 -18.61 -14.10
N THR M 275 -12.92 -17.62 -14.82
CA THR M 275 -11.80 -16.88 -14.31
C THR M 275 -12.28 -16.02 -13.13
N ALA M 276 -13.39 -15.31 -13.30
CA ALA M 276 -13.96 -14.55 -12.25
C ALA M 276 -14.41 -15.47 -11.13
N ASN M 277 -15.08 -16.59 -11.48
CA ASN M 277 -15.61 -17.48 -10.45
C ASN M 277 -14.48 -18.10 -9.57
N THR M 278 -13.41 -18.52 -10.18
CA THR M 278 -12.31 -19.09 -9.45
C THR M 278 -11.73 -18.03 -8.46
N THR M 279 -11.63 -16.79 -8.91
CA THR M 279 -11.17 -15.69 -8.10
C THR M 279 -12.08 -15.54 -6.87
N LEU M 280 -13.38 -15.62 -7.09
CA LEU M 280 -14.32 -15.35 -6.03
C LEU M 280 -14.35 -16.55 -5.02
N SER M 281 -14.27 -17.75 -5.57
CA SER M 281 -14.17 -18.94 -4.80
C SER M 281 -12.93 -18.91 -3.86
N LYS M 282 -11.77 -18.45 -4.34
CA LYS M 282 -10.60 -18.32 -3.43
C LYS M 282 -10.82 -17.24 -2.36
N TRP M 283 -11.45 -16.14 -2.75
CA TRP M 283 -11.71 -15.02 -1.83
C TRP M 283 -12.69 -15.54 -0.76
N CYS M 284 -13.65 -16.35 -1.15
CA CYS M 284 -14.65 -16.93 -0.18
C CYS M 284 -14.01 -17.88 0.89
N ARG M 285 -13.11 -18.75 0.44
CA ARG M 285 -12.30 -19.59 1.30
C ARG M 285 -11.46 -18.68 2.29
N ASP M 286 -10.80 -17.65 1.74
CA ASP M 286 -9.95 -16.73 2.53
C ASP M 286 -10.74 -15.95 3.59
N ASN M 287 -12.02 -15.74 3.34
CA ASN M 287 -12.82 -14.84 4.15
C ASN M 287 -13.98 -15.51 4.92
N GLY M 288 -14.05 -16.87 4.92
CA GLY M 288 -15.19 -17.58 5.55
C GLY M 288 -16.60 -17.37 4.95
N MET M 289 -16.69 -16.95 3.70
CA MET M 289 -17.97 -16.64 3.11
C MET M 289 -18.54 -17.87 2.34
N LEU M 290 -19.83 -18.15 2.52
CA LEU M 290 -20.47 -19.22 1.74
C LEU M 290 -20.81 -18.73 0.35
N LEU M 291 -20.66 -19.58 -0.66
CA LEU M 291 -20.91 -19.18 -2.04
C LEU M 291 -21.98 -20.01 -2.74
N HIS M 292 -23.08 -19.33 -3.08
CA HIS M 292 -24.22 -19.94 -3.73
C HIS M 292 -24.03 -19.66 -5.20
N ILE M 293 -24.13 -20.68 -6.09
CA ILE M 293 -23.82 -20.49 -7.50
C ILE M 293 -25.11 -20.63 -8.30
N HIS M 294 -25.44 -19.63 -9.10
CA HIS M 294 -26.61 -19.69 -9.98
C HIS M 294 -26.09 -20.01 -11.34
N ARG M 295 -26.87 -20.77 -12.12
CA ARG M 295 -26.46 -21.33 -13.41
C ARG M 295 -27.12 -20.68 -14.65
N ALA M 296 -27.54 -19.41 -14.54
CA ALA M 296 -27.95 -18.56 -15.68
C ALA M 296 -27.18 -18.93 -16.92
N MET M 297 -27.93 -19.03 -18.03
CA MET M 297 -27.40 -19.31 -19.33
C MET M 297 -27.08 -20.79 -19.59
N HIS M 298 -27.24 -21.67 -18.62
CA HIS M 298 -26.79 -23.07 -18.89
C HIS M 298 -27.54 -23.75 -20.08
N ALA M 299 -28.84 -23.50 -20.27
CA ALA M 299 -29.58 -24.12 -21.37
C ALA M 299 -29.15 -23.63 -22.74
N VAL M 300 -28.42 -22.53 -22.80
CA VAL M 300 -27.86 -22.16 -24.10
C VAL M 300 -26.99 -23.28 -24.68
N MET M 301 -26.29 -23.99 -23.80
CA MET M 301 -25.33 -25.03 -24.15
C MET M 301 -25.77 -26.45 -23.84
N ASP M 302 -26.55 -26.62 -22.79
CA ASP M 302 -26.70 -27.91 -22.19
C ASP M 302 -28.03 -28.62 -22.52
N ARG M 303 -28.86 -27.96 -23.31
CA ARG M 303 -30.25 -28.40 -23.46
C ARG M 303 -30.46 -29.37 -24.63
N GLN M 304 -29.93 -29.06 -25.80
CA GLN M 304 -30.16 -29.93 -26.94
C GLN M 304 -29.35 -31.23 -26.77
N LYS M 305 -29.97 -32.38 -27.08
CA LYS M 305 -29.36 -33.72 -26.94
C LYS M 305 -28.23 -33.96 -27.89
N ASN M 306 -28.23 -33.31 -29.06
CA ASN M 306 -27.21 -33.59 -30.08
C ASN M 306 -25.94 -32.71 -29.99
N HIS M 307 -26.01 -31.55 -29.37
CA HIS M 307 -24.93 -30.55 -29.48
C HIS M 307 -24.77 -29.75 -28.20
N GLY M 308 -23.53 -29.54 -27.78
CA GLY M 308 -23.33 -28.71 -26.60
C GLY M 308 -22.52 -29.38 -25.51
N ILE M 309 -22.80 -29.01 -24.28
CA ILE M 309 -22.07 -29.60 -23.16
C ILE M 309 -23.13 -30.00 -22.16
N HIS M 310 -23.15 -31.28 -21.76
CA HIS M 310 -24.10 -31.70 -20.70
C HIS M 310 -23.86 -30.91 -19.42
N PHE M 311 -24.93 -30.58 -18.72
CA PHE M 311 -24.77 -29.89 -17.47
C PHE M 311 -23.85 -30.61 -16.50
N ARG M 312 -23.78 -31.92 -16.61
CA ARG M 312 -23.01 -32.63 -15.60
C ARG M 312 -21.54 -32.24 -15.71
N VAL M 313 -21.12 -31.81 -16.91
CA VAL M 313 -19.72 -31.39 -17.10
C VAL M 313 -19.52 -30.00 -16.49
N LEU M 314 -20.53 -29.15 -16.67
CA LEU M 314 -20.51 -27.80 -16.15
C LEU M 314 -20.47 -27.87 -14.63
N ALA M 315 -21.21 -28.82 -14.08
CA ALA M 315 -21.30 -29.09 -12.64
C ALA M 315 -19.95 -29.57 -12.05
N LYS M 316 -19.29 -30.52 -12.72
CA LYS M 316 -17.95 -30.96 -12.27
C LYS M 316 -16.99 -29.73 -12.25
N CYS M 317 -16.96 -28.98 -13.35
CA CYS M 317 -16.10 -27.80 -13.48
C CYS M 317 -16.39 -26.84 -12.34
N LEU M 318 -17.66 -26.62 -12.05
CA LEU M 318 -18.05 -25.75 -10.96
C LEU M 318 -17.56 -26.28 -9.62
N ARG M 319 -17.59 -27.58 -9.39
CA ARG M 319 -17.13 -28.13 -8.12
C ARG M 319 -15.66 -27.85 -7.97
N MET M 320 -14.91 -27.99 -9.05
CA MET M 320 -13.46 -27.77 -9.02
C MET M 320 -13.11 -26.26 -8.81
N SER M 321 -13.76 -25.35 -9.54
CA SER M 321 -13.49 -23.92 -9.43
C SER M 321 -13.95 -23.52 -8.06
N GLY M 322 -15.21 -23.89 -7.73
CA GLY M 322 -15.66 -23.78 -6.38
C GLY M 322 -16.99 -23.14 -6.23
N GLY M 323 -17.83 -23.81 -5.47
CA GLY M 323 -19.08 -23.26 -4.99
C GLY M 323 -19.60 -24.09 -3.80
N ASP M 324 -20.37 -23.48 -2.89
CA ASP M 324 -20.98 -24.27 -1.83
C ASP M 324 -22.37 -24.79 -2.17
N HIS M 325 -23.13 -24.11 -3.03
CA HIS M 325 -24.48 -24.52 -3.52
C HIS M 325 -24.43 -24.35 -5.01
N ILE M 326 -25.27 -25.14 -5.72
CA ILE M 326 -25.51 -24.94 -7.13
C ILE M 326 -26.89 -25.47 -7.47
N HIS M 327 -27.60 -24.70 -8.31
CA HIS M 327 -28.93 -25.11 -8.84
C HIS M 327 -28.78 -26.33 -9.72
N THR M 328 -29.63 -27.31 -9.48
CA THR M 328 -29.57 -28.58 -10.18
C THR M 328 -30.86 -28.86 -10.91
N GLY M 329 -31.76 -27.90 -10.91
CA GLY M 329 -33.08 -28.10 -11.49
C GLY M 329 -34.03 -28.86 -10.57
N THR M 330 -35.31 -28.79 -10.92
CA THR M 330 -36.35 -29.51 -10.20
C THR M 330 -36.51 -30.99 -10.66
N VAL M 331 -37.19 -31.81 -9.85
CA VAL M 331 -37.53 -33.15 -10.34
C VAL M 331 -39.03 -33.32 -10.65
N VAL M 332 -39.83 -32.35 -10.21
CA VAL M 332 -41.29 -32.30 -10.43
C VAL M 332 -41.74 -32.26 -11.90
N GLY M 333 -42.72 -33.09 -12.23
CA GLY M 333 -43.28 -33.18 -13.60
C GLY M 333 -42.26 -33.58 -14.66
N LYS M 334 -41.30 -34.44 -14.29
CA LYS M 334 -40.32 -34.98 -15.25
C LYS M 334 -40.37 -36.48 -15.29
N LEU M 335 -40.18 -37.04 -16.49
CA LEU M 335 -40.03 -38.52 -16.70
C LEU M 335 -39.00 -39.21 -15.81
N GLU M 336 -39.22 -40.49 -15.48
CA GLU M 336 -38.30 -41.25 -14.62
C GLU M 336 -36.85 -41.30 -15.17
N GLY M 337 -36.70 -41.12 -16.49
CA GLY M 337 -35.37 -41.14 -17.11
C GLY M 337 -34.63 -39.82 -16.99
N ASP M 338 -35.38 -38.70 -16.93
CA ASP M 338 -34.78 -37.38 -16.70
C ASP M 338 -34.42 -37.26 -15.25
N LYS M 339 -35.32 -37.75 -14.40
CA LYS M 339 -35.06 -37.84 -12.96
C LYS M 339 -33.73 -38.59 -12.66
N ALA M 340 -33.52 -39.73 -13.32
CA ALA M 340 -32.37 -40.57 -13.02
C ALA M 340 -31.08 -39.81 -13.38
N VAL M 341 -31.13 -39.09 -14.50
CA VAL M 341 -30.02 -38.28 -14.95
C VAL M 341 -29.67 -37.15 -13.95
N THR M 342 -30.70 -36.45 -13.46
CA THR M 342 -30.52 -35.45 -12.43
C THR M 342 -29.92 -36.05 -11.19
N LEU M 343 -30.37 -37.22 -10.82
CA LEU M 343 -29.86 -37.85 -9.60
C LEU M 343 -28.42 -38.26 -9.78
N GLY M 344 -28.09 -38.62 -11.02
CA GLY M 344 -26.71 -38.95 -11.37
C GLY M 344 -25.79 -37.78 -11.11
N PHE M 345 -26.17 -36.59 -11.60
CA PHE M 345 -25.26 -35.44 -11.44
C PHE M 345 -25.34 -34.79 -10.08
N VAL M 346 -26.49 -34.96 -9.41
CA VAL M 346 -26.50 -34.63 -8.01
C VAL M 346 -25.48 -35.48 -7.21
N ASP M 347 -25.41 -36.80 -7.43
CA ASP M 347 -24.34 -37.57 -6.76
C ASP M 347 -22.97 -37.06 -7.14
N LEU M 348 -22.79 -36.72 -8.42
CA LEU M 348 -21.48 -36.21 -8.82
C LEU M 348 -21.10 -34.91 -8.11
N LEU M 349 -22.08 -34.11 -7.68
CA LEU M 349 -21.84 -32.89 -6.93
C LEU M 349 -21.55 -33.15 -5.48
N ARG M 350 -22.25 -34.12 -4.86
CA ARG M 350 -22.24 -34.30 -3.42
C ARG M 350 -21.31 -35.38 -2.88
N GLU M 351 -21.13 -36.51 -3.59
CA GLU M 351 -20.38 -37.66 -3.05
C GLU M 351 -18.89 -37.63 -3.27
N ASN M 352 -18.16 -38.50 -2.56
CA ASN M 352 -16.71 -38.61 -2.74
C ASN M 352 -16.34 -39.58 -3.88
N TYR M 353 -17.19 -40.55 -4.14
CA TYR M 353 -16.85 -41.60 -5.05
C TYR M 353 -18.13 -41.99 -5.78
N ILE M 354 -18.15 -41.87 -7.10
CA ILE M 354 -19.35 -42.17 -7.87
C ILE M 354 -19.00 -43.17 -8.90
N GLU M 355 -19.68 -44.31 -8.83
CA GLU M 355 -19.40 -45.48 -9.68
C GLU M 355 -19.98 -45.26 -11.08
N GLN M 356 -19.27 -45.70 -12.11
CA GLN M 356 -19.81 -45.58 -13.46
C GLN M 356 -21.24 -46.15 -13.51
N ASP M 357 -22.14 -45.53 -14.30
CA ASP M 357 -23.56 -45.94 -14.28
C ASP M 357 -24.38 -45.26 -15.39
N ARG M 358 -24.35 -45.89 -16.58
CA ARG M 358 -25.02 -45.34 -17.76
C ARG M 358 -26.53 -45.10 -17.61
N SER M 359 -27.18 -45.88 -16.77
CA SER M 359 -28.61 -45.73 -16.67
C SER M 359 -28.89 -44.36 -16.01
N ARG M 360 -27.85 -43.78 -15.39
CA ARG M 360 -28.04 -42.45 -14.81
C ARG M 360 -27.10 -41.43 -15.50
N GLY M 361 -26.55 -41.77 -16.67
CA GLY M 361 -25.74 -40.76 -17.38
C GLY M 361 -24.32 -40.55 -16.82
N ILE M 362 -23.84 -41.48 -15.99
CA ILE M 362 -22.49 -41.41 -15.48
C ILE M 362 -21.63 -42.28 -16.40
N TYR M 363 -20.79 -41.66 -17.22
CA TYR M 363 -19.96 -42.39 -18.19
C TYR M 363 -18.72 -42.93 -17.56
N PHE M 364 -18.17 -42.24 -16.53
CA PHE M 364 -16.96 -42.70 -15.86
C PHE M 364 -17.13 -42.72 -14.36
N THR M 365 -16.37 -43.61 -13.72
CA THR M 365 -16.23 -43.63 -12.30
C THR M 365 -15.46 -42.36 -11.93
N GLN M 366 -15.95 -41.64 -10.94
CA GLN M 366 -15.31 -40.36 -10.55
C GLN M 366 -14.89 -40.37 -9.09
N ASP M 367 -13.58 -40.30 -8.84
CA ASP M 367 -13.06 -40.26 -7.46
C ASP M 367 -12.77 -38.81 -7.12
N TRP M 368 -13.37 -38.23 -6.08
CA TRP M 368 -13.13 -36.77 -5.81
C TRP M 368 -11.97 -36.50 -4.83
N ALA M 369 -11.48 -37.54 -4.18
CA ALA M 369 -10.22 -37.45 -3.38
C ALA M 369 -10.39 -36.43 -2.27
N SER M 370 -11.55 -36.47 -1.64
CA SER M 370 -11.89 -35.68 -0.47
C SER M 370 -12.16 -34.22 -0.76
N MET M 371 -12.13 -33.83 -2.03
CA MET M 371 -12.63 -32.52 -2.31
C MET M 371 -14.08 -32.49 -1.78
N PRO M 372 -14.48 -31.41 -1.05
CA PRO M 372 -15.83 -31.31 -0.48
C PRO M 372 -16.92 -31.32 -1.52
N GLY M 373 -18.06 -31.85 -1.16
CA GLY M 373 -19.27 -31.82 -1.95
C GLY M 373 -19.97 -30.47 -1.89
N VAL M 374 -20.84 -30.24 -2.89
CA VAL M 374 -21.63 -29.00 -3.06
C VAL M 374 -23.12 -29.28 -2.81
N MET M 375 -23.82 -28.49 -1.98
CA MET M 375 -25.29 -28.61 -1.82
C MET M 375 -26.08 -28.42 -3.12
N ALA M 376 -26.96 -29.38 -3.35
CA ALA M 376 -27.91 -29.36 -4.49
C ALA M 376 -29.00 -28.34 -4.18
N VAL M 377 -29.35 -27.47 -5.13
CA VAL M 377 -30.42 -26.52 -4.93
C VAL M 377 -31.56 -26.86 -5.90
N ALA M 378 -32.70 -27.27 -5.34
CA ALA M 378 -33.86 -27.63 -6.14
C ALA M 378 -34.76 -26.42 -6.20
N SER M 379 -35.06 -25.96 -7.41
CA SER M 379 -36.02 -24.86 -7.56
C SER M 379 -36.78 -24.86 -8.89
N GLY M 380 -37.88 -24.12 -8.91
CA GLY M 380 -38.73 -23.99 -10.12
C GLY M 380 -40.07 -24.73 -10.04
N GLY M 381 -41.14 -24.01 -9.64
CA GLY M 381 -42.50 -24.57 -9.67
C GLY M 381 -42.82 -25.59 -8.58
N ILE M 382 -42.26 -25.36 -7.38
CA ILE M 382 -42.42 -26.29 -6.26
C ILE M 382 -43.44 -25.68 -5.31
N HIS M 383 -44.26 -26.51 -4.66
CA HIS M 383 -45.22 -26.05 -3.63
C HIS M 383 -45.22 -27.02 -2.46
N VAL M 384 -45.95 -26.70 -1.39
CA VAL M 384 -45.94 -27.55 -0.19
C VAL M 384 -46.24 -29.01 -0.50
N TRP M 385 -47.20 -29.28 -1.40
CA TRP M 385 -47.61 -30.66 -1.65
C TRP M 385 -46.52 -31.46 -2.37
N HIS M 386 -45.49 -30.78 -2.88
CA HIS M 386 -44.31 -31.50 -3.40
C HIS M 386 -43.33 -31.89 -2.32
N MET M 387 -43.50 -31.37 -1.11
CA MET M 387 -42.52 -31.56 -0.04
C MET M 387 -42.08 -33.00 0.21
N PRO M 388 -43.04 -33.94 0.38
CA PRO M 388 -42.63 -35.32 0.68
C PRO M 388 -41.79 -35.89 -0.44
N ALA M 389 -42.13 -35.61 -1.69
CA ALA M 389 -41.36 -36.17 -2.79
C ALA M 389 -39.95 -35.58 -2.81
N LEU M 390 -39.82 -34.27 -2.54
CA LEU M 390 -38.49 -33.56 -2.52
C LEU M 390 -37.53 -34.07 -1.45
N VAL M 391 -38.06 -34.29 -0.24
CA VAL M 391 -37.28 -34.89 0.84
C VAL M 391 -36.90 -36.32 0.42
N ASP M 392 -37.83 -37.05 -0.20
CA ASP M 392 -37.52 -38.40 -0.49
C ASP M 392 -36.47 -38.46 -1.57
N ILE M 393 -36.54 -37.56 -2.54
CA ILE M 393 -35.67 -37.62 -3.70
C ILE M 393 -34.24 -37.12 -3.40
N PHE M 394 -34.13 -35.99 -2.72
CA PHE M 394 -32.84 -35.36 -2.48
C PHE M 394 -32.22 -35.76 -1.16
N GLY M 395 -33.05 -36.14 -0.17
CA GLY M 395 -32.54 -36.41 1.17
C GLY M 395 -32.15 -35.07 1.81
N ASP M 396 -31.26 -35.11 2.80
CA ASP M 396 -30.98 -33.95 3.66
C ASP M 396 -30.14 -32.86 2.97
N ASP M 397 -29.25 -33.24 2.07
CA ASP M 397 -28.27 -32.28 1.64
C ASP M 397 -28.70 -31.57 0.40
N ALA M 398 -29.64 -30.64 0.62
CA ALA M 398 -30.24 -29.91 -0.48
C ALA M 398 -30.81 -28.65 0.04
N VAL M 399 -30.93 -27.66 -0.83
CA VAL M 399 -31.66 -26.49 -0.45
C VAL M 399 -32.93 -26.58 -1.32
N LEU M 400 -34.09 -26.43 -0.71
CA LEU M 400 -35.36 -26.39 -1.44
C LEU M 400 -35.77 -24.94 -1.56
N GLN M 401 -35.78 -24.46 -2.79
CA GLN M 401 -35.89 -23.04 -3.07
C GLN M 401 -37.31 -22.82 -3.65
N PHE M 402 -38.20 -22.21 -2.88
CA PHE M 402 -39.58 -21.92 -3.33
C PHE M 402 -39.78 -20.46 -3.89
N GLY M 403 -40.74 -20.31 -4.80
CA GLY M 403 -41.20 -18.98 -5.27
C GLY M 403 -41.59 -18.93 -6.75
N GLY M 408 -48.10 -17.97 -4.33
CA GLY M 408 -48.03 -17.08 -3.18
C GLY M 408 -49.05 -17.50 -2.14
N HIS M 409 -48.64 -17.55 -0.88
CA HIS M 409 -49.56 -17.86 0.21
C HIS M 409 -50.64 -16.78 0.36
N PRO M 410 -51.92 -17.20 0.62
CA PRO M 410 -53.07 -16.32 0.85
C PRO M 410 -52.81 -15.26 1.92
N TRP M 411 -52.15 -15.62 3.02
CA TRP M 411 -51.91 -14.62 4.09
C TRP M 411 -50.57 -13.86 3.97
N GLY M 412 -49.80 -14.10 2.91
CA GLY M 412 -48.52 -13.40 2.74
C GLY M 412 -47.25 -14.18 3.02
N ASN M 413 -46.14 -13.45 3.12
CA ASN M 413 -44.79 -13.99 3.15
C ASN M 413 -44.47 -14.81 4.39
N ALA M 414 -44.70 -14.26 5.57
CA ALA M 414 -44.34 -14.97 6.78
C ALA M 414 -45.17 -16.23 6.99
N PRO M 415 -46.50 -16.16 6.78
CA PRO M 415 -47.33 -17.39 6.82
C PRO M 415 -46.94 -18.42 5.77
N GLY M 416 -46.71 -17.99 4.54
CA GLY M 416 -46.24 -18.90 3.49
C GLY M 416 -44.95 -19.64 3.83
N ALA M 417 -44.10 -18.92 4.54
CA ALA M 417 -42.83 -19.47 4.99
C ALA M 417 -43.07 -20.50 6.11
N THR M 418 -43.89 -20.14 7.10
CA THR M 418 -44.25 -21.09 8.16
C THR M 418 -44.92 -22.36 7.60
N ALA M 419 -45.75 -22.23 6.57
CA ALA M 419 -46.35 -23.42 5.97
C ALA M 419 -45.27 -24.32 5.45
N ASN M 420 -44.34 -23.77 4.66
CA ASN M 420 -43.33 -24.64 4.04
C ASN M 420 -42.40 -25.25 5.11
N ARG M 421 -42.06 -24.45 6.11
CA ARG M 421 -41.26 -24.94 7.21
C ARG M 421 -41.93 -26.04 8.04
N VAL M 422 -43.21 -25.90 8.42
CA VAL M 422 -43.94 -27.01 9.12
C VAL M 422 -44.01 -28.24 8.18
N ALA M 423 -44.38 -28.02 6.92
CA ALA M 423 -44.48 -29.14 6.03
C ALA M 423 -43.19 -29.89 5.99
N LEU M 424 -42.08 -29.14 5.92
CA LEU M 424 -40.77 -29.81 5.83
C LEU M 424 -40.51 -30.63 7.09
N GLU M 425 -40.72 -30.00 8.23
CA GLU M 425 -40.43 -30.67 9.49
C GLU M 425 -41.36 -31.91 9.67
N ALA M 426 -42.59 -31.82 9.15
CA ALA M 426 -43.52 -32.95 9.24
C ALA M 426 -43.00 -34.11 8.46
N CYS M 427 -42.55 -33.86 7.21
CA CYS M 427 -41.98 -34.91 6.39
C CYS M 427 -40.73 -35.54 6.94
N ILE M 428 -39.92 -34.77 7.65
CA ILE M 428 -38.67 -35.32 8.13
C ILE M 428 -39.00 -36.19 9.34
N GLN M 429 -39.85 -35.72 10.24
CA GLN M 429 -40.29 -36.56 11.36
C GLN M 429 -40.89 -37.90 10.89
N ALA M 430 -41.77 -37.82 9.88
CA ALA M 430 -42.43 -38.96 9.31
C ALA M 430 -41.41 -39.91 8.75
N ARG M 431 -40.44 -39.39 8.00
CA ARG M 431 -39.43 -40.23 7.38
C ARG M 431 -38.66 -40.97 8.44
N ASN M 432 -38.21 -40.23 9.43
CA ASN M 432 -37.40 -40.74 10.51
C ASN M 432 -38.20 -41.82 11.26
N GLU M 433 -39.53 -41.66 11.30
CA GLU M 433 -40.41 -42.70 11.90
C GLU M 433 -40.61 -43.95 11.02
N GLY M 434 -40.07 -43.95 9.80
CA GLY M 434 -40.17 -45.12 8.93
C GLY M 434 -41.36 -45.08 8.00
N ARG M 435 -42.13 -44.01 8.05
CA ARG M 435 -43.25 -43.87 7.13
C ARG M 435 -42.78 -43.67 5.70
N ASP M 436 -43.58 -44.11 4.74
CA ASP M 436 -43.18 -44.10 3.33
C ASP M 436 -43.65 -42.82 2.64
N LEU M 437 -42.72 -41.90 2.39
CA LEU M 437 -43.11 -40.55 1.98
C LEU M 437 -43.81 -40.48 0.65
N MET M 438 -43.55 -41.47 -0.21
CA MET M 438 -44.25 -41.52 -1.51
C MET M 438 -45.74 -41.94 -1.43
N ARG M 439 -46.08 -42.84 -0.49
CA ARG M 439 -47.45 -43.32 -0.34
C ARG M 439 -48.24 -42.47 0.68
N GLU M 440 -47.63 -42.19 1.83
CA GLU M 440 -48.27 -41.43 2.91
C GLU M 440 -48.15 -39.87 2.85
N GLY M 441 -47.54 -39.34 1.79
CA GLY M 441 -47.30 -37.91 1.65
C GLY M 441 -48.46 -36.99 2.01
N GLY M 442 -49.53 -37.07 1.23
CA GLY M 442 -50.77 -36.33 1.51
C GLY M 442 -51.22 -36.45 2.96
N ASP M 443 -51.14 -37.67 3.51
CA ASP M 443 -51.58 -37.89 4.88
C ASP M 443 -50.72 -37.08 5.81
N ILE M 444 -49.40 -37.13 5.58
CA ILE M 444 -48.46 -36.50 6.50
C ILE M 444 -48.80 -35.05 6.53
N ILE M 445 -48.94 -34.46 5.35
CA ILE M 445 -49.33 -33.04 5.18
C ILE M 445 -50.70 -32.71 5.80
N ARG M 446 -51.66 -33.60 5.59
CA ARG M 446 -53.00 -33.37 6.14
C ARG M 446 -52.97 -33.40 7.66
N GLU M 447 -52.23 -34.34 8.24
CA GLU M 447 -52.09 -34.39 9.70
C GLU M 447 -51.53 -33.08 10.28
N ALA M 448 -50.52 -32.54 9.60
CA ALA M 448 -49.83 -31.35 10.07
C ALA M 448 -50.72 -30.14 9.90
N ALA M 449 -51.43 -30.10 8.74
CA ALA M 449 -52.41 -29.04 8.50
C ALA M 449 -53.46 -28.94 9.63
N ARG M 450 -53.63 -30.02 10.38
CA ARG M 450 -54.63 -30.01 11.44
C ARG M 450 -54.23 -29.12 12.60
N TRP M 451 -52.95 -29.04 12.94
CA TRP M 451 -52.58 -28.14 14.04
C TRP M 451 -51.82 -26.88 13.55
N SER M 452 -51.60 -26.76 12.23
CA SER M 452 -51.01 -25.52 11.67
C SER M 452 -51.97 -24.81 10.70
N PRO M 453 -52.53 -23.69 11.18
CA PRO M 453 -53.44 -22.89 10.36
C PRO M 453 -52.79 -22.39 9.07
N GLU M 454 -51.52 -21.97 9.16
CA GLU M 454 -50.78 -21.52 7.95
C GLU M 454 -50.67 -22.61 6.90
N LEU M 455 -50.26 -23.81 7.32
CA LEU M 455 -50.24 -24.96 6.39
C LEU M 455 -51.63 -25.31 5.84
N ALA M 456 -52.64 -25.30 6.72
CA ALA M 456 -54.03 -25.53 6.27
C ALA M 456 -54.45 -24.51 5.22
N ALA M 457 -54.23 -23.23 5.47
CA ALA M 457 -54.61 -22.20 4.48
C ALA M 457 -53.93 -22.43 3.11
N ALA M 458 -52.74 -23.02 3.13
CA ALA M 458 -52.07 -23.42 1.90
C ALA M 458 -52.64 -24.67 1.22
N CYS M 459 -53.68 -25.28 1.80
CA CYS M 459 -54.43 -26.36 1.11
C CYS M 459 -55.91 -26.00 0.86
N THR N 3 -38.30 25.13 29.69
CA THR N 3 -37.33 24.01 29.43
C THR N 3 -38.07 22.84 28.83
N LEU N 4 -37.70 22.51 27.58
CA LEU N 4 -38.30 21.34 26.93
C LEU N 4 -38.01 20.02 27.72
N PRO N 5 -39.07 19.22 28.01
CA PRO N 5 -38.91 17.88 28.67
C PRO N 5 -38.20 16.84 27.75
N LYS N 6 -37.69 15.76 28.32
CA LYS N 6 -37.04 14.75 27.47
C LYS N 6 -38.02 13.60 27.26
N GLU N 7 -38.36 13.32 26.01
CA GLU N 7 -39.42 12.38 25.70
C GLU N 7 -39.24 11.76 24.31
N ARG N 8 -39.31 10.42 24.27
CA ARG N 8 -39.21 9.66 23.05
C ARG N 8 -40.32 10.09 22.05
N ARG N 9 -39.97 10.18 20.78
CA ARG N 9 -40.88 10.45 19.71
C ARG N 9 -40.85 9.27 18.76
N TYR N 10 -41.61 9.38 17.68
CA TYR N 10 -41.98 8.25 16.82
C TYR N 10 -42.21 8.73 15.42
N GLU N 11 -41.45 9.72 14.97
CA GLU N 11 -41.63 10.33 13.64
C GLU N 11 -43.01 11.03 13.35
N THR N 12 -43.47 11.01 12.08
CA THR N 12 -44.52 11.92 11.62
C THR N 12 -45.79 11.86 12.45
N PHE N 13 -46.20 13.07 12.90
CA PHE N 13 -47.36 13.37 13.77
C PHE N 13 -47.14 13.10 15.26
N SER N 14 -46.05 12.43 15.62
CA SER N 14 -45.77 12.15 17.07
C SER N 14 -45.51 13.40 17.93
N TYR N 15 -45.56 14.58 17.30
CA TYR N 15 -45.50 15.91 17.96
C TYR N 15 -46.91 16.57 18.12
N LEU N 16 -47.93 15.85 17.66
CA LEU N 16 -49.35 16.21 17.82
C LEU N 16 -50.03 15.34 18.91
N PRO N 17 -51.15 15.82 19.51
CA PRO N 17 -51.97 14.98 20.42
C PRO N 17 -52.41 13.74 19.67
N PRO N 18 -52.22 12.55 20.29
CA PRO N 18 -52.55 11.25 19.67
C PRO N 18 -53.82 11.32 18.82
N LEU N 19 -53.78 10.78 17.61
CA LEU N 19 -54.91 10.95 16.70
C LEU N 19 -56.15 10.20 17.14
N SER N 20 -57.32 10.76 16.83
CA SER N 20 -58.61 10.09 17.16
C SER N 20 -58.97 9.12 16.06
N ASP N 21 -59.71 8.06 16.39
CA ASP N 21 -60.24 7.18 15.35
C ASP N 21 -60.77 7.91 14.12
N ALA N 22 -61.48 9.04 14.27
CA ALA N 22 -61.95 9.80 13.05
C ALA N 22 -60.81 10.51 12.26
N GLN N 23 -59.82 10.99 13.02
CA GLN N 23 -58.61 11.61 12.46
C GLN N 23 -57.77 10.57 11.72
N ILE N 24 -57.52 9.43 12.35
CA ILE N 24 -56.94 8.30 11.65
C ILE N 24 -57.61 7.99 10.28
N ALA N 25 -58.94 7.94 10.22
CA ALA N 25 -59.55 7.65 8.93
C ALA N 25 -59.54 8.80 7.93
N ARG N 26 -59.37 10.04 8.41
CA ARG N 26 -59.24 11.20 7.49
C ARG N 26 -57.91 11.16 6.74
N GLN N 27 -56.84 10.76 7.45
CA GLN N 27 -55.52 10.51 6.86
C GLN N 27 -55.55 9.30 5.95
N ILE N 28 -56.17 8.19 6.39
CA ILE N 28 -56.36 6.99 5.52
C ILE N 28 -57.13 7.30 4.24
N GLN N 29 -58.10 8.19 4.32
CA GLN N 29 -58.92 8.60 3.16
C GLN N 29 -58.12 9.46 2.16
N TYR N 30 -57.35 10.40 2.67
CA TYR N 30 -56.44 11.14 1.79
C TYR N 30 -55.58 10.16 0.96
N ALA N 31 -54.92 9.23 1.64
CA ALA N 31 -54.12 8.22 0.95
C ALA N 31 -54.91 7.47 -0.12
N ILE N 32 -56.15 7.12 0.17
CA ILE N 32 -57.04 6.47 -0.80
C ILE N 32 -57.37 7.42 -1.97
N ASP N 33 -57.68 8.67 -1.65
CA ASP N 33 -57.99 9.67 -2.68
C ASP N 33 -56.79 10.02 -3.55
N GLN N 34 -55.56 9.80 -3.07
CA GLN N 34 -54.40 10.06 -3.91
C GLN N 34 -54.04 8.85 -4.72
N GLY N 35 -54.71 7.72 -4.47
CA GLY N 35 -54.38 6.45 -5.12
C GLY N 35 -53.28 5.65 -4.44
N TYR N 36 -52.93 6.00 -3.20
CA TYR N 36 -51.90 5.27 -2.47
C TYR N 36 -52.47 4.02 -1.81
N HIS N 37 -51.58 3.09 -1.53
CA HIS N 37 -51.98 1.83 -0.92
C HIS N 37 -51.62 1.79 0.56
N PRO N 38 -52.63 1.86 1.44
CA PRO N 38 -52.37 1.92 2.88
C PRO N 38 -52.09 0.54 3.43
N CYS N 39 -51.44 0.54 4.59
CA CYS N 39 -50.99 -0.71 5.21
C CYS N 39 -50.80 -0.37 6.70
N VAL N 40 -50.80 -1.40 7.52
CA VAL N 40 -50.71 -1.22 8.93
C VAL N 40 -49.58 -2.07 9.40
N GLU N 41 -48.78 -1.53 10.29
CA GLU N 41 -47.66 -2.26 10.79
C GLU N 41 -47.43 -1.96 12.28
N PHE N 42 -46.82 -2.91 12.98
CA PHE N 42 -46.65 -2.76 14.41
C PHE N 42 -45.29 -3.29 14.89
N ASN N 43 -44.90 -2.89 16.08
CA ASN N 43 -43.64 -3.32 16.66
C ASN N 43 -43.69 -3.10 18.17
N GLU N 44 -42.93 -3.91 18.90
CA GLU N 44 -42.97 -3.86 20.38
C GLU N 44 -42.27 -2.63 20.97
N THR N 45 -41.23 -2.13 20.31
CA THR N 45 -40.61 -0.85 20.72
C THR N 45 -40.34 0.01 19.52
N SER N 46 -39.81 1.19 19.77
CA SER N 46 -39.39 2.11 18.72
C SER N 46 -38.22 2.91 19.26
N ASN N 47 -37.23 3.14 18.38
CA ASN N 47 -36.01 3.89 18.62
C ASN N 47 -35.33 4.10 17.26
N ALA N 48 -34.28 4.92 17.25
CA ALA N 48 -33.70 5.43 16.02
C ALA N 48 -33.01 4.34 15.18
N GLU N 49 -32.47 3.33 15.83
CA GLU N 49 -31.76 2.24 15.17
C GLU N 49 -32.68 1.14 14.54
N ILE N 50 -33.98 1.14 14.83
CA ILE N 50 -34.87 0.14 14.29
C ILE N 50 -35.23 0.51 12.88
N ARG N 51 -35.06 -0.41 11.93
CA ARG N 51 -35.33 -0.14 10.54
C ARG N 51 -36.69 -0.65 10.00
N TYR N 52 -37.07 -1.84 10.43
CA TYR N 52 -38.31 -2.48 10.00
C TYR N 52 -39.24 -2.80 11.19
N TRP N 53 -40.52 -2.46 11.04
CA TRP N 53 -41.58 -2.95 11.89
C TRP N 53 -42.18 -4.16 11.22
N THR N 54 -43.23 -4.72 11.83
CA THR N 54 -43.82 -5.97 11.35
C THR N 54 -45.21 -5.73 10.74
N MET N 55 -45.42 -6.31 9.58
CA MET N 55 -46.62 -6.11 8.80
C MET N 55 -47.78 -6.89 9.46
N TRP N 56 -48.81 -6.15 9.83
CA TRP N 56 -50.15 -6.67 10.11
C TRP N 56 -50.83 -7.11 8.82
N LYS N 57 -51.06 -8.43 8.70
CA LYS N 57 -51.76 -8.98 7.54
C LYS N 57 -51.11 -8.70 6.18
N LEU N 58 -51.92 -8.24 5.24
CA LEU N 58 -51.46 -7.79 3.92
C LEU N 58 -51.93 -6.35 3.67
N PRO N 59 -51.28 -5.63 2.74
CA PRO N 59 -51.97 -4.39 2.40
C PRO N 59 -53.33 -4.65 1.72
N LEU N 60 -54.28 -3.77 1.99
CA LEU N 60 -55.62 -3.78 1.39
C LEU N 60 -55.51 -2.91 0.13
N PHE N 61 -55.79 -3.51 -1.02
CA PHE N 61 -55.27 -2.91 -2.24
C PHE N 61 -56.02 -1.78 -2.94
N ASN N 62 -57.32 -1.94 -3.17
CA ASN N 62 -58.06 -0.85 -3.79
C ASN N 62 -59.47 -0.70 -3.27
N CYS N 63 -59.67 -1.13 -2.02
CA CYS N 63 -60.87 -0.78 -1.27
C CYS N 63 -60.93 0.76 -1.12
N THR N 64 -62.08 1.34 -1.48
CA THR N 64 -62.36 2.80 -1.53
C THR N 64 -62.72 3.43 -0.17
N ASN N 65 -62.83 2.59 0.85
CA ASN N 65 -63.37 2.98 2.14
C ASN N 65 -62.28 2.99 3.22
N ALA N 66 -62.08 4.13 3.86
CA ALA N 66 -61.10 4.23 4.94
C ALA N 66 -61.40 3.32 6.11
N GLN N 67 -62.67 2.93 6.24
CA GLN N 67 -63.17 2.21 7.39
C GLN N 67 -62.47 0.88 7.61
N ASP N 68 -62.44 0.05 6.57
CA ASP N 68 -61.86 -1.29 6.69
C ASP N 68 -60.37 -1.31 6.89
N VAL N 69 -59.71 -0.15 6.70
CA VAL N 69 -58.32 -0.03 7.14
C VAL N 69 -58.35 0.22 8.63
N LEU N 70 -59.13 1.23 9.01
CA LEU N 70 -59.34 1.52 10.40
C LEU N 70 -59.72 0.26 11.20
N ASN N 71 -60.41 -0.67 10.55
CA ASN N 71 -60.81 -1.93 11.18
C ASN N 71 -59.62 -2.77 11.56
N GLU N 72 -58.66 -2.82 10.64
CA GLU N 72 -57.41 -3.52 10.93
C GLU N 72 -56.65 -2.81 12.05
N VAL N 73 -56.69 -1.48 12.06
CA VAL N 73 -56.05 -0.75 13.17
C VAL N 73 -56.71 -1.09 14.53
N GLN N 74 -58.04 -1.07 14.57
CA GLN N 74 -58.81 -1.38 15.79
C GLN N 74 -58.54 -2.80 16.25
N GLN N 75 -58.66 -3.76 15.33
CA GLN N 75 -58.35 -5.14 15.66
C GLN N 75 -56.89 -5.36 16.14
N CYS N 76 -55.91 -4.76 15.43
CA CYS N 76 -54.49 -4.86 15.84
C CYS N 76 -54.27 -4.33 17.26
N ARG N 77 -54.82 -3.15 17.55
CA ARG N 77 -54.80 -2.50 18.88
C ARG N 77 -55.34 -3.41 19.99
N SER N 78 -56.35 -4.19 19.66
CA SER N 78 -57.06 -4.94 20.69
C SER N 78 -56.39 -6.27 20.99
N GLU N 79 -55.74 -6.87 19.98
CA GLU N 79 -55.01 -8.13 20.19
C GLU N 79 -53.59 -7.89 20.70
N TYR N 80 -52.98 -6.79 20.26
CA TYR N 80 -51.63 -6.40 20.75
C TYR N 80 -51.65 -5.08 21.47
N PRO N 81 -52.09 -5.10 22.75
CA PRO N 81 -52.22 -3.85 23.49
C PRO N 81 -50.86 -3.29 23.98
N ASN N 82 -49.83 -4.13 23.98
CA ASN N 82 -48.44 -3.77 24.36
C ASN N 82 -47.50 -3.20 23.23
N CYS N 83 -48.01 -3.16 21.99
CA CYS N 83 -47.22 -2.86 20.80
C CYS N 83 -47.55 -1.51 20.17
N PHE N 84 -46.54 -0.80 19.66
CA PHE N 84 -46.73 0.39 18.84
C PHE N 84 -47.40 0.09 17.51
N ILE N 85 -48.20 1.01 17.00
CA ILE N 85 -48.87 0.78 15.72
C ILE N 85 -48.88 2.00 14.82
N ARG N 86 -48.61 1.79 13.54
CA ARG N 86 -48.65 2.90 12.63
C ARG N 86 -49.25 2.54 11.30
N VAL N 87 -49.65 3.57 10.57
CA VAL N 87 -50.25 3.38 9.28
C VAL N 87 -49.28 3.99 8.29
N VAL N 88 -49.07 3.22 7.21
CA VAL N 88 -48.14 3.54 6.13
C VAL N 88 -48.87 3.50 4.79
N ALA N 89 -48.44 4.36 3.85
CA ALA N 89 -48.95 4.36 2.48
C ALA N 89 -47.83 4.29 1.46
N PHE N 90 -48.14 3.65 0.33
CA PHE N 90 -47.22 3.45 -0.81
C PHE N 90 -47.73 4.06 -2.14
N ASP N 91 -46.81 4.69 -2.87
CA ASP N 91 -47.01 5.12 -4.25
C ASP N 91 -46.39 4.04 -5.17
N ASN N 92 -47.21 3.38 -5.97
CA ASN N 92 -46.75 2.23 -6.74
C ASN N 92 -46.03 2.66 -8.01
N ILE N 93 -46.53 3.76 -8.63
CA ILE N 93 -45.90 4.43 -9.78
C ILE N 93 -44.42 4.62 -9.44
N LYS N 94 -44.16 5.51 -8.47
CA LYS N 94 -42.81 5.91 -8.12
C LYS N 94 -42.18 4.90 -7.18
N GLN N 95 -42.92 3.86 -6.80
CA GLN N 95 -42.34 2.84 -5.91
C GLN N 95 -41.67 3.45 -4.68
N CYS N 96 -42.33 4.46 -4.08
CA CYS N 96 -41.89 5.03 -2.82
C CYS N 96 -42.98 4.94 -1.76
N GLN N 97 -42.56 5.05 -0.49
CA GLN N 97 -43.41 5.27 0.67
C GLN N 97 -43.63 6.79 0.89
N VAL N 98 -44.91 7.18 1.05
CA VAL N 98 -45.31 8.56 1.03
C VAL N 98 -45.95 8.93 2.36
N MET N 99 -46.28 7.94 3.19
CA MET N 99 -46.83 8.18 4.52
C MET N 99 -46.37 7.07 5.43
N SER N 100 -46.13 7.46 6.68
CA SER N 100 -45.74 6.58 7.78
C SER N 100 -46.01 7.41 9.01
N PHE N 101 -47.10 7.10 9.71
CA PHE N 101 -47.52 7.88 10.87
C PHE N 101 -48.09 7.04 12.01
N ILE N 102 -47.72 7.45 13.22
CA ILE N 102 -47.99 6.72 14.47
C ILE N 102 -49.51 6.80 14.72
N VAL N 103 -50.16 5.68 15.02
CA VAL N 103 -51.60 5.73 15.35
C VAL N 103 -51.94 5.30 16.80
N TYR N 104 -51.14 4.43 17.40
CA TYR N 104 -51.40 3.98 18.74
C TYR N 104 -50.11 3.69 19.50
N LYS N 105 -49.91 4.31 20.66
CA LYS N 105 -48.81 3.90 21.55
C LYS N 105 -49.35 3.12 22.77
N PRO N 106 -48.62 2.12 23.28
CA PRO N 106 -48.94 1.49 24.57
C PRO N 106 -48.78 2.38 25.86
N THR O 23 -23.42 28.35 -42.72
CA THR O 23 -22.27 27.69 -42.01
C THR O 23 -22.48 27.47 -40.46
N TYR O 24 -22.64 28.51 -39.66
CA TYR O 24 -22.97 28.33 -38.25
C TYR O 24 -24.40 28.63 -37.87
N TYR O 25 -25.10 29.38 -38.73
CA TYR O 25 -26.54 29.62 -38.57
C TYR O 25 -27.30 28.77 -39.58
N THR O 26 -27.97 27.70 -39.14
CA THR O 26 -28.67 26.72 -39.99
C THR O 26 -30.08 26.55 -39.45
N PRO O 27 -30.98 27.51 -39.78
CA PRO O 27 -32.34 27.43 -39.24
C PRO O 27 -33.14 26.19 -39.70
N ASP O 28 -32.63 25.43 -40.68
CA ASP O 28 -33.32 24.17 -41.11
C ASP O 28 -32.88 22.91 -40.36
N TYR O 29 -31.77 22.98 -39.60
CA TYR O 29 -31.28 21.83 -38.85
C TYR O 29 -32.28 21.36 -37.81
N THR O 30 -32.62 20.06 -37.78
CA THR O 30 -33.38 19.59 -36.65
C THR O 30 -32.47 18.79 -35.65
N PRO O 31 -32.52 19.18 -34.38
CA PRO O 31 -31.59 18.60 -33.38
C PRO O 31 -31.86 17.11 -33.20
N LYS O 32 -30.80 16.30 -33.08
CA LYS O 32 -30.93 14.89 -32.70
C LYS O 32 -31.16 14.74 -31.19
N ASP O 33 -31.83 13.66 -30.80
CA ASP O 33 -31.98 13.32 -29.40
C ASP O 33 -30.64 13.12 -28.64
N THR O 34 -29.54 12.94 -29.38
CA THR O 34 -28.25 12.80 -28.75
C THR O 34 -27.51 14.18 -28.67
N ASP O 35 -28.08 15.26 -29.22
CA ASP O 35 -27.38 16.53 -29.20
C ASP O 35 -27.52 17.15 -27.83
N ILE O 36 -26.51 17.89 -27.42
CA ILE O 36 -26.67 18.88 -26.30
C ILE O 36 -27.15 20.21 -26.90
N LEU O 37 -28.21 20.73 -26.32
CA LEU O 37 -28.77 22.01 -26.73
C LEU O 37 -28.54 23.07 -25.68
N ALA O 38 -28.27 24.30 -26.12
CA ALA O 38 -28.11 25.46 -25.19
C ALA O 38 -29.00 26.61 -25.61
N ALA O 39 -29.60 27.31 -24.66
CA ALA O 39 -30.43 28.48 -25.01
C ALA O 39 -29.78 29.69 -24.42
N PHE O 40 -29.26 30.58 -25.25
CA PHE O 40 -28.53 31.73 -24.77
C PHE O 40 -29.42 32.97 -24.97
N ARG O 41 -29.52 33.82 -23.95
CA ARG O 41 -29.99 35.17 -24.15
C ARG O 41 -28.85 36.05 -24.59
N VAL O 42 -28.95 36.55 -25.84
CA VAL O 42 -27.89 37.28 -26.50
C VAL O 42 -28.24 38.80 -26.64
N THR O 43 -27.30 39.70 -26.29
CA THR O 43 -27.41 41.14 -26.50
C THR O 43 -26.25 41.53 -27.36
N PRO O 44 -26.49 41.65 -28.67
CA PRO O 44 -25.42 42.05 -29.60
C PRO O 44 -25.02 43.52 -29.43
N GLN O 45 -23.78 43.84 -29.83
CA GLN O 45 -23.27 45.19 -29.87
C GLN O 45 -24.08 45.95 -30.90
N PRO O 46 -24.23 47.29 -30.70
CA PRO O 46 -25.06 48.11 -31.63
C PRO O 46 -24.64 47.91 -33.10
N GLY O 47 -25.61 47.70 -33.98
CA GLY O 47 -25.24 47.47 -35.38
C GLY O 47 -24.78 46.06 -35.77
N VAL O 48 -24.76 45.11 -34.82
CA VAL O 48 -24.52 43.71 -35.17
C VAL O 48 -25.88 43.04 -35.44
N PRO O 49 -26.10 42.52 -36.65
CA PRO O 49 -27.44 41.92 -36.83
C PRO O 49 -27.58 40.56 -36.11
N PHE O 50 -28.81 40.21 -35.75
CA PHE O 50 -29.07 39.00 -34.97
C PHE O 50 -28.45 37.78 -35.63
N GLU O 51 -28.50 37.69 -36.95
CA GLU O 51 -28.05 36.47 -37.59
C GLU O 51 -26.55 36.26 -37.43
N GLU O 52 -25.76 37.33 -37.48
CA GLU O 52 -24.33 37.20 -37.28
C GLU O 52 -23.98 36.93 -35.83
N ALA O 53 -24.69 37.55 -34.88
CA ALA O 53 -24.40 37.35 -33.47
C ALA O 53 -24.66 35.86 -33.16
N ALA O 54 -25.75 35.29 -33.72
CA ALA O 54 -26.16 33.92 -33.48
C ALA O 54 -25.10 32.94 -33.98
N ALA O 55 -24.65 33.15 -35.19
CA ALA O 55 -23.60 32.35 -35.78
C ALA O 55 -22.34 32.49 -34.96
N ALA O 56 -22.13 33.67 -34.37
CA ALA O 56 -20.88 33.92 -33.60
C ALA O 56 -20.93 33.09 -32.31
N VAL O 57 -22.07 33.10 -31.64
CA VAL O 57 -22.34 32.29 -30.45
C VAL O 57 -22.08 30.77 -30.69
N ALA O 58 -22.58 30.26 -31.81
CA ALA O 58 -22.36 28.85 -32.16
C ALA O 58 -20.91 28.55 -32.55
N ALA O 59 -20.29 29.44 -33.33
CA ALA O 59 -18.87 29.35 -33.72
C ALA O 59 -17.87 29.42 -32.54
N GLU O 60 -17.95 30.50 -31.75
CA GLU O 60 -17.00 30.75 -30.67
C GLU O 60 -17.19 29.74 -29.52
N SER O 61 -18.30 29.00 -29.49
CA SER O 61 -18.48 27.97 -28.44
C SER O 61 -18.18 26.57 -28.98
N SER O 62 -17.60 26.46 -30.18
CA SER O 62 -17.26 25.15 -30.76
C SER O 62 -15.99 25.25 -31.59
N THR O 63 -16.06 25.11 -32.91
CA THR O 63 -14.86 25.06 -33.78
C THR O 63 -14.15 26.40 -34.00
N GLY O 64 -14.91 27.51 -33.93
CA GLY O 64 -14.29 28.85 -33.88
C GLY O 64 -13.78 29.37 -35.21
N TRP O 70 -4.36 24.06 -43.17
CA TRP O 70 -4.16 22.78 -43.89
C TRP O 70 -4.67 21.57 -43.09
N THR O 71 -4.46 21.59 -41.78
CA THR O 71 -4.89 20.47 -40.94
C THR O 71 -6.43 20.39 -40.90
N ASP O 72 -7.08 21.56 -41.07
CA ASP O 72 -8.54 21.73 -41.28
C ASP O 72 -9.15 20.73 -42.28
N LEU O 73 -8.43 20.50 -43.38
CA LEU O 73 -8.89 19.58 -44.41
C LEU O 73 -8.39 18.15 -44.23
N LEU O 74 -7.70 17.89 -43.11
CA LEU O 74 -7.47 16.53 -42.60
C LEU O 74 -8.69 16.05 -41.81
N THR O 75 -9.47 16.97 -41.24
CA THR O 75 -10.72 16.60 -40.46
C THR O 75 -12.03 16.98 -41.15
N ASP O 76 -13.12 16.36 -40.70
CA ASP O 76 -14.42 16.76 -41.17
C ASP O 76 -14.99 17.72 -40.16
N LEU O 77 -14.67 18.99 -40.35
CA LEU O 77 -15.14 20.01 -39.42
C LEU O 77 -16.67 20.09 -39.28
N ASP O 78 -17.42 19.62 -40.27
CA ASP O 78 -18.86 19.63 -40.16
C ASP O 78 -19.33 18.89 -38.93
N ARG O 79 -18.75 17.75 -38.65
CA ARG O 79 -19.35 16.98 -37.56
C ARG O 79 -18.89 17.42 -36.15
N TYR O 80 -18.02 18.41 -36.04
CA TYR O 80 -17.64 18.98 -34.75
C TYR O 80 -18.18 20.41 -34.42
N LYS O 81 -18.85 21.03 -35.39
CA LYS O 81 -19.39 22.35 -35.14
C LYS O 81 -20.66 22.27 -34.32
N GLY O 82 -20.87 23.27 -33.46
CA GLY O 82 -22.21 23.62 -33.03
C GLY O 82 -22.86 24.48 -34.11
N CYS O 83 -24.19 24.58 -34.11
CA CYS O 83 -24.87 25.45 -35.02
C CYS O 83 -26.04 26.10 -34.33
N CYS O 84 -26.33 27.33 -34.72
CA CYS O 84 -27.56 27.96 -34.28
C CYS O 84 -28.75 27.45 -35.11
N TYR O 85 -29.72 26.79 -34.48
CA TYR O 85 -30.81 26.26 -35.30
C TYR O 85 -32.08 27.07 -35.19
N ASP O 86 -32.10 28.08 -34.32
CA ASP O 86 -33.28 28.91 -34.17
C ASP O 86 -32.92 30.21 -33.41
N ILE O 87 -33.51 31.32 -33.86
CA ILE O 87 -33.33 32.66 -33.32
C ILE O 87 -34.73 33.12 -32.92
N GLU O 88 -34.94 33.41 -31.64
CA GLU O 88 -36.24 33.82 -31.19
C GLU O 88 -36.16 35.20 -30.59
N PRO O 89 -36.63 36.22 -31.35
CA PRO O 89 -36.70 37.62 -30.89
C PRO O 89 -37.52 37.71 -29.62
N LEU O 90 -37.18 38.71 -28.80
CA LEU O 90 -37.84 38.83 -27.51
C LEU O 90 -38.77 40.08 -27.43
N PRO O 91 -40.09 39.87 -27.53
CA PRO O 91 -41.04 40.99 -27.43
C PRO O 91 -40.80 41.84 -26.20
N GLY O 92 -40.64 43.13 -26.42
CA GLY O 92 -40.38 44.05 -25.33
C GLY O 92 -38.89 44.32 -25.22
N GLU O 93 -38.11 43.26 -24.92
CA GLU O 93 -36.67 43.42 -24.63
C GLU O 93 -35.92 44.21 -25.71
N ASP O 94 -34.93 45.01 -25.26
CA ASP O 94 -34.26 45.87 -26.22
C ASP O 94 -32.98 45.19 -26.73
N ASN O 95 -32.96 44.87 -28.03
CA ASN O 95 -31.77 44.34 -28.68
C ASN O 95 -31.35 42.94 -28.07
N GLN O 96 -32.33 42.14 -27.67
CA GLN O 96 -32.06 40.84 -27.09
C GLN O 96 -32.75 39.77 -27.89
N PHE O 97 -32.13 38.61 -28.00
CA PHE O 97 -32.84 37.44 -28.48
C PHE O 97 -32.34 36.12 -27.87
N ILE O 98 -33.13 35.09 -28.06
CA ILE O 98 -32.74 33.76 -27.71
C ILE O 98 -32.11 33.03 -28.92
N ALA O 99 -30.87 32.58 -28.75
CA ALA O 99 -30.16 31.80 -29.74
C ALA O 99 -30.17 30.34 -29.25
N TYR O 100 -30.66 29.40 -30.07
CA TYR O 100 -30.61 27.94 -29.74
C TYR O 100 -29.47 27.26 -30.49
N ILE O 101 -28.55 26.68 -29.71
CA ILE O 101 -27.39 26.01 -30.27
C ILE O 101 -27.49 24.50 -29.98
N ALA O 102 -27.09 23.71 -30.97
CA ALA O 102 -27.01 22.25 -30.94
C ALA O 102 -25.52 21.81 -31.03
N TYR O 103 -25.08 20.98 -30.10
CA TYR O 103 -23.74 20.45 -30.11
C TYR O 103 -23.77 18.91 -30.22
N PRO O 104 -22.92 18.37 -31.06
CA PRO O 104 -22.85 16.92 -31.20
C PRO O 104 -22.35 16.22 -29.94
N LEU O 105 -22.97 15.07 -29.65
CA LEU O 105 -22.63 14.27 -28.44
C LEU O 105 -21.09 14.07 -28.31
N ASP O 106 -20.43 13.85 -29.44
CA ASP O 106 -18.96 13.59 -29.49
C ASP O 106 -17.99 14.67 -29.00
N LEU O 107 -18.47 15.89 -28.82
CA LEU O 107 -17.61 16.92 -28.32
C LEU O 107 -17.20 16.76 -26.89
N PHE O 108 -17.95 15.99 -26.12
CA PHE O 108 -17.85 16.09 -24.67
C PHE O 108 -17.24 14.86 -24.01
N GLU O 109 -16.33 15.09 -23.04
CA GLU O 109 -15.86 14.03 -22.24
C GLU O 109 -17.00 13.40 -21.36
N GLU O 110 -17.09 12.09 -21.41
CA GLU O 110 -18.08 11.30 -20.64
C GLU O 110 -17.96 11.60 -19.16
N GLY O 111 -19.05 11.91 -18.45
CA GLY O 111 -18.96 11.91 -16.99
C GLY O 111 -18.32 13.19 -16.48
N SER O 112 -18.05 14.13 -17.40
CA SER O 112 -17.34 15.36 -17.05
C SER O 112 -18.17 16.68 -17.17
N VAL O 113 -18.68 17.17 -16.05
CA VAL O 113 -19.36 18.44 -16.05
C VAL O 113 -18.32 19.53 -16.33
N THR O 114 -17.14 19.34 -15.76
CA THR O 114 -16.04 20.28 -16.03
C THR O 114 -15.82 20.46 -17.56
N ASN O 115 -15.75 19.37 -18.31
CA ASN O 115 -15.52 19.50 -19.77
C ASN O 115 -16.80 20.04 -20.48
N MET O 116 -17.98 19.69 -19.99
CA MET O 116 -19.19 20.24 -20.56
C MET O 116 -19.24 21.77 -20.44
N LEU O 117 -19.03 22.26 -19.23
CA LEU O 117 -18.92 23.71 -19.04
C LEU O 117 -17.79 24.33 -19.85
N THR O 118 -16.60 23.80 -19.70
CA THR O 118 -15.51 24.33 -20.46
C THR O 118 -15.93 24.47 -21.91
N SER O 119 -16.58 23.47 -22.48
CA SER O 119 -16.83 23.51 -23.93
C SER O 119 -17.86 24.54 -24.23
N ILE O 120 -18.97 24.52 -23.49
CA ILE O 120 -20.04 25.44 -23.84
C ILE O 120 -19.75 26.91 -23.47
N VAL O 121 -19.42 27.16 -22.18
CA VAL O 121 -19.21 28.53 -21.63
C VAL O 121 -17.74 28.95 -21.44
N GLY O 122 -16.79 28.19 -21.95
CA GLY O 122 -15.40 28.51 -21.66
C GLY O 122 -14.93 29.79 -22.33
N ASN O 123 -15.52 30.10 -23.50
CA ASN O 123 -14.93 31.08 -24.37
C ASN O 123 -15.90 32.19 -24.82
N VAL O 124 -17.14 31.80 -25.12
CA VAL O 124 -18.05 32.62 -25.87
C VAL O 124 -18.50 33.93 -25.19
N PHE O 125 -18.51 33.98 -23.85
CA PHE O 125 -18.94 35.19 -23.10
C PHE O 125 -18.03 36.40 -23.22
N GLY O 126 -16.82 36.24 -23.77
CA GLY O 126 -15.97 37.35 -24.04
C GLY O 126 -15.89 37.83 -25.48
N PHE O 127 -16.68 37.23 -26.38
CA PHE O 127 -16.66 37.63 -27.77
C PHE O 127 -17.04 39.13 -27.93
N LYS O 128 -16.29 39.84 -28.77
CA LYS O 128 -16.43 41.27 -28.81
C LYS O 128 -17.66 41.82 -29.50
N ALA O 129 -18.24 41.07 -30.44
CA ALA O 129 -19.53 41.49 -31.04
C ALA O 129 -20.78 41.34 -30.14
N LEU O 130 -20.60 40.82 -28.92
CA LEU O 130 -21.71 40.66 -27.99
C LEU O 130 -21.55 41.67 -26.87
N LYS O 131 -22.61 42.37 -26.56
CA LYS O 131 -22.49 43.27 -25.46
C LYS O 131 -22.69 42.49 -24.17
N ALA O 132 -23.56 41.48 -24.21
CA ALA O 132 -23.83 40.68 -23.01
C ALA O 132 -24.31 39.32 -23.50
N LEU O 133 -24.20 38.33 -22.62
CA LEU O 133 -24.57 36.93 -22.92
C LEU O 133 -25.00 36.16 -21.63
N ARG O 134 -26.16 35.51 -21.68
CA ARG O 134 -26.54 34.73 -20.54
C ARG O 134 -27.01 33.35 -20.97
N LEU O 135 -26.42 32.29 -20.37
CA LEU O 135 -26.90 30.94 -20.69
C LEU O 135 -28.10 30.68 -19.80
N GLU O 136 -29.22 30.36 -20.45
CA GLU O 136 -30.48 30.26 -19.75
C GLU O 136 -30.88 28.77 -19.48
N ASP O 137 -30.56 27.88 -20.39
CA ASP O 137 -30.98 26.47 -20.15
C ASP O 137 -30.06 25.59 -20.99
N LEU O 138 -29.98 24.31 -20.64
CA LEU O 138 -29.32 23.30 -21.44
C LEU O 138 -30.20 22.09 -21.52
N ARG O 139 -30.27 21.44 -22.69
CA ARG O 139 -30.98 20.13 -22.76
C ARG O 139 -29.92 19.04 -22.74
N ILE O 140 -29.76 18.34 -21.63
CA ILE O 140 -28.74 17.20 -21.59
C ILE O 140 -29.39 15.95 -22.13
N PRO O 141 -28.81 15.35 -23.18
CA PRO O 141 -29.43 14.15 -23.81
C PRO O 141 -29.23 12.90 -22.94
N VAL O 142 -30.22 11.99 -22.96
CA VAL O 142 -30.17 10.75 -22.23
C VAL O 142 -28.84 9.98 -22.45
N ALA O 143 -28.34 9.94 -23.68
CA ALA O 143 -27.10 9.23 -23.94
C ALA O 143 -25.89 9.83 -23.18
N TYR O 144 -25.85 11.15 -23.03
CA TYR O 144 -24.81 11.77 -22.18
C TYR O 144 -25.07 11.55 -20.70
N LEU O 145 -26.33 11.71 -20.24
CA LEU O 145 -26.65 11.52 -18.84
C LEU O 145 -26.30 10.12 -18.31
N LYS O 146 -26.51 9.09 -19.13
CA LYS O 146 -26.09 7.77 -18.72
C LYS O 146 -24.57 7.62 -18.37
N THR O 147 -23.71 8.56 -18.81
CA THR O 147 -22.28 8.50 -18.49
C THR O 147 -21.95 9.10 -17.08
N PHE O 148 -22.96 9.64 -16.40
CA PHE O 148 -22.80 10.23 -15.07
C PHE O 148 -23.39 9.35 -14.00
N GLN O 149 -22.82 9.43 -12.82
CA GLN O 149 -23.40 8.75 -11.64
C GLN O 149 -24.70 9.50 -11.23
N GLY O 150 -24.69 10.84 -11.21
CA GLY O 150 -25.81 11.58 -10.61
C GLY O 150 -25.74 11.56 -9.07
N PRO O 151 -26.82 11.92 -8.42
CA PRO O 151 -26.83 11.95 -6.96
C PRO O 151 -26.33 10.69 -6.35
N PRO O 152 -25.54 10.78 -5.24
CA PRO O 152 -25.06 9.53 -4.70
C PRO O 152 -26.24 8.71 -4.15
N HIS O 153 -27.34 9.37 -3.76
CA HIS O 153 -28.51 8.63 -3.28
C HIS O 153 -29.84 9.10 -3.90
N GLY O 154 -30.26 10.34 -3.65
CA GLY O 154 -31.45 10.82 -4.31
C GLY O 154 -32.59 10.76 -3.28
N ILE O 155 -33.73 11.36 -3.64
CA ILE O 155 -34.82 11.60 -2.71
C ILE O 155 -35.32 10.33 -2.06
N GLN O 156 -35.63 9.35 -2.88
CA GLN O 156 -36.22 8.13 -2.38
C GLN O 156 -35.27 7.36 -1.45
N VAL O 157 -34.02 7.19 -1.84
CA VAL O 157 -33.12 6.41 -1.03
C VAL O 157 -32.82 7.14 0.26
N GLU O 158 -32.68 8.44 0.18
CA GLU O 158 -32.44 9.22 1.35
C GLU O 158 -33.55 9.05 2.44
N ARG O 159 -34.81 9.13 2.03
CA ARG O 159 -35.91 8.92 2.99
C ARG O 159 -35.86 7.55 3.62
N ASP O 160 -35.66 6.51 2.81
CA ASP O 160 -35.38 5.16 3.34
C ASP O 160 -34.22 5.05 4.31
N LYS O 161 -33.11 5.71 4.06
CA LYS O 161 -31.98 5.63 4.97
C LYS O 161 -32.27 6.35 6.31
N LEU O 162 -32.98 7.48 6.24
CA LEU O 162 -33.33 8.29 7.40
C LEU O 162 -34.65 7.86 8.06
N ASN O 163 -35.39 7.04 7.34
CA ASN O 163 -36.64 6.58 7.83
C ASN O 163 -37.68 7.68 7.97
N LYS O 164 -37.70 8.68 7.07
CA LYS O 164 -38.57 9.82 7.27
C LYS O 164 -39.48 9.99 6.07
N TYR O 165 -40.78 9.80 6.31
CA TYR O 165 -41.81 9.80 5.26
C TYR O 165 -42.96 10.78 5.49
N GLY O 166 -43.52 11.29 4.39
CA GLY O 166 -44.78 12.00 4.34
C GLY O 166 -44.74 13.45 4.70
N ARG O 167 -43.55 14.03 4.70
CA ARG O 167 -43.37 15.40 5.17
C ARG O 167 -42.00 15.93 4.76
N PRO O 168 -41.89 17.25 4.55
CA PRO O 168 -40.61 17.92 4.40
C PRO O 168 -39.71 17.63 5.62
N LEU O 169 -38.39 17.70 5.41
CA LEU O 169 -37.48 17.60 6.57
C LEU O 169 -37.20 19.02 7.11
N LEU O 170 -36.70 19.08 8.33
CA LEU O 170 -36.45 20.35 8.99
C LEU O 170 -35.03 20.51 9.44
N GLY O 171 -34.45 21.68 9.14
CA GLY O 171 -33.07 22.03 9.59
C GLY O 171 -32.99 23.39 10.25
N CYS O 172 -31.94 23.61 11.04
CA CYS O 172 -31.65 24.94 11.65
C CYS O 172 -30.17 25.23 11.31
N THR O 173 -29.82 26.45 10.95
CA THR O 173 -28.42 26.80 10.88
C THR O 173 -28.02 27.25 12.28
N ILE O 174 -26.77 27.00 12.66
CA ILE O 174 -26.27 27.42 13.97
C ILE O 174 -25.82 28.89 13.95
N LYS O 175 -26.15 29.64 14.99
CA LYS O 175 -25.75 31.02 15.07
C LYS O 175 -25.07 31.32 16.43
N PRO O 176 -24.00 32.16 16.45
CA PRO O 176 -23.38 32.89 15.33
C PRO O 176 -22.71 31.98 14.32
N LYS O 177 -22.59 32.48 13.09
CA LYS O 177 -21.91 31.77 12.02
C LYS O 177 -20.50 31.25 12.43
N LEU O 178 -19.66 32.18 12.85
CA LEU O 178 -18.27 31.93 13.23
C LEU O 178 -18.07 32.33 14.68
N GLY O 179 -17.17 31.65 15.34
CA GLY O 179 -16.71 32.12 16.63
C GLY O 179 -16.91 31.19 17.79
N LEU O 180 -17.90 30.30 17.72
CA LEU O 180 -18.11 29.33 18.82
C LEU O 180 -16.98 28.35 18.80
N SER O 181 -16.52 27.94 19.97
CA SER O 181 -15.55 26.89 20.07
C SER O 181 -16.27 25.59 19.67
N ALA O 182 -15.51 24.56 19.29
CA ALA O 182 -16.13 23.32 18.83
C ALA O 182 -17.11 22.76 19.84
N LYS O 183 -16.76 22.84 21.12
CA LYS O 183 -17.61 22.29 22.19
C LYS O 183 -18.97 23.08 22.29
N ASN O 184 -18.88 24.40 22.27
CA ASN O 184 -20.04 25.29 22.38
C ASN O 184 -20.92 25.10 21.18
N TYR O 185 -20.28 24.97 20.02
CA TYR O 185 -20.95 24.59 18.80
C TYR O 185 -21.77 23.32 18.91
N GLY O 186 -21.23 22.27 19.50
CA GLY O 186 -21.98 21.02 19.63
C GLY O 186 -23.13 21.12 20.64
N ARG O 187 -22.97 21.96 21.67
CA ARG O 187 -24.08 22.26 22.62
C ARG O 187 -25.29 22.83 21.82
N ALA O 188 -25.06 23.89 21.04
CA ALA O 188 -26.15 24.43 20.22
C ALA O 188 -26.76 23.37 19.26
N VAL O 189 -25.91 22.49 18.70
CA VAL O 189 -26.42 21.46 17.84
C VAL O 189 -27.33 20.52 18.63
N TYR O 190 -26.89 20.05 19.78
CA TYR O 190 -27.69 19.10 20.57
C TYR O 190 -29.06 19.67 20.96
N GLU O 191 -29.07 20.94 21.37
CA GLU O 191 -30.32 21.59 21.78
C GLU O 191 -31.28 21.71 20.62
N CYS O 192 -30.77 22.08 19.45
CA CYS O 192 -31.60 22.14 18.25
C CYS O 192 -32.20 20.80 17.89
N LEU O 193 -31.36 19.78 17.85
CA LEU O 193 -31.81 18.49 17.34
C LEU O 193 -32.80 17.83 18.34
N ARG O 194 -32.52 17.95 19.63
CA ARG O 194 -33.37 17.30 20.60
C ARG O 194 -34.78 17.94 20.61
N GLY O 195 -34.95 19.14 20.06
CA GLY O 195 -36.23 19.82 20.07
C GLY O 195 -37.09 19.36 18.93
N GLY O 196 -36.56 18.52 18.04
CA GLY O 196 -37.41 18.03 16.94
C GLY O 196 -37.05 18.35 15.51
N LEU O 197 -35.96 19.09 15.27
CA LEU O 197 -35.39 19.23 13.91
C LEU O 197 -34.64 17.97 13.47
N ASP O 198 -34.66 17.67 12.18
CA ASP O 198 -33.96 16.50 11.65
C ASP O 198 -32.44 16.76 11.44
N PHE O 199 -32.09 18.00 11.08
CA PHE O 199 -30.71 18.33 10.75
C PHE O 199 -30.32 19.67 11.33
N THR O 200 -29.05 19.85 11.69
CA THR O 200 -28.45 21.20 11.82
C THR O 200 -27.34 21.30 10.76
N LYS O 201 -26.72 22.45 10.62
CA LYS O 201 -25.94 22.75 9.44
C LYS O 201 -24.72 23.60 9.86
N ASP O 202 -23.53 23.23 9.34
CA ASP O 202 -22.34 24.10 9.32
C ASP O 202 -22.59 25.25 8.37
N ASP O 203 -22.16 26.45 8.75
CA ASP O 203 -22.08 27.55 7.83
C ASP O 203 -21.09 27.24 6.69
N GLU O 204 -21.36 27.76 5.52
CA GLU O 204 -20.50 27.57 4.40
C GLU O 204 -19.08 28.14 4.63
N ASN O 205 -18.90 29.12 5.53
CA ASN O 205 -17.59 29.71 5.79
C ASN O 205 -16.72 28.87 6.73
N ILE O 206 -17.36 27.98 7.48
CA ILE O 206 -16.68 27.20 8.49
C ILE O 206 -16.15 25.98 7.81
N ASN O 207 -14.82 25.93 7.71
CA ASN O 207 -14.07 24.79 7.20
C ASN O 207 -13.12 24.38 8.36
N SER O 208 -11.89 24.89 8.41
CA SER O 208 -11.09 24.73 9.59
C SER O 208 -10.35 26.02 9.85
N GLN O 209 -10.49 26.62 11.03
CA GLN O 209 -9.95 27.95 11.27
C GLN O 209 -9.35 28.00 12.65
N PRO O 210 -8.51 29.04 12.95
CA PRO O 210 -7.86 29.15 14.28
C PRO O 210 -8.83 29.07 15.46
N PHE O 211 -10.03 29.63 15.34
CA PHE O 211 -11.01 29.56 16.47
C PHE O 211 -11.70 28.21 16.51
N GLN O 212 -11.55 27.37 15.49
CA GLN O 212 -12.28 26.14 15.53
C GLN O 212 -11.77 25.19 14.46
N ARG O 213 -10.97 24.20 14.85
CA ARG O 213 -10.37 23.22 13.92
C ARG O 213 -11.43 22.18 13.57
N TRP O 214 -11.36 21.68 12.32
CA TRP O 214 -12.42 20.81 11.84
C TRP O 214 -12.52 19.48 12.65
N ARG O 215 -11.41 18.87 13.01
CA ARG O 215 -11.55 17.59 13.69
C ARG O 215 -12.30 17.72 15.01
N ASP O 216 -12.01 18.77 15.77
CA ASP O 216 -12.71 19.03 17.05
C ASP O 216 -14.22 19.24 16.80
N ARG O 217 -14.56 19.99 15.76
CA ARG O 217 -15.95 20.18 15.42
C ARG O 217 -16.68 18.91 15.06
N PHE O 218 -16.12 18.15 14.12
CA PHE O 218 -16.68 16.83 13.80
C PHE O 218 -16.91 16.04 15.06
N LEU O 219 -15.94 16.04 15.98
CA LEU O 219 -16.04 15.14 17.12
C LEU O 219 -17.18 15.52 18.09
N PHE O 220 -17.28 16.79 18.47
CA PHE O 220 -18.31 17.24 19.37
C PHE O 220 -19.69 17.22 18.69
N VAL O 221 -19.74 17.43 17.37
CA VAL O 221 -20.99 17.32 16.65
C VAL O 221 -21.52 15.93 16.74
N ALA O 222 -20.61 14.95 16.63
CA ALA O 222 -21.01 13.55 16.63
C ALA O 222 -21.54 13.19 18.03
N ASP O 223 -20.93 13.74 19.08
CA ASP O 223 -21.47 13.55 20.45
C ASP O 223 -22.88 14.16 20.56
N ALA O 224 -23.09 15.36 20.03
CA ALA O 224 -24.44 15.98 20.08
C ALA O 224 -25.46 15.13 19.34
N ILE O 225 -25.15 14.65 18.13
CA ILE O 225 -26.04 13.77 17.42
C ILE O 225 -26.35 12.53 18.25
N HIS O 226 -25.35 11.91 18.82
CA HIS O 226 -25.60 10.68 19.52
C HIS O 226 -26.60 10.93 20.70
N LYS O 227 -26.33 11.94 21.50
CA LYS O 227 -27.26 12.31 22.59
C LYS O 227 -28.72 12.64 22.10
N ALA O 228 -28.89 13.53 21.10
CA ALA O 228 -30.27 13.85 20.61
C ALA O 228 -30.98 12.62 20.01
N GLN O 229 -30.24 11.77 19.32
CA GLN O 229 -30.86 10.65 18.71
C GLN O 229 -31.32 9.61 19.78
N ALA O 230 -30.51 9.44 20.81
CA ALA O 230 -30.90 8.53 21.89
C ALA O 230 -32.09 9.13 22.69
N GLU O 231 -32.08 10.44 22.99
CA GLU O 231 -33.24 11.08 23.66
C GLU O 231 -34.55 11.05 22.87
N THR O 232 -34.51 11.24 21.57
CA THR O 232 -35.74 11.43 20.82
C THR O 232 -36.23 10.14 20.14
N GLY O 233 -35.36 9.14 19.96
CA GLY O 233 -35.74 7.95 19.17
C GLY O 233 -35.96 8.27 17.68
N GLU O 234 -35.44 9.42 17.20
CA GLU O 234 -35.47 9.77 15.76
C GLU O 234 -34.01 9.99 15.22
N ILE O 235 -33.77 9.53 13.98
CA ILE O 235 -32.50 9.69 13.33
C ILE O 235 -32.17 11.19 13.12
N LYS O 236 -30.98 11.58 13.53
CA LYS O 236 -30.56 12.98 13.47
C LYS O 236 -29.28 13.13 12.63
N GLY O 237 -29.04 14.31 12.03
CA GLY O 237 -27.80 14.54 11.24
C GLY O 237 -27.37 15.97 11.31
N HIS O 238 -26.13 16.20 10.91
CA HIS O 238 -25.63 17.56 10.85
C HIS O 238 -24.80 17.63 9.56
N TYR O 239 -25.11 18.57 8.67
CA TYR O 239 -24.28 18.68 7.46
C TYR O 239 -22.88 19.19 7.82
N LEU O 240 -21.97 18.28 8.11
CA LEU O 240 -20.59 18.61 8.39
C LEU O 240 -19.86 19.07 7.11
N ASN O 241 -19.40 20.31 7.14
CA ASN O 241 -18.75 20.91 5.97
C ASN O 241 -17.33 20.34 5.74
N VAL O 242 -17.15 19.63 4.61
CA VAL O 242 -15.82 19.09 4.19
C VAL O 242 -15.12 19.92 3.10
N THR O 243 -15.70 21.06 2.69
CA THR O 243 -15.00 21.97 1.78
C THR O 243 -13.60 22.29 2.36
N ALA O 244 -12.57 22.22 1.49
CA ALA O 244 -11.20 22.10 1.94
C ALA O 244 -10.27 22.68 0.87
N PRO O 245 -9.00 22.98 1.23
CA PRO O 245 -8.05 23.54 0.22
C PRO O 245 -7.66 22.62 -0.93
N THR O 246 -7.52 21.30 -0.70
CA THR O 246 -7.13 20.27 -1.70
C THR O 246 -8.11 19.09 -1.71
N CYS O 247 -8.10 18.27 -2.74
CA CYS O 247 -8.85 17.02 -2.73
C CYS O 247 -8.48 16.04 -1.64
N GLU O 248 -7.18 15.91 -1.36
CA GLU O 248 -6.74 14.98 -0.28
C GLU O 248 -7.38 15.40 1.02
N GLU O 249 -7.40 16.72 1.29
CA GLU O 249 -7.88 17.25 2.60
C GLU O 249 -9.43 17.13 2.72
N MET O 250 -10.15 17.44 1.63
CA MET O 250 -11.61 17.09 1.53
C MET O 250 -11.97 15.62 1.80
N LEU O 251 -11.22 14.71 1.18
CA LEU O 251 -11.48 13.32 1.37
C LEU O 251 -11.15 12.82 2.78
N LYS O 252 -10.08 13.34 3.32
CA LYS O 252 -9.75 13.06 4.72
C LYS O 252 -10.88 13.52 5.73
N ARG O 253 -11.52 14.63 5.44
CA ARG O 253 -12.57 15.15 6.32
C ARG O 253 -13.82 14.26 6.17
N ALA O 254 -14.10 13.83 4.91
CA ALA O 254 -15.19 12.87 4.62
C ALA O 254 -14.99 11.54 5.30
N GLU O 255 -13.77 11.02 5.22
CA GLU O 255 -13.47 9.77 5.88
C GLU O 255 -13.67 9.85 7.40
N PHE O 256 -13.29 10.96 8.03
CA PHE O 256 -13.46 11.04 9.46
C PHE O 256 -14.96 11.15 9.82
N ALA O 257 -15.74 11.94 9.06
CA ALA O 257 -17.22 11.84 9.23
C ALA O 257 -17.76 10.35 9.10
N LYS O 258 -17.21 9.59 8.16
CA LYS O 258 -17.64 8.21 7.94
C LYS O 258 -17.21 7.38 9.15
N GLU O 259 -15.97 7.60 9.59
CA GLU O 259 -15.47 6.91 10.79
C GLU O 259 -16.35 7.23 12.04
N LEU O 260 -16.93 8.42 12.12
CA LEU O 260 -17.82 8.78 13.23
C LEU O 260 -19.25 8.29 12.99
N GLU O 261 -19.51 7.66 11.85
CA GLU O 261 -20.84 7.16 11.49
C GLU O 261 -21.86 8.29 11.28
N MET O 262 -21.40 9.42 10.77
CA MET O 262 -22.28 10.51 10.45
C MET O 262 -23.03 10.19 9.18
N PRO O 263 -24.33 10.50 9.14
CA PRO O 263 -25.09 10.13 7.92
C PRO O 263 -24.99 11.12 6.79
N ILE O 264 -24.46 12.31 7.06
CA ILE O 264 -24.49 13.37 6.01
C ILE O 264 -23.36 14.37 6.19
N ILE O 265 -22.90 14.91 5.05
CA ILE O 265 -21.89 15.94 5.02
C ILE O 265 -22.31 16.97 3.98
N MET O 266 -21.48 17.98 3.84
CA MET O 266 -21.79 19.16 3.08
C MET O 266 -20.63 19.62 2.22
N HIS O 267 -20.97 20.15 1.05
CA HIS O 267 -19.91 20.68 0.20
C HIS O 267 -20.30 21.97 -0.59
N ASP O 268 -19.38 22.92 -0.69
CA ASP O 268 -19.62 24.17 -1.41
C ASP O 268 -19.21 23.88 -2.84
N PHE O 269 -20.11 23.35 -3.66
CA PHE O 269 -19.73 22.95 -5.02
C PHE O 269 -19.12 24.01 -5.92
N LEU O 270 -19.47 25.28 -5.78
CA LEU O 270 -19.01 26.26 -6.80
C LEU O 270 -17.69 26.85 -6.43
N THR O 271 -17.47 27.09 -5.14
CA THR O 271 -16.19 27.65 -4.74
C THR O 271 -15.16 26.57 -4.69
N ALA O 272 -15.54 25.36 -4.32
CA ALA O 272 -14.65 24.22 -4.50
C ALA O 272 -14.45 23.78 -5.94
N GLY O 273 -15.51 23.71 -6.77
CA GLY O 273 -15.33 23.30 -8.16
C GLY O 273 -15.92 21.92 -8.44
N PHE O 274 -16.27 21.70 -9.70
CA PHE O 274 -16.92 20.49 -10.13
C PHE O 274 -16.00 19.27 -10.14
N THR O 275 -14.69 19.47 -10.33
CA THR O 275 -13.75 18.35 -10.30
C THR O 275 -13.73 17.77 -8.89
N ALA O 276 -13.60 18.61 -7.86
CA ALA O 276 -13.64 18.20 -6.47
C ALA O 276 -15.00 17.62 -6.15
N ASN O 277 -16.07 18.31 -6.56
CA ASN O 277 -17.42 17.85 -6.22
C ASN O 277 -17.71 16.48 -6.80
N THR O 278 -17.27 16.23 -8.03
CA THR O 278 -17.56 14.94 -8.69
C THR O 278 -16.79 13.82 -7.91
N THR O 279 -15.58 14.14 -7.45
CA THR O 279 -14.73 13.25 -6.65
C THR O 279 -15.47 12.89 -5.38
N LEU O 280 -16.05 13.90 -4.76
CA LEU O 280 -16.73 13.71 -3.48
C LEU O 280 -18.07 12.95 -3.68
N SER O 281 -18.76 13.28 -4.75
CA SER O 281 -19.99 12.61 -5.08
C SER O 281 -19.77 11.07 -5.29
N LYS O 282 -18.72 10.65 -5.96
CA LYS O 282 -18.41 9.24 -6.09
C LYS O 282 -18.04 8.60 -4.78
N TRP O 283 -17.29 9.31 -3.94
CA TRP O 283 -16.87 8.82 -2.68
C TRP O 283 -18.15 8.66 -1.82
N CYS O 284 -19.04 9.63 -1.83
CA CYS O 284 -20.36 9.45 -1.12
C CYS O 284 -21.18 8.20 -1.53
N ARG O 285 -21.34 7.96 -2.83
CA ARG O 285 -21.94 6.74 -3.31
C ARG O 285 -21.20 5.48 -2.81
N ASP O 286 -19.86 5.45 -2.94
CA ASP O 286 -19.07 4.33 -2.46
C ASP O 286 -19.21 4.05 -0.94
N ASN O 287 -19.49 5.08 -0.17
CA ASN O 287 -19.44 4.95 1.31
C ASN O 287 -20.81 5.15 2.05
N GLY O 288 -21.91 5.23 1.29
CA GLY O 288 -23.23 5.44 1.87
C GLY O 288 -23.48 6.82 2.49
N MET O 289 -22.69 7.82 2.11
CA MET O 289 -22.82 9.11 2.79
C MET O 289 -23.82 10.08 2.03
N LEU O 290 -24.76 10.76 2.75
CA LEU O 290 -25.63 11.71 2.09
C LEU O 290 -24.87 12.99 1.83
N LEU O 291 -25.16 13.65 0.71
CA LEU O 291 -24.39 14.84 0.39
C LEU O 291 -25.26 16.07 0.19
N HIS O 292 -25.02 17.03 1.06
CA HIS O 292 -25.81 18.28 1.08
C HIS O 292 -25.01 19.31 0.35
N ILE O 293 -25.54 19.93 -0.68
CA ILE O 293 -24.72 20.90 -1.50
C ILE O 293 -25.18 22.36 -1.25
N HIS O 294 -24.24 23.22 -0.89
CA HIS O 294 -24.51 24.63 -0.64
C HIS O 294 -23.95 25.38 -1.86
N ARG O 295 -24.57 26.49 -2.21
CA ARG O 295 -24.37 27.15 -3.50
C ARG O 295 -23.71 28.52 -3.37
N ALA O 296 -22.89 28.68 -2.33
CA ALA O 296 -22.03 29.90 -2.17
C ALA O 296 -21.50 30.33 -3.51
N MET O 297 -21.47 31.64 -3.70
CA MET O 297 -20.99 32.28 -4.88
C MET O 297 -21.95 32.26 -6.09
N HIS O 298 -23.11 31.61 -5.98
CA HIS O 298 -23.93 31.49 -7.21
C HIS O 298 -24.34 32.83 -7.81
N ALA O 299 -24.66 33.83 -6.97
CA ALA O 299 -25.13 35.15 -7.48
C ALA O 299 -24.04 35.94 -8.16
N VAL O 300 -22.79 35.47 -8.04
CA VAL O 300 -21.75 36.16 -8.75
C VAL O 300 -22.08 36.03 -10.24
N MET O 301 -22.71 34.92 -10.61
CA MET O 301 -22.90 34.55 -12.03
C MET O 301 -24.33 34.53 -12.44
N ASP O 302 -25.21 34.22 -11.50
CA ASP O 302 -26.54 33.86 -11.85
C ASP O 302 -27.58 34.91 -11.57
N ARG O 303 -27.16 36.06 -11.04
CA ARG O 303 -28.08 37.11 -10.62
C ARG O 303 -28.49 38.11 -11.73
N GLN O 304 -27.57 38.66 -12.49
CA GLN O 304 -27.94 39.64 -13.47
C GLN O 304 -28.70 39.01 -14.66
N LYS O 305 -29.84 39.61 -15.04
CA LYS O 305 -30.67 39.11 -16.18
C LYS O 305 -29.97 39.12 -17.51
N ASN O 306 -29.02 40.03 -17.71
CA ASN O 306 -28.41 40.16 -19.05
C ASN O 306 -27.15 39.27 -19.29
N HIS O 307 -26.52 38.78 -18.21
CA HIS O 307 -25.18 38.17 -18.37
C HIS O 307 -24.91 37.14 -17.32
N GLY O 308 -24.27 36.04 -17.70
CA GLY O 308 -23.94 35.00 -16.72
C GLY O 308 -24.58 33.69 -17.04
N ILE O 309 -24.89 32.92 -16.00
CA ILE O 309 -25.43 31.58 -16.18
C ILE O 309 -26.58 31.45 -15.23
N HIS O 310 -27.72 31.09 -15.77
CA HIS O 310 -28.94 31.01 -14.91
C HIS O 310 -28.75 29.87 -13.90
N PHE O 311 -29.25 30.04 -12.66
CA PHE O 311 -29.10 29.00 -11.67
C PHE O 311 -29.59 27.63 -12.12
N ARG O 312 -30.59 27.59 -12.99
CA ARG O 312 -31.13 26.30 -13.40
C ARG O 312 -30.14 25.50 -14.16
N VAL O 313 -29.15 26.14 -14.77
CA VAL O 313 -28.08 25.41 -15.45
C VAL O 313 -27.07 24.82 -14.43
N LEU O 314 -26.71 25.63 -13.44
CA LEU O 314 -25.82 25.19 -12.42
C LEU O 314 -26.48 24.04 -11.63
N ALA O 315 -27.79 24.12 -11.49
CA ALA O 315 -28.56 23.05 -10.82
C ALA O 315 -28.53 21.74 -11.62
N LYS O 316 -28.70 21.82 -12.94
CA LYS O 316 -28.62 20.61 -13.76
C LYS O 316 -27.21 20.01 -13.61
N CYS O 317 -26.17 20.84 -13.68
CA CYS O 317 -24.80 20.37 -13.57
C CYS O 317 -24.58 19.70 -12.23
N LEU O 318 -25.12 20.30 -11.17
CA LEU O 318 -24.99 19.74 -9.88
C LEU O 318 -25.66 18.38 -9.82
N ARG O 319 -26.77 18.23 -10.51
CA ARG O 319 -27.53 16.94 -10.41
C ARG O 319 -26.71 15.86 -11.12
N MET O 320 -26.10 16.23 -12.21
CA MET O 320 -25.23 15.30 -12.95
C MET O 320 -23.97 14.93 -12.15
N SER O 321 -23.23 15.90 -11.62
CA SER O 321 -22.05 15.68 -10.82
C SER O 321 -22.41 14.87 -9.56
N GLY O 322 -23.42 15.40 -8.87
CA GLY O 322 -24.07 14.69 -7.81
C GLY O 322 -24.22 15.49 -6.53
N GLY O 323 -25.42 15.46 -6.00
CA GLY O 323 -25.70 15.90 -4.63
C GLY O 323 -27.06 15.33 -4.18
N ASP O 324 -27.26 15.13 -2.87
CA ASP O 324 -28.55 14.68 -2.41
C ASP O 324 -29.54 15.80 -2.10
N HIS O 325 -29.02 16.99 -1.74
CA HIS O 325 -29.78 18.19 -1.42
C HIS O 325 -29.09 19.32 -2.14
N ILE O 326 -29.86 20.37 -2.44
CA ILE O 326 -29.24 21.63 -2.87
C ILE O 326 -30.10 22.78 -2.47
N HIS O 327 -29.47 23.85 -1.98
CA HIS O 327 -30.23 25.13 -1.79
C HIS O 327 -30.84 25.69 -3.07
N THR O 328 -32.13 26.00 -2.99
CA THR O 328 -32.89 26.52 -4.14
C THR O 328 -33.49 27.93 -3.90
N GLY O 329 -33.09 28.59 -2.83
CA GLY O 329 -33.63 29.87 -2.50
C GLY O 329 -35.01 29.77 -1.87
N THR O 330 -35.43 30.89 -1.27
CA THR O 330 -36.72 30.94 -0.62
C THR O 330 -37.83 31.37 -1.59
N VAL O 331 -39.09 31.13 -1.24
CA VAL O 331 -40.16 31.71 -2.05
C VAL O 331 -40.88 32.92 -1.41
N VAL O 332 -40.69 33.08 -0.10
CA VAL O 332 -41.19 34.23 0.68
C VAL O 332 -40.78 35.63 0.19
N GLY O 333 -41.76 36.52 0.13
CA GLY O 333 -41.57 37.92 -0.29
C GLY O 333 -41.04 38.08 -1.72
N LYS O 334 -41.43 37.14 -2.61
CA LYS O 334 -41.07 37.23 -4.04
C LYS O 334 -42.34 37.27 -4.92
N LEU O 335 -42.30 38.07 -6.00
CA LEU O 335 -43.34 38.13 -7.07
C LEU O 335 -43.73 36.78 -7.63
N GLU O 336 -44.96 36.65 -8.12
CA GLU O 336 -45.45 35.36 -8.70
C GLU O 336 -44.63 34.84 -9.90
N GLY O 337 -43.90 35.74 -10.56
CA GLY O 337 -43.06 35.38 -11.71
C GLY O 337 -41.69 34.82 -11.30
N ASP O 338 -41.13 35.30 -10.20
CA ASP O 338 -39.91 34.72 -9.62
C ASP O 338 -40.26 33.38 -9.02
N LYS O 339 -41.44 33.31 -8.39
CA LYS O 339 -41.90 32.08 -7.79
C LYS O 339 -42.00 30.93 -8.84
N ALA O 340 -42.56 31.26 -10.00
CA ALA O 340 -42.81 30.29 -11.06
C ALA O 340 -41.51 29.77 -11.67
N VAL O 341 -40.51 30.66 -11.79
CA VAL O 341 -39.16 30.28 -12.17
C VAL O 341 -38.45 29.33 -11.16
N THR O 342 -38.51 29.69 -9.86
CA THR O 342 -38.00 28.81 -8.82
C THR O 342 -38.64 27.45 -8.90
N LEU O 343 -39.96 27.44 -9.10
CA LEU O 343 -40.71 26.16 -9.12
C LEU O 343 -40.35 25.38 -10.35
N GLY O 344 -40.04 26.10 -11.42
CA GLY O 344 -39.56 25.46 -12.62
C GLY O 344 -38.29 24.70 -12.35
N PHE O 345 -37.29 25.36 -11.71
CA PHE O 345 -36.02 24.63 -11.48
C PHE O 345 -36.01 23.65 -10.31
N VAL O 346 -36.91 23.85 -9.35
CA VAL O 346 -37.20 22.79 -8.45
C VAL O 346 -37.68 21.50 -9.15
N ASP O 347 -38.60 21.61 -10.11
CA ASP O 347 -38.99 20.43 -10.87
C ASP O 347 -37.82 19.86 -11.64
N LEU O 348 -37.01 20.71 -12.26
CA LEU O 348 -35.84 20.20 -12.94
C LEU O 348 -34.90 19.40 -12.01
N LEU O 349 -34.85 19.75 -10.71
CA LEU O 349 -34.05 19.03 -9.73
C LEU O 349 -34.64 17.75 -9.24
N ARG O 350 -35.96 17.69 -9.14
CA ARG O 350 -36.61 16.57 -8.49
C ARG O 350 -37.24 15.54 -9.41
N GLU O 351 -37.80 15.95 -10.54
CA GLU O 351 -38.66 15.04 -11.31
C GLU O 351 -37.85 14.22 -12.31
N ASN O 352 -38.47 13.19 -12.91
CA ASN O 352 -37.84 12.41 -13.98
C ASN O 352 -38.00 13.03 -15.36
N TYR O 353 -39.11 13.75 -15.56
CA TYR O 353 -39.43 14.22 -16.85
C TYR O 353 -40.06 15.61 -16.69
N ILE O 354 -39.49 16.64 -17.32
CA ILE O 354 -39.99 18.00 -17.19
C ILE O 354 -40.26 18.58 -18.57
N GLU O 355 -41.53 18.88 -18.79
CA GLU O 355 -42.01 19.34 -20.09
C GLU O 355 -41.60 20.79 -20.33
N GLN O 356 -41.24 21.10 -21.57
CA GLN O 356 -40.95 22.47 -21.90
C GLN O 356 -42.01 23.44 -21.37
N ASP O 357 -41.61 24.60 -20.84
CA ASP O 357 -42.62 25.54 -20.20
C ASP O 357 -42.09 26.92 -19.91
N ARG O 358 -42.11 27.75 -20.95
CA ARG O 358 -41.50 29.10 -20.87
C ARG O 358 -42.04 30.00 -19.77
N SER O 359 -43.29 29.78 -19.36
CA SER O 359 -43.86 30.62 -18.31
C SER O 359 -43.14 30.35 -17.00
N ARG O 360 -42.39 29.24 -16.93
CA ARG O 360 -41.61 28.90 -15.75
C ARG O 360 -40.10 28.84 -16.08
N GLY O 361 -39.69 29.43 -17.19
CA GLY O 361 -38.30 29.43 -17.63
C GLY O 361 -37.64 28.10 -18.04
N ILE O 362 -38.45 27.08 -18.34
CA ILE O 362 -37.99 25.81 -18.86
C ILE O 362 -37.96 25.89 -20.36
N TYR O 363 -36.76 26.10 -20.93
CA TYR O 363 -36.64 26.26 -22.39
C TYR O 363 -36.74 24.97 -23.11
N PHE O 364 -36.39 23.83 -22.45
CA PHE O 364 -36.38 22.53 -23.16
C PHE O 364 -37.04 21.44 -22.32
N THR O 365 -37.60 20.47 -23.02
CA THR O 365 -38.06 19.31 -22.34
C THR O 365 -36.79 18.60 -21.84
N GLN O 366 -36.81 18.23 -20.55
CA GLN O 366 -35.68 17.47 -20.00
C GLN O 366 -36.07 16.10 -19.48
N ASP O 367 -35.48 15.04 -20.05
CA ASP O 367 -35.76 13.66 -19.66
C ASP O 367 -34.60 13.21 -18.79
N TRP O 368 -34.80 12.81 -17.54
CA TRP O 368 -33.59 12.48 -16.71
C TRP O 368 -33.16 10.97 -16.70
N ALA O 369 -33.92 10.16 -17.44
CA ALA O 369 -33.65 8.76 -17.65
C ALA O 369 -33.34 8.03 -16.36
N SER O 370 -34.15 8.29 -15.36
CA SER O 370 -34.10 7.61 -14.06
C SER O 370 -32.94 7.99 -13.21
N MET O 371 -32.18 8.99 -13.62
CA MET O 371 -31.24 9.54 -12.68
C MET O 371 -32.06 10.04 -11.48
N PRO O 372 -31.61 9.76 -10.25
CA PRO O 372 -32.36 10.20 -9.03
C PRO O 372 -32.50 11.71 -8.91
N GLY O 373 -33.58 12.14 -8.26
CA GLY O 373 -33.86 13.55 -8.00
C GLY O 373 -33.15 14.02 -6.73
N VAL O 374 -32.98 15.35 -6.61
CA VAL O 374 -32.26 16.03 -5.51
C VAL O 374 -33.27 16.75 -4.62
N MET O 375 -33.21 16.60 -3.28
CA MET O 375 -34.08 17.42 -2.41
C MET O 375 -33.79 18.93 -2.56
N ALA O 376 -34.86 19.72 -2.68
CA ALA O 376 -34.82 21.16 -2.68
C ALA O 376 -34.67 21.62 -1.23
N VAL O 377 -33.79 22.56 -0.99
CA VAL O 377 -33.58 23.07 0.35
C VAL O 377 -34.01 24.51 0.36
N ALA O 378 -35.03 24.84 1.14
CA ALA O 378 -35.55 26.21 1.15
C ALA O 378 -35.02 26.87 2.38
N SER O 379 -34.40 28.03 2.22
CA SER O 379 -33.86 28.75 3.38
C SER O 379 -33.67 30.22 3.11
N GLY O 380 -33.64 30.99 4.21
CA GLY O 380 -33.45 32.45 4.16
C GLY O 380 -34.69 33.23 4.56
N GLY O 381 -34.73 33.65 5.83
CA GLY O 381 -35.78 34.56 6.32
C GLY O 381 -37.15 33.92 6.55
N ILE O 382 -37.15 32.66 6.98
CA ILE O 382 -38.38 31.87 7.13
C ILE O 382 -38.72 31.79 8.60
N HIS O 383 -40.01 31.80 8.95
CA HIS O 383 -40.48 31.67 10.36
C HIS O 383 -41.73 30.79 10.39
N VAL O 384 -42.17 30.42 11.58
CA VAL O 384 -43.29 29.50 11.69
C VAL O 384 -44.51 29.92 10.90
N TRP O 385 -44.76 31.23 10.79
CA TRP O 385 -45.99 31.67 10.11
C TRP O 385 -45.89 31.43 8.60
N HIS O 386 -44.67 31.20 8.09
CA HIS O 386 -44.52 30.80 6.70
C HIS O 386 -44.79 29.34 6.44
N MET O 387 -44.82 28.54 7.48
CA MET O 387 -44.98 27.08 7.32
C MET O 387 -46.05 26.59 6.35
N PRO O 388 -47.32 27.10 6.47
CA PRO O 388 -48.36 26.60 5.54
C PRO O 388 -48.02 26.92 4.09
N ALA O 389 -47.51 28.11 3.80
CA ALA O 389 -47.16 28.42 2.39
C ALA O 389 -46.05 27.51 1.88
N LEU O 390 -45.05 27.24 2.75
CA LEU O 390 -43.87 26.42 2.38
C LEU O 390 -44.23 24.99 2.07
N VAL O 391 -45.11 24.40 2.90
CA VAL O 391 -45.62 23.09 2.65
C VAL O 391 -46.48 23.03 1.37
N ASP O 392 -47.29 24.04 1.14
CA ASP O 392 -48.09 24.09 -0.03
C ASP O 392 -47.24 24.26 -1.27
N ILE O 393 -46.17 25.06 -1.18
CA ILE O 393 -45.37 25.41 -2.37
C ILE O 393 -44.43 24.26 -2.78
N PHE O 394 -43.68 23.73 -1.81
CA PHE O 394 -42.72 22.64 -2.06
C PHE O 394 -43.23 21.22 -2.00
N GLY O 395 -44.32 20.96 -1.28
CA GLY O 395 -44.77 19.58 -1.06
C GLY O 395 -43.81 18.88 -0.12
N ASP O 396 -43.87 17.54 -0.07
CA ASP O 396 -43.04 16.74 0.86
C ASP O 396 -41.49 16.79 0.63
N ASP O 397 -41.07 16.91 -0.62
CA ASP O 397 -39.68 16.61 -0.90
C ASP O 397 -38.80 17.83 -0.86
N ALA O 398 -38.54 18.28 0.36
CA ALA O 398 -37.84 19.55 0.55
C ALA O 398 -37.30 19.50 1.92
N VAL O 399 -36.24 20.27 2.15
CA VAL O 399 -35.78 20.49 3.50
C VAL O 399 -36.07 21.92 3.78
N LEU O 400 -36.69 22.19 4.91
CA LEU O 400 -37.00 23.59 5.27
C LEU O 400 -36.02 23.98 6.32
N GLN O 401 -35.18 24.92 5.94
CA GLN O 401 -34.00 25.26 6.70
C GLN O 401 -34.22 26.61 7.43
N PHE O 402 -34.37 26.60 8.75
CA PHE O 402 -34.65 27.83 9.52
C PHE O 402 -33.38 28.46 10.17
N GLY O 403 -33.43 29.78 10.47
CA GLY O 403 -32.36 30.46 11.23
C GLY O 403 -31.83 31.80 10.69
N GLY O 408 -35.08 34.26 16.53
CA GLY O 408 -34.73 33.29 17.55
C GLY O 408 -35.90 33.14 18.50
N HIS O 409 -36.19 31.91 18.92
CA HIS O 409 -37.27 31.67 19.85
C HIS O 409 -36.95 32.25 21.24
N PRO O 410 -37.99 32.83 21.92
CA PRO O 410 -37.89 33.43 23.27
C PRO O 410 -37.31 32.50 24.31
N TRP O 411 -37.66 31.22 24.24
CA TRP O 411 -37.17 30.27 25.24
C TRP O 411 -35.90 29.50 24.82
N GLY O 412 -35.30 29.85 23.67
CA GLY O 412 -34.12 29.15 23.14
C GLY O 412 -34.31 28.07 22.08
N ASN O 413 -33.23 27.32 21.85
CA ASN O 413 -33.10 26.38 20.71
C ASN O 413 -34.07 25.21 20.72
N ALA O 414 -34.09 24.44 21.79
CA ALA O 414 -34.95 23.29 21.82
C ALA O 414 -36.42 23.71 21.68
N PRO O 415 -36.88 24.73 22.44
CA PRO O 415 -38.30 25.15 22.25
C PRO O 415 -38.55 25.70 20.85
N GLY O 416 -37.63 26.49 20.30
CA GLY O 416 -37.83 27.00 18.92
C GLY O 416 -37.97 25.84 17.92
N ALA O 417 -37.22 24.77 18.15
CA ALA O 417 -37.28 23.60 17.31
C ALA O 417 -38.64 22.90 17.46
N THR O 418 -39.08 22.65 18.69
CA THR O 418 -40.43 22.09 18.91
C THR O 418 -41.52 22.97 18.26
N ALA O 419 -41.43 24.29 18.36
CA ALA O 419 -42.41 25.15 17.65
C ALA O 419 -42.47 24.83 16.15
N ASN O 420 -41.31 24.84 15.49
CA ASN O 420 -41.29 24.60 14.02
C ASN O 420 -41.78 23.20 13.68
N ARG O 421 -41.38 22.23 14.48
CA ARG O 421 -41.81 20.85 14.27
C ARG O 421 -43.32 20.65 14.47
N VAL O 422 -43.90 21.19 15.57
CA VAL O 422 -45.38 21.10 15.71
C VAL O 422 -46.09 21.87 14.58
N ALA O 423 -45.59 23.04 14.23
CA ALA O 423 -46.22 23.80 13.14
C ALA O 423 -46.24 22.95 11.88
N LEU O 424 -45.11 22.29 11.62
CA LEU O 424 -45.03 21.52 10.37
C LEU O 424 -45.97 20.34 10.37
N GLU O 425 -45.98 19.63 11.50
CA GLU O 425 -46.88 18.49 11.61
C GLU O 425 -48.36 18.91 11.52
N ALA O 426 -48.69 20.04 12.13
CA ALA O 426 -50.07 20.59 12.04
C ALA O 426 -50.42 20.86 10.59
N CYS O 427 -49.53 21.54 9.88
CA CYS O 427 -49.82 21.81 8.47
C CYS O 427 -49.99 20.55 7.67
N ILE O 428 -49.17 19.53 7.92
CA ILE O 428 -49.28 18.33 7.10
C ILE O 428 -50.65 17.66 7.38
N GLN O 429 -51.00 17.53 8.65
CA GLN O 429 -52.27 16.92 9.03
C GLN O 429 -53.43 17.65 8.36
N ALA O 430 -53.35 18.97 8.40
CA ALA O 430 -54.40 19.80 7.83
C ALA O 430 -54.50 19.59 6.34
N ARG O 431 -53.36 19.52 5.66
CA ARG O 431 -53.36 19.33 4.21
C ARG O 431 -53.97 17.98 3.87
N ASN O 432 -53.50 16.94 4.55
CA ASN O 432 -53.99 15.59 4.31
C ASN O 432 -55.52 15.53 4.53
N GLU O 433 -56.02 16.30 5.50
CA GLU O 433 -57.47 16.41 5.78
C GLU O 433 -58.25 17.19 4.75
N GLY O 434 -57.58 17.82 3.79
CA GLY O 434 -58.29 18.47 2.71
C GLY O 434 -58.45 19.96 2.91
N ARG O 435 -57.91 20.49 4.01
CA ARG O 435 -57.96 21.92 4.27
C ARG O 435 -57.06 22.69 3.31
N ASP O 436 -57.44 23.92 3.03
CA ASP O 436 -56.72 24.75 2.11
C ASP O 436 -55.68 25.56 2.86
N LEU O 437 -54.41 25.25 2.63
CA LEU O 437 -53.35 25.80 3.47
C LEU O 437 -53.11 27.26 3.20
N MET O 438 -53.46 27.75 2.02
CA MET O 438 -53.30 29.18 1.73
C MET O 438 -54.38 30.04 2.40
N ARG O 439 -55.60 29.52 2.53
CA ARG O 439 -56.66 30.29 3.21
C ARG O 439 -56.71 30.06 4.72
N GLU O 440 -56.64 28.80 5.14
CA GLU O 440 -56.73 28.41 6.53
C GLU O 440 -55.43 28.43 7.34
N GLY O 441 -54.31 28.84 6.70
CA GLY O 441 -52.99 28.84 7.33
C GLY O 441 -52.91 29.27 8.78
N GLY O 442 -53.19 30.56 9.03
CA GLY O 442 -53.22 31.17 10.38
C GLY O 442 -54.07 30.37 11.34
N ASP O 443 -55.22 29.88 10.86
CA ASP O 443 -56.13 29.12 11.71
C ASP O 443 -55.45 27.85 12.17
N ILE O 444 -54.87 27.13 11.21
CA ILE O 444 -54.20 25.86 11.49
C ILE O 444 -53.14 26.07 12.57
N ILE O 445 -52.33 27.11 12.39
CA ILE O 445 -51.29 27.50 13.35
C ILE O 445 -51.89 27.86 14.73
N ARG O 446 -52.98 28.62 14.70
CA ARG O 446 -53.60 29.09 15.93
C ARG O 446 -54.17 27.91 16.67
N GLU O 447 -54.81 26.99 15.97
CA GLU O 447 -55.34 25.79 16.65
C GLU O 447 -54.24 24.99 17.37
N ALA O 448 -53.08 24.86 16.72
CA ALA O 448 -51.97 24.10 17.28
C ALA O 448 -51.32 24.84 18.44
N ALA O 449 -51.21 26.16 18.31
CA ALA O 449 -50.70 26.99 19.38
C ALA O 449 -51.53 26.83 20.68
N ARG O 450 -52.75 26.35 20.54
CA ARG O 450 -53.59 26.14 21.72
C ARG O 450 -53.14 24.99 22.59
N TRP O 451 -52.61 23.93 22.00
CA TRP O 451 -52.11 22.90 22.87
C TRP O 451 -50.57 22.78 22.89
N SER O 452 -49.86 23.68 22.19
CA SER O 452 -48.40 23.75 22.26
C SER O 452 -47.87 25.10 22.75
N PRO O 453 -47.43 25.13 24.00
CA PRO O 453 -46.91 26.37 24.61
C PRO O 453 -45.73 26.99 23.84
N GLU O 454 -44.84 26.12 23.34
CA GLU O 454 -43.68 26.52 22.53
C GLU O 454 -44.14 27.26 21.27
N LEU O 455 -45.08 26.68 20.54
CA LEU O 455 -45.65 27.33 19.36
C LEU O 455 -46.39 28.65 19.71
N ALA O 456 -47.16 28.61 20.79
CA ALA O 456 -47.83 29.81 21.24
C ALA O 456 -46.79 30.89 21.52
N ALA O 457 -45.74 30.57 22.28
CA ALA O 457 -44.74 31.59 22.62
C ALA O 457 -44.12 32.20 21.36
N ALA O 458 -44.04 31.41 20.28
CA ALA O 458 -43.58 31.93 18.99
C ALA O 458 -44.63 32.76 18.23
N CYS O 459 -45.80 32.99 18.80
CA CYS O 459 -46.71 34.00 18.25
C CYS O 459 -47.02 35.11 19.28
N THR P 3 -8.68 2.45 54.08
CA THR P 3 -8.94 2.03 52.66
C THR P 3 -9.99 2.93 52.02
N LEU P 4 -9.53 3.67 50.99
CA LEU P 4 -10.42 4.53 50.21
C LEU P 4 -11.60 3.71 49.62
N PRO P 5 -12.83 4.03 50.05
CA PRO P 5 -14.05 3.42 49.44
C PRO P 5 -14.24 3.74 47.90
N LYS P 6 -15.10 3.01 47.22
CA LYS P 6 -15.27 3.25 45.80
C LYS P 6 -16.53 4.07 45.65
N GLU P 7 -16.54 5.06 44.79
CA GLU P 7 -17.67 5.97 44.77
C GLU P 7 -17.59 6.90 43.59
N ARG P 8 -18.69 6.99 42.84
CA ARG P 8 -18.84 7.86 41.68
C ARG P 8 -18.60 9.31 42.09
N ARG P 9 -17.83 10.05 41.29
CA ARG P 9 -17.58 11.47 41.53
C ARG P 9 -18.16 12.21 40.38
N TYR P 10 -18.00 13.53 40.34
CA TYR P 10 -18.78 14.37 39.44
C TYR P 10 -17.98 15.61 39.06
N GLU P 11 -16.67 15.45 38.87
CA GLU P 11 -15.80 16.62 38.60
C GLU P 11 -15.85 17.73 39.71
N THR P 12 -15.59 18.98 39.31
CA THR P 12 -15.25 20.04 40.26
C THR P 12 -16.22 20.16 41.45
N PHE P 13 -15.60 20.13 42.63
CA PHE P 13 -16.20 20.22 44.00
C PHE P 13 -16.82 18.92 44.50
N SER P 14 -16.87 17.92 43.64
CA SER P 14 -17.47 16.65 44.04
C SER P 14 -16.64 15.90 45.06
N TYR P 15 -15.45 16.38 45.41
CA TYR P 15 -14.69 15.83 46.56
C TYR P 15 -14.95 16.58 47.90
N LEU P 16 -15.83 17.59 47.84
CA LEU P 16 -16.23 18.46 48.98
C LEU P 16 -17.58 18.02 49.53
N PRO P 17 -17.92 18.40 50.78
CA PRO P 17 -19.32 18.09 51.19
C PRO P 17 -20.28 18.86 50.28
N PRO P 18 -21.44 18.25 49.90
CA PRO P 18 -22.43 18.88 49.00
C PRO P 18 -22.72 20.29 49.47
N LEU P 19 -22.64 21.27 48.58
CA LEU P 19 -22.69 22.68 49.01
C LEU P 19 -24.07 23.15 49.46
N SER P 20 -24.08 23.98 50.51
CA SER P 20 -25.31 24.71 50.91
C SER P 20 -25.67 25.77 49.88
N ASP P 21 -26.94 26.20 49.88
CA ASP P 21 -27.38 27.28 49.01
C ASP P 21 -26.58 28.55 49.15
N ALA P 22 -26.26 28.94 50.39
CA ALA P 22 -25.41 30.11 50.63
C ALA P 22 -24.06 29.91 49.89
N GLN P 23 -23.56 28.66 49.92
CA GLN P 23 -22.30 28.29 49.27
C GLN P 23 -22.42 28.33 47.74
N ILE P 24 -23.46 27.69 47.20
CA ILE P 24 -23.82 27.82 45.77
C ILE P 24 -23.94 29.27 45.27
N ALA P 25 -24.59 30.14 46.02
CA ALA P 25 -24.64 31.56 45.62
C ALA P 25 -23.28 32.28 45.67
N ARG P 26 -22.43 31.98 46.67
CA ARG P 26 -21.07 32.55 46.68
C ARG P 26 -20.27 32.25 45.39
N GLN P 27 -20.29 31.00 44.96
CA GLN P 27 -19.63 30.57 43.70
C GLN P 27 -20.27 31.33 42.53
N ILE P 28 -21.62 31.41 42.53
CA ILE P 28 -22.36 32.08 41.45
C ILE P 28 -22.01 33.57 41.39
N GLN P 29 -21.74 34.14 42.55
CA GLN P 29 -21.36 35.55 42.72
C GLN P 29 -19.97 35.88 42.16
N TYR P 30 -19.00 35.05 42.51
CA TYR P 30 -17.68 35.16 41.95
C TYR P 30 -17.73 35.15 40.40
N ALA P 31 -18.50 34.26 39.79
CA ALA P 31 -18.63 34.23 38.34
C ALA P 31 -19.16 35.58 37.76
N ILE P 32 -20.21 36.11 38.39
CA ILE P 32 -20.77 37.43 38.04
C ILE P 32 -19.71 38.52 38.18
N ASP P 33 -18.98 38.53 39.32
CA ASP P 33 -17.95 39.54 39.56
C ASP P 33 -16.77 39.43 38.60
N GLN P 34 -16.56 38.27 37.96
CA GLN P 34 -15.51 38.17 36.94
C GLN P 34 -16.04 38.57 35.55
N GLY P 35 -17.36 38.82 35.43
CA GLY P 35 -17.98 39.05 34.15
C GLY P 35 -18.33 37.78 33.40
N TYR P 36 -18.36 36.63 34.06
CA TYR P 36 -18.73 35.40 33.37
C TYR P 36 -20.24 35.25 33.33
N HIS P 37 -20.72 34.40 32.42
CA HIS P 37 -22.13 34.22 32.23
C HIS P 37 -22.54 32.85 32.76
N PRO P 38 -23.20 32.82 33.92
CA PRO P 38 -23.65 31.58 34.54
C PRO P 38 -24.83 30.95 33.79
N CYS P 39 -24.99 29.64 33.99
CA CYS P 39 -26.02 28.88 33.34
C CYS P 39 -26.21 27.61 34.18
N VAL P 40 -27.31 26.90 33.97
CA VAL P 40 -27.61 25.78 34.80
C VAL P 40 -27.96 24.66 33.89
N GLU P 41 -27.51 23.45 34.25
CA GLU P 41 -27.76 22.29 33.45
C GLU P 41 -27.97 21.03 34.28
N PHE P 42 -28.64 20.09 33.67
CA PHE P 42 -29.16 18.99 34.40
C PHE P 42 -29.20 17.76 33.51
N ASN P 43 -29.05 16.60 34.11
CA ASN P 43 -29.07 15.35 33.37
C ASN P 43 -29.46 14.23 34.29
N GLU P 44 -30.04 13.16 33.73
CA GLU P 44 -30.47 12.04 34.54
C GLU P 44 -29.32 11.22 35.13
N THR P 45 -28.17 11.15 34.46
CA THR P 45 -27.03 10.38 34.98
C THR P 45 -25.76 11.14 34.75
N SER P 46 -24.70 10.66 35.37
CA SER P 46 -23.36 11.21 35.19
C SER P 46 -22.38 10.05 35.12
N ASN P 47 -21.46 10.15 34.17
CA ASN P 47 -20.32 9.26 34.01
C ASN P 47 -19.25 9.85 33.08
N ALA P 48 -18.12 9.18 33.00
CA ALA P 48 -17.01 9.58 32.17
C ALA P 48 -17.41 9.78 30.70
N GLU P 49 -18.23 8.91 30.15
CA GLU P 49 -18.51 8.91 28.71
C GLU P 49 -19.47 10.03 28.21
N ILE P 50 -20.02 10.83 29.15
CA ILE P 50 -21.15 11.70 28.84
C ILE P 50 -20.61 13.06 28.53
N ARG P 51 -21.00 13.63 27.42
CA ARG P 51 -20.35 14.83 26.98
C ARG P 51 -21.19 16.08 27.25
N TYR P 52 -22.49 15.97 27.06
CA TYR P 52 -23.38 17.13 27.23
C TYR P 52 -24.50 16.81 28.19
N TRP P 53 -24.82 17.80 28.99
CA TRP P 53 -25.96 17.74 29.88
C TRP P 53 -27.06 18.53 29.19
N THR P 54 -28.23 18.66 29.83
CA THR P 54 -29.32 19.41 29.19
C THR P 54 -29.43 20.81 29.82
N MET P 55 -29.45 21.83 28.96
CA MET P 55 -29.55 23.23 29.43
C MET P 55 -30.91 23.50 30.12
N TRP P 56 -30.89 24.15 31.27
CA TRP P 56 -32.13 24.57 31.91
C TRP P 56 -32.40 25.99 31.46
N LYS P 57 -33.53 26.18 30.80
CA LYS P 57 -33.91 27.51 30.32
C LYS P 57 -32.80 28.18 29.52
N LEU P 58 -32.65 29.48 29.73
CA LEU P 58 -31.62 30.22 29.08
C LEU P 58 -30.43 30.45 30.01
N PRO P 59 -29.24 30.78 29.43
CA PRO P 59 -28.27 31.41 30.33
C PRO P 59 -28.84 32.77 30.82
N LEU P 60 -28.26 33.31 31.87
CA LEU P 60 -28.78 34.55 32.44
C LEU P 60 -27.72 35.68 32.22
N PHE P 61 -28.04 36.70 31.41
CA PHE P 61 -26.94 37.46 30.76
C PHE P 61 -26.26 38.63 31.45
N ASN P 62 -27.03 39.46 32.14
CA ASN P 62 -26.39 40.41 33.04
C ASN P 62 -27.30 40.75 34.22
N CYS P 63 -27.81 39.70 34.86
CA CYS P 63 -28.31 39.83 36.22
C CYS P 63 -27.06 39.89 37.09
N THR P 64 -27.09 40.84 38.02
CA THR P 64 -25.96 41.24 38.87
C THR P 64 -26.08 40.57 40.26
N ASN P 65 -27.08 39.69 40.40
CA ASN P 65 -27.39 38.99 41.65
C ASN P 65 -27.39 37.45 41.52
N ALA P 66 -26.54 36.78 42.29
CA ALA P 66 -26.55 35.31 42.40
C ALA P 66 -27.94 34.65 42.54
N GLN P 67 -28.85 35.36 43.23
CA GLN P 67 -30.15 34.84 43.60
C GLN P 67 -31.00 34.30 42.44
N ASP P 68 -31.09 35.05 41.35
CA ASP P 68 -31.91 34.57 40.22
C ASP P 68 -31.34 33.30 39.59
N VAL P 69 -30.03 33.14 39.64
CA VAL P 69 -29.45 31.85 39.26
C VAL P 69 -29.80 30.77 40.33
N LEU P 70 -29.57 31.13 41.60
CA LEU P 70 -29.92 30.25 42.71
C LEU P 70 -31.39 29.82 42.64
N ASN P 71 -32.24 30.74 42.20
CA ASN P 71 -33.64 30.40 41.94
C ASN P 71 -33.84 29.29 40.90
N GLU P 72 -33.19 29.44 39.75
CA GLU P 72 -33.27 28.39 38.71
C GLU P 72 -32.92 27.03 39.26
N VAL P 73 -31.82 26.98 40.01
CA VAL P 73 -31.37 25.72 40.60
C VAL P 73 -32.53 25.14 41.39
N GLN P 74 -33.07 25.95 42.31
CA GLN P 74 -34.17 25.52 43.17
C GLN P 74 -35.39 25.10 42.37
N GLN P 75 -35.77 25.93 41.39
CA GLN P 75 -36.91 25.53 40.58
C GLN P 75 -36.64 24.17 39.94
N CYS P 76 -35.49 24.06 39.27
CA CYS P 76 -35.06 22.82 38.61
C CYS P 76 -35.02 21.63 39.59
N ARG P 77 -34.41 21.84 40.75
CA ARG P 77 -34.30 20.81 41.80
C ARG P 77 -35.65 20.19 42.19
N SER P 78 -36.68 21.05 42.29
CA SER P 78 -37.97 20.64 42.80
C SER P 78 -38.82 19.95 41.73
N GLU P 79 -38.73 20.39 40.47
CA GLU P 79 -39.47 19.70 39.38
C GLU P 79 -38.84 18.39 38.91
N TYR P 80 -37.52 18.25 39.04
CA TYR P 80 -36.81 16.98 38.68
C TYR P 80 -35.92 16.57 39.82
N PRO P 81 -36.49 15.88 40.82
CA PRO P 81 -35.66 15.49 41.97
C PRO P 81 -34.78 14.26 41.69
N ASN P 82 -35.10 13.48 40.66
CA ASN P 82 -34.19 12.39 40.21
C ASN P 82 -33.17 12.82 39.10
N CYS P 83 -32.90 14.13 38.99
CA CYS P 83 -31.90 14.65 38.05
C CYS P 83 -30.69 15.32 38.73
N PHE P 84 -29.51 15.07 38.16
CA PHE P 84 -28.28 15.74 38.54
C PHE P 84 -28.28 17.15 37.99
N ILE P 85 -27.73 18.09 38.75
CA ILE P 85 -27.70 19.47 38.30
C ILE P 85 -26.36 20.13 38.61
N ARG P 86 -25.92 21.01 37.71
CA ARG P 86 -24.73 21.78 37.96
C ARG P 86 -24.80 23.17 37.39
N VAL P 87 -23.83 23.96 37.79
CA VAL P 87 -23.80 25.33 37.38
C VAL P 87 -22.54 25.43 36.55
N VAL P 88 -22.71 25.96 35.34
CA VAL P 88 -21.62 26.26 34.43
C VAL P 88 -21.45 27.76 34.27
N ALA P 89 -20.24 28.20 33.98
CA ALA P 89 -20.06 29.60 33.70
C ALA P 89 -19.16 29.74 32.50
N PHE P 90 -19.49 30.68 31.63
CA PHE P 90 -18.72 30.95 30.41
C PHE P 90 -18.05 32.31 30.40
N ASP P 91 -16.81 32.33 29.89
CA ASP P 91 -16.08 33.53 29.51
C ASP P 91 -16.30 33.76 28.01
N ASN P 92 -16.80 34.93 27.64
CA ASN P 92 -17.10 35.16 26.21
C ASN P 92 -15.96 35.81 25.45
N ILE P 93 -15.13 36.61 26.16
CA ILE P 93 -13.88 37.12 25.58
C ILE P 93 -13.12 35.88 25.02
N LYS P 94 -12.63 35.01 25.91
CA LYS P 94 -11.84 33.87 25.51
C LYS P 94 -12.69 32.71 24.98
N GLN P 95 -13.98 32.94 24.76
CA GLN P 95 -14.89 31.86 24.30
C GLN P 95 -14.53 30.47 24.91
N CYS P 96 -14.30 30.45 26.22
CA CYS P 96 -14.19 29.20 26.96
C CYS P 96 -15.09 29.12 28.22
N GLN P 97 -15.48 27.89 28.59
CA GLN P 97 -16.18 27.55 29.81
C GLN P 97 -15.20 27.55 30.97
N VAL P 98 -15.48 28.30 32.01
CA VAL P 98 -14.50 28.57 33.03
C VAL P 98 -14.91 27.96 34.33
N MET P 99 -16.05 27.29 34.34
CA MET P 99 -16.60 26.74 35.60
C MET P 99 -17.60 25.68 35.28
N SER P 100 -17.64 24.62 36.08
CA SER P 100 -18.64 23.55 35.94
C SER P 100 -18.65 22.82 37.27
N PHE P 101 -19.66 23.10 38.10
CA PHE P 101 -19.67 22.49 39.42
C PHE P 101 -21.01 21.89 39.86
N ILE P 102 -20.87 20.73 40.49
CA ILE P 102 -22.00 19.92 40.86
C ILE P 102 -22.77 20.68 41.99
N VAL P 103 -24.09 20.85 41.84
CA VAL P 103 -24.95 21.52 42.87
C VAL P 103 -26.04 20.61 43.52
N TYR P 104 -26.51 19.58 42.82
CA TYR P 104 -27.53 18.68 43.36
C TYR P 104 -27.38 17.26 42.82
N LYS P 105 -27.30 16.28 43.73
CA LYS P 105 -27.43 14.88 43.37
C LYS P 105 -28.77 14.32 43.90
N PRO P 106 -29.45 13.43 43.14
CA PRO P 106 -30.67 12.74 43.64
C PRO P 106 -30.56 12.12 45.06
CL CL Q . 38.12 21.22 26.47
CL CL R . 32.84 23.03 12.52
CL CL S . 24.66 -44.66 3.14
CL CL T . 28.93 -30.47 0.27
CL CL U . -11.49 -19.35 -35.37
CL CL V . -12.13 46.56 -16.48
CL CL W . -7.47 34.24 -23.25
CL CL X . 17.75 33.55 34.34
CL CL Y . 11.15 19.71 35.54
CL CL Z . 22.23 -37.35 27.08
CL CL AA . 7.97 -33.94 23.67
CL CL BA . -32.69 -23.49 -12.49
CL CL CA . -29.84 -35.49 -21.21
CL CL DA . -34.46 35.19 -14.00
CL CL EA . -29.43 30.53 -0.51
#